data_8W0I
#
_entry.id   8W0I
#
_cell.length_a   1.00
_cell.length_b   1.00
_cell.length_c   1.00
_cell.angle_alpha   90.00
_cell.angle_beta   90.00
_cell.angle_gamma   90.00
#
_symmetry.space_group_name_H-M   'P 1'
#
loop_
_entity.id
_entity.type
_entity.pdbx_description
1 polymer 'DNA replication licensing factor MCM2'
2 polymer 'DNA replication licensing factor MCM3'
3 polymer 'DNA replication licensing factor MCM4'
4 polymer 'DNA replication licensing factor MCM5'
5 polymer 'DNA replication licensing factor MCM6'
6 polymer 'DNA replication licensing factor MCM7'
7 non-polymer 'ZINC ION'
8 non-polymer 'MAGNESIUM ION'
9 non-polymer "ADENOSINE-5'-TRIPHOSPHATE"
10 non-polymer "ADENOSINE-5'-DIPHOSPHATE"
#
loop_
_entity_poly.entity_id
_entity_poly.type
_entity_poly.pdbx_seq_one_letter_code
_entity_poly.pdbx_strand_id
1 'polypeptide(L)'
;MAESSESFTMASSPAQRRRGNDPLTSSPGRSSRRTDALTSSPGRDLPPFEDESEGLLGTEGPLEEEEDGEELIGDGMERD
YRAIPELDAYEAEGLALDDEDVEELTASQREAAERAMRQRDREAGRGLGRMRRGLLYDSDEEDEERPARKRRQVERATED
GEEDEEMIESIENLEDLKGHSVREWVSMAGPRLEIHHRFKNFLRTHVDSHGHNVFKERISDMCKENRESLVVNYEDLAAR
EHVLAYFLPEAPAELLQIFDEAALEVVLAMYPKYDRITNHIHVRISHLPLVEELRSLRQLHLNQLIRTSGVVTSCTGVLP
QLSMVKYNCNKCNFVLGPFCQSQNQEVKPGSCPECQSAGPFEVNMEETIYQNYQRIRIQESPGKVAAGRLPRSKDAILLA
DLVDSCKPGDEIELTGIYHNNYDGSLNTANGFPVFATVILANHVAKKDNKVAVGELTDEDVKMITSLSKDQQIGEKIFAS
IAPSIYGHEDIKRGLALALFGGEPKNPGGKHKVRGDINVLLCGDPGTAKSQFLKYIEKVSSRAIFTTGQGASAVGLTAYV
QRHPVSREWTLEAGALVLADRGVCLIDEFDKMNDQDRTSIHEAMEQQSISISKAGIVTSLQARCTVIAAANPIGGRYDPS
LTFSENVDLTEPIISRFDILCVVRDTVDPVQDEMLARFVVGSHVRHHPSNKEEEGLANGSAAEPAMPNTYGVEPLPQEVL
KKYIIYAKERVHPKLNQMDQDKVAKMYSDLRKESMATGSIPITVRHIESMIRMAEAHARIHLRDYVIEDDVNMAIRVMLE
SFIDTQKFSVMRSMRKTFARYLSFRRDNNELLLFILKQLVAEQVTYQRNRFGAQQDTIEVPEKDLVDKARQINIHNLSAF
YDSELFRMNKFSHDLKRKMILQQF
;
2
2 'polypeptide(L)'
;SNAAGTVVLDDVELREAQRDYLDFLDDEEDQGIYQSKVRELISDNQYRLIVNVNDLRRKNEKRANRLLNNAFEELVAFQR
ALKDFVASIDATYAKQYEEFYVGLEGSFGSKHVSPRTLTSCFLSCVVCVEGIVTKCSLVRPKVVRSVHYCPATKKTIERR
YSDLTTLVAFPSSSVYPTKDEENNPLETEYGLSVYKDHQTITIQEMPEKAPAGQLPRSVDVILDDDLVDKAKPGDRVQVV
GTYRCLPGKKGGYTSGTFRTVLIACNVKQMSKDAQPSFSAEDIAKIKKFSKTRSKDIFDQLAKSLAPSIHGHDYVKKAIL
CLLLGGVERDLENGSHIRGDINILLIGDPSVAKSQLLRYVLCTAPRAIPTTGRGSSGVGLTAAVTTDQETGERRLEAGAM
VLADRGVVCIDEFDKMSDMDRTAIHEVMEQGRVTIAKAGIHARLNARCSVLAAANPVYGRYDQYKTPMENIGLQDSLLSR
FDLLFIMLDQMDPEQDREISDHVLRMHRYRAPGEQDGDAMPLGSAVDILATDDPNFSQEDQQDTQIYEKHDNLLHGTKKK
KEKMVSAAFMKKYIHVAKIIKPVLTQESATYIAEEYSRLRSQDSMSSDTARTSPVTARTLETLIRLATAHAKARMSKTVD
LQDAEEAVELVQYAYFKKVLEKEKKRKKRSEDESETEDEEEKSQEDQEQKRKRRKTRQPDAKDGDSYDPYDFSDTEEEMP
QVHTPKTADSQETKESQKVELSESRLKAFKVALLDVFREAHAQSIGMNRLTESINRDSEEPFSSVEIQAALSKMQDDNQV
MVSEGIIFLI
;
3
3 'polypeptide(L)'
;SNAMSSPASTPSRRGSRRGRATPAQTPRSEDARSSPSQRRRGEDSTSTGELQPMPTSPGVDLQSPAAQDVLFSSPPQMHS
SAIPLDFDVSSPLTYGTPSSRVEGTPRSGVRGTPVRQRPDLGSAQKGLQVDLQSDGAAAEDIVASEQSLGQKLVIWGTDV
NVAACKENFQRFLQRFIDPLAKEEENVGIDITEPLYMQRLGEINVIGEPFLNVNCEHIKSFDKNLYRQLISYPQEVIPTF
DMAVNEIFFDRYPDSILEHQIQVRPFNALKTKNMRNLNPEDIDQLITISGMVIRTSQLIPEMQEAFFQCQVCAHTTRVEM
DRGRIAEPSVCGRCHTTHSMALIHNRSLFSDKQMIKLQESPEDMPAGQTPHTVILFAHNDLVDKVQPGDRVNVTGIYRAV
PIRVNPRVSNVKSVYKTHIDVIHYRKTDAKRLHGLDEEAEQKLFSEKRVELLKELSRKPDIYERLASALAPSIYEHEDIK
KGILLQLFGGTRKDFSHTGRGKFRAEINILLCGDPGTSKSQLLQYVYNLVPRGQYTSGKGSSAVGLTAYVMKDPETRQLV
LQTGALVLSDNGICCIDEFDKMNESTRSVLHEVMEQQTLSIAKAGIICQLNARTSVLAAANPIESQWNPKKTTIENIQLP
HTLLSRFDLIFLMLDPQDEAYDRRLAHHLVALYYQSEEQAEEELLDMAVLKDYIAYAHSTIMPRLSEEASQALIEAYVDM
RKIGSSRGMVSAYPRQLESLIRLAEAHAKVRLSNKVEAIDVEEAKRLHREALKQSATDPRTGIVDISILTTGMSATSRKR
KEELAEALKKLILSKGKTPALKYQQLFEDIRGQSDIAITKDMFEEALRALADDDFLTVTGKTVRLL
;
4
4 'polypeptide(L)'
;MSGFDDPGIFYSDSFGGDAQADEGQARKSQLQRRFKEFLRQYRVGTDRTGFTFKYRDELKRHYNLGEYWIEVEMEDLASF
DEDLADYLYKQPAEHLQLLEEAAKEVADEVTRPRPSGEEVLQDIQVMLKSDASPSSIRSLKSDMMSHLVKIPGIIIAASA
VRAKATRISIQCRSCRNTLTNIAMRPGLEGYALPRKCNTDQAGRPKCPLDPYFIMPDKCKCVDFQTLKLQELPDAVPHGE
MPRHMQLYCDRYLCDKVVPGNRVTIMGIYSIKKFGLTTSRGRDRVGVGIRSSYIRVLGIQVDTDGSGRSFAGAVSPQEEE
EFRRLAALPNVYEVISKSIAPSIFGGTDMKKAIACLLFGGSRKRLPDGLTRRGDINLLMLGDPGTAKSQLLKFVEKCSPI
GVYTSGKGSSAAGLTASVMRDPSSRNFIMEGGAMVLADGGVVCIDEFDKMREDDRVAIHEAMEQQTISIAKAGITTTLNS
RCSVLAAANSVFGRWDETKGEDNIDFMPTILSRFDMIFIVKDEHNEERDVMLAKHVITLHVSALTQTQAVEGEIDLAKLK
KFIAYCRVKCGPRLSAEAAEKLKNRYIIMRSGARQHERDSDRRSSIPITVRQLEAIVRIAEALSKMKLQPFATEADVEEA
LRLFQVSTLDAALSGTLSGVEGFTSQEDQEMLSRIEKQLKRRFAIGSQVSEHSIIKDFTKQKYPEHAIHKVLQLMLRRGE
IQHRMQRKVLYRLK
;
5
5 'polypeptide(L)'
;MDLAAAAEPGAGSQHLEVRDEVAEKCQKLFLDFLEEFQSSDGEIKYLQLAEELIRPERNTLVVSFVDLEQFNQQLSTTIQ
EEFYRVYPYLCRALKTFVKDRKEIPLAKDFYVAFQDLPTRHKIRELTSSRIGLLTRISGQVVRTHPVHPELVSGTFLCLD
CQTVIRDVEQQFKYTQPNICRNPVCANRRRFLLDTNKSRFVDFQKVRIQETQAELPRGSIPRSLEVILRAEAVESAQAGD
KCDFTGTLIVVPDVSKLSTPGARAETNSRVSGVDGYETEGIRGLRALGVRDLSYRLVFLACCVAPTNPRFGGKELRDEEQ
TAESIKNQMTVKEWEKVFEMSQDKNLYHNLCTSLFPTIHGNDEVKRGVLLMLFGGVPKTTGEGTSLRGDINVCIVGDPST
AKSQFLKHVEEFSPRAVYTSGKASSAAGLTAAVVRDEESHEFVIEAGALMLADNGVCCIDEFDKMDVRDQVAIHEAMEQQ
TISITKAGVKATLNARTSILAAANPISGHYDRSKSLKQNINLSAPIMSRFDLFFILVDECNEVTDYAIARRIVDLHSRIE
ESIDRVYSLDDIRRYLLFARQFKPKISKESEDFIVEQYKHLRQRDGSGVTKSSWRITVRQLESMIRLSEAMARMHCCDEV
QPKHVKEAFRLLNKSIIRVETPDVNLDQEEEIQMEVDEGAGGINGHADSPAPVNGINGYNEDINQESAPKASLRLGFSEY
CRISNLIVLHLRKVEEEEDESALKRSELVNWYLKEIESEIDSEEELINKKRIIEKVIHRLTHYDHVLIELTQAGLKGSTE
GSESYEEDPYLVVNPNYLLED
;
6
6 'polypeptide(L)'
;MALKDYALEKEKVKKFLQEFYQDDELGKKQFKYGNQLVRLAHREQVALYVDLDDVAEDDPELVDSICENARRYAKLFADA
VQELLPQYKEREVVNKDVLDVYIEHRLMMEQRSRDPGMVRSPQNQYPAELMRRFELYFQGPSSNKPRVIREVRADSVGKL
VTVRGIVTRVSEVKPKMVVATYTCDQCGAETYQPIQSPTFMPLIMCPSQECQTNRSGGRLYLQTRGSRFIKFQEMKMQEH
SDQVPVGNIPRSITVLVEGENTRIAQPGDHVSVTGIFLPILRTGFRQVVQGLLSETYLEAHRIVKMNKSEDDESGAGELT
REELRQIAEEDFYEKLAASIAPEIYGHEDVKKALLLLLVGGVDQSPRGMKIRGNINICLMGDPGVAKSQLLSYIDRLAPR
SQYTTGRGSSGVGLTAAVLRDSVSGELTLEGGALVLADQGVCCIDEFDKMAEADRTAIHEVMEQQTISIAKAGILTTLNA
RCSILAAANPAYGRYNPRRSLEQNIQLPAALLSRFDLLWLIQDRPDRDNDLRLAQHITYVHQHSRQPPSQFEPLDMKLMR
RYIAMCREKQPMVPESLADYITAAYVEMRREAWASKDATYTSARTLLAILRLSTALARLRMVDVVEKEDVNEAIRLMEMS
KDSLLGDKGQTARTQRPADVIFATVRELVSGGRSVRFSEAEQRCVSRGFTPAQFQAALDEYEELNVWQVNASRTRITFV
;
7
#
loop_
_chem_comp.id
_chem_comp.type
_chem_comp.name
_chem_comp.formula
ADP non-polymer ADENOSINE-5'-DIPHOSPHATE 'C10 H15 N5 O10 P2'
ATP non-polymer ADENOSINE-5'-TRIPHOSPHATE 'C10 H16 N5 O13 P3'
MG non-polymer 'MAGNESIUM ION' 'Mg 2'
ZN non-polymer 'ZINC ION' 'Zn 2'
#
# COMPACT_ATOMS: atom_id res chain seq x y z
N ASP A 176 39.43 -31.39 34.35
CA ASP A 176 40.25 -32.10 33.38
C ASP A 176 39.42 -32.58 32.20
N LEU A 177 38.55 -33.55 32.44
CA LEU A 177 37.71 -34.12 31.40
C LEU A 177 36.64 -34.98 32.06
N LYS A 178 35.89 -35.73 31.26
CA LYS A 178 34.85 -36.64 31.72
C LYS A 178 33.95 -35.98 32.77
N GLY A 179 33.25 -34.93 32.32
CA GLY A 179 32.29 -34.25 33.16
C GLY A 179 30.90 -34.84 33.05
N HIS A 180 29.93 -34.02 32.65
CA HIS A 180 28.56 -34.46 32.44
C HIS A 180 28.02 -34.09 31.06
N SER A 181 28.41 -32.93 30.53
CA SER A 181 28.06 -32.55 29.17
C SER A 181 29.23 -31.77 28.59
N VAL A 182 29.57 -32.05 27.33
CA VAL A 182 30.76 -31.44 26.74
C VAL A 182 30.60 -29.93 26.68
N ARG A 183 29.45 -29.45 26.22
CA ARG A 183 29.23 -28.01 26.17
C ARG A 183 29.28 -27.41 27.58
N GLU A 184 28.58 -28.04 28.53
CA GLU A 184 28.62 -27.56 29.90
C GLU A 184 30.03 -27.65 30.47
N TRP A 185 30.73 -28.74 30.19
CA TRP A 185 32.07 -28.92 30.72
C TRP A 185 33.01 -27.83 30.24
N VAL A 186 32.96 -27.50 28.94
CA VAL A 186 33.82 -26.44 28.43
C VAL A 186 33.38 -25.08 28.97
N SER A 187 32.07 -24.88 29.14
CA SER A 187 31.59 -23.60 29.65
C SER A 187 32.17 -23.29 31.03
N MET A 188 32.47 -24.33 31.80
CA MET A 188 33.02 -24.12 33.14
C MET A 188 34.30 -23.31 33.08
N ALA A 189 34.39 -22.32 33.98
CA ALA A 189 35.55 -21.43 33.97
C ALA A 189 36.84 -22.18 34.27
N GLY A 190 36.81 -23.09 35.23
CA GLY A 190 37.99 -23.85 35.60
C GLY A 190 38.57 -24.58 34.40
N PRO A 191 37.82 -25.56 33.89
CA PRO A 191 38.27 -26.26 32.67
C PRO A 191 38.48 -25.34 31.49
N ARG A 192 37.69 -24.27 31.37
CA ARG A 192 37.89 -23.33 30.26
C ARG A 192 39.30 -22.76 30.28
N LEU A 193 39.71 -22.20 31.43
CA LEU A 193 41.06 -21.65 31.54
C LEU A 193 42.11 -22.75 31.48
N GLU A 194 41.80 -23.95 31.98
CA GLU A 194 42.74 -25.06 31.86
C GLU A 194 43.06 -25.33 30.40
N ILE A 195 42.02 -25.46 29.58
CA ILE A 195 42.22 -25.74 28.15
C ILE A 195 42.89 -24.56 27.48
N HIS A 196 42.55 -23.33 27.88
CA HIS A 196 43.17 -22.16 27.28
C HIS A 196 44.67 -22.15 27.54
N HIS A 197 45.06 -22.40 28.80
CA HIS A 197 46.48 -22.44 29.13
C HIS A 197 47.19 -23.59 28.41
N ARG A 198 46.53 -24.75 28.33
CA ARG A 198 47.14 -25.88 27.65
C ARG A 198 47.37 -25.57 26.18
N PHE A 199 46.38 -24.94 25.52
CA PHE A 199 46.55 -24.57 24.13
C PHE A 199 47.63 -23.51 23.95
N LYS A 200 47.70 -22.53 24.86
CA LYS A 200 48.74 -21.52 24.77
C LYS A 200 50.12 -22.15 24.91
N ASN A 201 50.27 -23.07 25.86
CA ASN A 201 51.55 -23.78 26.00
C ASN A 201 51.86 -24.57 24.74
N PHE A 202 50.85 -25.23 24.17
CA PHE A 202 51.05 -25.98 22.93
C PHE A 202 51.47 -25.05 21.80
N LEU A 203 51.03 -23.79 21.84
CA LEU A 203 51.45 -22.82 20.83
C LEU A 203 52.95 -22.60 20.83
N ARG A 204 53.64 -22.97 21.91
CA ARG A 204 55.10 -22.89 21.99
C ARG A 204 55.78 -24.24 21.90
N THR A 205 55.22 -25.28 22.54
CA THR A 205 55.90 -26.56 22.60
C THR A 205 55.97 -27.22 21.23
N HIS A 206 54.91 -27.11 20.44
CA HIS A 206 54.77 -27.90 19.21
C HIS A 206 55.75 -27.37 18.17
N VAL A 207 57.01 -27.78 18.31
CA VAL A 207 58.00 -27.55 17.26
C VAL A 207 57.99 -28.65 16.21
N ASP A 208 57.22 -29.72 16.41
CA ASP A 208 57.13 -30.81 15.46
C ASP A 208 58.46 -31.54 15.36
N SER A 209 58.46 -32.72 14.72
CA SER A 209 59.71 -33.46 14.57
C SER A 209 60.75 -32.63 13.83
N HIS A 210 60.31 -31.71 12.96
CA HIS A 210 61.26 -30.84 12.28
C HIS A 210 61.98 -29.93 13.25
N GLY A 211 61.35 -29.57 14.36
CA GLY A 211 61.97 -28.68 15.31
C GLY A 211 62.07 -27.25 14.85
N HIS A 212 61.22 -26.83 13.91
CA HIS A 212 61.25 -25.48 13.36
C HIS A 212 60.28 -24.54 14.05
N ASN A 213 59.64 -24.97 15.13
CA ASN A 213 58.68 -24.15 15.85
C ASN A 213 57.53 -23.72 14.92
N VAL A 214 56.78 -24.74 14.50
CA VAL A 214 55.73 -24.54 13.51
C VAL A 214 54.87 -23.34 13.86
N PHE A 215 54.50 -23.21 15.14
CA PHE A 215 53.64 -22.10 15.54
C PHE A 215 54.34 -20.76 15.37
N LYS A 216 55.64 -20.71 15.68
CA LYS A 216 56.39 -19.48 15.43
C LYS A 216 56.38 -19.13 13.96
N GLU A 217 56.56 -20.14 13.09
CA GLU A 217 56.53 -19.90 11.66
C GLU A 217 55.17 -19.36 11.22
N ARG A 218 54.08 -19.94 11.75
CA ARG A 218 52.76 -19.45 11.40
C ARG A 218 52.56 -18.02 11.87
N ILE A 219 53.00 -17.70 13.09
CA ILE A 219 52.85 -16.35 13.61
C ILE A 219 53.62 -15.36 12.74
N SER A 220 54.85 -15.72 12.37
CA SER A 220 55.65 -14.85 11.52
C SER A 220 54.99 -14.64 10.17
N ASP A 221 54.47 -15.72 9.56
CA ASP A 221 53.82 -15.60 8.28
C ASP A 221 52.59 -14.69 8.37
N MET A 222 51.79 -14.86 9.42
CA MET A 222 50.60 -14.03 9.58
C MET A 222 50.97 -12.57 9.77
N CYS A 223 51.96 -12.29 10.63
CA CYS A 223 52.32 -10.92 10.91
C CYS A 223 53.07 -10.27 9.76
N LYS A 224 53.65 -11.06 8.86
CA LYS A 224 54.29 -10.47 7.68
C LYS A 224 53.28 -9.70 6.85
N GLU A 225 52.08 -10.25 6.68
CA GLU A 225 50.99 -9.56 6.00
C GLU A 225 49.87 -9.15 6.94
N ASN A 226 49.95 -9.52 8.22
CA ASN A 226 48.94 -9.16 9.21
C ASN A 226 47.56 -9.61 8.76
N ARG A 227 47.43 -10.92 8.52
CA ARG A 227 46.19 -11.50 8.02
C ARG A 227 45.26 -11.98 9.11
N GLU A 228 45.70 -12.00 10.37
CA GLU A 228 44.89 -12.47 11.49
C GLU A 228 44.16 -13.76 11.15
N SER A 229 44.82 -14.64 10.40
CA SER A 229 44.25 -15.91 9.97
C SER A 229 45.27 -17.01 10.25
N LEU A 230 44.96 -17.86 11.22
CA LEU A 230 45.84 -18.94 11.63
C LEU A 230 45.29 -20.28 11.14
N VAL A 231 46.17 -21.13 10.65
CA VAL A 231 45.83 -22.45 10.16
C VAL A 231 46.35 -23.48 11.15
N VAL A 232 45.47 -24.35 11.62
CA VAL A 232 45.80 -25.37 12.60
C VAL A 232 45.37 -26.72 12.04
N ASN A 233 46.28 -27.69 12.08
CA ASN A 233 46.00 -29.01 11.55
C ASN A 233 45.43 -29.91 12.64
N TYR A 234 44.25 -30.46 12.38
CA TYR A 234 43.59 -31.29 13.38
C TYR A 234 44.43 -32.49 13.77
N GLU A 235 45.24 -33.00 12.84
CA GLU A 235 46.07 -34.16 13.15
C GLU A 235 47.06 -33.85 14.25
N ASP A 236 47.70 -32.68 14.20
CA ASP A 236 48.67 -32.31 15.22
C ASP A 236 48.01 -32.21 16.60
N LEU A 237 46.86 -31.54 16.67
CA LEU A 237 46.17 -31.43 17.95
C LEU A 237 45.76 -32.81 18.47
N ALA A 238 45.23 -33.65 17.59
CA ALA A 238 44.79 -34.98 18.03
C ALA A 238 45.95 -35.81 18.54
N ALA A 239 47.09 -35.77 17.83
CA ALA A 239 48.23 -36.60 18.23
C ALA A 239 48.85 -36.07 19.52
N ARG A 240 49.06 -34.76 19.61
CA ARG A 240 49.75 -34.20 20.77
C ARG A 240 48.84 -34.19 22.00
N GLU A 241 47.56 -33.85 21.83
CA GLU A 241 46.63 -33.68 22.94
C GLU A 241 45.58 -34.78 23.00
N HIS A 242 44.97 -35.14 21.86
CA HIS A 242 43.98 -36.20 21.80
C HIS A 242 42.65 -35.72 22.36
N VAL A 243 42.58 -35.59 23.68
CA VAL A 243 41.32 -35.24 24.33
C VAL A 243 40.83 -33.88 23.83
N LEU A 244 41.75 -32.92 23.67
CA LEU A 244 41.35 -31.59 23.20
C LEU A 244 40.74 -31.67 21.82
N ALA A 245 41.41 -32.36 20.90
CA ALA A 245 40.87 -32.49 19.55
C ALA A 245 39.55 -33.25 19.57
N TYR A 246 39.43 -34.22 20.47
CA TYR A 246 38.17 -34.93 20.62
C TYR A 246 37.05 -33.98 21.00
N PHE A 247 37.31 -33.05 21.93
CA PHE A 247 36.28 -32.12 22.36
C PHE A 247 36.01 -31.01 21.35
N LEU A 248 36.92 -30.77 20.40
CA LEU A 248 36.64 -29.74 19.40
C LEU A 248 35.34 -29.95 18.66
N PRO A 249 35.03 -31.13 18.13
CA PRO A 249 33.76 -31.28 17.40
C PRO A 249 32.52 -31.00 18.24
N GLU A 250 32.51 -31.42 19.50
CA GLU A 250 31.29 -31.28 20.29
C GLU A 250 31.08 -29.84 20.75
N ALA A 251 32.16 -29.09 20.98
CA ALA A 251 32.08 -27.71 21.47
C ALA A 251 32.90 -26.83 20.54
N PRO A 252 32.44 -26.63 19.32
CA PRO A 252 33.24 -25.90 18.34
C PRO A 252 33.44 -24.43 18.70
N ALA A 253 32.35 -23.73 19.02
CA ALA A 253 32.44 -22.29 19.25
C ALA A 253 33.33 -21.98 20.45
N GLU A 254 33.14 -22.72 21.55
CA GLU A 254 33.90 -22.40 22.78
C GLU A 254 35.39 -22.56 22.56
N LEU A 255 35.80 -23.73 22.06
CA LEU A 255 37.22 -23.97 21.85
C LEU A 255 37.78 -23.08 20.75
N LEU A 256 36.96 -22.74 19.75
CA LEU A 256 37.43 -21.81 18.72
C LEU A 256 37.70 -20.43 19.31
N GLN A 257 36.83 -19.96 20.20
CA GLN A 257 37.08 -18.68 20.86
C GLN A 257 38.31 -18.77 21.76
N ILE A 258 38.49 -19.89 22.44
CA ILE A 258 39.69 -20.07 23.27
C ILE A 258 40.93 -19.96 22.41
N PHE A 259 40.94 -20.65 21.27
CA PHE A 259 42.09 -20.61 20.38
C PHE A 259 42.30 -19.22 19.80
N ASP A 260 41.21 -18.51 19.49
CA ASP A 260 41.32 -17.16 18.98
C ASP A 260 41.98 -16.23 19.99
N GLU A 261 41.53 -16.29 21.25
CA GLU A 261 42.13 -15.43 22.28
C GLU A 261 43.59 -15.82 22.53
N ALA A 262 43.89 -17.13 22.54
CA ALA A 262 45.26 -17.55 22.73
C ALA A 262 46.16 -17.01 21.61
N ALA A 263 45.70 -17.12 20.36
CA ALA A 263 46.48 -16.63 19.24
C ALA A 263 46.65 -15.11 19.30
N LEU A 264 45.59 -14.40 19.69
CA LEU A 264 45.69 -12.96 19.82
C LEU A 264 46.72 -12.58 20.87
N GLU A 265 46.70 -13.27 22.02
CA GLU A 265 47.68 -12.98 23.06
C GLU A 265 49.10 -13.28 22.57
N VAL A 266 49.28 -14.39 21.87
CA VAL A 266 50.61 -14.74 21.37
C VAL A 266 51.10 -13.67 20.38
N VAL A 267 50.23 -13.25 19.46
CA VAL A 267 50.64 -12.26 18.47
C VAL A 267 50.98 -10.94 19.14
N LEU A 268 50.17 -10.52 20.12
CA LEU A 268 50.47 -9.29 20.83
C LEU A 268 51.80 -9.39 21.58
N ALA A 269 52.05 -10.53 22.21
CA ALA A 269 53.31 -10.73 22.91
C ALA A 269 54.49 -10.63 21.95
N MET A 270 54.40 -11.31 20.81
CA MET A 270 55.49 -11.24 19.83
C MET A 270 55.46 -9.94 19.06
N TYR A 271 54.29 -9.42 18.75
CA TYR A 271 54.12 -8.21 17.94
C TYR A 271 52.95 -7.40 18.47
N PRO A 272 53.17 -6.63 19.54
CA PRO A 272 52.10 -5.79 20.11
C PRO A 272 51.46 -4.88 19.07
N HIS A 280 42.10 -8.65 16.85
CA HIS A 280 41.66 -10.03 17.04
C HIS A 280 42.33 -10.95 16.04
N ILE A 281 42.59 -12.19 16.45
CA ILE A 281 43.22 -13.20 15.62
C ILE A 281 42.25 -14.35 15.46
N HIS A 282 41.94 -14.69 14.21
CA HIS A 282 41.00 -15.75 13.89
C HIS A 282 41.76 -17.04 13.60
N VAL A 283 41.33 -18.13 14.21
CA VAL A 283 41.97 -19.44 14.06
C VAL A 283 41.07 -20.30 13.19
N ARG A 284 41.64 -20.82 12.11
CA ARG A 284 40.92 -21.66 11.15
C ARG A 284 41.49 -23.07 11.20
N ILE A 285 40.62 -24.05 11.40
CA ILE A 285 41.04 -25.43 11.51
C ILE A 285 40.92 -26.09 10.14
N SER A 286 41.55 -27.26 10.00
CA SER A 286 41.51 -28.00 8.76
C SER A 286 41.87 -29.45 9.05
N HIS A 287 41.99 -30.24 7.97
CA HIS A 287 42.40 -31.64 8.06
C HIS A 287 41.50 -32.42 9.00
N LEU A 288 40.21 -32.14 8.95
CA LEU A 288 39.26 -32.90 9.73
C LEU A 288 39.24 -34.34 9.28
N PRO A 289 39.27 -35.32 10.19
CA PRO A 289 39.39 -36.72 9.74
C PRO A 289 38.22 -37.18 8.90
N LEU A 290 36.99 -36.89 9.32
CA LEU A 290 35.79 -37.34 8.62
C LEU A 290 35.23 -36.22 7.75
N VAL A 291 34.94 -36.54 6.50
CA VAL A 291 34.33 -35.61 5.56
C VAL A 291 32.96 -36.15 5.20
N GLU A 292 31.94 -35.30 5.33
CA GLU A 292 30.57 -35.71 5.08
C GLU A 292 30.00 -34.93 3.90
N GLU A 293 29.28 -35.64 3.04
CA GLU A 293 28.60 -34.99 1.93
C GLU A 293 27.38 -34.24 2.42
N LEU A 294 26.85 -33.38 1.56
CA LEU A 294 25.69 -32.58 1.96
C LEU A 294 24.51 -33.47 2.31
N ARG A 295 24.29 -34.54 1.55
CA ARG A 295 23.22 -35.48 1.87
C ARG A 295 23.55 -36.31 3.11
N SER A 296 24.80 -36.32 3.55
CA SER A 296 25.22 -37.14 4.67
C SER A 296 25.10 -36.45 6.01
N LEU A 297 24.80 -35.15 6.05
CA LEU A 297 24.67 -34.42 7.30
C LEU A 297 23.21 -34.26 7.67
N ARG A 298 22.90 -34.46 8.95
CA ARG A 298 21.54 -34.43 9.45
C ARG A 298 21.56 -33.80 10.84
N GLN A 299 20.44 -33.88 11.54
CA GLN A 299 20.33 -33.24 12.85
C GLN A 299 21.40 -33.75 13.81
N LEU A 300 21.87 -34.98 13.60
CA LEU A 300 22.94 -35.49 14.44
C LEU A 300 24.19 -34.62 14.36
N HIS A 301 24.36 -33.91 13.25
CA HIS A 301 25.50 -33.04 13.04
C HIS A 301 25.17 -31.56 13.25
N LEU A 302 23.99 -31.26 13.78
CA LEU A 302 23.61 -29.87 14.01
C LEU A 302 24.46 -29.24 15.09
N ASN A 303 24.81 -27.97 14.90
CA ASN A 303 25.61 -27.22 15.87
C ASN A 303 26.91 -27.95 16.20
N GLN A 304 27.60 -28.40 15.15
CA GLN A 304 28.90 -29.02 15.29
C GLN A 304 29.77 -28.62 14.10
N LEU A 305 31.08 -28.69 14.28
CA LEU A 305 31.99 -28.45 13.17
C LEU A 305 32.11 -29.69 12.31
N ILE A 306 32.11 -29.49 11.00
CA ILE A 306 32.22 -30.58 10.04
C ILE A 306 32.86 -30.04 8.77
N ARG A 307 33.49 -30.94 8.02
CA ARG A 307 34.09 -30.62 6.74
C ARG A 307 33.36 -31.38 5.65
N THR A 308 33.02 -30.67 4.56
CA THR A 308 32.32 -31.26 3.44
C THR A 308 33.00 -30.80 2.16
N SER A 309 32.66 -31.47 1.05
CA SER A 309 33.18 -31.11 -0.27
C SER A 309 32.01 -30.76 -1.15
N GLY A 310 32.03 -29.55 -1.72
CA GLY A 310 30.92 -29.08 -2.53
C GLY A 310 31.40 -28.20 -3.66
N VAL A 311 30.43 -27.71 -4.43
CA VAL A 311 30.69 -26.81 -5.55
C VAL A 311 29.84 -25.57 -5.34
N VAL A 312 30.49 -24.41 -5.37
CA VAL A 312 29.76 -23.17 -5.17
C VAL A 312 28.81 -22.95 -6.35
N THR A 313 27.68 -22.33 -6.05
CA THR A 313 26.66 -22.11 -7.08
C THR A 313 26.29 -20.64 -7.17
N SER A 314 26.30 -19.94 -6.04
CA SER A 314 25.95 -18.54 -6.03
C SER A 314 26.63 -17.87 -4.86
N CYS A 315 26.91 -16.58 -5.01
CA CYS A 315 27.56 -15.79 -3.97
C CYS A 315 27.06 -14.36 -4.04
N THR A 316 26.94 -13.72 -2.89
CA THR A 316 26.51 -12.33 -2.82
C THR A 316 27.68 -11.44 -2.42
N GLY A 317 27.40 -10.16 -2.24
CA GLY A 317 28.41 -9.20 -1.84
C GLY A 317 28.71 -9.28 -0.36
N VAL A 318 29.48 -8.31 0.11
CA VAL A 318 29.86 -8.22 1.52
C VAL A 318 28.74 -7.47 2.22
N LEU A 319 27.71 -8.21 2.62
CA LEU A 319 26.58 -7.60 3.30
C LEU A 319 27.06 -6.99 4.63
N PRO A 320 26.64 -5.77 4.97
CA PRO A 320 27.17 -5.14 6.19
C PRO A 320 26.88 -5.93 7.47
N GLN A 321 25.61 -6.14 7.80
CA GLN A 321 25.29 -6.65 9.13
C GLN A 321 23.84 -7.11 9.15
N LEU A 322 23.55 -8.07 10.03
CA LEU A 322 22.20 -8.55 10.27
C LEU A 322 21.87 -8.32 11.74
N SER A 323 20.94 -7.41 12.02
CA SER A 323 20.62 -7.02 13.38
C SER A 323 19.18 -7.39 13.70
N MET A 324 18.98 -8.05 14.85
CA MET A 324 17.66 -8.39 15.33
C MET A 324 17.25 -7.39 16.40
N VAL A 325 16.12 -6.73 16.19
CA VAL A 325 15.65 -5.65 17.04
C VAL A 325 14.35 -6.09 17.70
N LYS A 326 14.32 -6.06 19.02
CA LYS A 326 13.12 -6.36 19.80
C LYS A 326 12.70 -5.08 20.53
N TYR A 327 11.44 -4.74 20.39
CA TYR A 327 10.89 -3.46 20.84
C TYR A 327 10.03 -3.69 22.07
N ASN A 328 10.39 -3.04 23.18
CA ASN A 328 9.50 -3.01 24.33
C ASN A 328 8.21 -2.29 23.96
N CYS A 329 7.08 -2.87 24.34
CA CYS A 329 5.81 -2.32 23.93
C CYS A 329 5.60 -0.95 24.58
N ASN A 330 4.60 -0.23 24.09
CA ASN A 330 4.41 1.16 24.50
C ASN A 330 3.73 1.25 25.86
N LYS A 331 2.51 0.74 25.97
CA LYS A 331 1.70 0.83 27.19
C LYS A 331 1.17 -0.55 27.55
N CYS A 332 2.07 -1.53 27.58
CA CYS A 332 1.68 -2.92 27.74
C CYS A 332 2.91 -3.74 28.11
N ASN A 333 2.74 -4.66 29.07
CA ASN A 333 3.84 -5.48 29.56
C ASN A 333 4.08 -6.60 28.56
N PHE A 334 4.85 -6.28 27.52
CA PHE A 334 5.11 -7.22 26.44
C PHE A 334 6.20 -6.64 25.56
N VAL A 335 6.98 -7.52 24.93
CA VAL A 335 8.07 -7.14 24.04
C VAL A 335 7.75 -7.67 22.65
N LEU A 336 7.75 -6.77 21.67
CA LEU A 336 7.47 -7.18 20.29
C LEU A 336 8.51 -8.19 19.82
N GLY A 337 8.07 -9.16 19.04
CA GLY A 337 8.92 -10.22 18.57
C GLY A 337 10.14 -9.68 17.85
N PRO A 338 11.17 -10.52 17.68
CA PRO A 338 12.35 -10.09 16.95
C PRO A 338 12.01 -9.63 15.54
N PHE A 339 12.65 -8.55 15.11
CA PHE A 339 12.49 -8.03 13.76
C PHE A 339 13.88 -7.93 13.12
N CYS A 340 14.04 -8.51 11.93
CA CYS A 340 15.34 -8.48 11.27
C CYS A 340 15.55 -7.14 10.57
N GLN A 341 16.82 -6.74 10.49
CA GLN A 341 17.21 -5.49 9.87
C GLN A 341 18.61 -5.63 9.30
N SER A 342 18.91 -4.85 8.28
CA SER A 342 20.24 -4.87 7.66
C SER A 342 20.41 -3.67 6.73
N SER A 351 1.22 -1.07 17.18
CA SER A 351 0.57 -2.35 16.92
C SER A 351 1.17 -3.46 17.77
N CYS A 352 0.49 -3.78 18.87
CA CYS A 352 0.93 -4.84 19.76
C CYS A 352 0.06 -6.08 19.58
N PRO A 353 0.65 -7.28 19.62
CA PRO A 353 -0.18 -8.48 19.40
C PRO A 353 -1.28 -8.67 20.42
N GLU A 354 -1.15 -8.08 21.62
CA GLU A 354 -2.14 -8.27 22.68
C GLU A 354 -2.93 -7.00 22.96
N CYS A 355 -2.25 -5.90 23.28
CA CYS A 355 -2.94 -4.65 23.61
C CYS A 355 -3.24 -3.79 22.40
N GLN A 356 -2.63 -4.08 21.25
CA GLN A 356 -2.84 -3.30 20.04
C GLN A 356 -2.44 -1.83 20.25
N SER A 357 -1.43 -1.59 21.07
CA SER A 357 -0.93 -0.24 21.26
C SER A 357 -0.36 0.32 19.96
N ALA A 358 -0.66 1.58 19.68
CA ALA A 358 -0.21 2.25 18.47
C ALA A 358 1.09 3.02 18.66
N GLY A 359 1.70 2.96 19.85
CA GLY A 359 2.90 3.69 20.11
C GLY A 359 4.07 3.18 19.30
N PRO A 360 5.06 4.04 19.05
CA PRO A 360 6.24 3.60 18.28
C PRO A 360 7.04 2.52 18.97
N PHE A 361 6.87 2.34 20.28
CA PHE A 361 7.63 1.35 21.04
C PHE A 361 9.09 1.75 21.13
N GLU A 362 9.82 1.15 22.07
CA GLU A 362 11.23 1.45 22.28
C GLU A 362 12.02 0.16 22.29
N VAL A 363 13.26 0.23 21.79
CA VAL A 363 14.06 -0.97 21.56
C VAL A 363 14.38 -1.62 22.89
N ASN A 364 13.74 -2.77 23.15
CA ASN A 364 14.06 -3.54 24.35
C ASN A 364 15.45 -4.13 24.26
N MET A 365 15.83 -4.65 23.09
CA MET A 365 17.12 -5.31 22.94
C MET A 365 17.44 -5.46 21.46
N GLU A 366 18.62 -5.00 21.07
CA GLU A 366 19.10 -5.14 19.70
C GLU A 366 20.41 -5.91 19.70
N GLU A 367 20.49 -6.94 18.85
CA GLU A 367 21.66 -7.80 18.77
C GLU A 367 22.19 -7.78 17.34
N THR A 368 23.52 -7.72 17.22
CA THR A 368 24.18 -7.73 15.92
C THR A 368 24.75 -9.11 15.63
N ILE A 369 24.59 -9.55 14.39
CA ILE A 369 25.08 -10.85 13.92
C ILE A 369 25.70 -10.63 12.55
N TYR A 370 26.84 -11.28 12.32
CA TYR A 370 27.52 -11.20 11.03
C TYR A 370 27.90 -9.75 10.70
N GLN A 371 28.83 -9.23 11.51
CA GLN A 371 29.21 -7.82 11.42
C GLN A 371 29.69 -7.44 10.01
N ASN A 372 30.20 -8.39 9.25
CA ASN A 372 30.46 -8.20 7.82
C ASN A 372 30.57 -9.58 7.20
N TYR A 373 29.62 -9.93 6.33
CA TYR A 373 29.47 -11.31 5.91
C TYR A 373 29.13 -11.41 4.45
N GLN A 374 29.53 -12.54 3.86
CA GLN A 374 29.20 -12.92 2.50
C GLN A 374 28.46 -14.25 2.54
N ARG A 375 27.36 -14.35 1.80
CA ARG A 375 26.55 -15.55 1.75
C ARG A 375 26.80 -16.29 0.45
N ILE A 376 27.10 -17.58 0.55
CA ILE A 376 27.32 -18.42 -0.63
C ILE A 376 26.44 -19.66 -0.50
N ARG A 377 26.23 -20.32 -1.63
CA ARG A 377 25.49 -21.57 -1.68
C ARG A 377 26.37 -22.64 -2.30
N ILE A 378 26.43 -23.81 -1.67
CA ILE A 378 27.24 -24.91 -2.15
C ILE A 378 26.35 -26.13 -2.32
N GLN A 379 26.45 -26.79 -3.47
CA GLN A 379 25.68 -27.99 -3.76
C GLN A 379 26.62 -29.16 -3.97
N GLU A 380 26.04 -30.36 -3.95
CA GLU A 380 26.82 -31.57 -4.13
C GLU A 380 27.58 -31.49 -5.45
N SER A 381 28.84 -31.88 -5.42
CA SER A 381 29.66 -31.78 -6.61
C SER A 381 29.10 -32.67 -7.70
N PRO A 382 29.03 -32.21 -8.95
CA PRO A 382 28.51 -33.07 -10.03
C PRO A 382 29.30 -34.36 -10.13
N GLY A 383 28.59 -35.45 -10.39
CA GLY A 383 29.17 -36.77 -10.45
C GLY A 383 29.00 -37.58 -9.18
N LYS A 384 28.71 -36.93 -8.06
CA LYS A 384 28.39 -37.63 -6.83
C LYS A 384 26.90 -37.77 -6.60
N VAL A 385 26.07 -37.15 -7.42
CA VAL A 385 24.63 -37.25 -7.27
C VAL A 385 24.14 -38.59 -7.80
N ALA A 386 23.10 -39.13 -7.16
CA ALA A 386 22.56 -40.44 -7.53
C ALA A 386 21.55 -40.30 -8.66
N ALA A 387 22.01 -39.70 -9.76
CA ALA A 387 21.20 -39.56 -10.97
C ALA A 387 19.89 -38.84 -10.68
N GLY A 388 18.82 -39.59 -10.45
CA GLY A 388 17.50 -38.98 -10.30
C GLY A 388 17.45 -37.97 -9.17
N ARG A 389 18.13 -38.26 -8.06
CA ARG A 389 18.08 -37.38 -6.90
C ARG A 389 18.53 -35.98 -7.29
N LEU A 390 17.78 -34.99 -6.87
CA LEU A 390 18.18 -33.60 -7.07
C LEU A 390 19.38 -33.30 -6.16
N PRO A 391 20.43 -32.66 -6.67
CA PRO A 391 21.60 -32.40 -5.81
C PRO A 391 21.22 -31.57 -4.60
N ARG A 392 21.79 -31.95 -3.45
CA ARG A 392 21.57 -31.21 -2.22
C ARG A 392 22.27 -29.86 -2.28
N SER A 393 21.71 -28.88 -1.58
CA SER A 393 22.31 -27.56 -1.49
C SER A 393 22.25 -27.07 -0.05
N LYS A 394 23.27 -26.31 0.33
CA LYS A 394 23.32 -25.70 1.66
C LYS A 394 23.87 -24.30 1.53
N ASP A 395 23.56 -23.46 2.52
CA ASP A 395 23.98 -22.08 2.54
C ASP A 395 25.07 -21.88 3.58
N ALA A 396 26.13 -21.19 3.20
CA ALA A 396 27.26 -20.91 4.07
C ALA A 396 27.42 -19.40 4.21
N ILE A 397 27.84 -18.97 5.39
CA ILE A 397 28.08 -17.57 5.70
C ILE A 397 29.55 -17.43 6.08
N LEU A 398 30.25 -16.51 5.42
CA LEU A 398 31.65 -16.22 5.68
C LEU A 398 31.72 -14.82 6.26
N LEU A 399 32.08 -14.71 7.53
CA LEU A 399 32.08 -13.43 8.24
C LEU A 399 33.51 -12.96 8.47
N ALA A 400 33.77 -11.69 8.17
CA ALA A 400 35.08 -11.10 8.39
C ALA A 400 36.14 -11.90 7.63
N ASP A 401 36.80 -12.84 8.31
CA ASP A 401 37.75 -13.71 7.65
C ASP A 401 37.03 -14.61 6.64
N LEU A 402 37.72 -14.91 5.55
CA LEU A 402 37.28 -15.77 4.44
C LEU A 402 36.29 -15.06 3.52
N VAL A 403 35.95 -13.79 3.77
CA VAL A 403 35.03 -13.08 2.90
C VAL A 403 35.66 -12.94 1.52
N ASP A 404 34.89 -13.26 0.48
CA ASP A 404 35.34 -13.16 -0.90
C ASP A 404 36.56 -14.05 -1.16
N SER A 405 36.66 -15.15 -0.43
CA SER A 405 37.71 -16.14 -0.64
C SER A 405 37.29 -17.23 -1.62
N CYS A 406 36.10 -17.14 -2.21
CA CYS A 406 35.63 -18.11 -3.18
C CYS A 406 34.89 -17.41 -4.30
N LYS A 407 34.79 -18.09 -5.43
CA LYS A 407 34.11 -17.57 -6.60
C LYS A 407 33.05 -18.57 -7.05
N PRO A 408 31.93 -18.10 -7.58
CA PRO A 408 30.91 -19.04 -8.06
C PRO A 408 31.49 -20.00 -9.08
N GLY A 409 31.12 -21.28 -8.95
CA GLY A 409 31.62 -22.32 -9.81
C GLY A 409 32.90 -22.97 -9.36
N ASP A 410 33.31 -22.78 -8.12
CA ASP A 410 34.57 -23.32 -7.62
C ASP A 410 34.30 -24.46 -6.64
N GLU A 411 34.90 -25.61 -6.88
CA GLU A 411 34.78 -26.74 -5.98
C GLU A 411 35.67 -26.53 -4.77
N ILE A 412 35.08 -26.56 -3.58
CA ILE A 412 35.76 -26.20 -2.36
C ILE A 412 35.45 -27.23 -1.28
N GLU A 413 36.46 -27.55 -0.48
CA GLU A 413 36.29 -28.35 0.74
C GLU A 413 36.12 -27.37 1.90
N LEU A 414 34.88 -27.24 2.36
CA LEU A 414 34.50 -26.24 3.35
C LEU A 414 34.33 -26.88 4.72
N THR A 415 35.03 -26.34 5.71
CA THR A 415 34.88 -26.76 7.09
C THR A 415 34.22 -25.63 7.88
N GLY A 416 33.24 -25.97 8.68
CA GLY A 416 32.48 -24.94 9.38
C GLY A 416 31.49 -25.56 10.33
N ILE A 417 30.84 -24.69 11.09
CA ILE A 417 29.86 -25.11 12.08
C ILE A 417 28.49 -25.13 11.42
N TYR A 418 27.91 -26.32 11.33
CA TYR A 418 26.58 -26.50 10.75
C TYR A 418 25.56 -26.29 11.86
N HIS A 419 25.04 -25.06 11.96
CA HIS A 419 24.19 -24.67 13.07
C HIS A 419 23.00 -23.88 12.56
N ASN A 420 21.93 -23.88 13.34
CA ASN A 420 20.76 -23.08 13.05
C ASN A 420 21.01 -21.63 13.47
N ASN A 421 20.27 -20.72 12.87
CA ASN A 421 20.44 -19.31 13.14
C ASN A 421 19.32 -18.53 12.46
N TYR A 422 19.17 -17.27 12.86
CA TYR A 422 18.15 -16.42 12.27
C TYR A 422 18.41 -16.26 10.78
N ASP A 423 17.44 -15.63 10.10
CA ASP A 423 17.54 -15.41 8.67
C ASP A 423 16.79 -14.15 8.31
N GLY A 424 17.08 -13.62 7.12
CA GLY A 424 16.46 -12.39 6.67
C GLY A 424 15.02 -12.56 6.23
N SER A 425 14.14 -12.87 7.17
CA SER A 425 12.72 -13.00 6.88
C SER A 425 11.89 -12.98 8.16
N GLY A 431 5.40 -13.85 11.40
CA GLY A 431 5.67 -13.22 12.68
C GLY A 431 7.15 -13.16 13.00
N PHE A 432 7.60 -14.05 13.89
CA PHE A 432 9.00 -14.08 14.27
C PHE A 432 9.86 -14.54 13.10
N PRO A 433 11.13 -14.13 13.06
CA PRO A 433 11.97 -14.48 11.91
C PRO A 433 12.17 -15.98 11.79
N VAL A 434 12.32 -16.43 10.55
CA VAL A 434 12.48 -17.86 10.29
C VAL A 434 13.89 -18.30 10.63
N PHE A 435 13.99 -19.46 11.27
CA PHE A 435 15.28 -20.02 11.67
C PHE A 435 15.77 -20.94 10.56
N ALA A 436 16.74 -20.47 9.78
CA ALA A 436 17.26 -21.20 8.63
C ALA A 436 18.62 -21.78 8.98
N THR A 437 18.77 -23.09 8.78
CA THR A 437 20.03 -23.74 9.05
C THR A 437 21.07 -23.32 8.01
N VAL A 438 22.28 -23.04 8.49
CA VAL A 438 23.38 -22.57 7.66
C VAL A 438 24.68 -23.18 8.18
N ILE A 439 25.76 -22.95 7.44
CA ILE A 439 27.10 -23.35 7.84
C ILE A 439 27.92 -22.09 8.06
N LEU A 440 28.36 -21.88 9.29
CA LEU A 440 29.29 -20.79 9.59
C LEU A 440 30.68 -21.25 9.17
N ALA A 441 31.21 -20.64 8.12
CA ALA A 441 32.45 -21.10 7.51
C ALA A 441 33.63 -20.78 8.42
N ASN A 442 34.37 -21.81 8.81
CA ASN A 442 35.60 -21.64 9.58
C ASN A 442 36.84 -21.73 8.71
N HIS A 443 36.85 -22.59 7.70
CA HIS A 443 37.99 -22.69 6.81
C HIS A 443 37.52 -23.12 5.43
N VAL A 444 38.24 -22.67 4.42
CA VAL A 444 37.94 -22.99 3.03
C VAL A 444 39.23 -23.41 2.35
N ALA A 445 39.08 -24.19 1.29
CA ALA A 445 40.20 -24.65 0.49
C ALA A 445 39.76 -24.69 -0.97
N LYS A 446 40.72 -25.01 -1.84
CA LYS A 446 40.46 -25.12 -3.27
C LYS A 446 40.96 -26.47 -3.75
N LYS A 447 40.13 -27.17 -4.52
CA LYS A 447 40.52 -28.46 -5.09
C LYS A 447 41.08 -28.18 -6.48
N ASP A 448 42.41 -28.21 -6.59
CA ASP A 448 43.07 -27.84 -7.84
C ASP A 448 42.64 -28.78 -8.97
N ASN A 449 42.42 -28.18 -10.15
CA ASN A 449 42.06 -28.92 -11.36
C ASN A 449 40.62 -29.41 -11.31
N LYS A 450 39.96 -29.26 -10.16
CA LYS A 450 38.57 -29.64 -9.96
C LYS A 450 38.40 -31.15 -9.96
N VAL A 451 39.47 -31.89 -10.26
CA VAL A 451 39.45 -33.35 -10.17
C VAL A 451 40.85 -33.82 -9.80
N ALA A 452 40.98 -34.43 -8.63
CA ALA A 452 42.25 -35.00 -8.20
C ALA A 452 42.04 -36.31 -7.46
N VAL A 453 40.99 -37.05 -7.81
CA VAL A 453 40.66 -38.27 -7.07
C VAL A 453 41.82 -39.26 -7.15
N GLY A 454 42.37 -39.45 -8.35
CA GLY A 454 43.44 -40.41 -8.52
C GLY A 454 43.09 -41.80 -8.06
N GLU A 455 41.80 -42.13 -8.02
CA GLU A 455 41.33 -43.40 -7.48
C GLU A 455 41.26 -44.42 -8.62
N LEU A 456 42.20 -45.36 -8.63
CA LEU A 456 42.23 -46.41 -9.64
C LEU A 456 42.96 -47.61 -9.07
N THR A 457 42.76 -48.75 -9.72
CA THR A 457 43.47 -49.97 -9.39
C THR A 457 44.67 -50.11 -10.32
N ASP A 458 45.86 -50.28 -9.73
CA ASP A 458 47.07 -50.38 -10.54
C ASP A 458 46.95 -51.49 -11.58
N GLU A 459 46.29 -52.59 -11.24
CA GLU A 459 46.02 -53.63 -12.22
C GLU A 459 45.19 -53.08 -13.38
N ASP A 460 44.16 -52.31 -13.06
CA ASP A 460 43.33 -51.70 -14.10
C ASP A 460 44.13 -50.70 -14.92
N VAL A 461 45.04 -49.96 -14.28
CA VAL A 461 45.90 -49.04 -15.03
C VAL A 461 46.78 -49.80 -16.01
N LYS A 462 47.37 -50.91 -15.56
CA LYS A 462 48.20 -51.71 -16.46
C LYS A 462 47.36 -52.26 -17.62
N MET A 463 46.15 -52.73 -17.32
CA MET A 463 45.27 -53.20 -18.38
C MET A 463 44.93 -52.08 -19.36
N ILE A 464 44.69 -50.88 -18.84
CA ILE A 464 44.39 -49.73 -19.68
C ILE A 464 45.56 -49.44 -20.61
N THR A 465 46.78 -49.45 -20.06
CA THR A 465 47.95 -49.20 -20.90
C THR A 465 48.09 -50.28 -21.96
N SER A 466 47.91 -51.55 -21.58
CA SER A 466 48.06 -52.65 -22.53
C SER A 466 47.03 -52.52 -23.66
N LEU A 467 45.79 -52.20 -23.31
CA LEU A 467 44.78 -51.98 -24.34
C LEU A 467 45.16 -50.80 -25.23
N SER A 468 45.66 -49.72 -24.64
CA SER A 468 46.10 -48.58 -25.43
C SER A 468 47.16 -48.99 -26.43
N LYS A 469 48.08 -49.88 -26.03
CA LYS A 469 49.06 -50.40 -26.96
C LYS A 469 48.37 -51.12 -28.11
N ASP A 470 47.32 -51.88 -27.81
CA ASP A 470 46.50 -52.47 -28.86
C ASP A 470 45.79 -51.39 -29.64
N GLN A 471 46.11 -51.29 -30.93
CA GLN A 471 45.56 -50.23 -31.77
C GLN A 471 44.05 -50.37 -31.93
N GLN A 472 43.57 -51.59 -32.15
CA GLN A 472 42.17 -51.77 -32.48
C GLN A 472 41.25 -51.24 -31.39
N ILE A 473 41.77 -51.06 -30.17
CA ILE A 473 40.94 -50.58 -29.08
C ILE A 473 40.30 -49.26 -29.43
N GLY A 474 40.95 -48.44 -30.25
CA GLY A 474 40.33 -47.19 -30.65
C GLY A 474 38.99 -47.42 -31.31
N GLU A 475 38.94 -48.35 -32.26
CA GLU A 475 37.65 -48.72 -32.86
C GLU A 475 36.69 -49.20 -31.79
N LYS A 476 37.17 -50.03 -30.86
CA LYS A 476 36.27 -50.51 -29.81
C LYS A 476 35.73 -49.35 -29.01
N ILE A 477 36.57 -48.35 -28.72
CA ILE A 477 36.07 -47.18 -28.00
C ILE A 477 34.91 -46.58 -28.77
N PHE A 478 35.08 -46.41 -30.08
CA PHE A 478 34.00 -45.88 -30.89
C PHE A 478 32.76 -46.75 -30.73
N ALA A 479 32.93 -48.07 -30.80
CA ALA A 479 31.79 -48.96 -30.72
C ALA A 479 31.07 -48.80 -29.39
N SER A 480 31.79 -48.45 -28.34
CA SER A 480 31.20 -48.34 -27.02
C SER A 480 30.65 -46.95 -26.73
N ILE A 481 30.73 -46.01 -27.67
CA ILE A 481 30.19 -44.69 -27.40
C ILE A 481 28.68 -44.74 -27.21
N ALA A 482 27.99 -45.55 -28.00
CA ALA A 482 26.53 -45.61 -27.98
C ALA A 482 26.06 -47.06 -27.96
N PRO A 483 26.19 -47.72 -26.81
CA PRO A 483 25.68 -49.11 -26.72
C PRO A 483 24.19 -49.20 -26.95
N SER A 484 23.43 -48.17 -26.60
CA SER A 484 21.98 -48.17 -26.72
C SER A 484 21.51 -47.62 -28.06
N ILE A 485 22.42 -47.35 -28.99
CA ILE A 485 22.09 -46.80 -30.29
C ILE A 485 22.68 -47.70 -31.36
N TYR A 486 22.07 -47.68 -32.53
CA TYR A 486 22.56 -48.39 -33.70
C TYR A 486 22.76 -47.37 -34.82
N GLY A 487 23.90 -47.44 -35.47
CA GLY A 487 24.24 -46.48 -36.51
C GLY A 487 24.82 -45.21 -35.94
N HIS A 488 25.09 -44.27 -36.83
CA HIS A 488 25.70 -42.99 -36.46
C HIS A 488 27.11 -43.21 -35.92
N GLU A 489 27.92 -43.96 -36.67
CA GLU A 489 29.29 -44.21 -36.24
C GLU A 489 30.10 -42.92 -36.21
N ASP A 490 29.87 -42.02 -37.17
CA ASP A 490 30.58 -40.75 -37.18
C ASP A 490 30.28 -39.95 -35.92
N ILE A 491 29.02 -39.95 -35.50
CA ILE A 491 28.66 -39.28 -34.24
C ILE A 491 29.41 -39.91 -33.09
N LYS A 492 29.54 -41.23 -33.09
CA LYS A 492 30.28 -41.90 -32.02
C LYS A 492 31.73 -41.45 -31.98
N ARG A 493 32.37 -41.37 -33.15
CA ARG A 493 33.76 -40.90 -33.18
C ARG A 493 33.87 -39.47 -32.70
N GLY A 494 32.94 -38.62 -33.13
CA GLY A 494 32.97 -37.24 -32.67
C GLY A 494 32.80 -37.13 -31.16
N LEU A 495 31.89 -37.93 -30.59
CA LEU A 495 31.67 -37.88 -29.15
C LEU A 495 32.87 -38.42 -28.40
N ALA A 496 33.52 -39.46 -28.92
CA ALA A 496 34.76 -39.93 -28.30
C ALA A 496 35.83 -38.85 -28.32
N LEU A 497 35.95 -38.15 -29.46
CA LEU A 497 36.91 -37.05 -29.53
C LEU A 497 36.59 -35.98 -28.51
N ALA A 498 35.32 -35.61 -28.38
CA ALA A 498 34.94 -34.60 -27.39
C ALA A 498 35.24 -35.07 -25.98
N LEU A 499 34.96 -36.34 -25.68
CA LEU A 499 35.26 -36.87 -24.35
C LEU A 499 36.75 -36.80 -24.05
N PHE A 500 37.59 -37.16 -25.02
CA PHE A 500 39.02 -37.01 -24.85
C PHE A 500 39.48 -35.56 -25.02
N GLY A 501 38.63 -34.67 -25.52
CA GLY A 501 38.92 -33.26 -25.54
C GLY A 501 40.19 -32.91 -26.30
N GLY A 502 41.22 -32.51 -25.56
CA GLY A 502 42.49 -32.17 -26.15
C GLY A 502 43.33 -31.37 -25.18
N GLU A 503 44.63 -31.37 -25.43
CA GLU A 503 45.56 -30.68 -24.55
C GLU A 503 45.50 -29.19 -24.83
N PRO A 504 45.07 -28.36 -23.86
CA PRO A 504 45.01 -26.91 -24.13
C PRO A 504 46.39 -26.29 -24.24
N LYS A 505 46.77 -25.87 -25.44
CA LYS A 505 48.01 -25.14 -25.63
C LYS A 505 47.80 -23.66 -25.32
N ASN A 506 48.79 -23.04 -24.68
CA ASN A 506 48.67 -21.65 -24.23
C ASN A 506 49.77 -20.80 -24.85
N PRO A 507 49.51 -20.12 -25.96
CA PRO A 507 50.48 -19.13 -26.45
C PRO A 507 50.85 -18.10 -25.40
N GLY A 508 49.94 -17.76 -24.50
CA GLY A 508 50.23 -16.86 -23.40
C GLY A 508 49.32 -15.64 -23.36
N GLY A 509 49.93 -14.46 -23.32
CA GLY A 509 49.15 -13.24 -23.21
C GLY A 509 48.18 -13.06 -24.36
N LYS A 510 48.61 -13.39 -25.58
CA LYS A 510 47.75 -13.23 -26.74
C LYS A 510 46.47 -14.03 -26.58
N HIS A 511 46.59 -15.32 -26.25
CA HIS A 511 45.43 -16.20 -26.11
C HIS A 511 45.86 -17.57 -25.61
N LYS A 512 44.91 -18.48 -25.43
CA LYS A 512 45.18 -19.86 -25.07
C LYS A 512 44.38 -20.76 -25.98
N VAL A 513 45.03 -21.80 -26.50
CA VAL A 513 44.35 -22.78 -27.36
C VAL A 513 43.48 -23.66 -26.46
N ARG A 514 42.17 -23.54 -26.59
CA ARG A 514 41.24 -24.31 -25.78
C ARG A 514 41.22 -25.76 -26.27
N GLY A 515 41.98 -26.62 -25.59
CA GLY A 515 42.11 -28.00 -26.03
C GLY A 515 40.80 -28.75 -26.09
N ASP A 516 39.76 -28.24 -25.44
CA ASP A 516 38.46 -28.89 -25.47
C ASP A 516 37.90 -28.86 -26.88
N ILE A 517 37.10 -29.87 -27.21
CA ILE A 517 36.47 -30.02 -28.52
C ILE A 517 34.99 -29.71 -28.36
N ASN A 518 34.53 -28.61 -28.94
CA ASN A 518 33.12 -28.24 -28.89
C ASN A 518 32.38 -28.90 -30.04
N VAL A 519 31.30 -29.60 -29.72
CA VAL A 519 30.52 -30.36 -30.69
C VAL A 519 29.11 -29.82 -30.70
N LEU A 520 28.47 -29.87 -31.86
CA LEU A 520 27.08 -29.44 -32.03
C LEU A 520 26.37 -30.49 -32.88
N LEU A 521 25.40 -31.18 -32.27
CA LEU A 521 24.59 -32.17 -32.96
C LEU A 521 23.29 -31.52 -33.39
N CYS A 522 23.00 -31.54 -34.69
CA CYS A 522 21.76 -31.04 -35.23
C CYS A 522 21.17 -32.08 -36.18
N GLY A 523 19.84 -32.12 -36.23
CA GLY A 523 19.19 -33.08 -37.09
C GLY A 523 17.70 -33.10 -36.83
N ASP A 524 17.00 -33.82 -37.71
CA ASP A 524 15.55 -33.92 -37.61
C ASP A 524 15.16 -34.74 -36.38
N PRO A 525 13.96 -34.54 -35.87
CA PRO A 525 13.53 -35.25 -34.66
C PRO A 525 13.52 -36.76 -34.86
N GLY A 526 13.60 -37.47 -33.75
CA GLY A 526 13.67 -38.91 -33.76
C GLY A 526 15.06 -39.48 -33.95
N THR A 527 16.09 -38.64 -33.96
CA THR A 527 17.45 -39.08 -34.17
C THR A 527 18.16 -39.48 -32.88
N ALA A 528 17.48 -39.39 -31.74
CA ALA A 528 18.06 -39.76 -30.44
C ALA A 528 19.28 -38.91 -30.09
N LYS A 529 19.25 -37.62 -30.42
CA LYS A 529 20.30 -36.72 -29.96
C LYS A 529 20.30 -36.65 -28.43
N SER A 530 19.11 -36.47 -27.84
CA SER A 530 19.03 -36.41 -26.39
C SER A 530 19.51 -37.70 -25.76
N GLN A 531 19.37 -38.83 -26.45
CA GLN A 531 19.90 -40.08 -25.92
C GLN A 531 21.43 -40.03 -25.87
N PHE A 532 22.07 -39.46 -26.91
CA PHE A 532 23.51 -39.27 -26.85
C PHE A 532 23.90 -38.36 -25.69
N LEU A 533 23.17 -37.27 -25.50
CA LEU A 533 23.47 -36.37 -24.40
C LEU A 533 23.38 -37.09 -23.06
N LYS A 534 22.32 -37.87 -22.87
CA LYS A 534 22.18 -38.60 -21.62
C LYS A 534 23.31 -39.60 -21.45
N TYR A 535 23.72 -40.27 -22.54
CA TYR A 535 24.82 -41.21 -22.42
C TYR A 535 26.08 -40.52 -21.94
N ILE A 536 26.48 -39.44 -22.63
CA ILE A 536 27.73 -38.78 -22.27
C ILE A 536 27.63 -38.20 -20.86
N GLU A 537 26.44 -37.72 -20.48
CA GLU A 537 26.25 -37.21 -19.12
C GLU A 537 26.52 -38.31 -18.11
N LYS A 538 25.91 -39.48 -18.29
CA LYS A 538 26.04 -40.53 -17.28
C LYS A 538 27.44 -41.13 -17.28
N VAL A 539 28.13 -41.12 -18.42
CA VAL A 539 29.45 -41.74 -18.50
C VAL A 539 30.53 -40.79 -17.99
N SER A 540 30.70 -39.65 -18.65
CA SER A 540 31.75 -38.73 -18.28
C SER A 540 31.51 -38.19 -16.88
N SER A 541 32.53 -38.30 -16.03
CA SER A 541 32.46 -37.68 -14.72
C SER A 541 32.65 -36.18 -14.84
N ARG A 542 32.11 -35.45 -13.89
CA ARG A 542 32.21 -34.00 -13.89
C ARG A 542 31.59 -33.45 -15.18
N ALA A 543 30.30 -33.75 -15.35
CA ALA A 543 29.54 -33.28 -16.50
C ALA A 543 28.17 -32.85 -16.02
N ILE A 544 27.58 -31.87 -16.71
CA ILE A 544 26.25 -31.39 -16.38
C ILE A 544 25.41 -31.33 -17.64
N PHE A 545 24.09 -31.35 -17.45
CA PHE A 545 23.12 -31.34 -18.52
C PHE A 545 22.12 -30.22 -18.27
N THR A 546 21.65 -29.62 -19.35
CA THR A 546 20.67 -28.55 -19.24
C THR A 546 20.02 -28.34 -20.60
N THR A 547 19.05 -27.42 -20.64
CA THR A 547 18.27 -27.15 -21.82
C THR A 547 18.20 -25.65 -22.04
N GLY A 548 18.00 -25.25 -23.29
CA GLY A 548 17.95 -23.85 -23.64
C GLY A 548 16.70 -23.12 -23.20
N GLN A 549 15.74 -23.82 -22.61
CA GLN A 549 14.50 -23.19 -22.18
C GLN A 549 13.86 -23.98 -21.05
N LEU A 556 22.60 -21.01 -17.38
CA LEU A 556 23.76 -20.92 -18.26
C LEU A 556 24.61 -19.71 -17.92
N THR A 557 25.89 -19.78 -18.24
CA THR A 557 26.80 -18.66 -18.02
C THR A 557 26.79 -18.25 -16.55
N ALA A 558 26.30 -17.06 -16.25
CA ALA A 558 26.20 -16.54 -14.88
C ALA A 558 25.49 -15.20 -14.97
N TYR A 559 25.01 -14.73 -13.82
CA TYR A 559 24.35 -13.42 -13.83
C TYR A 559 24.06 -12.98 -12.41
N VAL A 560 23.98 -11.67 -12.21
CA VAL A 560 23.69 -11.08 -10.90
C VAL A 560 22.22 -10.68 -10.88
N GLN A 561 21.50 -11.15 -9.87
CA GLN A 561 20.09 -10.79 -9.68
C GLN A 561 19.79 -10.67 -8.19
N ARG A 562 18.76 -9.90 -7.88
CA ARG A 562 18.34 -9.71 -6.49
C ARG A 562 17.65 -10.97 -6.00
N HIS A 563 18.33 -11.74 -5.15
CA HIS A 563 17.81 -12.99 -4.63
C HIS A 563 16.39 -12.81 -4.13
N PRO A 564 15.39 -13.40 -4.80
CA PRO A 564 14.00 -13.10 -4.43
C PRO A 564 13.67 -13.39 -2.97
N VAL A 565 14.31 -14.38 -2.35
CA VAL A 565 14.01 -14.69 -0.96
C VAL A 565 14.29 -13.48 -0.08
N SER A 566 15.33 -12.71 -0.41
CA SER A 566 15.68 -11.52 0.35
C SER A 566 15.76 -10.32 -0.58
N ARG A 567 16.31 -9.20 -0.11
CA ARG A 567 16.61 -8.05 -0.95
C ARG A 567 18.13 -7.94 -0.99
N GLU A 568 18.75 -8.71 -1.88
CA GLU A 568 20.20 -8.78 -1.96
C GLU A 568 20.60 -9.26 -3.35
N TRP A 569 21.46 -8.50 -4.01
CA TRP A 569 21.96 -8.89 -5.32
C TRP A 569 23.05 -9.93 -5.15
N THR A 570 22.90 -11.07 -5.82
CA THR A 570 23.88 -12.14 -5.77
C THR A 570 24.16 -12.61 -7.19
N LEU A 571 25.39 -13.05 -7.41
CA LEU A 571 25.81 -13.66 -8.66
C LEU A 571 25.52 -15.15 -8.61
N GLU A 572 24.84 -15.64 -9.64
CA GLU A 572 24.48 -17.03 -9.78
C GLU A 572 25.37 -17.64 -10.86
N ALA A 573 25.93 -18.81 -10.55
CA ALA A 573 26.80 -19.54 -11.46
C ALA A 573 25.95 -20.40 -12.38
N GLY A 574 26.07 -20.18 -13.70
CA GLY A 574 25.30 -20.91 -14.67
C GLY A 574 25.87 -22.28 -14.95
N ALA A 575 25.32 -22.93 -15.97
CA ALA A 575 25.78 -24.24 -16.37
C ALA A 575 27.24 -24.21 -16.81
N LEU A 576 27.58 -23.24 -17.67
CA LEU A 576 28.94 -23.20 -18.21
C LEU A 576 29.97 -23.14 -17.08
N VAL A 577 29.83 -22.17 -16.19
CA VAL A 577 30.78 -22.02 -15.10
C VAL A 577 30.73 -23.23 -14.17
N LEU A 578 29.52 -23.75 -13.92
CA LEU A 578 29.41 -24.90 -13.03
C LEU A 578 30.23 -26.07 -13.54
N ALA A 579 30.16 -26.33 -14.86
CA ALA A 579 30.99 -27.37 -15.43
C ALA A 579 32.47 -27.07 -15.25
N ASP A 580 32.86 -25.81 -15.48
CA ASP A 580 34.25 -25.40 -15.43
C ASP A 580 35.11 -26.36 -16.24
N ARG A 581 35.91 -27.20 -15.57
CA ARG A 581 36.82 -28.12 -16.24
C ARG A 581 36.13 -29.41 -16.64
N GLY A 582 34.81 -29.40 -16.81
CA GLY A 582 34.08 -30.59 -17.18
C GLY A 582 33.40 -30.50 -18.53
N VAL A 583 32.25 -31.15 -18.66
CA VAL A 583 31.51 -31.25 -19.91
C VAL A 583 30.12 -30.65 -19.70
N CYS A 584 29.69 -29.82 -20.64
CA CYS A 584 28.39 -29.18 -20.58
C CYS A 584 27.56 -29.64 -21.77
N LEU A 585 26.36 -30.14 -21.48
CA LEU A 585 25.43 -30.57 -22.51
C LEU A 585 24.24 -29.63 -22.51
N ILE A 586 23.94 -29.03 -23.65
CA ILE A 586 22.82 -28.12 -23.78
C ILE A 586 21.95 -28.63 -24.92
N ASP A 587 20.76 -29.13 -24.59
CA ASP A 587 19.77 -29.54 -25.58
C ASP A 587 18.84 -28.38 -25.88
N GLU A 588 18.24 -28.41 -27.06
CA GLU A 588 17.46 -27.28 -27.56
C GLU A 588 18.32 -26.02 -27.60
N PHE A 589 19.58 -26.18 -27.97
CA PHE A 589 20.51 -25.05 -27.99
C PHE A 589 20.01 -23.96 -28.93
N ASP A 590 19.20 -24.32 -29.91
CA ASP A 590 18.65 -23.32 -30.84
C ASP A 590 17.64 -22.41 -30.19
N LYS A 591 17.17 -22.72 -28.99
CA LYS A 591 16.19 -21.89 -28.27
C LYS A 591 16.88 -21.28 -27.06
N MET A 592 17.23 -20.01 -27.15
CA MET A 592 17.88 -19.30 -26.07
C MET A 592 17.55 -17.82 -26.18
N ASN A 593 17.73 -17.11 -25.07
CA ASN A 593 17.51 -15.67 -25.06
C ASN A 593 18.64 -14.95 -25.80
N ASP A 594 18.33 -13.76 -26.31
CA ASP A 594 19.34 -12.97 -27.00
C ASP A 594 20.51 -12.66 -26.08
N GLN A 595 20.22 -12.25 -24.84
CA GLN A 595 21.28 -12.05 -23.86
C GLN A 595 22.03 -13.36 -23.61
N ASP A 596 21.30 -14.47 -23.52
CA ASP A 596 21.95 -15.76 -23.36
C ASP A 596 22.81 -16.08 -24.57
N ARG A 597 22.34 -15.77 -25.76
CA ARG A 597 23.13 -16.04 -26.97
C ARG A 597 24.43 -15.24 -26.94
N THR A 598 24.36 -13.95 -26.62
CA THR A 598 25.58 -13.15 -26.55
C THR A 598 26.52 -13.67 -25.48
N SER A 599 25.98 -14.01 -24.30
CA SER A 599 26.82 -14.48 -23.21
C SER A 599 27.51 -15.80 -23.56
N ILE A 600 26.77 -16.74 -24.16
CA ILE A 600 27.37 -18.02 -24.49
C ILE A 600 28.38 -17.85 -25.61
N HIS A 601 28.13 -16.94 -26.55
CA HIS A 601 29.13 -16.65 -27.56
C HIS A 601 30.42 -16.14 -26.92
N GLU A 602 30.27 -15.21 -25.98
CA GLU A 602 31.46 -14.68 -25.30
C GLU A 602 32.19 -15.79 -24.55
N ALA A 603 31.45 -16.64 -23.83
CA ALA A 603 32.08 -17.69 -23.05
C ALA A 603 32.84 -18.66 -23.95
N MET A 604 32.22 -19.07 -25.06
CA MET A 604 32.90 -19.97 -25.98
C MET A 604 34.10 -19.30 -26.64
N GLU A 605 34.02 -17.98 -26.85
CA GLU A 605 35.15 -17.26 -27.45
C GLU A 605 36.31 -17.10 -26.46
N GLN A 606 36.01 -17.09 -25.16
CA GLN A 606 37.02 -16.82 -24.14
C GLN A 606 37.15 -17.90 -23.08
N GLN A 607 36.22 -18.85 -23.00
CA GLN A 607 36.21 -19.85 -21.93
C GLN A 607 36.23 -19.19 -20.55
N SER A 608 35.75 -17.94 -20.48
CA SER A 608 35.66 -17.23 -19.22
C SER A 608 34.83 -15.97 -19.41
N ILE A 609 33.90 -15.70 -18.49
CA ILE A 609 32.96 -14.61 -18.59
C ILE A 609 33.29 -13.55 -17.55
N SER A 610 33.47 -12.32 -18.00
CA SER A 610 33.77 -11.20 -17.12
C SER A 610 32.47 -10.48 -16.75
N ILE A 611 32.16 -10.44 -15.46
CA ILE A 611 30.95 -9.82 -14.95
C ILE A 611 31.34 -8.50 -14.31
N SER A 612 30.56 -7.45 -14.61
CA SER A 612 30.75 -6.12 -14.06
C SER A 612 29.42 -5.54 -13.60
N LYS A 613 28.69 -6.33 -12.82
CA LYS A 613 27.37 -5.93 -12.34
C LYS A 613 27.50 -5.07 -11.08
N ALA A 614 26.36 -4.61 -10.59
CA ALA A 614 26.34 -3.69 -9.45
C ALA A 614 27.14 -4.25 -8.29
N GLY A 615 28.22 -3.56 -7.93
CA GLY A 615 29.00 -3.95 -6.78
C GLY A 615 29.66 -5.31 -6.88
N ILE A 616 29.74 -5.88 -8.08
CA ILE A 616 30.36 -7.17 -8.30
C ILE A 616 31.10 -7.12 -9.64
N VAL A 617 32.42 -7.06 -9.59
CA VAL A 617 33.26 -7.09 -10.79
C VAL A 617 34.27 -8.21 -10.60
N THR A 618 34.26 -9.16 -11.52
CA THR A 618 35.16 -10.32 -11.45
C THR A 618 35.08 -11.06 -12.78
N SER A 619 35.72 -12.23 -12.85
CA SER A 619 35.72 -13.03 -14.06
C SER A 619 35.68 -14.50 -13.67
N LEU A 620 34.67 -15.22 -14.16
CA LEU A 620 34.49 -16.64 -13.86
C LEU A 620 35.05 -17.46 -15.02
N GLN A 621 35.98 -18.35 -14.72
CA GLN A 621 36.63 -19.16 -15.73
C GLN A 621 35.89 -20.48 -15.91
N ALA A 622 35.61 -20.83 -17.15
CA ALA A 622 34.88 -22.06 -17.48
C ALA A 622 35.58 -22.74 -18.65
N ARG A 623 36.46 -23.69 -18.34
CA ARG A 623 37.16 -24.46 -19.37
C ARG A 623 36.33 -25.71 -19.70
N CYS A 624 35.12 -25.46 -20.17
CA CYS A 624 34.09 -26.48 -20.29
C CYS A 624 33.93 -26.94 -21.73
N THR A 625 33.88 -28.25 -21.93
CA THR A 625 33.70 -28.85 -23.25
C THR A 625 32.21 -28.90 -23.55
N VAL A 626 31.77 -28.08 -24.51
CA VAL A 626 30.36 -28.00 -24.86
C VAL A 626 30.03 -29.10 -25.86
N ILE A 627 28.99 -29.88 -25.57
CA ILE A 627 28.56 -30.97 -26.43
C ILE A 627 27.17 -30.65 -26.95
N ALA A 628 26.90 -29.37 -27.17
CA ALA A 628 25.54 -28.90 -27.34
C ALA A 628 24.84 -29.64 -28.48
N ALA A 629 23.52 -29.55 -28.47
CA ALA A 629 22.68 -30.10 -29.53
C ALA A 629 21.51 -29.15 -29.75
N ALA A 630 20.93 -29.22 -30.94
CA ALA A 630 19.79 -28.39 -31.30
C ALA A 630 19.08 -29.03 -32.47
N ASN A 631 18.01 -28.40 -32.93
CA ASN A 631 17.21 -28.88 -34.04
C ASN A 631 17.18 -27.86 -35.17
N PRO A 632 16.93 -28.30 -36.39
CA PRO A 632 16.82 -27.36 -37.51
C PRO A 632 15.70 -26.34 -37.29
N ILE A 633 15.74 -25.29 -38.09
CA ILE A 633 14.68 -24.29 -38.10
C ILE A 633 13.55 -24.77 -39.00
N GLY A 634 12.54 -25.40 -38.40
CA GLY A 634 11.47 -26.00 -39.15
C GLY A 634 11.39 -27.50 -38.91
N GLY A 635 12.22 -28.01 -38.01
CA GLY A 635 12.22 -29.42 -37.68
C GLY A 635 12.99 -30.25 -38.67
N ARG A 636 12.43 -30.44 -39.86
CA ARG A 636 13.09 -31.26 -40.87
C ARG A 636 14.36 -30.58 -41.36
N TYR A 637 15.38 -31.37 -41.64
CA TYR A 637 16.63 -30.85 -42.18
C TYR A 637 16.51 -30.64 -43.68
N ASP A 638 17.03 -29.51 -44.16
CA ASP A 638 16.94 -29.15 -45.57
C ASP A 638 18.28 -29.42 -46.23
N PRO A 639 18.40 -30.41 -47.12
CA PRO A 639 19.71 -30.64 -47.77
C PRO A 639 20.22 -29.43 -48.51
N SER A 640 19.35 -28.67 -49.16
CA SER A 640 19.79 -27.50 -49.92
C SER A 640 20.42 -26.46 -49.00
N LEU A 641 19.65 -25.95 -48.05
CA LEU A 641 20.17 -24.98 -47.11
C LEU A 641 21.25 -25.61 -46.23
N THR A 642 22.32 -24.85 -46.00
CA THR A 642 23.47 -25.35 -45.27
C THR A 642 23.19 -25.36 -43.76
N PHE A 643 24.17 -25.83 -42.99
CA PHE A 643 24.01 -25.93 -41.55
C PHE A 643 23.69 -24.57 -40.94
N SER A 644 24.41 -23.53 -41.37
CA SER A 644 24.19 -22.20 -40.83
C SER A 644 22.88 -21.57 -41.31
N GLU A 645 22.20 -22.17 -42.28
CA GLU A 645 20.96 -21.65 -42.81
C GLU A 645 19.72 -22.36 -42.27
N ASN A 646 19.74 -23.70 -42.26
CA ASN A 646 18.60 -24.47 -41.80
C ASN A 646 18.58 -24.65 -40.28
N VAL A 647 19.36 -23.86 -39.55
CA VAL A 647 19.35 -23.88 -38.08
C VAL A 647 19.35 -22.44 -37.60
N ASP A 648 18.57 -22.17 -36.55
CA ASP A 648 18.38 -20.81 -36.04
C ASP A 648 19.49 -20.45 -35.05
N LEU A 649 20.73 -20.52 -35.54
CA LEU A 649 21.90 -20.12 -34.77
C LEU A 649 22.74 -19.18 -35.62
N THR A 650 23.25 -18.12 -34.99
CA THR A 650 24.05 -17.15 -35.70
C THR A 650 25.46 -17.68 -35.92
N GLU A 651 26.18 -17.04 -36.84
CA GLU A 651 27.51 -17.48 -37.27
C GLU A 651 28.57 -17.34 -36.18
N PRO A 652 28.49 -16.34 -35.29
CA PRO A 652 29.50 -16.26 -34.22
C PRO A 652 29.55 -17.50 -33.35
N ILE A 653 28.39 -18.10 -33.06
CA ILE A 653 28.37 -19.34 -32.29
C ILE A 653 28.90 -20.50 -33.14
N ILE A 654 28.53 -20.53 -34.42
CA ILE A 654 28.96 -21.63 -35.28
C ILE A 654 30.48 -21.63 -35.39
N SER A 655 31.09 -20.45 -35.42
CA SER A 655 32.55 -20.37 -35.56
C SER A 655 33.26 -21.04 -34.40
N ARG A 656 32.76 -20.84 -33.17
CA ARG A 656 33.37 -21.43 -31.99
C ARG A 656 32.84 -22.83 -31.72
N PHE A 657 32.90 -23.69 -32.75
CA PHE A 657 32.51 -25.08 -32.62
C PHE A 657 33.47 -25.94 -33.42
N ASP A 658 34.22 -26.79 -32.72
CA ASP A 658 35.24 -27.61 -33.37
C ASP A 658 34.61 -28.63 -34.31
N ILE A 659 33.49 -29.22 -33.92
CA ILE A 659 32.81 -30.24 -34.71
C ILE A 659 31.35 -29.85 -34.86
N LEU A 660 30.86 -29.88 -36.08
CA LEU A 660 29.44 -29.74 -36.37
C LEU A 660 29.00 -30.98 -37.14
N CYS A 661 27.93 -31.62 -36.66
CA CYS A 661 27.47 -32.87 -37.22
C CYS A 661 25.98 -32.78 -37.53
N VAL A 662 25.56 -33.41 -38.61
CA VAL A 662 24.18 -33.44 -39.05
C VAL A 662 23.68 -34.87 -38.99
N VAL A 663 22.53 -35.08 -38.37
CA VAL A 663 21.89 -36.38 -38.26
C VAL A 663 20.66 -36.36 -39.15
N ARG A 664 20.65 -37.21 -40.17
CA ARG A 664 19.56 -37.26 -41.14
C ARG A 664 18.78 -38.55 -40.98
N ASP A 665 17.46 -38.43 -40.88
CA ASP A 665 16.57 -39.58 -40.73
C ASP A 665 16.21 -40.09 -42.13
N THR A 666 17.17 -40.78 -42.75
CA THR A 666 16.99 -41.30 -44.09
C THR A 666 16.06 -42.52 -44.07
N VAL A 667 15.31 -42.69 -45.16
CA VAL A 667 14.38 -43.81 -45.31
C VAL A 667 15.15 -44.92 -46.00
N ASP A 668 15.81 -45.76 -45.21
CA ASP A 668 16.60 -46.87 -45.71
C ASP A 668 16.06 -48.18 -45.13
N PRO A 669 15.74 -49.17 -45.97
CA PRO A 669 15.05 -50.35 -45.46
C PRO A 669 15.85 -51.18 -44.47
N VAL A 670 17.07 -51.56 -44.83
CA VAL A 670 17.83 -52.47 -43.96
C VAL A 670 18.19 -51.79 -42.64
N GLN A 671 18.64 -50.55 -42.71
CA GLN A 671 19.00 -49.84 -41.48
C GLN A 671 17.76 -49.62 -40.61
N ASP A 672 16.63 -49.29 -41.23
CA ASP A 672 15.40 -49.13 -40.46
C ASP A 672 14.97 -50.44 -39.80
N GLU A 673 15.14 -51.56 -40.51
CA GLU A 673 14.84 -52.85 -39.92
C GLU A 673 15.75 -53.14 -38.73
N MET A 674 17.04 -52.81 -38.86
CA MET A 674 17.95 -53.01 -37.75
C MET A 674 17.56 -52.15 -36.56
N LEU A 675 17.16 -50.91 -36.81
CA LEU A 675 16.70 -50.04 -35.73
C LEU A 675 15.46 -50.62 -35.06
N ALA A 676 14.51 -51.12 -35.86
CA ALA A 676 13.32 -51.72 -35.30
C ALA A 676 13.66 -52.91 -34.42
N ARG A 677 14.55 -53.77 -34.91
CA ARG A 677 14.98 -54.92 -34.11
C ARG A 677 15.60 -54.45 -32.80
N PHE A 678 16.45 -53.44 -32.87
CA PHE A 678 17.15 -52.99 -31.67
C PHE A 678 16.17 -52.44 -30.65
N VAL A 679 15.22 -51.61 -31.10
CA VAL A 679 14.28 -50.99 -30.17
C VAL A 679 13.34 -52.04 -29.59
N VAL A 680 12.87 -52.98 -30.41
CA VAL A 680 12.01 -54.04 -29.89
C VAL A 680 12.76 -54.87 -28.86
N GLY A 681 14.01 -55.22 -29.15
CA GLY A 681 14.79 -55.96 -28.17
C GLY A 681 14.95 -55.20 -26.87
N SER A 682 15.24 -53.91 -26.97
CA SER A 682 15.38 -53.09 -25.76
C SER A 682 14.09 -53.07 -24.97
N HIS A 683 12.95 -52.91 -25.65
CA HIS A 683 11.68 -52.90 -24.94
C HIS A 683 11.40 -54.22 -24.25
N VAL A 684 11.64 -55.33 -24.94
CA VAL A 684 11.26 -56.62 -24.36
C VAL A 684 12.18 -56.98 -23.20
N ARG A 685 13.49 -56.77 -23.36
CA ARG A 685 14.42 -57.18 -22.30
C ARG A 685 14.24 -56.38 -21.03
N HIS A 686 13.65 -55.19 -21.10
CA HIS A 686 13.45 -54.32 -19.95
C HIS A 686 12.03 -54.38 -19.39
N HIS A 687 11.25 -55.37 -19.78
CA HIS A 687 9.88 -55.46 -19.30
C HIS A 687 9.89 -55.54 -17.78
N PRO A 688 9.02 -54.80 -17.08
CA PRO A 688 9.11 -54.82 -15.62
C PRO A 688 8.95 -56.20 -15.02
N SER A 689 8.12 -57.06 -15.61
CA SER A 689 7.98 -58.42 -15.12
C SER A 689 9.12 -59.32 -15.58
N ASN A 690 10.03 -58.82 -16.41
CA ASN A 690 11.17 -59.62 -16.82
C ASN A 690 12.01 -60.04 -15.63
N LYS A 691 12.25 -59.12 -14.70
CA LYS A 691 13.02 -59.42 -13.49
C LYS A 691 12.32 -58.84 -12.27
N GLY A 711 31.81 -56.09 -35.77
CA GLY A 711 33.21 -55.67 -35.79
C GLY A 711 33.94 -55.99 -34.51
N VAL A 712 34.90 -55.15 -34.15
CA VAL A 712 35.65 -55.36 -32.91
C VAL A 712 34.69 -55.34 -31.72
N GLU A 713 34.96 -56.19 -30.75
CA GLU A 713 34.08 -56.29 -29.60
C GLU A 713 34.09 -54.99 -28.80
N PRO A 714 32.97 -54.64 -28.16
CA PRO A 714 32.91 -53.37 -27.44
C PRO A 714 33.77 -53.35 -26.18
N LEU A 715 33.71 -52.27 -25.43
CA LEU A 715 34.47 -52.13 -24.19
C LEU A 715 33.53 -51.91 -23.01
N PRO A 716 33.78 -52.56 -21.88
CA PRO A 716 32.91 -52.31 -20.71
C PRO A 716 32.95 -50.86 -20.29
N GLN A 717 31.78 -50.35 -19.87
CA GLN A 717 31.65 -48.92 -19.60
C GLN A 717 32.57 -48.48 -18.46
N GLU A 718 32.68 -49.29 -17.41
CA GLU A 718 33.54 -48.91 -16.28
C GLU A 718 34.98 -48.74 -16.73
N VAL A 719 35.50 -49.71 -17.49
CA VAL A 719 36.87 -49.63 -17.98
C VAL A 719 37.01 -48.45 -18.94
N LEU A 720 35.97 -48.17 -19.72
CA LEU A 720 36.02 -47.02 -20.59
C LEU A 720 36.16 -45.72 -19.80
N LYS A 721 35.42 -45.60 -18.70
CA LYS A 721 35.54 -44.42 -17.86
C LYS A 721 36.93 -44.33 -17.24
N LYS A 722 37.47 -45.47 -16.80
CA LYS A 722 38.84 -45.46 -16.28
C LYS A 722 39.82 -44.98 -17.34
N TYR A 723 39.67 -45.46 -18.57
CA TYR A 723 40.53 -45.02 -19.66
C TYR A 723 40.39 -43.53 -19.89
N ILE A 724 39.16 -43.03 -19.90
CA ILE A 724 38.95 -41.60 -20.13
C ILE A 724 39.68 -40.80 -19.07
N ILE A 725 39.50 -41.14 -17.80
CA ILE A 725 40.13 -40.37 -16.73
C ILE A 725 41.65 -40.43 -16.87
N TYR A 726 42.19 -41.65 -17.03
CA TYR A 726 43.63 -41.82 -17.05
C TYR A 726 44.27 -41.07 -18.21
N ALA A 727 43.73 -41.24 -19.41
CA ALA A 727 44.30 -40.56 -20.57
C ALA A 727 44.13 -39.05 -20.46
N LYS A 728 42.97 -38.59 -20.00
CA LYS A 728 42.72 -37.16 -19.92
C LYS A 728 43.61 -36.48 -18.89
N GLU A 729 44.10 -37.21 -17.89
CA GLU A 729 44.91 -36.59 -16.84
C GLU A 729 46.40 -36.92 -16.91
N ARG A 730 46.81 -37.91 -17.71
CA ARG A 730 48.21 -38.30 -17.78
C ARG A 730 48.87 -37.93 -19.10
N VAL A 731 48.34 -38.37 -20.23
CA VAL A 731 49.01 -38.19 -21.52
C VAL A 731 48.68 -36.80 -22.06
N HIS A 732 49.72 -36.09 -22.50
CA HIS A 732 49.58 -34.75 -23.07
C HIS A 732 50.41 -34.69 -24.35
N PRO A 733 49.79 -34.78 -25.52
CA PRO A 733 50.57 -34.89 -26.77
C PRO A 733 51.44 -33.66 -26.99
N LYS A 734 52.33 -33.78 -27.98
CA LYS A 734 53.28 -32.73 -28.32
C LYS A 734 53.48 -32.73 -29.84
N LEU A 735 54.36 -31.85 -30.31
CA LEU A 735 54.60 -31.62 -31.73
C LEU A 735 56.09 -31.57 -32.03
N ASN A 736 56.84 -32.57 -31.54
CA ASN A 736 58.29 -32.57 -31.76
C ASN A 736 58.63 -32.58 -33.24
N GLN A 737 57.94 -33.41 -34.02
CA GLN A 737 58.14 -33.46 -35.45
C GLN A 737 57.22 -32.46 -36.13
N MET A 738 57.30 -32.39 -37.47
CA MET A 738 56.50 -31.43 -38.22
C MET A 738 56.19 -32.00 -39.60
N ASP A 739 54.90 -32.20 -39.88
CA ASP A 739 54.41 -32.39 -41.24
C ASP A 739 53.78 -31.11 -41.76
N GLN A 740 54.32 -29.95 -41.37
CA GLN A 740 53.71 -28.67 -41.72
C GLN A 740 53.55 -28.54 -43.22
N ASP A 741 54.45 -29.13 -44.00
CA ASP A 741 54.32 -29.06 -45.45
C ASP A 741 52.98 -29.65 -45.90
N LYS A 742 52.66 -30.85 -45.42
CA LYS A 742 51.41 -31.49 -45.80
C LYS A 742 50.21 -30.69 -45.30
N VAL A 743 50.29 -30.19 -44.07
CA VAL A 743 49.16 -29.43 -43.51
C VAL A 743 48.92 -28.16 -44.32
N ALA A 744 49.98 -27.43 -44.63
CA ALA A 744 49.85 -26.20 -45.40
C ALA A 744 49.35 -26.48 -46.81
N LYS A 745 49.85 -27.55 -47.44
CA LYS A 745 49.38 -27.88 -48.78
C LYS A 745 47.90 -28.24 -48.75
N MET A 746 47.48 -28.98 -47.73
CA MET A 746 46.06 -29.32 -47.59
C MET A 746 45.22 -28.06 -47.39
N TYR A 747 45.71 -27.12 -46.57
CA TYR A 747 44.96 -25.89 -46.34
C TYR A 747 44.85 -25.07 -47.63
N SER A 748 45.94 -25.00 -48.39
CA SER A 748 45.90 -24.30 -49.67
C SER A 748 44.93 -24.98 -50.63
N ASP A 749 44.91 -26.32 -50.64
CA ASP A 749 43.94 -27.04 -51.45
C ASP A 749 42.53 -26.68 -51.05
N LEU A 750 42.25 -26.65 -49.75
CA LEU A 750 40.92 -26.32 -49.27
C LEU A 750 40.53 -24.90 -49.69
N ARG A 751 41.46 -23.95 -49.58
CA ARG A 751 41.18 -22.59 -50.02
C ARG A 751 40.88 -22.56 -51.52
N LYS A 752 41.66 -23.31 -52.30
CA LYS A 752 41.41 -23.41 -53.73
C LYS A 752 40.06 -24.05 -54.04
N GLU A 753 39.54 -24.88 -53.13
CA GLU A 753 38.29 -25.57 -53.35
C GLU A 753 37.09 -24.76 -52.89
N SER A 754 37.18 -24.12 -51.73
CA SER A 754 36.07 -23.32 -51.22
C SER A 754 36.18 -21.88 -51.71
N ILE A 762 38.09 -21.78 -46.15
CA ILE A 762 38.59 -22.37 -44.91
C ILE A 762 39.53 -21.39 -44.22
N THR A 763 39.54 -21.44 -42.89
CA THR A 763 40.29 -20.50 -42.06
C THR A 763 41.12 -21.28 -41.04
N VAL A 764 42.04 -20.57 -40.39
CA VAL A 764 42.92 -21.20 -39.41
C VAL A 764 42.14 -21.80 -38.25
N ARG A 765 40.87 -21.39 -38.05
CA ARG A 765 40.05 -22.04 -37.03
C ARG A 765 39.97 -23.54 -37.30
N HIS A 766 39.81 -23.92 -38.56
CA HIS A 766 39.81 -25.33 -38.92
C HIS A 766 41.13 -25.98 -38.57
N ILE A 767 42.24 -25.27 -38.76
CA ILE A 767 43.55 -25.84 -38.46
C ILE A 767 43.68 -26.10 -36.96
N GLU A 768 43.28 -25.12 -36.14
CA GLU A 768 43.39 -25.31 -34.70
C GLU A 768 42.48 -26.43 -34.22
N SER A 769 41.26 -26.51 -34.77
CA SER A 769 40.38 -27.62 -34.42
C SER A 769 41.00 -28.95 -34.85
N MET A 770 41.62 -28.98 -36.03
CA MET A 770 42.24 -30.20 -36.52
C MET A 770 43.34 -30.66 -35.58
N ILE A 771 44.19 -29.74 -35.16
CA ILE A 771 45.28 -30.13 -34.26
C ILE A 771 44.74 -30.56 -32.91
N ARG A 772 43.68 -29.90 -32.43
CA ARG A 772 43.09 -30.31 -31.16
C ARG A 772 42.56 -31.74 -31.25
N MET A 773 41.82 -32.05 -32.31
CA MET A 773 41.28 -33.41 -32.44
C MET A 773 42.38 -34.42 -32.70
N ALA A 774 43.46 -34.02 -33.38
CA ALA A 774 44.60 -34.91 -33.54
C ALA A 774 45.23 -35.23 -32.20
N GLU A 775 45.39 -34.21 -31.35
CA GLU A 775 45.88 -34.46 -29.99
C GLU A 775 44.95 -35.40 -29.24
N ALA A 776 43.64 -35.20 -29.40
CA ALA A 776 42.69 -36.09 -28.74
C ALA A 776 42.86 -37.53 -29.21
N HIS A 777 42.99 -37.71 -30.52
CA HIS A 777 43.16 -39.06 -31.06
C HIS A 777 44.46 -39.69 -30.57
N ALA A 778 45.52 -38.91 -30.50
CA ALA A 778 46.77 -39.42 -29.94
C ALA A 778 46.59 -39.83 -28.49
N ARG A 779 45.84 -39.02 -27.73
CA ARG A 779 45.55 -39.37 -26.34
C ARG A 779 44.76 -40.66 -26.25
N ILE A 780 43.88 -40.92 -27.22
CA ILE A 780 43.08 -42.14 -27.20
C ILE A 780 43.99 -43.36 -27.20
N HIS A 781 45.08 -43.30 -27.96
CA HIS A 781 46.08 -44.36 -27.99
C HIS A 781 47.28 -44.07 -27.10
N LEU A 782 47.21 -43.02 -26.27
CA LEU A 782 48.29 -42.68 -25.35
C LEU A 782 49.61 -42.46 -26.10
N ARG A 783 49.53 -41.83 -27.26
CA ARG A 783 50.72 -41.50 -28.02
C ARG A 783 51.38 -40.26 -27.45
N ASP A 784 52.72 -40.20 -27.58
CA ASP A 784 53.47 -39.13 -26.94
C ASP A 784 53.41 -37.85 -27.75
N TYR A 785 53.93 -37.87 -28.98
CA TYR A 785 53.92 -36.70 -29.85
C TYR A 785 52.80 -36.78 -30.88
N VAL A 786 52.81 -37.81 -31.72
CA VAL A 786 51.84 -37.94 -32.79
C VAL A 786 52.11 -39.25 -33.52
N ILE A 787 51.07 -39.81 -34.13
CA ILE A 787 51.20 -40.98 -34.99
C ILE A 787 50.87 -40.58 -36.42
N GLU A 788 51.34 -41.39 -37.36
CA GLU A 788 51.18 -41.03 -38.77
C GLU A 788 49.70 -40.83 -39.12
N ASP A 789 48.82 -41.67 -38.59
CA ASP A 789 47.41 -41.58 -38.90
C ASP A 789 46.69 -40.51 -38.09
N ASP A 790 47.36 -39.87 -37.13
CA ASP A 790 46.68 -38.87 -36.31
C ASP A 790 46.22 -37.69 -37.14
N VAL A 791 47.15 -37.10 -37.91
CA VAL A 791 46.79 -35.97 -38.77
C VAL A 791 45.76 -36.42 -39.81
N ASN A 792 45.89 -37.64 -40.31
CA ASN A 792 44.91 -38.14 -41.27
C ASN A 792 43.52 -38.20 -40.67
N MET A 793 43.41 -38.70 -39.44
CA MET A 793 42.11 -38.77 -38.77
C MET A 793 41.54 -37.38 -38.55
N ALA A 794 42.38 -36.45 -38.10
CA ALA A 794 41.91 -35.09 -37.87
C ALA A 794 41.40 -34.46 -39.17
N ILE A 795 42.16 -34.61 -40.26
CA ILE A 795 41.74 -34.07 -41.54
C ILE A 795 40.44 -34.72 -41.99
N ARG A 796 40.34 -36.04 -41.84
CA ARG A 796 39.12 -36.74 -42.23
C ARG A 796 37.92 -36.18 -41.49
N VAL A 797 38.03 -36.02 -40.18
CA VAL A 797 36.92 -35.52 -39.39
C VAL A 797 36.54 -34.11 -39.84
N MET A 798 37.54 -33.23 -39.94
CA MET A 798 37.25 -31.84 -40.31
C MET A 798 36.60 -31.76 -41.67
N LEU A 799 37.15 -32.48 -42.65
CA LEU A 799 36.63 -32.43 -44.00
C LEU A 799 35.23 -33.02 -44.08
N GLU A 800 34.99 -34.12 -43.37
CA GLU A 800 33.66 -34.71 -43.38
C GLU A 800 32.63 -33.75 -42.80
N SER A 801 32.97 -33.09 -41.69
CA SER A 801 32.03 -32.12 -41.14
C SER A 801 31.80 -30.97 -42.11
N PHE A 802 32.89 -30.43 -42.69
CA PHE A 802 32.73 -29.28 -43.57
C PHE A 802 31.87 -29.62 -44.77
N ILE A 803 32.05 -30.83 -45.31
CA ILE A 803 31.21 -31.27 -46.41
C ILE A 803 29.76 -31.43 -45.95
N ASP A 804 29.57 -31.96 -44.75
CA ASP A 804 28.23 -32.15 -44.22
C ASP A 804 27.50 -30.84 -43.93
N THR A 805 28.22 -29.71 -43.91
CA THR A 805 27.59 -28.41 -43.71
C THR A 805 27.58 -27.57 -44.99
N GLN A 806 27.26 -28.20 -46.13
CA GLN A 806 27.19 -27.51 -47.42
C GLN A 806 25.87 -27.83 -48.11
N LYS A 807 25.61 -27.11 -49.20
CA LYS A 807 24.42 -27.33 -49.99
C LYS A 807 24.53 -28.66 -50.74
N PHE A 808 23.41 -29.06 -51.35
CA PHE A 808 23.39 -30.34 -52.07
C PHE A 808 24.39 -30.35 -53.21
N SER A 809 24.33 -29.35 -54.10
CA SER A 809 25.28 -29.29 -55.20
C SER A 809 26.69 -29.05 -54.69
N VAL A 810 26.85 -28.15 -53.73
CA VAL A 810 28.17 -27.89 -53.15
C VAL A 810 28.67 -29.14 -52.44
N MET A 811 27.78 -29.84 -51.74
CA MET A 811 28.18 -31.06 -51.06
C MET A 811 28.68 -32.10 -52.05
N ARG A 812 27.96 -32.27 -53.16
CA ARG A 812 28.41 -33.22 -54.18
C ARG A 812 29.76 -32.80 -54.75
N SER A 813 29.93 -31.51 -55.03
CA SER A 813 31.20 -31.04 -55.58
C SER A 813 32.35 -31.32 -54.62
N MET A 814 32.15 -31.03 -53.33
CA MET A 814 33.19 -31.27 -52.36
C MET A 814 33.50 -32.76 -52.23
N ARG A 815 32.45 -33.60 -52.24
CA ARG A 815 32.66 -35.04 -52.17
C ARG A 815 33.49 -35.53 -53.35
N LYS A 816 33.15 -35.06 -54.57
CA LYS A 816 33.90 -35.47 -55.74
C LYS A 816 35.35 -35.01 -55.66
N THR A 817 35.57 -33.74 -55.30
CA THR A 817 36.93 -33.22 -55.23
C THR A 817 37.74 -33.92 -54.16
N PHE A 818 37.13 -34.20 -53.01
CA PHE A 818 37.82 -34.75 -51.85
C PHE A 818 37.71 -36.25 -51.75
N ALA A 819 37.20 -36.91 -52.79
CA ALA A 819 37.05 -38.36 -52.74
C ALA A 819 38.36 -39.03 -52.37
N ARG A 820 39.48 -38.50 -52.86
CA ARG A 820 40.78 -39.08 -52.53
C ARG A 820 41.09 -38.92 -51.05
N TYR A 821 40.91 -37.71 -50.51
CA TYR A 821 41.21 -37.49 -49.10
C TYR A 821 40.32 -38.35 -48.20
N LEU A 822 39.03 -38.41 -48.50
CA LEU A 822 38.14 -39.25 -47.72
C LEU A 822 38.50 -40.72 -47.85
N SER A 823 38.86 -41.16 -49.07
CA SER A 823 39.26 -42.54 -49.29
C SER A 823 40.61 -42.86 -48.68
N PHE A 824 41.37 -41.85 -48.23
CA PHE A 824 42.63 -42.12 -47.58
C PHE A 824 42.44 -43.01 -46.36
N ARG A 825 41.52 -42.62 -45.47
CA ARG A 825 41.16 -43.39 -44.27
C ARG A 825 42.22 -44.41 -43.83
N THR B 6 -15.53 35.10 56.91
CA THR B 6 -14.36 35.12 56.04
C THR B 6 -14.72 35.61 54.65
N VAL B 7 -15.63 36.58 54.58
CA VAL B 7 -16.11 37.13 53.31
C VAL B 7 -15.95 38.64 53.36
N VAL B 8 -15.38 39.20 52.30
CA VAL B 8 -15.12 40.64 52.23
C VAL B 8 -16.46 41.38 52.20
N LEU B 9 -16.74 42.11 53.28
CA LEU B 9 -17.99 42.86 53.34
C LEU B 9 -18.03 43.94 52.28
N ASP B 10 -16.97 44.74 52.18
CA ASP B 10 -16.86 45.78 51.17
C ASP B 10 -15.39 46.12 50.98
N ASP B 11 -15.09 46.68 49.81
CA ASP B 11 -13.75 47.14 49.48
C ASP B 11 -13.80 48.58 49.03
N VAL B 12 -12.95 49.43 49.61
CA VAL B 12 -12.95 50.83 49.26
C VAL B 12 -12.30 51.06 47.90
N GLU B 13 -11.17 50.40 47.64
CA GLU B 13 -10.47 50.61 46.38
C GLU B 13 -11.31 50.15 45.21
N LEU B 14 -11.95 48.98 45.32
CA LEU B 14 -12.77 48.48 44.23
C LEU B 14 -13.97 49.39 43.99
N ARG B 15 -14.60 49.87 45.06
CA ARG B 15 -15.72 50.79 44.89
C ARG B 15 -15.29 52.07 44.20
N GLU B 16 -14.14 52.62 44.61
CA GLU B 16 -13.65 53.84 43.98
C GLU B 16 -13.38 53.62 42.50
N ALA B 17 -12.72 52.50 42.18
CA ALA B 17 -12.41 52.22 40.78
C ALA B 17 -13.69 52.08 39.95
N GLN B 18 -14.67 51.34 40.48
CA GLN B 18 -15.91 51.13 39.74
C GLN B 18 -16.63 52.44 39.51
N ARG B 19 -16.71 53.29 40.54
CA ARG B 19 -17.40 54.56 40.38
C ARG B 19 -16.67 55.47 39.40
N ASP B 20 -15.34 55.47 39.44
CA ASP B 20 -14.58 56.28 38.50
C ASP B 20 -14.83 55.82 37.07
N TYR B 21 -14.81 54.51 36.84
CA TYR B 21 -15.05 54.01 35.49
C TYR B 21 -16.46 54.35 35.03
N LEU B 22 -17.44 54.23 35.93
CA LEU B 22 -18.80 54.60 35.57
C LEU B 22 -18.89 56.07 35.20
N ASP B 23 -18.20 56.93 35.95
CA ASP B 23 -18.16 58.35 35.62
C ASP B 23 -17.55 58.56 34.23
N PHE B 24 -16.43 57.88 33.95
CA PHE B 24 -15.79 58.02 32.65
C PHE B 24 -16.75 57.62 31.53
N LEU B 25 -17.39 56.45 31.67
CA LEU B 25 -18.37 56.03 30.68
C LEU B 25 -19.56 56.96 30.65
N ASP B 26 -19.88 57.61 31.78
CA ASP B 26 -21.01 58.52 31.87
C ASP B 26 -20.65 59.83 31.16
N ASP B 27 -20.48 59.71 29.85
CA ASP B 27 -20.07 60.84 29.01
C ASP B 27 -21.33 61.50 28.48
N GLU B 28 -21.88 62.42 29.26
CA GLU B 28 -23.05 63.19 28.87
C GLU B 28 -22.84 64.68 28.97
N GLU B 29 -22.05 65.13 29.95
CA GLU B 29 -21.71 66.55 30.09
C GLU B 29 -20.53 66.94 29.20
N ASP B 30 -20.11 66.05 28.31
CA ASP B 30 -18.96 66.29 27.44
C ASP B 30 -19.33 65.81 26.04
N GLN B 31 -18.31 65.67 25.19
CA GLN B 31 -18.56 65.30 23.79
C GLN B 31 -19.49 64.11 23.64
N GLY B 32 -19.63 63.28 24.67
CA GLY B 32 -20.56 62.16 24.59
C GLY B 32 -20.11 61.05 23.69
N ILE B 33 -18.80 60.93 23.44
CA ILE B 33 -18.31 59.92 22.52
C ILE B 33 -18.62 58.52 23.04
N TYR B 34 -18.35 58.27 24.32
CA TYR B 34 -18.51 56.92 24.84
C TYR B 34 -19.96 56.57 25.12
N GLN B 35 -20.79 57.55 25.47
CA GLN B 35 -22.20 57.27 25.60
C GLN B 35 -22.78 56.88 24.25
N SER B 36 -22.40 57.59 23.19
CA SER B 36 -22.82 57.18 21.85
C SER B 36 -22.28 55.81 21.51
N LYS B 37 -21.04 55.52 21.91
CA LYS B 37 -20.48 54.20 21.64
C LYS B 37 -21.32 53.11 22.29
N VAL B 38 -21.69 53.28 23.56
CA VAL B 38 -22.45 52.25 24.25
C VAL B 38 -23.86 52.15 23.68
N ARG B 39 -24.45 53.27 23.28
CA ARG B 39 -25.76 53.21 22.64
C ARG B 39 -25.68 52.42 21.34
N GLU B 40 -24.65 52.67 20.53
CA GLU B 40 -24.48 51.92 19.29
C GLU B 40 -24.23 50.46 19.58
N LEU B 41 -23.48 50.17 20.64
CA LEU B 41 -23.23 48.78 21.04
C LEU B 41 -24.55 48.08 21.36
N ILE B 42 -25.41 48.74 22.13
CA ILE B 42 -26.70 48.14 22.46
C ILE B 42 -27.52 47.93 21.20
N SER B 43 -27.53 48.92 20.31
CA SER B 43 -28.30 48.77 19.07
C SER B 43 -27.77 47.65 18.21
N ASP B 44 -26.46 47.37 18.27
CA ASP B 44 -25.84 46.36 17.42
C ASP B 44 -25.89 44.97 18.04
N ASN B 45 -26.30 44.83 19.29
CA ASN B 45 -26.44 43.58 20.03
C ASN B 45 -25.10 43.03 20.49
N GLN B 46 -23.97 43.68 20.19
CA GLN B 46 -22.69 43.22 20.70
C GLN B 46 -22.52 43.64 22.16
N TYR B 47 -21.58 42.99 22.84
CA TYR B 47 -21.36 43.19 24.27
C TYR B 47 -19.87 43.30 24.58
N ARG B 48 -19.17 44.12 23.81
CA ARG B 48 -17.75 44.36 24.05
C ARG B 48 -17.44 45.80 23.65
N LEU B 49 -17.34 46.68 24.63
CA LEU B 49 -17.03 48.08 24.35
C LEU B 49 -15.54 48.26 24.12
N ILE B 50 -15.21 49.02 23.08
CA ILE B 50 -13.82 49.34 22.77
C ILE B 50 -13.52 50.70 23.38
N VAL B 51 -12.50 50.75 24.24
CA VAL B 51 -12.15 51.94 25.00
C VAL B 51 -10.73 52.35 24.62
N ASN B 52 -10.56 53.61 24.27
CA ASN B 52 -9.22 54.13 23.98
C ASN B 52 -8.53 54.45 25.30
N VAL B 53 -7.40 53.78 25.55
CA VAL B 53 -6.70 53.98 26.81
C VAL B 53 -6.23 55.43 26.92
N ASN B 54 -5.91 56.07 25.80
CA ASN B 54 -5.45 57.45 25.85
C ASN B 54 -6.52 58.38 26.40
N ASP B 55 -7.78 58.12 26.07
CA ASP B 55 -8.86 58.93 26.64
C ASP B 55 -8.91 58.76 28.16
N LEU B 56 -8.73 57.54 28.64
CA LEU B 56 -8.69 57.32 30.08
C LEU B 56 -7.53 58.08 30.70
N ARG B 57 -6.36 58.05 30.06
CA ARG B 57 -5.22 58.80 30.58
C ARG B 57 -5.54 60.29 30.64
N ARG B 58 -6.16 60.81 29.59
CA ARG B 58 -6.54 62.23 29.59
C ARG B 58 -7.49 62.54 30.74
N LYS B 59 -8.56 61.75 30.88
CA LYS B 59 -9.49 61.97 31.98
C LYS B 59 -8.83 61.71 33.33
N ASN B 60 -8.05 60.65 33.43
CA ASN B 60 -7.39 60.31 34.70
C ASN B 60 -6.14 59.50 34.37
N GLU B 61 -4.98 60.16 34.42
CA GLU B 61 -3.73 59.46 34.18
C GLU B 61 -3.49 58.38 35.22
N LYS B 62 -3.78 58.69 36.49
CA LYS B 62 -3.56 57.72 37.56
C LYS B 62 -4.41 56.47 37.35
N ARG B 63 -5.67 56.66 36.97
CA ARG B 63 -6.55 55.50 36.76
C ARG B 63 -6.06 54.64 35.61
N ALA B 64 -5.62 55.27 34.52
CA ALA B 64 -5.09 54.51 33.40
C ALA B 64 -3.82 53.75 33.79
N ASN B 65 -2.96 54.39 34.58
CA ASN B 65 -1.76 53.71 35.05
C ASN B 65 -2.14 52.51 35.90
N ARG B 66 -3.13 52.65 36.77
CA ARG B 66 -3.61 51.53 37.56
C ARG B 66 -4.11 50.41 36.67
N LEU B 67 -4.88 50.77 35.63
CA LEU B 67 -5.42 49.76 34.73
C LEU B 67 -4.31 49.01 34.00
N LEU B 68 -3.31 49.73 33.51
CA LEU B 68 -2.23 49.08 32.76
C LEU B 68 -1.37 48.22 33.67
N ASN B 69 -0.94 48.77 34.80
CA ASN B 69 -0.09 48.00 35.71
C ASN B 69 -0.86 46.85 36.34
N ASN B 70 -2.07 47.10 36.82
CA ASN B 70 -2.93 46.08 37.40
C ASN B 70 -4.09 45.86 36.45
N ALA B 71 -4.12 44.69 35.80
CA ALA B 71 -5.06 44.45 34.72
C ALA B 71 -6.32 43.73 35.18
N PHE B 72 -6.15 42.61 35.88
CA PHE B 72 -7.31 41.77 36.19
C PHE B 72 -8.33 42.52 37.04
N GLU B 73 -7.89 43.10 38.16
CA GLU B 73 -8.84 43.75 39.06
C GLU B 73 -9.45 44.99 38.42
N GLU B 74 -8.63 45.81 37.77
CA GLU B 74 -9.14 47.02 37.15
C GLU B 74 -10.11 46.70 36.03
N LEU B 75 -9.83 45.67 35.24
CA LEU B 75 -10.75 45.29 34.18
C LEU B 75 -12.04 44.72 34.75
N VAL B 76 -11.95 43.98 35.86
CA VAL B 76 -13.17 43.49 36.49
C VAL B 76 -14.04 44.67 36.94
N ALA B 77 -13.41 45.67 37.56
CA ALA B 77 -14.15 46.86 37.98
C ALA B 77 -14.75 47.59 36.79
N PHE B 78 -13.99 47.71 35.70
CA PHE B 78 -14.48 48.38 34.51
C PHE B 78 -15.66 47.64 33.92
N GLN B 79 -15.60 46.31 33.88
CA GLN B 79 -16.72 45.52 33.39
C GLN B 79 -17.95 45.71 34.27
N ARG B 80 -17.76 45.73 35.58
CA ARG B 80 -18.87 45.99 36.49
C ARG B 80 -19.51 47.33 36.19
N ALA B 81 -18.67 48.37 36.03
CA ALA B 81 -19.19 49.70 35.76
C ALA B 81 -19.92 49.74 34.42
N LEU B 82 -19.38 49.07 33.41
CA LEU B 82 -20.03 49.05 32.10
C LEU B 82 -21.38 48.37 32.19
N LYS B 83 -21.47 47.25 32.91
CA LYS B 83 -22.75 46.57 33.03
C LYS B 83 -23.76 47.44 33.76
N ASP B 84 -23.32 48.12 34.83
CA ASP B 84 -24.23 49.02 35.54
C ASP B 84 -24.71 50.15 34.63
N PHE B 85 -23.81 50.72 33.84
CA PHE B 85 -24.20 51.81 32.94
C PHE B 85 -25.16 51.33 31.87
N VAL B 86 -24.91 50.15 31.30
CA VAL B 86 -25.82 49.62 30.29
C VAL B 86 -27.19 49.36 30.90
N ALA B 87 -27.22 48.81 32.12
CA ALA B 87 -28.49 48.60 32.80
C ALA B 87 -29.22 49.92 33.01
N SER B 88 -28.51 50.96 33.44
CA SER B 88 -29.14 52.25 33.65
C SER B 88 -29.74 52.78 32.34
N ILE B 89 -28.97 52.72 31.26
CA ILE B 89 -29.51 53.15 29.97
C ILE B 89 -30.62 52.21 29.51
N ASP B 90 -30.43 50.91 29.69
CA ASP B 90 -31.42 49.91 29.27
C ASP B 90 -31.28 48.70 30.18
N ALA B 91 -32.30 48.47 31.02
CA ALA B 91 -32.22 47.37 31.96
C ALA B 91 -32.39 46.02 31.27
N THR B 92 -33.35 45.91 30.36
CA THR B 92 -33.64 44.62 29.74
C THR B 92 -32.44 44.12 28.95
N TYR B 93 -31.79 45.00 28.18
CA TYR B 93 -30.63 44.57 27.41
C TYR B 93 -29.50 44.12 28.33
N ALA B 94 -29.28 44.85 29.43
CA ALA B 94 -28.28 44.42 30.39
C ALA B 94 -28.61 43.04 30.94
N LYS B 95 -29.90 42.79 31.21
CA LYS B 95 -30.31 41.48 31.68
C LYS B 95 -30.08 40.41 30.62
N GLN B 96 -30.12 40.78 29.34
CA GLN B 96 -29.98 39.78 28.28
C GLN B 96 -28.63 39.07 28.37
N TYR B 97 -27.56 39.81 28.62
CA TYR B 97 -26.22 39.25 28.66
C TYR B 97 -25.72 39.25 30.11
N GLU B 98 -25.14 38.12 30.53
CA GLU B 98 -24.71 37.99 31.91
C GLU B 98 -23.61 38.98 32.24
N GLU B 99 -22.64 39.16 31.33
CA GLU B 99 -21.52 40.05 31.57
C GLU B 99 -21.17 40.79 30.29
N PHE B 100 -20.67 42.01 30.46
CA PHE B 100 -20.23 42.86 29.34
C PHE B 100 -18.74 43.09 29.47
N TYR B 101 -18.01 42.79 28.40
CA TYR B 101 -16.56 42.90 28.42
C TYR B 101 -16.11 44.27 27.94
N VAL B 102 -14.86 44.60 28.25
CA VAL B 102 -14.26 45.87 27.87
C VAL B 102 -13.01 45.58 27.05
N GLY B 103 -12.89 46.23 25.89
CA GLY B 103 -11.75 46.09 25.01
C GLY B 103 -10.97 47.38 24.94
N LEU B 104 -9.66 47.25 25.10
CA LEU B 104 -8.77 48.41 25.14
C LEU B 104 -8.26 48.75 23.74
N GLU B 105 -7.72 49.96 23.63
CA GLU B 105 -7.26 50.50 22.35
C GLU B 105 -6.44 51.73 22.65
N GLY B 106 -5.72 52.21 21.64
CA GLY B 106 -4.94 53.42 21.75
C GLY B 106 -3.46 53.13 21.97
N SER B 107 -2.69 54.21 22.00
CA SER B 107 -1.25 54.08 22.17
C SER B 107 -0.92 53.58 23.57
N PHE B 108 0.02 52.64 23.63
CA PHE B 108 0.59 52.16 24.89
C PHE B 108 2.06 52.55 24.91
N GLY B 109 2.48 53.26 25.95
CA GLY B 109 3.83 53.77 26.02
C GLY B 109 4.89 52.71 25.78
N SER B 110 5.03 51.78 26.72
CA SER B 110 5.99 50.69 26.60
C SER B 110 5.35 49.32 26.57
N LYS B 111 4.09 49.20 26.98
CA LYS B 111 3.40 47.91 26.93
C LYS B 111 3.15 47.44 25.51
N HIS B 112 3.31 48.32 24.52
CA HIS B 112 3.17 47.92 23.13
C HIS B 112 4.46 47.22 22.71
N VAL B 113 4.41 45.90 22.57
CA VAL B 113 5.57 45.09 22.30
C VAL B 113 5.24 44.10 21.18
N SER B 114 6.24 43.33 20.80
CA SER B 114 6.14 42.26 19.83
C SER B 114 6.53 40.95 20.50
N PRO B 115 6.16 39.81 19.93
CA PRO B 115 6.42 38.54 20.60
C PRO B 115 7.89 38.35 20.96
N ARG B 116 8.80 38.88 20.16
CA ARG B 116 10.22 38.80 20.50
C ARG B 116 10.52 39.58 21.77
N THR B 117 9.95 40.78 21.91
CA THR B 117 10.24 41.65 23.04
C THR B 117 9.28 41.46 24.20
N LEU B 118 8.33 40.54 24.11
CA LEU B 118 7.36 40.31 25.17
C LEU B 118 8.03 39.52 26.28
N THR B 119 8.83 40.22 27.08
CA THR B 119 9.55 39.59 28.17
C THR B 119 8.59 39.21 29.29
N SER B 120 9.06 38.32 30.18
CA SER B 120 8.26 37.88 31.31
C SER B 120 8.02 38.99 32.32
N CYS B 121 8.72 40.12 32.22
CA CYS B 121 8.47 41.24 33.13
C CYS B 121 7.10 41.86 32.93
N PHE B 122 6.41 41.56 31.84
CA PHE B 122 5.09 42.11 31.57
C PHE B 122 3.96 41.29 32.18
N LEU B 123 4.27 40.22 32.92
CA LEU B 123 3.23 39.38 33.48
C LEU B 123 2.30 40.21 34.37
N SER B 124 1.01 39.93 34.25
CA SER B 124 -0.05 40.64 34.96
C SER B 124 -0.23 42.08 34.48
N CYS B 125 0.41 42.45 33.38
CA CYS B 125 0.30 43.80 32.81
C CYS B 125 -0.37 43.72 31.45
N VAL B 126 -1.22 44.72 31.16
CA VAL B 126 -1.84 44.79 29.85
C VAL B 126 -0.76 45.01 28.81
N VAL B 127 -0.84 44.24 27.72
CA VAL B 127 0.13 44.32 26.64
C VAL B 127 -0.62 44.44 25.32
N CYS B 128 0.07 44.99 24.33
CA CYS B 128 -0.46 45.17 22.97
C CYS B 128 0.52 44.50 22.01
N VAL B 129 0.31 43.21 21.75
CA VAL B 129 1.23 42.40 20.98
C VAL B 129 0.80 42.38 19.53
N GLU B 130 1.72 42.68 18.63
CA GLU B 130 1.46 42.68 17.19
C GLU B 130 2.27 41.57 16.55
N GLY B 131 1.64 40.79 15.68
CA GLY B 131 2.33 39.67 15.10
C GLY B 131 1.53 39.01 14.01
N ILE B 132 1.97 37.81 13.64
CA ILE B 132 1.38 37.02 12.56
C ILE B 132 0.84 35.73 13.15
N VAL B 133 -0.42 35.43 12.87
CA VAL B 133 -1.06 34.24 13.40
C VAL B 133 -0.56 33.04 12.62
N THR B 134 0.02 32.08 13.33
CA THR B 134 0.61 30.90 12.71
C THR B 134 -0.20 29.63 12.96
N LYS B 135 -0.76 29.48 14.16
CA LYS B 135 -1.59 28.32 14.49
C LYS B 135 -2.90 28.80 15.09
N CYS B 136 -3.97 28.09 14.77
CA CYS B 136 -5.28 28.35 15.36
C CYS B 136 -5.91 27.02 15.76
N SER B 137 -6.74 27.06 16.79
CA SER B 137 -7.42 25.90 17.32
C SER B 137 -8.91 25.96 17.00
N LEU B 138 -9.55 24.80 17.06
CA LEU B 138 -10.98 24.74 16.77
C LEU B 138 -11.78 25.44 17.86
N VAL B 139 -12.84 26.13 17.46
CA VAL B 139 -13.72 26.77 18.42
C VAL B 139 -14.42 25.68 19.24
N ARG B 140 -14.30 25.77 20.56
CA ARG B 140 -14.88 24.78 21.45
C ARG B 140 -15.65 25.48 22.56
N PRO B 141 -16.81 24.98 22.94
CA PRO B 141 -17.50 25.57 24.09
C PRO B 141 -16.77 25.26 25.38
N LYS B 142 -16.80 26.21 26.30
CA LYS B 142 -16.17 26.10 27.60
C LYS B 142 -17.18 26.49 28.67
N VAL B 143 -17.36 25.61 29.65
CA VAL B 143 -18.29 25.88 30.74
C VAL B 143 -17.65 26.86 31.71
N VAL B 144 -18.38 27.91 32.07
CA VAL B 144 -17.88 28.89 33.02
C VAL B 144 -18.74 28.86 34.27
N ARG B 145 -19.98 28.41 34.15
CA ARG B 145 -20.88 28.30 35.30
C ARG B 145 -21.83 27.15 35.04
N SER B 146 -21.77 26.13 35.89
CA SER B 146 -22.60 24.94 35.74
C SER B 146 -23.63 24.88 36.86
N VAL B 147 -24.88 24.68 36.48
CA VAL B 147 -25.99 24.61 37.42
C VAL B 147 -26.47 23.16 37.49
N HIS B 148 -26.64 22.66 38.70
CA HIS B 148 -27.04 21.29 38.94
C HIS B 148 -28.32 21.28 39.77
N TYR B 149 -29.08 20.19 39.62
CA TYR B 149 -30.35 20.03 40.32
C TYR B 149 -30.34 18.69 41.04
N CYS B 150 -30.85 18.68 42.27
CA CYS B 150 -30.93 17.48 43.09
C CYS B 150 -32.40 17.18 43.33
N PRO B 151 -32.98 16.22 42.60
CA PRO B 151 -34.39 15.87 42.86
C PRO B 151 -34.64 15.38 44.27
N ALA B 152 -33.71 14.60 44.81
CA ALA B 152 -33.90 14.02 46.14
C ALA B 152 -34.11 15.13 47.17
N THR B 153 -33.25 16.15 47.14
CA THR B 153 -33.38 17.29 48.03
C THR B 153 -34.14 18.44 47.41
N LYS B 154 -34.58 18.30 46.16
CA LYS B 154 -35.32 19.36 45.47
C LYS B 154 -34.55 20.67 45.54
N LYS B 155 -33.24 20.59 45.35
CA LYS B 155 -32.34 21.71 45.62
C LYS B 155 -31.47 22.00 44.41
N THR B 156 -31.37 23.27 44.03
CA THR B 156 -30.57 23.69 42.90
C THR B 156 -29.28 24.32 43.40
N ILE B 157 -28.14 23.84 42.89
CA ILE B 157 -26.85 24.36 43.26
C ILE B 157 -26.16 24.88 42.01
N GLU B 158 -25.20 25.77 42.19
CA GLU B 158 -24.48 26.39 41.10
C GLU B 158 -23.00 26.38 41.41
N ARG B 159 -22.18 26.36 40.36
CA ARG B 159 -20.74 26.35 40.55
C ARG B 159 -20.08 27.18 39.45
N ARG B 160 -19.05 27.93 39.83
CA ARG B 160 -18.28 28.75 38.92
C ARG B 160 -16.86 28.22 38.82
N TYR B 161 -16.36 28.12 37.60
CA TYR B 161 -15.00 27.65 37.36
C TYR B 161 -14.03 28.81 37.10
N SER B 162 -14.36 29.68 36.15
CA SER B 162 -13.56 30.86 35.88
C SER B 162 -12.10 30.48 35.70
N ASP B 163 -11.18 31.33 36.20
CA ASP B 163 -9.76 31.01 36.09
C ASP B 163 -9.40 29.78 36.90
N LEU B 164 -10.16 29.49 37.96
CA LEU B 164 -9.88 28.33 38.81
C LEU B 164 -9.96 27.04 38.00
N SER B 174 -12.74 15.56 37.38
CA SER B 174 -13.30 15.26 38.69
C SER B 174 -13.91 16.52 39.32
N VAL B 175 -13.54 17.68 38.78
CA VAL B 175 -14.06 18.94 39.31
C VAL B 175 -15.56 19.06 39.07
N TYR B 176 -16.02 18.58 37.91
CA TYR B 176 -17.43 18.70 37.55
C TYR B 176 -18.30 18.00 38.59
N PRO B 177 -19.04 18.73 39.41
CA PRO B 177 -19.82 18.06 40.46
C PRO B 177 -20.90 17.18 39.86
N THR B 178 -21.08 16.01 40.47
CA THR B 178 -22.05 15.03 40.00
C THR B 178 -22.94 14.45 41.09
N LYS B 179 -22.53 14.51 42.35
CA LYS B 179 -23.31 13.94 43.44
C LYS B 179 -23.41 14.94 44.59
N ASP B 180 -24.55 14.91 45.26
CA ASP B 180 -24.74 15.72 46.45
C ASP B 180 -23.81 15.22 47.56
N GLU B 181 -23.67 16.04 48.60
CA GLU B 181 -22.82 15.65 49.72
C GLU B 181 -23.27 14.35 50.36
N GLU B 182 -24.53 13.97 50.18
CA GLU B 182 -25.05 12.71 50.68
C GLU B 182 -25.08 11.63 49.61
N ASN B 183 -24.45 11.86 48.47
CA ASN B 183 -24.39 10.95 47.33
C ASN B 183 -25.69 10.91 46.54
N ASN B 184 -26.62 11.83 46.79
CA ASN B 184 -27.82 11.91 45.97
C ASN B 184 -27.45 12.36 44.57
N PRO B 185 -27.95 11.71 43.52
CA PRO B 185 -27.54 12.10 42.17
C PRO B 185 -27.89 13.55 41.86
N LEU B 186 -27.02 14.19 41.08
CA LEU B 186 -27.24 15.54 40.60
C LEU B 186 -27.30 15.51 39.08
N GLU B 187 -28.29 16.17 38.52
CA GLU B 187 -28.47 16.25 37.07
C GLU B 187 -28.35 17.70 36.62
N THR B 188 -27.57 17.92 35.58
CA THR B 188 -27.23 19.28 35.17
C THR B 188 -28.42 19.98 34.53
N GLU B 189 -28.41 21.31 34.59
CA GLU B 189 -29.39 22.16 33.94
C GLU B 189 -28.66 22.88 32.81
N TYR B 190 -28.64 22.25 31.63
CA TYR B 190 -27.84 22.77 30.54
C TYR B 190 -28.27 24.18 30.14
N GLY B 191 -29.58 24.42 30.07
CA GLY B 191 -30.04 25.74 29.69
C GLY B 191 -29.59 26.82 30.66
N LEU B 192 -29.65 26.52 31.96
CA LEU B 192 -29.27 27.52 32.95
C LEU B 192 -27.77 27.72 32.99
N SER B 193 -27.00 26.65 32.87
CA SER B 193 -25.55 26.76 32.90
C SER B 193 -25.06 27.71 31.81
N VAL B 194 -23.84 28.21 31.99
CA VAL B 194 -23.27 29.23 31.12
C VAL B 194 -22.07 28.64 30.41
N TYR B 195 -22.09 28.66 29.08
CA TYR B 195 -20.99 28.22 28.24
C TYR B 195 -20.62 29.36 27.30
N LYS B 196 -19.32 29.50 27.06
CA LYS B 196 -18.82 30.50 26.12
C LYS B 196 -17.88 29.85 25.13
N ASP B 197 -17.98 30.26 23.88
CA ASP B 197 -17.06 29.75 22.86
C ASP B 197 -15.64 30.20 23.15
N HIS B 198 -14.69 29.31 22.89
CA HIS B 198 -13.30 29.53 23.28
C HIS B 198 -12.39 29.00 22.19
N GLN B 199 -11.32 29.76 21.91
CA GLN B 199 -10.36 29.40 20.87
C GLN B 199 -8.97 29.79 21.33
N THR B 200 -7.97 29.11 20.78
CA THR B 200 -6.58 29.38 21.08
C THR B 200 -5.81 29.57 19.78
N ILE B 201 -4.95 30.58 19.75
CA ILE B 201 -4.13 30.87 18.57
C ILE B 201 -2.71 31.15 19.03
N THR B 202 -1.80 31.26 18.07
CA THR B 202 -0.40 31.56 18.33
C THR B 202 0.02 32.76 17.50
N ILE B 203 0.86 33.60 18.08
CA ILE B 203 1.33 34.82 17.44
C ILE B 203 2.85 34.79 17.41
N GLN B 204 3.42 35.20 16.28
CA GLN B 204 4.86 35.34 16.13
C GLN B 204 5.17 36.68 15.50
N GLU B 205 6.43 37.10 15.63
CA GLU B 205 6.85 38.37 15.08
C GLU B 205 6.77 38.32 13.56
N MET B 206 6.56 39.48 12.96
CA MET B 206 6.44 39.54 11.51
C MET B 206 7.71 38.97 10.87
N PRO B 207 7.60 38.03 9.94
CA PRO B 207 8.82 37.42 9.38
C PRO B 207 9.82 38.42 8.83
N GLU B 208 9.34 39.48 8.19
CA GLU B 208 10.25 40.49 7.64
C GLU B 208 11.15 41.06 8.73
N LYS B 209 10.56 41.52 9.83
CA LYS B 209 11.31 42.16 10.91
C LYS B 209 11.49 41.17 12.06
N ALA B 210 12.32 40.17 11.80
CA ALA B 210 12.64 39.13 12.80
C ALA B 210 14.02 38.57 12.48
N PRO B 211 15.06 39.00 13.20
CA PRO B 211 16.41 38.58 12.86
C PRO B 211 16.58 37.07 12.97
N ALA B 212 17.42 36.53 12.08
CA ALA B 212 17.63 35.09 12.04
C ALA B 212 18.46 34.58 13.20
N GLY B 213 19.30 35.42 13.80
CA GLY B 213 20.14 34.96 14.89
C GLY B 213 19.33 34.45 16.07
N GLN B 214 18.30 35.19 16.45
CA GLN B 214 17.49 34.80 17.59
C GLN B 214 16.58 33.63 17.22
N LEU B 215 16.15 32.90 18.24
CA LEU B 215 15.24 31.80 18.05
C LEU B 215 13.80 32.30 17.90
N PRO B 216 12.90 31.46 17.38
CA PRO B 216 11.50 31.86 17.30
C PRO B 216 10.92 32.20 18.67
N ARG B 217 10.03 33.19 18.67
CA ARG B 217 9.34 33.65 19.89
C ARG B 217 7.85 33.65 19.62
N SER B 218 7.14 32.65 20.14
CA SER B 218 5.72 32.48 19.92
C SER B 218 4.97 32.71 21.22
N VAL B 219 3.86 33.46 21.15
CA VAL B 219 3.02 33.74 22.31
C VAL B 219 1.63 33.20 22.04
N ASP B 220 1.12 32.41 22.97
CA ASP B 220 -0.23 31.90 22.86
C ASP B 220 -1.24 32.98 23.22
N VAL B 221 -2.42 32.89 22.61
CA VAL B 221 -3.49 33.85 22.83
C VAL B 221 -4.79 33.09 22.99
N ILE B 222 -5.58 33.49 23.97
CA ILE B 222 -6.89 32.89 24.25
C ILE B 222 -7.96 33.89 23.84
N LEU B 223 -8.93 33.42 23.06
CA LEU B 223 -10.03 34.24 22.59
C LEU B 223 -11.34 33.65 23.07
N ASP B 224 -12.24 34.51 23.53
CA ASP B 224 -13.55 34.11 24.01
C ASP B 224 -14.61 35.02 23.44
N ASP B 225 -15.83 34.52 23.36
CA ASP B 225 -16.99 35.29 22.94
C ASP B 225 -16.72 35.84 21.53
N ASP B 226 -17.11 37.08 21.24
CA ASP B 226 -17.03 37.57 19.87
C ASP B 226 -15.60 37.59 19.34
N LEU B 227 -14.61 37.53 20.21
CA LEU B 227 -13.22 37.52 19.79
C LEU B 227 -12.79 36.19 19.20
N VAL B 228 -13.66 35.18 19.20
CA VAL B 228 -13.23 33.83 18.87
C VAL B 228 -12.71 33.75 17.44
N ASP B 229 -13.56 34.04 16.47
CA ASP B 229 -13.22 33.85 15.07
C ASP B 229 -12.61 35.09 14.43
N LYS B 230 -12.37 36.15 15.21
CA LYS B 230 -11.80 37.36 14.63
C LYS B 230 -10.29 37.23 14.52
N ALA B 231 -9.84 36.12 13.94
CA ALA B 231 -8.43 35.91 13.64
C ALA B 231 -8.28 34.60 12.86
N LYS B 232 -7.33 34.55 11.94
CA LYS B 232 -7.07 33.35 11.16
C LYS B 232 -5.57 33.24 10.94
N PRO B 233 -5.07 32.04 10.65
CA PRO B 233 -3.64 31.91 10.37
C PRO B 233 -3.24 32.76 9.18
N GLY B 234 -2.05 33.34 9.26
CA GLY B 234 -1.57 34.22 8.22
C GLY B 234 -2.18 35.60 8.22
N ASP B 235 -2.75 36.04 9.34
CA ASP B 235 -3.30 37.37 9.49
C ASP B 235 -2.42 38.17 10.43
N ARG B 236 -1.99 39.35 9.98
CA ARG B 236 -1.19 40.24 10.82
C ARG B 236 -2.12 41.01 11.75
N VAL B 237 -2.08 40.66 13.03
CA VAL B 237 -3.05 41.14 13.99
C VAL B 237 -2.36 41.73 15.21
N GLN B 238 -3.04 42.70 15.82
CA GLN B 238 -2.64 43.32 17.06
C GLN B 238 -3.67 42.95 18.12
N VAL B 239 -3.22 42.34 19.20
CA VAL B 239 -4.09 41.88 20.27
C VAL B 239 -3.68 42.59 21.55
N VAL B 240 -4.65 43.25 22.18
CA VAL B 240 -4.46 43.89 23.47
C VAL B 240 -5.10 43.01 24.51
N GLY B 241 -4.32 42.63 25.52
CA GLY B 241 -4.80 41.66 26.48
C GLY B 241 -4.00 41.68 27.75
N THR B 242 -4.26 40.70 28.60
CA THR B 242 -3.60 40.54 29.89
C THR B 242 -2.72 39.30 29.85
N TYR B 243 -1.44 39.47 30.16
CA TYR B 243 -0.47 38.39 30.04
C TYR B 243 -0.33 37.72 31.40
N ARG B 244 -0.78 36.47 31.50
CA ARG B 244 -0.88 35.77 32.77
C ARG B 244 -0.17 34.43 32.69
N CYS B 245 0.20 33.92 33.87
CA CYS B 245 0.86 32.64 34.00
C CYS B 245 -0.17 31.55 34.29
N LEU B 246 -0.10 30.46 33.53
CA LEU B 246 -0.96 29.33 33.78
C LEU B 246 -0.50 28.61 35.05
N PRO B 247 -1.39 27.82 35.67
CA PRO B 247 -1.00 27.13 36.90
C PRO B 247 0.20 26.23 36.68
N GLY B 248 1.07 26.18 37.67
CA GLY B 248 2.25 25.35 37.60
C GLY B 248 1.92 23.86 37.45
N THR B 257 9.12 26.88 36.32
CA THR B 257 8.41 26.59 35.08
C THR B 257 6.95 26.99 35.18
N PHE B 258 6.51 27.84 34.27
CA PHE B 258 5.12 28.32 34.25
C PHE B 258 4.78 28.70 32.81
N ARG B 259 3.94 27.88 32.16
CA ARG B 259 3.48 28.22 30.83
C ARG B 259 2.73 29.54 30.87
N THR B 260 3.03 30.42 29.93
CA THR B 260 2.48 31.76 29.90
C THR B 260 1.58 31.93 28.68
N VAL B 261 0.41 32.52 28.89
CA VAL B 261 -0.56 32.79 27.83
C VAL B 261 -1.06 34.21 27.99
N LEU B 262 -1.57 34.75 26.89
CA LEU B 262 -2.12 36.11 26.86
C LEU B 262 -3.62 36.02 26.67
N ILE B 263 -4.37 36.54 27.62
CA ILE B 263 -5.83 36.57 27.55
C ILE B 263 -6.23 37.80 26.76
N ALA B 264 -6.87 37.60 25.61
CA ALA B 264 -7.14 38.68 24.68
C ALA B 264 -8.34 39.50 25.14
N CYS B 265 -8.15 40.81 25.26
CA CYS B 265 -9.25 41.72 25.51
C CYS B 265 -9.81 42.30 24.23
N ASN B 266 -8.97 42.46 23.21
CA ASN B 266 -9.45 42.90 21.91
C ASN B 266 -8.43 42.51 20.85
N VAL B 267 -8.93 42.16 19.66
CA VAL B 267 -8.10 41.72 18.55
C VAL B 267 -8.49 42.51 17.32
N LYS B 268 -7.50 43.14 16.67
CA LYS B 268 -7.77 43.91 15.46
C LYS B 268 -6.77 43.52 14.39
N GLN B 269 -7.28 43.23 13.19
CA GLN B 269 -6.43 42.91 12.06
C GLN B 269 -5.94 44.19 11.43
N MET B 270 -4.62 44.36 11.38
CA MET B 270 -4.02 45.52 10.75
C MET B 270 -3.75 45.23 9.28
N SER B 271 -3.81 46.29 8.47
CA SER B 271 -3.58 46.12 7.04
C SER B 271 -2.22 45.50 6.79
N LYS B 272 -2.20 44.46 5.96
CA LYS B 272 -0.95 43.78 5.68
C LYS B 272 0.00 44.66 4.87
N ASP B 273 -0.54 45.50 3.99
CA ASP B 273 0.30 46.42 3.23
C ASP B 273 1.05 47.35 4.16
N ALA B 274 0.39 47.86 5.19
CA ALA B 274 1.03 48.78 6.14
C ALA B 274 1.54 49.99 5.35
N GLN B 275 2.59 50.64 5.84
CA GLN B 275 3.18 51.77 5.15
C GLN B 275 4.65 51.85 5.50
N PRO B 276 5.48 52.43 4.63
CA PRO B 276 6.93 52.57 4.90
C PRO B 276 7.24 53.78 5.79
N SER B 277 7.14 53.58 7.10
CA SER B 277 7.38 54.69 8.02
C SER B 277 8.75 55.30 7.79
N PHE B 278 9.81 54.47 7.82
CA PHE B 278 11.17 54.90 7.55
C PHE B 278 11.43 56.26 8.18
N SER B 279 12.11 57.16 7.46
CA SER B 279 12.39 58.50 7.94
C SER B 279 12.13 59.49 6.81
N ALA B 280 11.85 60.74 7.21
CA ALA B 280 11.62 61.77 6.21
C ALA B 280 12.81 61.92 5.27
N GLU B 281 14.03 61.70 5.77
CA GLU B 281 15.20 61.78 4.91
C GLU B 281 15.14 60.71 3.82
N ASP B 282 14.72 59.49 4.16
CA ASP B 282 14.60 58.44 3.16
C ASP B 282 13.56 58.81 2.12
N ILE B 283 12.43 59.36 2.56
CA ILE B 283 11.38 59.76 1.61
C ILE B 283 11.90 60.85 0.68
N ALA B 284 12.64 61.82 1.22
CA ALA B 284 13.20 62.88 0.38
C ALA B 284 14.19 62.31 -0.62
N LYS B 285 15.05 61.39 -0.18
CA LYS B 285 15.99 60.78 -1.10
C LYS B 285 15.26 60.00 -2.20
N ILE B 286 14.21 59.28 -1.84
CA ILE B 286 13.45 58.53 -2.82
C ILE B 286 12.81 59.48 -3.83
N LYS B 287 12.24 60.59 -3.35
CA LYS B 287 11.64 61.56 -4.26
C LYS B 287 12.68 62.15 -5.20
N LYS B 288 13.85 62.50 -4.68
CA LYS B 288 14.90 63.05 -5.52
C LYS B 288 15.35 62.03 -6.57
N PHE B 289 15.51 60.77 -6.16
CA PHE B 289 15.92 59.74 -7.10
C PHE B 289 14.87 59.53 -8.19
N SER B 290 13.59 59.52 -7.81
CA SER B 290 12.52 59.36 -8.78
C SER B 290 12.50 60.52 -9.77
N LYS B 291 12.64 61.75 -9.26
CA LYS B 291 12.55 62.92 -10.13
C LYS B 291 13.82 63.15 -10.94
N THR B 292 14.93 62.52 -10.57
CA THR B 292 16.17 62.70 -11.31
C THR B 292 16.01 62.23 -12.75
N ARG B 293 15.79 60.93 -12.95
CA ARG B 293 15.60 60.37 -14.29
C ARG B 293 14.53 59.28 -14.18
N SER B 294 13.27 59.68 -14.41
CA SER B 294 12.18 58.71 -14.36
C SER B 294 12.22 57.76 -15.54
N LYS B 295 12.72 58.20 -16.69
CA LYS B 295 12.77 57.34 -17.86
C LYS B 295 13.70 56.16 -17.63
N ASP B 296 14.87 56.40 -17.02
CA ASP B 296 15.88 55.38 -16.85
C ASP B 296 15.87 54.75 -15.46
N ILE B 297 14.95 55.14 -14.59
CA ILE B 297 14.97 54.62 -13.23
C ILE B 297 14.78 53.11 -13.24
N PHE B 298 13.83 52.62 -14.05
CA PHE B 298 13.64 51.18 -14.14
C PHE B 298 14.87 50.49 -14.67
N ASP B 299 15.51 51.06 -15.69
CA ASP B 299 16.71 50.45 -16.25
C ASP B 299 17.82 50.39 -15.22
N GLN B 300 18.01 51.47 -14.46
CA GLN B 300 19.07 51.47 -13.44
C GLN B 300 18.78 50.46 -12.35
N LEU B 301 17.52 50.37 -11.90
CA LEU B 301 17.18 49.38 -10.88
C LEU B 301 17.40 47.97 -11.40
N ALA B 302 17.02 47.70 -12.65
CA ALA B 302 17.25 46.38 -13.22
C ALA B 302 18.74 46.07 -13.31
N LYS B 303 19.54 47.05 -13.73
CA LYS B 303 20.98 46.84 -13.79
C LYS B 303 21.56 46.54 -12.43
N SER B 304 21.08 47.24 -11.40
CA SER B 304 21.59 47.08 -10.05
C SER B 304 20.86 46.02 -9.24
N LEU B 305 19.92 45.29 -9.85
CA LEU B 305 19.15 44.31 -9.09
C LEU B 305 20.05 43.18 -8.58
N ALA B 306 20.83 42.57 -9.47
CA ALA B 306 21.75 41.50 -9.10
C ALA B 306 23.07 41.72 -9.84
N PRO B 307 23.88 42.66 -9.39
CA PRO B 307 25.11 42.97 -10.12
C PRO B 307 26.05 41.78 -10.27
N SER B 308 25.99 40.81 -9.34
CA SER B 308 26.86 39.64 -9.45
C SER B 308 26.54 38.79 -10.65
N ILE B 309 25.33 38.90 -11.20
CA ILE B 309 24.89 38.10 -12.33
C ILE B 309 25.04 38.93 -13.61
N HIS B 310 25.69 38.34 -14.61
CA HIS B 310 25.89 39.00 -15.89
C HIS B 310 24.78 38.63 -16.86
N GLY B 311 24.33 39.60 -17.64
CA GLY B 311 23.29 39.33 -18.60
C GLY B 311 21.95 39.06 -17.91
N HIS B 312 21.10 38.32 -18.60
CA HIS B 312 19.76 38.04 -18.12
C HIS B 312 19.01 39.33 -17.84
N ASP B 313 19.23 40.34 -18.67
CA ASP B 313 18.66 41.65 -18.41
C ASP B 313 17.15 41.60 -18.37
N TYR B 314 16.52 40.96 -19.35
CA TYR B 314 15.06 40.89 -19.36
C TYR B 314 14.55 40.09 -18.17
N VAL B 315 15.27 39.06 -17.75
CA VAL B 315 14.88 38.32 -16.56
C VAL B 315 14.90 39.23 -15.34
N LYS B 316 15.95 40.05 -15.21
CA LYS B 316 16.01 40.98 -14.09
C LYS B 316 14.87 41.97 -14.14
N LYS B 317 14.53 42.46 -15.32
CA LYS B 317 13.41 43.39 -15.45
C LYS B 317 12.12 42.73 -15.00
N ALA B 318 11.91 41.47 -15.40
CA ALA B 318 10.70 40.76 -14.98
C ALA B 318 10.68 40.56 -13.47
N ILE B 319 11.83 40.26 -12.87
CA ILE B 319 11.89 40.10 -11.42
C ILE B 319 11.54 41.41 -10.73
N LEU B 320 12.05 42.53 -11.25
CA LEU B 320 11.70 43.82 -10.69
C LEU B 320 10.20 44.08 -10.80
N CYS B 321 9.61 43.76 -11.95
CA CYS B 321 8.18 43.93 -12.11
C CYS B 321 7.41 43.09 -11.09
N LEU B 322 7.88 41.87 -10.85
CA LEU B 322 7.26 41.02 -9.84
C LEU B 322 7.36 41.66 -8.46
N LEU B 323 8.53 42.20 -8.13
CA LEU B 323 8.71 42.83 -6.83
C LEU B 323 7.74 43.98 -6.64
N LEU B 324 7.68 44.89 -7.61
CA LEU B 324 6.72 45.99 -7.53
C LEU B 324 5.29 45.46 -7.57
N GLY B 325 5.03 44.49 -8.42
CA GLY B 325 3.71 43.88 -8.50
C GLY B 325 2.66 44.80 -9.08
N GLY B 326 1.58 44.23 -9.59
CA GLY B 326 0.50 45.00 -10.18
C GLY B 326 -0.45 45.53 -9.13
N VAL B 327 -1.63 45.93 -9.57
CA VAL B 327 -2.68 46.45 -8.71
C VAL B 327 -3.84 45.47 -8.75
N GLU B 328 -4.22 44.94 -7.59
CA GLU B 328 -5.34 44.02 -7.52
C GLU B 328 -6.64 44.74 -7.81
N ARG B 329 -7.48 44.15 -8.65
CA ARG B 329 -8.77 44.72 -9.01
C ARG B 329 -9.86 43.83 -8.44
N ASP B 330 -10.77 44.42 -7.68
CA ASP B 330 -11.92 43.70 -7.13
C ASP B 330 -13.19 44.31 -7.72
N LEU B 331 -14.02 43.47 -8.33
CA LEU B 331 -15.20 43.92 -9.04
C LEU B 331 -16.43 43.81 -8.16
N GLU B 332 -17.52 44.41 -8.64
CA GLU B 332 -18.77 44.37 -7.88
C GLU B 332 -19.29 42.95 -7.72
N ASN B 333 -18.99 42.07 -8.68
CA ASN B 333 -19.47 40.70 -8.65
C ASN B 333 -18.65 39.80 -7.74
N GLY B 334 -17.78 40.37 -6.90
CA GLY B 334 -16.96 39.58 -6.02
C GLY B 334 -15.70 39.00 -6.64
N SER B 335 -15.47 39.24 -7.92
CA SER B 335 -14.23 38.80 -8.54
C SER B 335 -13.05 39.57 -7.96
N HIS B 336 -11.88 38.94 -7.97
CA HIS B 336 -10.67 39.46 -7.34
C HIS B 336 -9.48 39.32 -8.27
N ILE B 337 -9.61 39.85 -9.49
CA ILE B 337 -8.54 39.80 -10.47
C ILE B 337 -7.23 40.17 -9.77
N ARG B 338 -6.25 39.28 -9.85
CA ARG B 338 -5.07 39.39 -9.00
C ARG B 338 -4.08 40.39 -9.59
N GLY B 339 -3.55 41.25 -8.72
CA GLY B 339 -2.48 42.15 -9.08
C GLY B 339 -1.10 41.58 -8.92
N ASP B 340 -0.98 40.35 -8.47
CA ASP B 340 0.32 39.72 -8.31
C ASP B 340 0.83 39.23 -9.67
N ILE B 341 2.15 39.05 -9.75
CA ILE B 341 2.81 38.55 -10.95
C ILE B 341 3.63 37.33 -10.56
N ASN B 342 3.43 36.23 -11.28
CA ASN B 342 4.10 34.97 -11.01
C ASN B 342 5.11 34.70 -12.11
N ILE B 343 6.32 34.29 -11.71
CA ILE B 343 7.41 34.06 -12.66
C ILE B 343 8.00 32.68 -12.41
N LEU B 344 8.28 31.97 -13.50
CA LEU B 344 8.94 30.66 -13.46
C LEU B 344 10.22 30.74 -14.27
N LEU B 345 11.28 30.13 -13.72
CA LEU B 345 12.59 30.14 -14.34
C LEU B 345 13.03 28.70 -14.57
N ILE B 346 13.20 28.32 -15.83
CA ILE B 346 13.68 27.00 -16.21
C ILE B 346 14.99 27.18 -16.96
N GLY B 347 16.01 26.43 -16.57
CA GLY B 347 17.30 26.56 -17.21
C GLY B 347 18.27 25.51 -16.73
N ASP B 348 19.30 25.30 -17.53
CA ASP B 348 20.29 24.28 -17.23
C ASP B 348 20.96 24.59 -15.90
N PRO B 349 21.43 23.59 -15.18
CA PRO B 349 22.14 23.85 -13.92
C PRO B 349 23.37 24.71 -14.15
N SER B 350 23.90 25.22 -13.04
CA SER B 350 25.03 26.16 -13.07
C SER B 350 24.65 27.48 -13.72
N VAL B 351 23.42 27.93 -13.50
CA VAL B 351 22.99 29.25 -13.91
C VAL B 351 22.48 29.97 -12.65
N ALA B 352 22.38 31.28 -12.74
CA ALA B 352 22.14 32.12 -11.57
C ALA B 352 20.74 31.99 -11.00
N LYS B 353 19.91 31.02 -11.40
CA LYS B 353 18.56 30.92 -10.86
C LYS B 353 18.54 31.06 -9.34
N SER B 354 19.25 30.17 -8.65
CA SER B 354 19.26 30.22 -7.20
C SER B 354 19.84 31.54 -6.69
N GLN B 355 20.87 32.04 -7.36
CA GLN B 355 21.44 33.33 -6.97
C GLN B 355 20.42 34.45 -7.15
N LEU B 356 19.64 34.41 -8.24
CA LEU B 356 18.59 35.40 -8.42
C LEU B 356 17.55 35.32 -7.31
N LEU B 357 17.17 34.11 -6.91
CA LEU B 357 16.21 33.97 -5.81
C LEU B 357 16.79 34.51 -4.51
N ARG B 358 18.07 34.26 -4.25
CA ARG B 358 18.70 34.82 -3.05
C ARG B 358 18.68 36.34 -3.09
N TYR B 359 19.00 36.93 -4.25
CA TYR B 359 18.96 38.39 -4.36
C TYR B 359 17.56 38.92 -4.13
N VAL B 360 16.55 38.21 -4.65
CA VAL B 360 15.17 38.64 -4.43
C VAL B 360 14.84 38.61 -2.94
N LEU B 361 15.23 37.54 -2.25
CA LEU B 361 15.02 37.46 -0.81
C LEU B 361 15.67 38.64 -0.11
N CYS B 362 16.91 38.95 -0.49
CA CYS B 362 17.64 40.04 0.15
C CYS B 362 17.08 41.41 -0.22
N THR B 363 16.33 41.51 -1.31
CA THR B 363 15.85 42.80 -1.82
C THR B 363 14.36 43.00 -1.64
N ALA B 364 13.56 41.95 -1.73
CA ALA B 364 12.12 42.12 -1.70
C ALA B 364 11.69 42.69 -0.36
N PRO B 365 10.70 43.59 -0.33
CA PRO B 365 10.29 44.15 0.96
C PRO B 365 9.81 43.10 1.95
N ARG B 366 9.10 42.09 1.46
CA ARG B 366 8.55 41.05 2.33
C ARG B 366 8.48 39.78 1.50
N ALA B 367 9.52 38.95 1.60
CA ALA B 367 9.63 37.72 0.84
C ALA B 367 10.01 36.58 1.77
N ILE B 368 9.57 35.38 1.41
CA ILE B 368 9.84 34.20 2.22
C ILE B 368 10.41 33.10 1.32
N PRO B 369 11.51 32.47 1.71
CA PRO B 369 12.07 31.39 0.90
C PRO B 369 11.38 30.06 1.19
N THR B 370 11.55 29.13 0.26
CA THR B 370 11.02 27.78 0.43
C THR B 370 11.52 26.92 -0.71
N THR B 371 11.41 25.62 -0.52
CA THR B 371 11.81 24.62 -1.50
C THR B 371 10.57 23.89 -1.99
N GLY B 372 10.77 22.93 -2.90
CA GLY B 372 9.64 22.14 -3.37
C GLY B 372 8.92 21.44 -2.24
N ARG B 373 9.67 20.92 -1.27
CA ARG B 373 9.05 20.27 -0.12
C ARG B 373 8.22 21.26 0.67
N GLY B 374 8.70 22.49 0.82
CA GLY B 374 8.01 23.48 1.62
C GLY B 374 8.35 23.34 3.08
N SER B 375 7.69 24.17 3.90
CA SER B 375 7.88 24.10 5.33
C SER B 375 7.54 22.70 5.83
N SER B 376 8.40 22.15 6.67
CA SER B 376 8.24 20.77 7.12
C SER B 376 6.88 20.58 7.76
N GLY B 377 6.24 19.45 7.42
CA GLY B 377 4.95 19.12 7.98
C GLY B 377 3.82 19.91 7.34
N VAL B 378 3.86 21.23 7.49
CA VAL B 378 2.82 22.07 6.90
C VAL B 378 2.98 22.22 5.40
N GLY B 379 4.15 21.92 4.85
CA GLY B 379 4.35 22.05 3.42
C GLY B 379 4.33 23.50 2.98
N LEU B 380 3.85 23.73 1.75
CA LEU B 380 3.75 25.08 1.22
C LEU B 380 2.51 25.79 1.73
N THR B 381 1.34 25.21 1.48
CA THR B 381 0.09 25.79 1.91
C THR B 381 -0.22 25.37 3.35
N ALA B 382 -1.35 25.85 3.88
CA ALA B 382 -1.72 25.54 5.24
C ALA B 382 -1.87 24.04 5.44
N ALA B 383 -2.01 23.63 6.69
CA ALA B 383 -2.17 22.23 7.02
C ALA B 383 -2.89 22.13 8.36
N VAL B 384 -3.39 20.93 8.64
CA VAL B 384 -4.02 20.61 9.92
C VAL B 384 -3.15 19.57 10.60
N THR B 385 -2.70 19.89 11.81
CA THR B 385 -1.76 19.04 12.52
C THR B 385 -2.31 18.77 13.92
N THR B 386 -2.30 17.50 14.31
CA THR B 386 -2.57 17.17 15.70
C THR B 386 -1.36 17.54 16.53
N ASP B 387 -1.58 18.30 17.61
CA ASP B 387 -0.47 18.83 18.38
C ASP B 387 0.46 17.71 18.84
N GLN B 388 -0.12 16.56 19.22
CA GLN B 388 0.63 15.40 19.69
C GLN B 388 1.29 15.65 21.03
N GLU B 389 1.15 16.87 21.56
CA GLU B 389 1.52 17.15 22.94
C GLU B 389 0.30 17.08 23.86
N THR B 390 -0.86 17.45 23.34
CA THR B 390 -2.13 17.27 24.04
C THR B 390 -3.15 16.57 23.16
N GLY B 391 -2.78 16.11 21.97
CA GLY B 391 -3.70 15.46 21.07
C GLY B 391 -4.79 16.38 20.54
N GLU B 392 -4.46 17.64 20.30
CA GLU B 392 -5.43 18.64 19.86
C GLU B 392 -5.12 19.07 18.43
N ARG B 393 -6.17 19.28 17.65
CA ARG B 393 -6.01 19.74 16.28
C ARG B 393 -5.61 21.22 16.26
N ARG B 394 -4.80 21.58 15.26
CA ARG B 394 -4.39 22.97 15.08
C ARG B 394 -4.27 23.24 13.58
N LEU B 395 -4.81 24.36 13.14
CA LEU B 395 -4.70 24.78 11.74
C LEU B 395 -3.45 25.65 11.62
N GLU B 396 -2.37 25.07 11.11
CA GLU B 396 -1.08 25.74 11.03
C GLU B 396 -0.88 26.31 9.64
N ALA B 397 -0.51 27.57 9.57
CA ALA B 397 -0.29 28.23 8.28
C ALA B 397 1.01 27.76 7.65
N GLY B 398 0.99 27.64 6.32
CA GLY B 398 2.18 27.27 5.57
C GLY B 398 2.92 28.47 5.03
N ALA B 399 3.94 28.18 4.22
CA ALA B 399 4.76 29.25 3.65
C ALA B 399 3.93 30.15 2.74
N MET B 400 3.08 29.56 1.90
CA MET B 400 2.30 30.36 0.97
C MET B 400 1.39 31.32 1.71
N VAL B 401 0.73 30.86 2.77
CA VAL B 401 -0.20 31.69 3.52
C VAL B 401 0.54 32.83 4.20
N LEU B 402 1.68 32.53 4.82
CA LEU B 402 2.49 33.58 5.45
C LEU B 402 3.06 34.56 4.43
N ALA B 403 3.15 34.15 3.16
CA ALA B 403 3.64 35.03 2.11
C ALA B 403 2.56 35.98 1.60
N ASP B 404 1.40 36.02 2.24
CA ASP B 404 0.28 36.81 1.73
C ASP B 404 0.69 38.26 1.55
N ARG B 405 0.26 38.84 0.44
CA ARG B 405 0.63 40.21 0.09
C ARG B 405 2.14 40.41 0.13
N GLY B 406 2.86 39.42 -0.34
CA GLY B 406 4.32 39.46 -0.37
C GLY B 406 4.86 38.68 -1.53
N VAL B 407 5.96 37.96 -1.31
CA VAL B 407 6.61 37.17 -2.35
C VAL B 407 7.04 35.85 -1.74
N VAL B 408 6.90 34.77 -2.51
CA VAL B 408 7.39 33.45 -2.11
C VAL B 408 8.40 33.00 -3.15
N CYS B 409 9.62 32.72 -2.69
CA CYS B 409 10.71 32.29 -3.58
C CYS B 409 10.87 30.79 -3.43
N ILE B 410 10.46 30.06 -4.46
CA ILE B 410 10.47 28.59 -4.45
C ILE B 410 11.66 28.11 -5.25
N ASP B 411 12.50 27.30 -4.62
CA ASP B 411 13.59 26.61 -5.29
C ASP B 411 13.20 25.15 -5.51
N GLU B 412 13.80 24.53 -6.52
CA GLU B 412 13.48 23.15 -6.86
C GLU B 412 11.98 22.97 -6.99
N PHE B 413 11.33 23.91 -7.69
CA PHE B 413 9.89 23.86 -7.85
C PHE B 413 9.45 22.55 -8.50
N ASP B 414 10.32 21.93 -9.29
CA ASP B 414 9.98 20.66 -9.92
C ASP B 414 9.77 19.58 -8.87
N LYS B 415 10.57 19.58 -7.82
CA LYS B 415 10.50 18.54 -6.80
C LYS B 415 9.32 18.69 -5.87
N MET B 416 8.34 19.53 -6.19
CA MET B 416 7.16 19.66 -5.35
C MET B 416 6.37 18.35 -5.34
N SER B 417 5.78 18.04 -4.19
CA SER B 417 5.02 16.81 -4.04
C SER B 417 3.69 16.90 -4.79
N ASP B 418 3.13 15.73 -5.08
CA ASP B 418 1.90 15.67 -5.86
C ASP B 418 0.76 16.36 -5.13
N MET B 419 0.62 16.13 -3.82
CA MET B 419 -0.40 16.84 -3.05
C MET B 419 -0.17 18.34 -3.12
N ASP B 420 1.09 18.77 -2.96
CA ASP B 420 1.39 20.18 -3.13
C ASP B 420 1.19 20.63 -4.57
N ARG B 421 1.44 19.75 -5.54
CA ARG B 421 1.18 20.11 -6.93
C ARG B 421 -0.29 20.44 -7.14
N THR B 422 -1.18 19.68 -6.51
CA THR B 422 -2.60 20.00 -6.61
C THR B 422 -2.96 21.24 -5.81
N ALA B 423 -2.37 21.38 -4.62
CA ALA B 423 -2.72 22.51 -3.76
C ALA B 423 -2.33 23.83 -4.40
N ILE B 424 -1.14 23.90 -5.02
CA ILE B 424 -0.65 25.16 -5.56
C ILE B 424 -1.63 25.69 -6.61
N HIS B 425 -2.41 24.81 -7.21
CA HIS B 425 -3.38 25.24 -8.22
C HIS B 425 -4.36 26.25 -7.67
N GLU B 426 -4.96 25.94 -6.51
CA GLU B 426 -5.99 26.81 -5.98
C GLU B 426 -5.42 28.18 -5.64
N VAL B 427 -4.24 28.22 -5.02
CA VAL B 427 -3.63 29.50 -4.66
C VAL B 427 -3.26 30.28 -5.91
N MET B 428 -2.71 29.61 -6.93
CA MET B 428 -2.36 30.32 -8.16
C MET B 428 -3.60 30.89 -8.84
N GLU B 429 -4.68 30.12 -8.88
CA GLU B 429 -5.89 30.57 -9.57
C GLU B 429 -6.57 31.70 -8.80
N GLN B 430 -6.95 31.45 -7.54
CA GLN B 430 -7.76 32.39 -6.79
C GLN B 430 -7.02 33.10 -5.66
N GLY B 431 -5.85 32.62 -5.27
CA GLY B 431 -5.09 33.28 -4.23
C GLY B 431 -5.58 33.02 -2.83
N ARG B 432 -6.45 32.04 -2.63
CA ARG B 432 -6.93 31.65 -1.31
C ARG B 432 -6.94 30.13 -1.21
N VAL B 433 -6.46 29.62 -0.09
CA VAL B 433 -6.35 28.18 0.14
C VAL B 433 -7.48 27.75 1.06
N THR B 434 -8.27 26.79 0.60
CA THR B 434 -9.39 26.26 1.38
C THR B 434 -9.07 24.85 1.83
N ILE B 435 -9.25 24.60 3.12
CA ILE B 435 -9.00 23.30 3.74
C ILE B 435 -10.24 22.93 4.53
N ALA B 436 -10.83 21.77 4.22
CA ALA B 436 -11.94 21.22 4.97
C ALA B 436 -11.61 19.86 5.58
N LYS B 437 -10.42 19.33 5.33
CA LYS B 437 -10.03 18.03 5.84
C LYS B 437 -9.99 18.04 7.36
N ALA B 438 -9.97 16.83 7.94
CA ALA B 438 -9.95 16.63 9.38
C ALA B 438 -11.13 17.32 10.07
N GLY B 439 -12.24 17.50 9.34
CA GLY B 439 -13.39 18.15 9.92
C GLY B 439 -13.13 19.58 10.35
N ILE B 440 -12.15 20.24 9.74
CA ILE B 440 -11.79 21.60 10.08
C ILE B 440 -11.96 22.47 8.84
N HIS B 441 -12.80 23.49 8.95
CA HIS B 441 -13.15 24.36 7.84
C HIS B 441 -12.34 25.65 7.93
N ALA B 442 -11.70 26.03 6.83
CA ALA B 442 -10.94 27.26 6.79
C ALA B 442 -10.69 27.67 5.34
N ARG B 443 -10.68 28.98 5.11
CA ARG B 443 -10.42 29.55 3.79
C ARG B 443 -9.47 30.74 4.00
N LEU B 444 -8.17 30.47 3.94
CA LEU B 444 -7.14 31.43 4.31
C LEU B 444 -6.65 32.19 3.09
N ASN B 445 -6.50 33.50 3.23
CA ASN B 445 -5.98 34.30 2.14
C ASN B 445 -4.55 33.91 1.85
N ALA B 446 -4.22 33.76 0.57
CA ALA B 446 -2.89 33.37 0.14
C ALA B 446 -2.43 34.18 -1.07
N ARG B 447 -2.91 35.41 -1.20
CA ARG B 447 -2.50 36.28 -2.30
C ARG B 447 -1.01 36.59 -2.18
N CYS B 448 -0.20 36.01 -3.05
CA CYS B 448 1.25 36.16 -2.94
C CYS B 448 1.88 35.93 -4.30
N SER B 449 2.67 36.89 -4.77
CA SER B 449 3.44 36.68 -5.98
C SER B 449 4.46 35.57 -5.75
N VAL B 450 4.56 34.66 -6.71
CA VAL B 450 5.40 33.47 -6.58
C VAL B 450 6.50 33.52 -7.64
N LEU B 451 7.73 33.32 -7.21
CA LEU B 451 8.91 33.29 -8.07
C LEU B 451 9.54 31.92 -7.89
N ALA B 452 9.33 31.04 -8.87
CA ALA B 452 9.75 29.65 -8.76
C ALA B 452 10.85 29.36 -9.77
N ALA B 453 11.80 28.53 -9.36
CA ALA B 453 12.90 28.13 -10.22
C ALA B 453 13.03 26.61 -10.18
N ALA B 454 13.08 26.00 -11.35
CA ALA B 454 13.13 24.55 -11.47
C ALA B 454 14.10 24.18 -12.58
N ASN B 455 15.14 23.44 -12.22
CA ASN B 455 16.09 22.99 -13.23
C ASN B 455 15.48 21.87 -14.05
N PRO B 456 15.69 21.84 -15.36
CA PRO B 456 15.11 20.78 -16.18
C PRO B 456 15.57 19.40 -15.71
N VAL B 457 14.67 18.43 -15.84
CA VAL B 457 15.03 17.06 -15.51
C VAL B 457 16.22 16.65 -16.36
N TYR B 458 17.07 15.80 -15.78
CA TYR B 458 18.28 15.29 -16.44
C TYR B 458 19.14 16.41 -17.00
N GLY B 459 18.94 17.64 -16.54
CA GLY B 459 19.74 18.76 -17.01
C GLY B 459 19.72 18.88 -18.52
N ARG B 460 20.56 19.76 -19.06
CA ARG B 460 20.76 19.86 -20.50
C ARG B 460 19.42 20.00 -21.22
N TYR B 461 18.75 21.12 -20.96
CA TYR B 461 17.44 21.37 -21.54
C TYR B 461 17.45 21.15 -23.04
N ASP B 462 16.47 20.41 -23.54
CA ASP B 462 16.33 20.13 -24.96
C ASP B 462 15.24 21.03 -25.54
N GLN B 463 15.59 21.79 -26.57
CA GLN B 463 14.61 22.67 -27.21
C GLN B 463 13.80 21.90 -28.22
N TYR B 464 13.30 20.72 -27.83
CA TYR B 464 12.39 19.93 -28.63
C TYR B 464 11.07 19.68 -27.93
N LYS B 465 11.11 19.29 -26.66
CA LYS B 465 9.90 19.03 -25.90
C LYS B 465 9.37 20.33 -25.30
N THR B 466 8.09 20.31 -24.94
CA THR B 466 7.48 21.44 -24.29
C THR B 466 8.04 21.60 -22.88
N PRO B 467 7.99 22.81 -22.31
CA PRO B 467 8.48 22.97 -20.94
C PRO B 467 7.79 22.03 -19.97
N MET B 468 6.50 21.77 -20.18
CA MET B 468 5.83 20.74 -19.40
C MET B 468 6.54 19.40 -19.55
N GLU B 469 6.75 18.96 -20.80
CA GLU B 469 7.42 17.69 -21.02
C GLU B 469 8.88 17.74 -20.58
N ASN B 470 9.49 18.92 -20.53
CA ASN B 470 10.86 19.03 -20.04
C ASN B 470 10.93 18.85 -18.53
N ILE B 471 9.91 19.28 -17.80
CA ILE B 471 9.86 19.16 -16.34
C ILE B 471 8.66 18.33 -15.89
N GLY B 472 7.48 18.65 -16.42
CA GLY B 472 6.25 18.00 -16.02
C GLY B 472 5.44 18.85 -15.08
N LEU B 473 4.47 19.57 -15.63
CA LEU B 473 3.63 20.46 -14.85
C LEU B 473 2.15 20.32 -15.15
N GLN B 474 1.77 19.56 -16.17
CA GLN B 474 0.42 19.41 -16.69
C GLN B 474 0.07 20.59 -17.59
N ASP B 475 0.95 21.57 -17.76
CA ASP B 475 0.75 22.71 -18.64
C ASP B 475 -0.31 23.66 -18.09
N SER B 476 -0.98 23.25 -17.01
CA SER B 476 -1.91 24.15 -16.33
C SER B 476 -1.16 25.15 -15.46
N LEU B 477 -0.15 24.69 -14.72
CA LEU B 477 0.70 25.64 -13.99
C LEU B 477 1.40 26.59 -14.95
N LEU B 478 1.89 26.09 -16.08
CA LEU B 478 2.51 26.96 -17.06
C LEU B 478 1.53 28.03 -17.51
N SER B 479 0.25 27.67 -17.65
CA SER B 479 -0.76 28.68 -17.94
C SER B 479 -0.88 29.67 -16.80
N ARG B 480 -0.78 29.19 -15.56
CA ARG B 480 -0.95 30.07 -14.41
C ARG B 480 0.18 31.10 -14.33
N PHE B 481 1.42 30.66 -14.48
CA PHE B 481 2.55 31.58 -14.41
C PHE B 481 2.44 32.61 -15.52
N ASP B 482 2.64 33.88 -15.15
CA ASP B 482 2.54 34.96 -16.13
C ASP B 482 3.72 34.93 -17.10
N LEU B 483 4.94 34.78 -16.58
CA LEU B 483 6.15 34.77 -17.37
C LEU B 483 6.92 33.50 -17.08
N LEU B 484 7.35 32.82 -18.15
CA LEU B 484 8.14 31.60 -18.06
C LEU B 484 9.42 31.81 -18.85
N PHE B 485 10.54 31.96 -18.14
CA PHE B 485 11.81 32.30 -18.76
C PHE B 485 12.66 31.05 -18.89
N ILE B 486 13.02 30.73 -20.13
CA ILE B 486 13.96 29.64 -20.43
C ILE B 486 15.33 30.25 -20.59
N MET B 487 16.26 29.85 -19.74
CA MET B 487 17.63 30.35 -19.74
C MET B 487 18.55 29.14 -19.88
N LEU B 488 19.12 28.97 -21.07
CA LEU B 488 19.94 27.82 -21.39
C LEU B 488 21.41 28.20 -21.41
N ASP B 489 22.26 27.23 -21.09
CA ASP B 489 23.70 27.44 -21.02
C ASP B 489 24.32 27.23 -22.40
N GLN B 490 23.99 28.14 -23.31
CA GLN B 490 24.57 28.11 -24.64
C GLN B 490 26.09 28.26 -24.55
N MET B 491 26.81 27.43 -25.27
CA MET B 491 28.27 27.42 -25.23
C MET B 491 28.87 28.39 -26.25
N ASP B 492 28.39 29.62 -26.25
CA ASP B 492 28.92 30.62 -27.15
C ASP B 492 30.25 31.15 -26.62
N PRO B 493 31.33 31.09 -27.39
CA PRO B 493 32.61 31.60 -26.87
C PRO B 493 32.54 33.04 -26.43
N GLU B 494 31.80 33.90 -27.14
CA GLU B 494 31.70 35.30 -26.74
C GLU B 494 30.94 35.44 -25.43
N GLN B 495 29.78 34.79 -25.33
CA GLN B 495 29.01 34.83 -24.09
C GLN B 495 29.80 34.23 -22.95
N ASP B 496 30.48 33.11 -23.19
CA ASP B 496 31.27 32.49 -22.15
C ASP B 496 32.39 33.41 -21.70
N ARG B 497 33.05 34.09 -22.64
CA ARG B 497 34.09 35.04 -22.25
C ARG B 497 33.51 36.16 -21.40
N GLU B 498 32.36 36.69 -21.78
CA GLU B 498 31.76 37.75 -20.98
C GLU B 498 31.45 37.28 -19.57
N ILE B 499 30.83 36.10 -19.46
CA ILE B 499 30.46 35.58 -18.15
C ILE B 499 31.70 35.31 -17.31
N SER B 500 32.73 34.72 -17.90
CA SER B 500 33.94 34.42 -17.16
C SER B 500 34.63 35.69 -16.71
N ASP B 501 34.68 36.70 -17.57
CA ASP B 501 35.29 37.96 -17.17
C ASP B 501 34.55 38.58 -16.01
N HIS B 502 33.21 38.56 -16.07
CA HIS B 502 32.43 39.12 -14.96
C HIS B 502 32.68 38.34 -13.68
N VAL B 503 32.69 37.01 -13.75
CA VAL B 503 32.89 36.19 -12.56
C VAL B 503 34.26 36.45 -11.95
N LEU B 504 35.31 36.49 -12.77
CA LEU B 504 36.65 36.70 -12.24
C LEU B 504 36.81 38.13 -11.71
N ARG B 505 36.18 39.11 -12.36
CA ARG B 505 36.24 40.47 -11.83
C ARG B 505 35.57 40.54 -10.47
N MET B 506 34.43 39.87 -10.30
CA MET B 506 33.79 39.84 -9.00
C MET B 506 34.68 39.18 -7.97
N HIS B 507 35.30 38.05 -8.32
CA HIS B 507 36.09 37.31 -7.34
C HIS B 507 37.34 38.08 -6.93
N ARG B 508 38.00 38.73 -7.89
CA ARG B 508 39.19 39.51 -7.58
C ARG B 508 38.88 40.77 -6.79
N TYR B 509 37.62 41.21 -6.79
CA TYR B 509 37.28 42.48 -6.17
C TYR B 509 37.70 42.51 -4.70
N ARG B 510 38.32 43.61 -4.30
CA ARG B 510 38.76 43.82 -2.94
C ARG B 510 38.05 45.04 -2.36
N ALA B 511 37.80 44.99 -1.05
CA ALA B 511 37.08 46.06 -0.40
C ALA B 511 37.91 47.34 -0.45
N PRO B 512 37.25 48.51 -0.33
CA PRO B 512 38.00 49.76 -0.40
C PRO B 512 39.15 49.83 0.60
N GLY B 513 38.95 49.30 1.80
CA GLY B 513 40.00 49.28 2.79
C GLY B 513 40.50 47.87 3.09
N GLU B 514 41.70 47.54 2.62
CA GLU B 514 42.32 46.27 2.90
C GLU B 514 43.72 46.31 2.31
N GLN B 515 44.57 45.39 2.77
CA GLN B 515 45.98 45.36 2.39
C GLN B 515 46.36 44.04 1.72
N ASP B 516 45.43 43.47 0.96
CA ASP B 516 45.67 42.19 0.30
C ASP B 516 46.10 41.14 1.31
N GLY B 517 45.52 41.19 2.50
CA GLY B 517 45.91 40.32 3.59
C GLY B 517 44.93 39.19 3.83
N ASP B 518 44.27 39.20 4.98
CA ASP B 518 43.42 38.09 5.38
C ASP B 518 42.06 38.18 4.71
N ALA B 519 41.39 37.04 4.63
CA ALA B 519 40.01 37.02 4.21
C ALA B 519 39.12 37.52 5.36
N MET B 520 37.84 37.68 5.08
CA MET B 520 36.94 38.19 6.09
C MET B 520 36.98 37.26 7.31
N PRO B 521 37.20 37.80 8.51
CA PRO B 521 37.29 36.92 9.69
C PRO B 521 35.97 36.20 9.92
N LEU B 522 36.06 34.95 10.38
CA LEU B 522 34.86 34.18 10.68
C LEU B 522 34.05 34.90 11.74
N GLY B 523 32.77 35.11 11.47
CA GLY B 523 31.89 35.86 12.34
C GLY B 523 30.85 34.96 12.97
N SER B 524 30.46 35.31 14.19
CA SER B 524 29.40 34.59 14.90
C SER B 524 28.02 35.13 14.59
N ALA B 525 27.92 36.22 13.82
CA ALA B 525 26.64 36.83 13.47
C ALA B 525 26.40 36.67 11.98
N VAL B 526 25.20 36.20 11.62
CA VAL B 526 24.85 35.99 10.22
C VAL B 526 24.87 37.31 9.47
N LYS B 563 25.41 54.91 -9.87
CA LYS B 563 24.87 53.94 -10.80
C LYS B 563 24.22 52.77 -10.05
N MET B 564 25.05 51.92 -9.45
CA MET B 564 24.56 50.80 -8.68
C MET B 564 23.99 51.29 -7.35
N VAL B 565 22.77 50.89 -7.04
CA VAL B 565 22.09 51.32 -5.82
C VAL B 565 22.26 50.24 -4.76
N SER B 566 22.34 50.68 -3.51
CA SER B 566 22.49 49.75 -2.40
C SER B 566 21.27 48.84 -2.31
N ALA B 567 21.51 47.59 -1.91
CA ALA B 567 20.41 46.63 -1.82
C ALA B 567 19.36 47.11 -0.83
N ALA B 568 19.79 47.62 0.32
CA ALA B 568 18.82 48.15 1.28
C ALA B 568 18.07 49.35 0.71
N PHE B 569 18.78 50.23 0.00
CA PHE B 569 18.11 51.38 -0.60
C PHE B 569 17.10 50.93 -1.65
N MET B 570 17.47 49.93 -2.45
CA MET B 570 16.53 49.40 -3.44
C MET B 570 15.31 48.80 -2.76
N LYS B 571 15.51 48.07 -1.67
CA LYS B 571 14.38 47.51 -0.93
C LYS B 571 13.46 48.62 -0.44
N LYS B 572 14.04 49.65 0.15
CA LYS B 572 13.23 50.76 0.65
C LYS B 572 12.46 51.43 -0.49
N TYR B 573 13.13 51.64 -1.62
CA TYR B 573 12.47 52.32 -2.73
C TYR B 573 11.32 51.49 -3.29
N ILE B 574 11.53 50.19 -3.47
CA ILE B 574 10.44 49.36 -3.99
C ILE B 574 9.31 49.27 -2.98
N HIS B 575 9.64 49.24 -1.69
CA HIS B 575 8.60 49.22 -0.67
C HIS B 575 7.76 50.48 -0.73
N VAL B 576 8.41 51.63 -0.90
CA VAL B 576 7.66 52.89 -1.02
C VAL B 576 6.82 52.89 -2.28
N ALA B 577 7.39 52.41 -3.39
CA ALA B 577 6.67 52.40 -4.65
C ALA B 577 5.46 51.48 -4.62
N LYS B 578 5.54 50.39 -3.86
CA LYS B 578 4.45 49.42 -3.84
C LYS B 578 3.14 50.05 -3.38
N ILE B 579 3.21 51.11 -2.57
CA ILE B 579 1.99 51.74 -2.08
C ILE B 579 1.24 52.42 -3.20
N ILE B 580 1.95 52.96 -4.20
CA ILE B 580 1.28 53.69 -5.27
C ILE B 580 0.23 52.80 -5.94
N LYS B 581 -0.81 53.42 -6.47
CA LYS B 581 -1.93 52.72 -7.10
C LYS B 581 -2.19 53.30 -8.48
N PRO B 582 -1.31 53.05 -9.44
CA PRO B 582 -1.47 53.66 -10.76
C PRO B 582 -2.72 53.14 -11.46
N VAL B 583 -3.24 53.99 -12.36
CA VAL B 583 -4.46 53.70 -13.09
C VAL B 583 -4.19 53.81 -14.58
N LEU B 584 -5.03 53.13 -15.36
CA LEU B 584 -4.85 53.09 -16.80
C LEU B 584 -5.20 54.44 -17.42
N THR B 585 -4.68 54.66 -18.62
CA THR B 585 -5.00 55.82 -19.43
C THR B 585 -5.55 55.37 -20.77
N GLN B 586 -6.50 56.15 -21.30
CA GLN B 586 -7.16 55.76 -22.54
C GLN B 586 -6.14 55.52 -23.65
N GLU B 587 -5.15 56.39 -23.77
CA GLU B 587 -4.11 56.18 -24.77
C GLU B 587 -3.35 54.89 -24.49
N SER B 588 -3.01 54.65 -23.23
CA SER B 588 -2.34 53.41 -22.86
C SER B 588 -3.22 52.20 -23.13
N ALA B 589 -4.52 52.33 -22.84
CA ALA B 589 -5.44 51.22 -23.11
C ALA B 589 -5.48 50.89 -24.60
N THR B 590 -5.59 51.92 -25.45
CA THR B 590 -5.61 51.67 -26.89
C THR B 590 -4.30 51.05 -27.35
N TYR B 591 -3.17 51.55 -26.84
CA TYR B 591 -1.89 51.00 -27.25
C TYR B 591 -1.76 49.54 -26.86
N ILE B 592 -2.18 49.19 -25.63
CA ILE B 592 -2.07 47.81 -25.20
C ILE B 592 -3.01 46.93 -26.01
N ALA B 593 -4.19 47.43 -26.36
CA ALA B 593 -5.10 46.66 -27.20
C ALA B 593 -4.48 46.38 -28.56
N GLU B 594 -3.88 47.40 -29.17
CA GLU B 594 -3.23 47.21 -30.47
C GLU B 594 -2.08 46.21 -30.36
N GLU B 595 -1.27 46.32 -29.30
CA GLU B 595 -0.15 45.42 -29.13
C GLU B 595 -0.62 43.99 -28.90
N TYR B 596 -1.71 43.81 -28.14
CA TYR B 596 -2.25 42.47 -27.93
C TYR B 596 -2.76 41.88 -29.24
N SER B 597 -3.43 42.68 -30.06
CA SER B 597 -3.85 42.19 -31.36
C SER B 597 -2.65 41.78 -32.20
N ARG B 598 -1.58 42.58 -32.15
CA ARG B 598 -0.36 42.24 -32.88
C ARG B 598 0.24 40.93 -32.38
N LEU B 599 0.24 40.72 -31.07
CA LEU B 599 0.76 39.47 -30.52
C LEU B 599 -0.07 38.28 -30.98
N ARG B 600 -1.39 38.42 -30.98
CA ARG B 600 -2.22 37.36 -31.51
C ARG B 600 -1.87 37.07 -32.96
N SER B 601 -1.68 38.14 -33.76
CA SER B 601 -1.31 37.94 -35.15
C SER B 601 0.00 37.17 -35.28
N GLN B 602 1.01 37.55 -34.51
CA GLN B 602 2.28 36.84 -34.53
C GLN B 602 2.12 35.40 -34.05
N ASP B 603 1.06 35.11 -33.31
CA ASP B 603 0.81 33.74 -32.88
C ASP B 603 0.54 32.81 -34.04
N SER B 604 0.27 33.35 -35.23
CA SER B 604 -0.02 32.49 -36.39
C SER B 604 1.12 31.49 -36.61
N MET B 605 2.36 31.97 -36.55
CA MET B 605 3.50 31.07 -36.68
C MET B 605 3.58 30.15 -35.46
N SER B 606 3.96 28.90 -35.71
CA SER B 606 4.09 27.92 -34.64
C SER B 606 5.48 27.28 -34.65
N THR B 612 6.64 28.73 -27.22
CA THR B 612 6.13 28.90 -25.87
C THR B 612 4.60 28.79 -25.86
N SER B 613 3.99 29.11 -24.72
CA SER B 613 2.56 28.99 -24.59
C SER B 613 1.84 30.00 -25.50
N PRO B 614 0.66 29.67 -26.01
CA PRO B 614 -0.03 30.60 -26.90
C PRO B 614 -0.43 31.88 -26.18
N VAL B 615 -0.49 32.96 -26.94
CA VAL B 615 -0.94 34.24 -26.40
C VAL B 615 -2.46 34.21 -26.29
N THR B 616 -2.99 34.60 -25.13
CA THR B 616 -4.42 34.58 -24.87
C THR B 616 -4.75 35.72 -23.92
N ALA B 617 -5.99 35.73 -23.42
CA ALA B 617 -6.41 36.78 -22.49
C ALA B 617 -5.51 36.81 -21.27
N ARG B 618 -5.02 35.65 -20.84
CA ARG B 618 -4.05 35.62 -19.75
C ARG B 618 -2.86 36.52 -20.06
N THR B 619 -2.39 36.49 -21.31
CA THR B 619 -1.29 37.37 -21.69
C THR B 619 -1.72 38.84 -21.64
N LEU B 620 -2.99 39.12 -21.94
CA LEU B 620 -3.46 40.51 -21.86
C LEU B 620 -3.41 41.01 -20.42
N GLU B 621 -3.91 40.20 -19.49
CA GLU B 621 -3.85 40.62 -18.09
C GLU B 621 -2.41 40.69 -17.60
N THR B 622 -1.55 39.80 -18.08
CA THR B 622 -0.13 39.89 -17.74
C THR B 622 0.47 41.20 -18.23
N LEU B 623 0.13 41.60 -19.45
CA LEU B 623 0.64 42.87 -19.97
C LEU B 623 0.13 44.04 -19.15
N ILE B 624 -1.14 44.02 -18.76
CA ILE B 624 -1.67 45.09 -17.95
C ILE B 624 -0.93 45.16 -16.62
N ARG B 625 -0.70 44.01 -15.99
CA ARG B 625 0.01 43.99 -14.71
C ARG B 625 1.44 44.48 -14.86
N LEU B 626 2.13 44.08 -15.92
CA LEU B 626 3.50 44.55 -16.13
C LEU B 626 3.53 46.05 -16.37
N ALA B 627 2.58 46.57 -17.13
CA ALA B 627 2.52 48.02 -17.34
C ALA B 627 2.28 48.74 -16.03
N THR B 628 1.37 48.23 -15.20
CA THR B 628 1.14 48.82 -13.89
C THR B 628 2.39 48.78 -13.02
N ALA B 629 3.10 47.65 -13.05
CA ALA B 629 4.32 47.53 -12.24
C ALA B 629 5.37 48.54 -12.67
N HIS B 630 5.58 48.68 -13.98
CA HIS B 630 6.58 49.62 -14.44
C HIS B 630 6.13 51.07 -14.17
N ALA B 631 4.82 51.31 -14.20
CA ALA B 631 4.34 52.63 -13.79
C ALA B 631 4.65 52.88 -12.32
N LYS B 632 4.49 51.86 -11.48
CA LYS B 632 4.90 51.99 -10.08
C LYS B 632 6.37 52.32 -9.98
N ALA B 633 7.20 51.68 -10.80
CA ALA B 633 8.65 51.90 -10.73
C ALA B 633 8.98 53.38 -10.80
N ARG B 634 8.30 54.11 -11.69
CA ARG B 634 8.51 55.53 -11.86
C ARG B 634 7.72 56.39 -10.88
N MET B 635 6.90 55.76 -10.04
CA MET B 635 6.01 56.40 -9.08
C MET B 635 4.83 57.10 -9.77
N SER B 636 4.70 57.00 -11.08
CA SER B 636 3.63 57.70 -11.77
C SER B 636 2.28 57.21 -11.31
N LYS B 637 1.40 58.15 -10.98
CA LYS B 637 0.03 57.82 -10.58
C LYS B 637 -0.82 57.36 -11.76
N THR B 638 -0.32 57.48 -12.98
CA THR B 638 -1.03 57.01 -14.17
C THR B 638 -0.04 56.31 -15.08
N VAL B 639 -0.43 55.16 -15.61
CA VAL B 639 0.42 54.44 -16.54
C VAL B 639 0.68 55.32 -17.76
N ASP B 640 1.77 55.04 -18.45
CA ASP B 640 2.22 55.82 -19.59
C ASP B 640 2.56 54.90 -20.74
N LEU B 641 2.57 55.45 -21.95
CA LEU B 641 2.91 54.65 -23.12
C LEU B 641 4.27 53.96 -22.95
N GLN B 642 5.19 54.59 -22.22
CA GLN B 642 6.49 53.96 -21.99
C GLN B 642 6.32 52.66 -21.21
N ASP B 643 5.48 52.67 -20.18
CA ASP B 643 5.27 51.46 -19.38
C ASP B 643 4.70 50.34 -20.24
N ALA B 644 3.68 50.66 -21.05
CA ALA B 644 3.08 49.65 -21.91
C ALA B 644 4.09 49.11 -22.91
N GLU B 645 4.90 49.99 -23.49
CA GLU B 645 5.89 49.55 -24.47
C GLU B 645 6.92 48.64 -23.82
N GLU B 646 7.38 48.99 -22.62
CA GLU B 646 8.34 48.14 -21.93
C GLU B 646 7.75 46.79 -21.62
N ALA B 647 6.50 46.75 -21.14
CA ALA B 647 5.86 45.48 -20.85
C ALA B 647 5.70 44.65 -22.12
N VAL B 648 5.33 45.29 -23.22
CA VAL B 648 5.11 44.57 -24.47
C VAL B 648 6.42 43.96 -24.96
N GLU B 649 7.51 44.72 -24.91
CA GLU B 649 8.77 44.17 -25.37
C GLU B 649 9.24 43.05 -24.45
N LEU B 650 9.01 43.19 -23.15
CA LEU B 650 9.38 42.12 -22.22
C LEU B 650 8.61 40.84 -22.53
N VAL B 651 7.31 40.96 -22.78
CA VAL B 651 6.51 39.79 -23.13
C VAL B 651 6.98 39.19 -24.44
N GLN B 652 7.28 40.03 -25.43
CA GLN B 652 7.80 39.52 -26.69
C GLN B 652 9.07 38.72 -26.47
N TYR B 653 9.98 39.24 -25.65
CA TYR B 653 11.19 38.48 -25.36
C TYR B 653 10.86 37.16 -24.68
N ALA B 654 9.94 37.18 -23.72
CA ALA B 654 9.61 35.98 -22.98
C ALA B 654 9.05 34.90 -23.89
N TYR B 655 8.15 35.29 -24.80
CA TYR B 655 7.50 34.32 -25.68
C TYR B 655 8.19 34.17 -27.03
N PHE B 656 9.17 35.02 -27.35
CA PHE B 656 9.83 34.97 -28.65
C PHE B 656 11.29 35.34 -28.44
N LYS B 657 12.16 34.34 -28.39
CA LYS B 657 13.58 34.55 -28.17
C LYS B 657 14.21 35.28 -29.34
N VAL C 154 -41.88 -20.12 37.18
CA VAL C 154 -41.55 -19.72 35.82
C VAL C 154 -40.23 -18.96 35.82
N ILE C 155 -39.49 -19.05 34.71
CA ILE C 155 -38.24 -18.32 34.61
C ILE C 155 -38.54 -16.82 34.63
N TRP C 156 -37.62 -16.05 35.21
CA TRP C 156 -37.89 -14.65 35.52
C TRP C 156 -38.24 -13.86 34.27
N GLY C 157 -39.21 -12.97 34.40
CA GLY C 157 -39.56 -12.04 33.34
C GLY C 157 -40.11 -12.69 32.10
N THR C 158 -40.86 -13.78 32.24
CA THR C 158 -41.44 -14.48 31.10
C THR C 158 -42.72 -15.16 31.56
N ASP C 159 -43.35 -15.85 30.60
CA ASP C 159 -44.47 -16.76 30.89
C ASP C 159 -44.05 -18.12 30.35
N VAL C 160 -43.31 -18.87 31.16
CA VAL C 160 -42.73 -20.15 30.74
C VAL C 160 -42.63 -21.05 31.96
N ASN C 161 -43.21 -22.24 31.87
CA ASN C 161 -43.04 -23.29 32.87
C ASN C 161 -42.37 -24.48 32.18
N VAL C 162 -41.26 -24.94 32.75
CA VAL C 162 -40.47 -25.99 32.09
C VAL C 162 -41.33 -27.23 31.89
N ALA C 163 -42.00 -27.68 32.96
CA ALA C 163 -42.79 -28.91 32.85
C ALA C 163 -43.97 -28.72 31.90
N ALA C 164 -44.72 -27.63 32.07
CA ALA C 164 -45.89 -27.41 31.21
C ALA C 164 -45.47 -27.18 29.78
N CYS C 165 -44.40 -26.42 29.56
CA CYS C 165 -43.92 -26.17 28.20
C CYS C 165 -43.47 -27.47 27.54
N LYS C 166 -42.74 -28.32 28.28
CA LYS C 166 -42.32 -29.61 27.73
C LYS C 166 -43.54 -30.47 27.40
N GLU C 167 -44.54 -30.49 28.29
CA GLU C 167 -45.71 -31.30 28.03
C GLU C 167 -46.45 -30.80 26.80
N ASN C 168 -46.56 -29.48 26.64
CA ASN C 168 -47.23 -28.93 25.46
C ASN C 168 -46.46 -29.28 24.19
N PHE C 169 -45.14 -29.20 24.23
CA PHE C 169 -44.35 -29.56 23.06
C PHE C 169 -44.50 -31.04 22.73
N GLN C 170 -44.53 -31.90 23.75
CA GLN C 170 -44.74 -33.32 23.52
C GLN C 170 -46.11 -33.58 22.91
N ARG C 171 -47.13 -32.89 23.42
CA ARG C 171 -48.46 -33.02 22.83
C ARG C 171 -48.45 -32.60 21.37
N PHE C 172 -47.76 -31.50 21.07
CA PHE C 172 -47.67 -31.07 19.67
C PHE C 172 -46.99 -32.12 18.82
N LEU C 173 -45.92 -32.73 19.33
CA LEU C 173 -45.23 -33.78 18.58
C LEU C 173 -46.15 -34.95 18.31
N GLN C 174 -46.92 -35.38 19.32
CA GLN C 174 -47.74 -36.57 19.17
C GLN C 174 -49.05 -36.28 18.44
N ARG C 175 -49.77 -35.25 18.87
CA ARG C 175 -51.08 -34.91 18.32
C ARG C 175 -50.91 -33.81 17.30
N PHE C 176 -50.86 -34.17 16.02
CA PHE C 176 -50.74 -33.19 14.96
C PHE C 176 -51.24 -33.79 13.66
N ILE C 177 -51.70 -32.93 12.75
CA ILE C 177 -52.15 -33.33 11.44
C ILE C 177 -51.64 -32.31 10.43
N ASP C 178 -51.17 -32.79 9.29
CA ASP C 178 -50.67 -31.93 8.23
C ASP C 178 -51.71 -30.90 7.83
N PRO C 194 -48.24 -35.75 12.60
CA PRO C 194 -47.63 -37.08 12.73
C PRO C 194 -46.30 -37.17 11.99
N LEU C 195 -46.02 -36.19 11.14
CA LEU C 195 -44.76 -36.18 10.41
C LEU C 195 -43.57 -36.22 11.36
N TYR C 196 -43.71 -35.62 12.54
CA TYR C 196 -42.59 -35.57 13.48
C TYR C 196 -42.21 -36.97 13.95
N MET C 197 -43.18 -37.82 14.23
CA MET C 197 -42.87 -39.20 14.60
C MET C 197 -42.23 -39.94 13.43
N GLN C 198 -42.69 -39.66 12.21
CA GLN C 198 -42.10 -40.30 11.04
C GLN C 198 -40.63 -39.95 10.92
N ARG C 199 -40.29 -38.66 11.05
CA ARG C 199 -38.89 -38.28 10.95
C ARG C 199 -38.10 -38.70 12.18
N LEU C 200 -38.76 -38.89 13.32
CA LEU C 200 -38.08 -39.48 14.47
C LEU C 200 -37.65 -40.90 14.14
N GLY C 201 -38.55 -41.68 13.55
CA GLY C 201 -38.18 -43.01 13.10
C GLY C 201 -37.10 -42.97 12.04
N GLU C 202 -37.16 -42.00 11.14
CA GLU C 202 -36.11 -41.85 10.14
C GLU C 202 -34.77 -41.58 10.78
N ILE C 203 -34.74 -40.70 11.78
CA ILE C 203 -33.51 -40.40 12.50
C ILE C 203 -32.99 -41.65 13.19
N ASN C 204 -33.89 -42.50 13.69
CA ASN C 204 -33.45 -43.75 14.30
C ASN C 204 -32.41 -44.44 13.42
N VAL C 205 -32.78 -44.80 12.19
CA VAL C 205 -31.84 -45.48 11.29
C VAL C 205 -30.74 -44.54 10.84
N ILE C 206 -31.10 -43.33 10.41
CA ILE C 206 -30.11 -42.40 9.91
C ILE C 206 -29.11 -42.08 11.02
N GLY C 207 -29.61 -41.90 12.24
CA GLY C 207 -28.78 -41.48 13.35
C GLY C 207 -28.55 -40.00 13.42
N GLU C 208 -29.10 -39.23 12.48
CA GLU C 208 -28.91 -37.79 12.41
C GLU C 208 -29.73 -37.14 13.51
N PRO C 209 -29.12 -36.70 14.60
CA PRO C 209 -29.92 -36.21 15.75
C PRO C 209 -30.23 -34.72 15.66
N PHE C 210 -31.06 -34.36 14.68
CA PHE C 210 -31.49 -32.99 14.50
C PHE C 210 -32.91 -33.02 13.94
N LEU C 211 -33.89 -32.72 14.79
CA LEU C 211 -35.30 -32.76 14.41
C LEU C 211 -35.73 -31.36 13.97
N ASN C 212 -35.80 -31.16 12.66
CA ASN C 212 -36.22 -29.88 12.11
C ASN C 212 -37.74 -29.77 12.18
N VAL C 213 -38.23 -28.64 12.68
CA VAL C 213 -39.66 -28.41 12.86
C VAL C 213 -40.01 -27.06 12.28
N ASN C 214 -41.08 -27.00 11.49
CA ASN C 214 -41.58 -25.75 10.95
C ASN C 214 -42.42 -25.07 12.03
N CYS C 215 -41.97 -23.90 12.49
CA CYS C 215 -42.66 -23.23 13.59
C CYS C 215 -44.10 -22.89 13.23
N GLU C 216 -44.38 -22.65 11.95
CA GLU C 216 -45.76 -22.37 11.55
C GLU C 216 -46.68 -23.51 11.93
N HIS C 217 -46.17 -24.73 11.98
CA HIS C 217 -46.98 -25.85 12.47
C HIS C 217 -47.38 -25.63 13.92
N ILE C 218 -46.43 -25.18 14.76
CA ILE C 218 -46.76 -24.88 16.15
C ILE C 218 -47.75 -23.73 16.21
N LYS C 219 -47.55 -22.71 15.38
CA LYS C 219 -48.47 -21.58 15.36
C LYS C 219 -49.90 -22.05 15.09
N SER C 220 -50.07 -22.89 14.06
CA SER C 220 -51.40 -23.41 13.76
C SER C 220 -51.92 -24.28 14.89
N PHE C 221 -51.07 -25.15 15.44
CA PHE C 221 -51.51 -26.02 16.53
C PHE C 221 -51.73 -25.24 17.82
N ASP C 222 -50.82 -24.33 18.15
CA ASP C 222 -50.91 -23.57 19.40
C ASP C 222 -50.20 -22.24 19.17
N LYS C 223 -50.97 -21.17 18.98
CA LYS C 223 -50.38 -19.85 18.79
C LYS C 223 -49.67 -19.39 20.05
N ASN C 224 -50.20 -19.75 21.23
CA ASN C 224 -49.55 -19.36 22.47
C ASN C 224 -48.16 -19.96 22.58
N LEU C 225 -48.01 -21.23 22.21
CA LEU C 225 -46.70 -21.87 22.25
C LEU C 225 -45.75 -21.23 21.25
N TYR C 226 -46.25 -20.88 20.07
CA TYR C 226 -45.41 -20.20 19.07
C TYR C 226 -44.91 -18.86 19.59
N ARG C 227 -45.82 -18.08 20.19
CA ARG C 227 -45.41 -16.80 20.76
C ARG C 227 -44.37 -17.00 21.85
N GLN C 228 -44.59 -17.99 22.71
CA GLN C 228 -43.65 -18.25 23.79
C GLN C 228 -42.29 -18.66 23.23
N LEU C 229 -42.29 -19.47 22.18
CA LEU C 229 -41.03 -19.88 21.57
C LEU C 229 -40.28 -18.71 20.98
N ILE C 230 -40.99 -17.85 20.24
CA ILE C 230 -40.34 -16.70 19.62
C ILE C 230 -39.78 -15.76 20.69
N SER C 231 -40.58 -15.48 21.71
CA SER C 231 -40.18 -14.47 22.68
C SER C 231 -38.93 -14.89 23.44
N TYR C 232 -38.84 -16.16 23.82
CA TYR C 232 -37.76 -16.68 24.65
C TYR C 232 -37.18 -17.93 24.02
N PRO C 233 -36.46 -17.80 22.91
CA PRO C 233 -35.90 -18.99 22.26
C PRO C 233 -34.85 -19.68 23.11
N GLN C 234 -33.92 -18.91 23.64
CA GLN C 234 -32.80 -19.49 24.37
C GLN C 234 -33.27 -20.30 25.56
N GLU C 235 -34.36 -19.89 26.20
CA GLU C 235 -34.86 -20.56 27.38
C GLU C 235 -35.84 -21.68 27.05
N VAL C 236 -36.45 -21.65 25.86
CA VAL C 236 -37.49 -22.61 25.52
C VAL C 236 -36.93 -23.80 24.74
N ILE C 237 -35.97 -23.56 23.85
CA ILE C 237 -35.45 -24.66 23.01
C ILE C 237 -34.96 -25.82 23.85
N PRO C 238 -34.24 -25.62 24.95
CA PRO C 238 -33.80 -26.79 25.75
C PRO C 238 -34.96 -27.65 26.22
N THR C 239 -36.10 -27.04 26.55
CA THR C 239 -37.25 -27.84 26.95
C THR C 239 -37.73 -28.72 25.82
N PHE C 240 -37.76 -28.18 24.60
CA PHE C 240 -38.13 -28.99 23.44
C PHE C 240 -37.11 -30.11 23.23
N ASP C 241 -35.83 -29.81 23.41
CA ASP C 241 -34.81 -30.85 23.28
C ASP C 241 -35.04 -31.97 24.27
N MET C 242 -35.32 -31.62 25.53
CA MET C 242 -35.56 -32.63 26.55
C MET C 242 -36.79 -33.47 26.21
N ALA C 243 -37.86 -32.82 25.75
CA ALA C 243 -39.06 -33.56 25.40
C ALA C 243 -38.80 -34.53 24.25
N VAL C 244 -38.06 -34.08 23.24
CA VAL C 244 -37.78 -34.95 22.10
C VAL C 244 -36.90 -36.11 22.53
N ASN C 245 -35.93 -35.87 23.41
CA ASN C 245 -35.08 -36.95 23.88
C ASN C 245 -35.90 -37.97 24.67
N GLU C 246 -36.82 -37.50 25.52
CA GLU C 246 -37.67 -38.42 26.26
C GLU C 246 -38.55 -39.24 25.32
N ILE C 247 -39.09 -38.61 24.28
CA ILE C 247 -39.90 -39.36 23.32
C ILE C 247 -39.05 -40.40 22.61
N PHE C 248 -37.85 -40.01 22.18
CA PHE C 248 -36.96 -40.95 21.50
C PHE C 248 -36.56 -42.11 22.42
N PHE C 249 -36.51 -41.86 23.73
CA PHE C 249 -36.31 -42.95 24.67
C PHE C 249 -37.60 -43.70 24.98
N ASP C 250 -38.74 -43.18 24.54
CA ASP C 250 -40.01 -43.92 24.61
C ASP C 250 -40.21 -44.76 23.36
N ARG C 251 -40.26 -44.11 22.19
CA ARG C 251 -40.27 -44.82 20.92
C ARG C 251 -38.84 -45.15 20.54
N TYR C 252 -38.59 -46.41 20.20
CA TYR C 252 -37.23 -46.89 20.04
C TYR C 252 -36.48 -46.67 21.35
N PRO C 253 -36.99 -47.20 22.47
CA PRO C 253 -36.32 -46.95 23.75
C PRO C 253 -34.88 -47.40 23.77
N ASP C 254 -34.53 -48.42 22.99
CA ASP C 254 -33.17 -48.90 22.89
C ASP C 254 -32.57 -48.41 21.56
N SER C 255 -31.43 -47.74 21.65
CA SER C 255 -30.72 -47.24 20.49
C SER C 255 -29.45 -46.58 20.99
N ILE C 256 -28.54 -46.30 20.07
CA ILE C 256 -27.25 -45.69 20.38
C ILE C 256 -27.09 -44.41 19.57
N LEU C 257 -26.74 -43.32 20.25
CA LEU C 257 -26.46 -42.06 19.59
C LEU C 257 -25.40 -41.32 20.41
N GLU C 258 -24.46 -40.68 19.71
CA GLU C 258 -23.38 -39.99 20.42
C GLU C 258 -23.91 -38.85 21.27
N HIS C 259 -24.88 -38.10 20.74
CA HIS C 259 -25.59 -37.09 21.53
C HIS C 259 -27.08 -37.19 21.23
N GLN C 260 -27.89 -36.94 22.24
CA GLN C 260 -29.33 -37.10 22.10
C GLN C 260 -29.88 -36.08 21.09
N ILE C 261 -31.12 -36.35 20.66
CA ILE C 261 -31.72 -35.56 19.59
C ILE C 261 -31.71 -34.08 19.96
N GLN C 262 -31.68 -33.24 18.93
CA GLN C 262 -31.81 -31.79 19.09
C GLN C 262 -32.86 -31.28 18.10
N VAL C 263 -33.54 -30.20 18.49
CA VAL C 263 -34.60 -29.60 17.68
C VAL C 263 -34.11 -28.24 17.20
N ARG C 264 -34.32 -27.96 15.92
CA ARG C 264 -33.90 -26.71 15.29
C ARG C 264 -35.08 -26.12 14.54
N PRO C 265 -35.94 -25.37 15.22
CA PRO C 265 -37.12 -24.80 14.56
C PRO C 265 -36.73 -23.85 13.45
N PHE C 266 -37.72 -23.48 12.64
CA PHE C 266 -37.47 -22.62 11.49
C PHE C 266 -38.77 -22.06 10.96
N ASN C 267 -38.66 -21.13 10.02
CA ASN C 267 -39.78 -20.57 9.29
C ASN C 267 -40.91 -20.16 10.24
N ALA C 268 -40.59 -19.18 11.10
CA ALA C 268 -41.50 -18.77 12.16
C ALA C 268 -42.00 -17.34 11.97
N LEU C 269 -41.09 -16.37 11.87
CA LEU C 269 -41.45 -14.96 11.79
C LEU C 269 -40.69 -14.35 10.61
N LYS C 270 -41.36 -14.22 9.48
CA LYS C 270 -40.73 -13.71 8.26
C LYS C 270 -40.67 -12.18 8.29
N THR C 271 -39.93 -11.67 9.27
CA THR C 271 -39.58 -10.24 9.30
C THR C 271 -38.37 -10.01 8.40
N LYS C 272 -38.52 -10.44 7.14
CA LYS C 272 -37.43 -10.39 6.18
C LYS C 272 -37.09 -8.96 5.78
N ASN C 273 -37.82 -7.97 6.26
CA ASN C 273 -37.43 -6.58 6.04
C ASN C 273 -36.25 -6.27 6.94
N MET C 274 -35.10 -6.87 6.63
CA MET C 274 -33.92 -6.68 7.46
C MET C 274 -33.62 -5.19 7.68
N ARG C 275 -33.83 -4.38 6.64
CA ARG C 275 -33.69 -2.94 6.81
C ARG C 275 -34.64 -2.42 7.88
N ASN C 276 -35.80 -3.06 8.04
CA ASN C 276 -36.76 -2.71 9.09
C ASN C 276 -36.65 -3.75 10.20
N LEU C 277 -35.65 -3.56 11.06
CA LEU C 277 -35.45 -4.41 12.22
C LEU C 277 -35.27 -3.52 13.44
N ASN C 278 -35.75 -4.00 14.58
CA ASN C 278 -35.85 -3.17 15.77
C ASN C 278 -35.18 -3.82 16.95
N PRO C 279 -34.75 -3.03 17.95
CA PRO C 279 -34.20 -3.63 19.17
C PRO C 279 -35.22 -4.43 19.96
N GLU C 280 -36.51 -4.26 19.69
CA GLU C 280 -37.52 -5.11 20.31
C GLU C 280 -37.31 -6.58 19.97
N ASP C 281 -36.60 -6.88 18.89
CA ASP C 281 -36.37 -8.24 18.45
C ASP C 281 -35.14 -8.88 19.09
N ILE C 282 -34.44 -8.17 19.97
CA ILE C 282 -33.27 -8.74 20.62
C ILE C 282 -33.65 -10.02 21.34
N ASP C 283 -32.82 -11.05 21.20
CA ASP C 283 -33.05 -12.32 21.86
C ASP C 283 -34.43 -12.89 21.52
N GLN C 284 -34.81 -12.78 20.26
CA GLN C 284 -36.03 -13.39 19.76
C GLN C 284 -35.75 -14.10 18.45
N LEU C 285 -36.31 -15.30 18.31
CA LEU C 285 -36.07 -16.11 17.12
C LEU C 285 -36.69 -15.44 15.91
N ILE C 286 -35.92 -15.33 14.83
CA ILE C 286 -36.39 -14.70 13.60
C ILE C 286 -35.79 -15.43 12.42
N THR C 287 -36.54 -15.47 11.32
CA THR C 287 -36.10 -16.06 10.08
C THR C 287 -36.01 -14.99 9.01
N ILE C 288 -34.89 -14.95 8.30
CA ILE C 288 -34.65 -13.95 7.27
C ILE C 288 -34.09 -14.64 6.03
N SER C 289 -34.55 -14.22 4.86
CA SER C 289 -34.12 -14.78 3.59
C SER C 289 -33.07 -13.87 2.98
N GLY C 290 -31.98 -14.45 2.50
CA GLY C 290 -30.94 -13.67 1.88
C GLY C 290 -29.89 -14.55 1.27
N MET C 291 -28.96 -13.91 0.57
CA MET C 291 -27.87 -14.59 -0.12
C MET C 291 -26.58 -14.37 0.65
N VAL C 292 -25.93 -15.46 1.05
CA VAL C 292 -24.68 -15.36 1.78
C VAL C 292 -23.61 -14.79 0.86
N ILE C 293 -22.89 -13.77 1.35
CA ILE C 293 -21.85 -13.11 0.58
C ILE C 293 -20.48 -13.69 0.89
N ARG C 294 -20.16 -13.84 2.17
CA ARG C 294 -18.84 -14.34 2.55
C ARG C 294 -18.97 -15.28 3.73
N THR C 295 -17.93 -16.08 3.93
CA THR C 295 -17.85 -17.00 5.06
C THR C 295 -16.43 -16.97 5.60
N SER C 296 -16.11 -17.92 6.48
CA SER C 296 -14.77 -18.03 7.01
C SER C 296 -14.54 -19.45 7.49
N GLN C 297 -13.28 -19.81 7.64
CA GLN C 297 -12.95 -21.14 8.14
C GLN C 297 -13.46 -21.29 9.57
N LEU C 298 -13.86 -22.51 9.92
CA LEU C 298 -14.40 -22.75 11.24
C LEU C 298 -13.38 -22.34 12.30
N ILE C 299 -13.85 -21.55 13.27
CA ILE C 299 -13.00 -21.00 14.32
C ILE C 299 -13.13 -21.88 15.56
N PRO C 300 -12.05 -22.41 16.11
CA PRO C 300 -12.16 -23.17 17.36
C PRO C 300 -12.12 -22.22 18.55
N GLU C 301 -13.22 -22.16 19.29
CA GLU C 301 -13.35 -21.26 20.43
C GLU C 301 -13.27 -22.08 21.72
N MET C 302 -12.45 -21.62 22.65
CA MET C 302 -12.21 -22.36 23.87
C MET C 302 -13.48 -22.47 24.71
N GLN C 303 -13.60 -23.58 25.42
CA GLN C 303 -14.65 -23.76 26.41
C GLN C 303 -14.17 -24.34 27.73
N GLU C 304 -12.98 -24.93 27.78
CA GLU C 304 -12.38 -25.41 29.03
C GLU C 304 -10.87 -25.31 28.87
N ALA C 305 -10.31 -24.19 29.33
CA ALA C 305 -8.89 -23.94 29.15
C ALA C 305 -8.08 -24.76 30.15
N PHE C 306 -6.93 -25.24 29.68
CA PHE C 306 -6.04 -26.09 30.45
C PHE C 306 -4.72 -25.36 30.67
N PHE C 307 -4.23 -25.38 31.91
CA PHE C 307 -3.04 -24.64 32.28
C PHE C 307 -2.06 -25.53 33.02
N GLN C 308 -0.78 -25.25 32.83
CA GLN C 308 0.30 -26.02 33.44
C GLN C 308 1.37 -25.06 33.95
N CYS C 309 1.89 -25.34 35.16
CA CYS C 309 2.84 -24.45 35.80
C CYS C 309 4.22 -24.60 35.16
N GLN C 310 4.84 -23.47 34.84
CA GLN C 310 6.19 -23.51 34.29
C GLN C 310 7.18 -24.09 35.29
N VAL C 311 6.88 -23.98 36.58
CA VAL C 311 7.79 -24.41 37.63
C VAL C 311 7.58 -25.89 37.91
N CYS C 312 6.38 -26.23 38.39
CA CYS C 312 6.09 -27.57 38.88
C CYS C 312 5.11 -28.33 38.00
N ALA C 313 4.65 -27.72 36.90
CA ALA C 313 3.73 -28.37 35.96
C ALA C 313 2.44 -28.79 36.63
N HIS C 314 2.00 -28.02 37.63
CA HIS C 314 0.70 -28.24 38.25
C HIS C 314 -0.42 -28.03 37.24
N THR C 315 -1.11 -29.11 36.89
CA THR C 315 -2.18 -29.03 35.91
C THR C 315 -3.46 -28.48 36.54
N THR C 316 -4.15 -27.62 35.80
CA THR C 316 -5.39 -27.04 36.29
C THR C 316 -6.28 -26.72 35.10
N ARG C 317 -7.56 -26.54 35.39
CA ARG C 317 -8.59 -26.31 34.38
C ARG C 317 -9.46 -25.15 34.78
N VAL C 318 -9.85 -24.32 33.82
CA VAL C 318 -10.83 -23.28 34.03
C VAL C 318 -11.92 -23.45 32.97
N GLU C 319 -13.15 -23.65 33.42
CA GLU C 319 -14.24 -24.08 32.56
C GLU C 319 -15.21 -22.93 32.32
N MET C 320 -15.47 -22.63 31.05
CA MET C 320 -16.47 -21.66 30.65
C MET C 320 -16.35 -20.38 31.47
N ASP C 321 -15.22 -19.71 31.27
CA ASP C 321 -14.95 -18.46 32.00
C ASP C 321 -15.60 -17.28 31.27
N ARG C 322 -16.89 -17.41 30.96
CA ARG C 322 -17.67 -16.33 30.35
C ARG C 322 -16.91 -15.67 29.20
N GLY C 323 -16.58 -16.48 28.20
CA GLY C 323 -15.89 -15.99 27.02
C GLY C 323 -14.40 -15.88 27.23
N ARG C 324 -13.97 -14.86 27.96
CA ARG C 324 -12.56 -14.71 28.30
C ARG C 324 -12.12 -15.85 29.21
N ILE C 325 -10.81 -15.98 29.39
CA ILE C 325 -10.22 -17.00 30.26
C ILE C 325 -9.62 -16.30 31.46
N ALA C 326 -9.97 -16.75 32.66
CA ALA C 326 -9.47 -16.17 33.89
C ALA C 326 -8.09 -16.74 34.19
N GLU C 327 -7.05 -15.95 33.95
CA GLU C 327 -5.71 -16.38 34.24
C GLU C 327 -5.54 -16.50 35.75
N PRO C 328 -5.14 -17.67 36.28
CA PRO C 328 -5.00 -17.77 37.75
C PRO C 328 -4.02 -16.78 38.34
N SER C 329 -2.93 -16.49 37.62
CA SER C 329 -1.86 -15.61 38.07
C SER C 329 -1.11 -16.18 39.27
N VAL C 330 -1.44 -17.39 39.72
CA VAL C 330 -0.78 -17.99 40.88
C VAL C 330 -1.02 -19.49 40.84
N CYS C 331 0.02 -20.25 41.17
CA CYS C 331 -0.05 -21.70 41.10
C CYS C 331 -0.73 -22.27 42.34
N GLY C 332 -0.99 -23.58 42.34
CA GLY C 332 -1.74 -24.20 43.41
C GLY C 332 -1.03 -25.33 44.14
N ARG C 333 0.17 -25.71 43.70
CA ARG C 333 0.92 -26.75 44.37
C ARG C 333 2.25 -26.25 44.92
N CYS C 334 3.00 -25.51 44.13
CA CYS C 334 4.11 -24.70 44.61
C CYS C 334 3.65 -23.31 45.00
N HIS C 335 2.46 -22.90 44.55
CA HIS C 335 1.91 -21.60 44.90
C HIS C 335 2.91 -20.50 44.59
N THR C 336 3.62 -20.66 43.48
CA THR C 336 4.56 -19.65 43.03
C THR C 336 3.79 -18.47 42.43
N THR C 337 4.55 -17.52 41.88
CA THR C 337 3.94 -16.38 41.22
C THR C 337 3.28 -16.82 39.92
N HIS C 338 2.78 -15.85 39.15
CA HIS C 338 2.07 -16.20 37.93
C HIS C 338 3.02 -16.93 36.98
N SER C 339 2.85 -18.24 36.86
CA SER C 339 3.71 -19.04 36.02
C SER C 339 2.95 -20.16 35.29
N MET C 340 1.64 -20.23 35.43
CA MET C 340 0.85 -21.30 34.81
C MET C 340 0.39 -20.82 33.45
N ALA C 341 0.92 -21.44 32.40
CA ALA C 341 0.61 -21.07 31.03
C ALA C 341 -0.42 -22.01 30.44
N LEU C 342 -1.23 -21.49 29.53
CA LEU C 342 -2.26 -22.27 28.87
C LEU C 342 -1.65 -23.23 27.86
N ILE C 343 -2.23 -24.42 27.77
CA ILE C 343 -1.84 -25.42 26.78
C ILE C 343 -3.00 -25.53 25.79
N HIS C 344 -2.77 -25.05 24.56
CA HIS C 344 -3.86 -24.99 23.59
C HIS C 344 -4.41 -26.38 23.29
N ASN C 345 -3.53 -27.33 22.98
CA ASN C 345 -3.99 -28.64 22.55
C ASN C 345 -4.72 -29.38 23.67
N ARG C 346 -4.22 -29.28 24.90
CA ARG C 346 -4.87 -29.93 26.03
C ARG C 346 -6.22 -29.31 26.36
N SER C 347 -6.52 -28.13 25.83
CA SER C 347 -7.78 -27.46 26.14
C SER C 347 -8.92 -28.14 25.38
N LEU C 348 -10.11 -27.55 25.47
CA LEU C 348 -11.29 -28.05 24.78
C LEU C 348 -11.89 -26.91 23.98
N PHE C 349 -12.32 -27.22 22.75
CA PHE C 349 -12.79 -26.20 21.83
C PHE C 349 -14.14 -26.61 21.25
N SER C 350 -14.82 -25.61 20.68
CA SER C 350 -16.07 -25.81 19.95
C SER C 350 -16.00 -25.04 18.64
N ASP C 351 -16.77 -25.51 17.66
CA ASP C 351 -16.73 -24.92 16.33
C ASP C 351 -17.64 -23.70 16.26
N LYS C 352 -17.13 -22.61 15.72
CA LYS C 352 -17.92 -21.40 15.50
C LYS C 352 -17.53 -20.79 14.17
N GLN C 353 -18.46 -20.75 13.23
CA GLN C 353 -18.20 -20.26 11.89
C GLN C 353 -18.92 -18.94 11.68
N MET C 354 -18.20 -17.95 11.13
CA MET C 354 -18.75 -16.64 10.88
C MET C 354 -19.14 -16.51 9.41
N ILE C 355 -20.30 -15.92 9.17
CA ILE C 355 -20.84 -15.74 7.83
C ILE C 355 -21.34 -14.31 7.72
N LYS C 356 -21.12 -13.70 6.56
CA LYS C 356 -21.64 -12.38 6.25
C LYS C 356 -22.65 -12.53 5.13
N LEU C 357 -23.91 -12.26 5.44
CA LEU C 357 -25.02 -12.51 4.55
C LEU C 357 -25.72 -11.21 4.19
N GLN C 358 -25.96 -11.00 2.90
CA GLN C 358 -26.61 -9.78 2.44
C GLN C 358 -28.11 -10.01 2.28
N GLU C 359 -28.87 -8.95 2.55
CA GLU C 359 -30.32 -9.02 2.39
C GLU C 359 -30.68 -9.32 0.94
N SER C 360 -31.74 -10.09 0.76
CA SER C 360 -32.17 -10.45 -0.59
C SER C 360 -32.57 -9.18 -1.35
N PRO C 361 -31.98 -8.91 -2.51
CA PRO C 361 -32.32 -7.67 -3.22
C PRO C 361 -33.79 -7.58 -3.61
N GLU C 362 -34.42 -8.70 -3.95
CA GLU C 362 -35.80 -8.66 -4.43
C GLU C 362 -36.74 -8.16 -3.35
N ASP C 363 -36.57 -8.62 -2.10
CA ASP C 363 -37.50 -8.27 -1.04
C ASP C 363 -37.45 -6.79 -0.68
N MET C 364 -36.35 -6.11 -0.95
CA MET C 364 -36.23 -4.72 -0.56
C MET C 364 -37.10 -3.84 -1.45
N PRO C 365 -37.99 -3.02 -0.88
CA PRO C 365 -38.84 -2.15 -1.72
C PRO C 365 -38.03 -1.09 -2.45
N ALA C 366 -37.18 -0.38 -1.72
CA ALA C 366 -36.34 0.66 -2.30
C ALA C 366 -34.96 0.15 -2.68
N GLY C 367 -34.30 -0.59 -1.78
CA GLY C 367 -32.99 -1.11 -2.08
C GLY C 367 -31.92 -0.07 -2.28
N GLN C 368 -32.13 1.13 -1.72
CA GLN C 368 -31.12 2.19 -1.86
C GLN C 368 -29.80 1.78 -1.22
N THR C 369 -29.85 1.02 -0.12
CA THR C 369 -28.66 0.55 0.56
C THR C 369 -28.91 -0.88 1.02
N PRO C 370 -28.48 -1.88 0.25
CA PRO C 370 -28.71 -3.27 0.67
C PRO C 370 -28.10 -3.53 2.04
N HIS C 371 -28.84 -4.27 2.86
CA HIS C 371 -28.45 -4.49 4.25
C HIS C 371 -27.68 -5.81 4.38
N THR C 372 -26.78 -5.85 5.36
CA THR C 372 -25.95 -7.00 5.61
C THR C 372 -26.02 -7.37 7.09
N VAL C 373 -25.88 -8.67 7.35
CA VAL C 373 -25.96 -9.21 8.71
C VAL C 373 -24.83 -10.20 8.89
N ILE C 374 -24.47 -10.43 10.14
CA ILE C 374 -23.42 -11.37 10.53
C ILE C 374 -24.08 -12.53 11.25
N LEU C 375 -23.76 -13.75 10.84
CA LEU C 375 -24.29 -14.96 11.43
C LEU C 375 -23.16 -15.78 12.02
N PHE C 376 -23.45 -16.47 13.11
CA PHE C 376 -22.51 -17.38 13.76
C PHE C 376 -23.18 -18.74 13.85
N ALA C 377 -22.55 -19.76 13.29
CA ALA C 377 -23.00 -21.13 13.42
C ALA C 377 -22.14 -21.83 14.47
N HIS C 378 -22.78 -22.38 15.50
CA HIS C 378 -22.08 -22.89 16.67
C HIS C 378 -22.21 -24.40 16.75
N ASN C 379 -21.09 -25.08 16.92
CA ASN C 379 -20.98 -26.49 17.32
C ASN C 379 -21.55 -27.44 16.28
N ASP C 380 -22.13 -26.93 15.20
CA ASP C 380 -22.80 -27.74 14.20
C ASP C 380 -23.30 -26.74 13.16
N LEU C 381 -23.88 -27.26 12.09
CA LEU C 381 -24.44 -26.41 11.05
C LEU C 381 -23.37 -25.51 10.47
N VAL C 382 -22.13 -25.98 10.50
CA VAL C 382 -20.97 -25.25 9.99
C VAL C 382 -20.71 -25.69 8.56
N ASP C 383 -20.37 -24.73 7.71
CA ASP C 383 -20.06 -24.98 6.30
C ASP C 383 -21.24 -25.57 5.54
N LYS C 384 -22.45 -25.42 6.07
CA LYS C 384 -23.64 -25.93 5.39
C LYS C 384 -24.18 -24.97 4.35
N VAL C 385 -23.63 -23.76 4.25
CA VAL C 385 -24.06 -22.80 3.25
C VAL C 385 -22.81 -22.25 2.57
N GLN C 386 -22.70 -22.46 1.26
CA GLN C 386 -21.58 -21.96 0.48
C GLN C 386 -21.82 -20.52 0.05
N PRO C 387 -20.76 -19.78 -0.26
CA PRO C 387 -20.94 -18.38 -0.66
C PRO C 387 -21.86 -18.24 -1.86
N GLY C 388 -22.70 -17.22 -1.82
CA GLY C 388 -23.64 -16.94 -2.89
C GLY C 388 -24.94 -17.72 -2.81
N ASP C 389 -25.10 -18.60 -1.84
CA ASP C 389 -26.32 -19.39 -1.72
C ASP C 389 -27.45 -18.55 -1.14
N ARG C 390 -28.61 -18.60 -1.79
CA ARG C 390 -29.80 -17.91 -1.31
C ARG C 390 -30.56 -18.85 -0.39
N VAL C 391 -30.59 -18.52 0.90
CA VAL C 391 -31.17 -19.38 1.92
C VAL C 391 -31.99 -18.56 2.90
N ASN C 392 -32.90 -19.24 3.59
CA ASN C 392 -33.63 -18.69 4.72
C ASN C 392 -32.97 -19.17 6.00
N VAL C 393 -32.43 -18.23 6.77
CA VAL C 393 -31.71 -18.55 8.00
C VAL C 393 -32.57 -18.10 9.17
N THR C 394 -32.81 -19.03 10.10
CA THR C 394 -33.59 -18.76 11.30
C THR C 394 -32.69 -18.90 12.51
N GLY C 395 -32.66 -17.86 13.34
CA GLY C 395 -31.76 -17.85 14.48
C GLY C 395 -32.18 -16.79 15.47
N ILE C 396 -31.40 -16.69 16.54
CA ILE C 396 -31.69 -15.78 17.63
C ILE C 396 -30.97 -14.47 17.38
N TYR C 397 -31.72 -13.38 17.37
CA TYR C 397 -31.12 -12.05 17.27
C TYR C 397 -30.29 -11.78 18.51
N ARG C 398 -29.11 -11.21 18.31
CA ARG C 398 -28.18 -11.00 19.41
C ARG C 398 -27.55 -9.62 19.30
N ALA C 399 -27.39 -8.96 20.45
CA ALA C 399 -26.65 -7.71 20.54
C ALA C 399 -25.61 -7.86 21.64
N VAL C 400 -24.38 -7.51 21.32
CA VAL C 400 -23.27 -7.66 22.26
C VAL C 400 -22.49 -6.35 22.33
N PRO C 401 -21.89 -6.01 23.47
CA PRO C 401 -21.14 -4.76 23.56
C PRO C 401 -19.80 -4.86 22.84
N ILE C 402 -19.26 -3.68 22.51
CA ILE C 402 -17.94 -3.57 21.93
C ILE C 402 -17.10 -2.67 22.83
N ARG C 403 -15.95 -3.18 23.26
CA ARG C 403 -15.09 -2.44 24.18
C ARG C 403 -14.28 -1.39 23.43
N VAL C 404 -14.21 -0.19 24.01
CA VAL C 404 -13.51 0.90 23.36
C VAL C 404 -12.05 0.54 23.15
N ASN C 405 -11.41 -0.04 24.17
CA ASN C 405 -10.06 -0.57 24.07
C ASN C 405 -10.04 -1.92 24.76
N PRO C 406 -9.37 -2.93 24.18
CA PRO C 406 -9.36 -4.25 24.83
C PRO C 406 -8.81 -4.21 26.24
N ARG C 407 -7.81 -3.36 26.50
CA ARG C 407 -7.25 -3.27 27.84
C ARG C 407 -8.25 -2.77 28.85
N VAL C 408 -9.04 -1.75 28.50
CA VAL C 408 -10.00 -1.17 29.42
C VAL C 408 -11.32 -1.92 29.29
N SER C 409 -12.14 -1.82 30.33
CA SER C 409 -13.43 -2.51 30.38
C SER C 409 -14.58 -1.65 29.87
N ASN C 410 -14.32 -0.40 29.50
CA ASN C 410 -15.39 0.46 29.01
C ASN C 410 -15.99 -0.11 27.72
N VAL C 411 -17.31 0.07 27.56
CA VAL C 411 -18.03 -0.45 26.42
C VAL C 411 -18.82 0.66 25.77
N LYS C 412 -18.98 0.56 24.45
CA LYS C 412 -19.77 1.53 23.71
C LYS C 412 -21.22 1.45 24.12
N SER C 413 -21.89 2.60 24.15
CA SER C 413 -23.32 2.62 24.47
C SER C 413 -24.16 2.07 23.33
N VAL C 414 -23.59 1.90 22.14
CA VAL C 414 -24.29 1.35 20.98
C VAL C 414 -23.74 -0.04 20.73
N TYR C 415 -24.64 -1.04 20.75
CA TYR C 415 -24.25 -2.43 20.62
C TYR C 415 -24.20 -2.85 19.16
N LYS C 416 -23.20 -3.65 18.81
CA LYS C 416 -23.19 -4.33 17.52
C LYS C 416 -23.98 -5.61 17.64
N THR C 417 -24.70 -5.95 16.58
CA THR C 417 -25.67 -7.03 16.64
C THR C 417 -25.40 -8.05 15.55
N HIS C 418 -25.74 -9.30 15.83
CA HIS C 418 -25.52 -10.41 14.92
C HIS C 418 -26.61 -11.45 15.15
N ILE C 419 -26.49 -12.60 14.50
CA ILE C 419 -27.47 -13.68 14.56
C ILE C 419 -26.77 -14.97 14.89
N ASP C 420 -27.34 -15.74 15.82
CA ASP C 420 -26.88 -17.10 16.12
C ASP C 420 -27.84 -18.05 15.43
N VAL C 421 -27.39 -18.62 14.31
CA VAL C 421 -28.29 -19.41 13.48
C VAL C 421 -28.78 -20.64 14.25
N ILE C 422 -30.03 -21.00 13.99
CA ILE C 422 -30.61 -22.22 14.51
C ILE C 422 -30.92 -23.21 13.38
N HIS C 423 -31.35 -22.72 12.23
CA HIS C 423 -31.71 -23.59 11.12
C HIS C 423 -31.49 -22.89 9.79
N TYR C 424 -31.09 -23.66 8.79
CA TYR C 424 -30.91 -23.22 7.43
C TYR C 424 -31.92 -23.92 6.53
N ARG C 425 -32.53 -23.16 5.62
CA ARG C 425 -33.42 -23.72 4.60
C ARG C 425 -32.94 -23.24 3.25
N LYS C 426 -32.40 -24.15 2.44
CA LYS C 426 -31.92 -23.78 1.12
C LYS C 426 -33.09 -23.39 0.23
N THR C 427 -33.00 -22.23 -0.41
CA THR C 427 -34.05 -21.75 -1.28
C THR C 427 -33.55 -20.62 -2.17
N LYS C 442 -47.25 -22.39 -2.37
CA LYS C 442 -47.76 -21.98 -3.67
C LYS C 442 -47.45 -20.52 -3.94
N LEU C 443 -47.91 -20.02 -5.08
CA LEU C 443 -47.65 -18.64 -5.51
C LEU C 443 -48.97 -17.91 -5.67
N PHE C 444 -49.07 -16.74 -5.04
CA PHE C 444 -50.24 -15.86 -5.15
C PHE C 444 -51.47 -16.67 -4.75
N SER C 445 -52.55 -16.66 -5.54
CA SER C 445 -53.77 -17.37 -5.21
C SER C 445 -54.36 -17.96 -6.47
N GLU C 446 -55.54 -18.58 -6.33
CA GLU C 446 -56.19 -19.18 -7.49
C GLU C 446 -56.55 -18.14 -8.55
N LYS C 447 -56.80 -16.90 -8.13
CA LYS C 447 -57.17 -15.87 -9.09
C LYS C 447 -56.04 -15.62 -10.08
N ARG C 448 -54.80 -15.55 -9.61
CA ARG C 448 -53.69 -15.26 -10.51
C ARG C 448 -53.44 -16.41 -11.48
N VAL C 449 -53.51 -17.65 -11.00
CA VAL C 449 -53.30 -18.79 -11.89
C VAL C 449 -54.43 -18.83 -12.94
N GLU C 450 -55.66 -18.58 -12.51
CA GLU C 450 -56.77 -18.55 -13.46
C GLU C 450 -56.56 -17.45 -14.50
N LEU C 451 -56.13 -16.27 -14.06
CA LEU C 451 -55.93 -15.16 -15.00
C LEU C 451 -54.83 -15.48 -16.00
N LEU C 452 -53.70 -16.02 -15.53
CA LEU C 452 -52.62 -16.32 -16.45
C LEU C 452 -53.03 -17.42 -17.43
N LYS C 453 -53.78 -18.41 -16.96
CA LYS C 453 -54.27 -19.43 -17.88
C LYS C 453 -55.20 -18.81 -18.92
N GLU C 454 -56.11 -17.95 -18.48
CA GLU C 454 -57.03 -17.29 -19.40
C GLU C 454 -56.29 -16.54 -20.49
N LEU C 455 -55.34 -15.68 -20.08
CA LEU C 455 -54.60 -14.91 -21.08
C LEU C 455 -53.70 -15.82 -21.92
N SER C 456 -53.31 -16.99 -21.39
CA SER C 456 -52.57 -17.94 -22.20
C SER C 456 -53.44 -18.53 -23.31
N ARG C 457 -54.74 -18.67 -23.04
CA ARG C 457 -55.64 -19.21 -24.05
C ARG C 457 -55.72 -18.31 -25.29
N LYS C 458 -55.34 -17.04 -25.17
CA LYS C 458 -55.42 -16.14 -26.31
C LYS C 458 -54.51 -16.66 -27.43
N PRO C 459 -55.01 -16.76 -28.67
CA PRO C 459 -54.15 -17.24 -29.76
C PRO C 459 -52.89 -16.42 -29.95
N ASP C 460 -52.98 -15.10 -29.78
CA ASP C 460 -51.85 -14.21 -29.98
C ASP C 460 -51.17 -13.83 -28.68
N ILE C 461 -51.25 -14.70 -27.66
CA ILE C 461 -50.65 -14.39 -26.37
C ILE C 461 -49.15 -14.15 -26.53
N TYR C 462 -48.52 -14.87 -27.45
CA TYR C 462 -47.09 -14.65 -27.71
C TYR C 462 -46.84 -13.23 -28.20
N GLU C 463 -47.57 -12.81 -29.25
CA GLU C 463 -47.38 -11.48 -29.79
C GLU C 463 -47.76 -10.42 -28.78
N ARG C 464 -48.86 -10.63 -28.05
CA ARG C 464 -49.29 -9.66 -27.05
C ARG C 464 -48.25 -9.51 -25.95
N LEU C 465 -47.70 -10.62 -25.48
CA LEU C 465 -46.66 -10.56 -24.47
C LEU C 465 -45.43 -9.84 -25.00
N ALA C 466 -45.05 -10.11 -26.24
CA ALA C 466 -43.92 -9.40 -26.84
C ALA C 466 -44.18 -7.90 -26.86
N SER C 467 -45.38 -7.49 -27.26
CA SER C 467 -45.71 -6.07 -27.30
C SER C 467 -45.66 -5.45 -25.91
N ALA C 468 -46.18 -6.17 -24.92
CA ALA C 468 -46.19 -5.62 -23.55
C ALA C 468 -44.78 -5.39 -23.04
N LEU C 469 -43.85 -6.28 -23.37
CA LEU C 469 -42.48 -6.13 -22.93
C LEU C 469 -41.89 -4.82 -23.45
N ALA C 470 -41.26 -4.06 -22.56
CA ALA C 470 -40.57 -2.83 -22.90
C ALA C 470 -41.42 -1.95 -23.81
N PRO C 471 -42.51 -1.37 -23.30
CA PRO C 471 -43.36 -0.54 -24.16
C PRO C 471 -42.63 0.65 -24.75
N SER C 472 -41.64 1.19 -24.03
CA SER C 472 -40.95 2.38 -24.51
C SER C 472 -40.33 2.14 -25.88
N ILE C 473 -39.83 0.92 -26.13
CA ILE C 473 -39.18 0.64 -27.41
C ILE C 473 -40.25 0.59 -28.50
N TYR C 474 -39.81 0.77 -29.73
CA TYR C 474 -40.73 0.89 -30.87
C TYR C 474 -40.14 0.20 -32.08
N GLU C 475 -40.99 -0.53 -32.80
CA GLU C 475 -40.67 -1.10 -34.10
C GLU C 475 -39.75 -2.32 -34.00
N HIS C 476 -39.28 -2.65 -32.80
CA HIS C 476 -38.49 -3.85 -32.59
C HIS C 476 -39.40 -4.98 -32.12
N GLU C 477 -39.47 -6.05 -32.92
CA GLU C 477 -40.29 -7.20 -32.60
C GLU C 477 -39.47 -8.47 -32.45
N ASP C 478 -38.58 -8.75 -33.40
CA ASP C 478 -37.75 -9.95 -33.28
C ASP C 478 -36.87 -9.89 -32.05
N ILE C 479 -36.26 -8.73 -31.79
CA ILE C 479 -35.42 -8.60 -30.60
C ILE C 479 -36.23 -8.78 -29.34
N LYS C 480 -37.43 -8.20 -29.30
CA LYS C 480 -38.27 -8.33 -28.12
C LYS C 480 -38.69 -9.77 -27.90
N LYS C 481 -39.05 -10.47 -28.98
CA LYS C 481 -39.42 -11.87 -28.87
C LYS C 481 -38.25 -12.71 -28.37
N GLY C 482 -37.05 -12.44 -28.88
CA GLY C 482 -35.89 -13.17 -28.42
C GLY C 482 -35.63 -12.96 -26.94
N ILE C 483 -35.68 -11.70 -26.49
CA ILE C 483 -35.44 -11.45 -25.08
C ILE C 483 -36.53 -12.06 -24.23
N LEU C 484 -37.78 -12.09 -24.72
CA LEU C 484 -38.85 -12.75 -23.98
C LEU C 484 -38.59 -14.24 -23.83
N LEU C 485 -38.22 -14.90 -24.94
CA LEU C 485 -37.89 -16.32 -24.85
C LEU C 485 -36.73 -16.54 -23.89
N GLN C 486 -35.77 -15.63 -23.88
CA GLN C 486 -34.68 -15.73 -22.93
C GLN C 486 -35.20 -15.65 -21.49
N LEU C 487 -36.12 -14.72 -21.24
CA LEU C 487 -36.73 -14.62 -19.93
C LEU C 487 -37.34 -15.97 -19.53
N PHE C 488 -38.12 -16.56 -20.43
CA PHE C 488 -38.69 -17.87 -20.16
C PHE C 488 -37.62 -18.95 -20.14
N GLY C 489 -36.69 -18.90 -21.08
CA GLY C 489 -35.60 -19.86 -21.14
C GLY C 489 -36.08 -21.27 -21.44
N GLY C 490 -35.15 -22.17 -21.74
CA GLY C 490 -35.49 -23.55 -22.00
C GLY C 490 -35.73 -24.33 -20.73
N THR C 491 -36.30 -25.51 -20.90
CA THR C 491 -36.62 -26.37 -19.77
C THR C 491 -35.34 -26.96 -19.18
N ARG C 492 -35.31 -27.07 -17.86
CA ARG C 492 -34.20 -27.72 -17.19
C ARG C 492 -34.19 -29.20 -17.53
N LYS C 493 -33.01 -29.74 -17.81
CA LYS C 493 -32.85 -31.12 -18.23
C LYS C 493 -31.70 -31.75 -17.49
N ASP C 494 -31.84 -33.03 -17.13
CA ASP C 494 -30.85 -33.76 -16.36
C ASP C 494 -30.19 -34.78 -17.26
N PHE C 495 -28.92 -34.54 -17.62
CA PHE C 495 -28.14 -35.44 -18.46
C PHE C 495 -27.07 -36.19 -17.67
N SER C 496 -27.20 -36.24 -16.34
CA SER C 496 -26.20 -36.93 -15.53
C SER C 496 -26.12 -38.40 -15.90
N HIS C 497 -27.26 -39.05 -16.09
CA HIS C 497 -27.25 -40.46 -16.46
C HIS C 497 -26.59 -40.67 -17.82
N THR C 498 -26.88 -39.79 -18.78
CA THR C 498 -26.35 -39.95 -20.13
C THR C 498 -24.84 -39.77 -20.17
N GLY C 499 -24.24 -39.16 -19.16
CA GLY C 499 -22.81 -38.94 -19.13
C GLY C 499 -22.33 -37.83 -20.05
N ARG C 500 -23.23 -37.04 -20.61
CA ARG C 500 -22.87 -35.94 -21.50
C ARG C 500 -22.60 -34.65 -20.76
N GLY C 501 -22.78 -34.62 -19.44
CA GLY C 501 -22.57 -33.41 -18.68
C GLY C 501 -23.78 -32.51 -18.69
N LYS C 502 -23.66 -31.40 -17.96
CA LYS C 502 -24.75 -30.45 -17.86
C LYS C 502 -25.05 -29.82 -19.22
N PHE C 503 -26.32 -29.54 -19.46
CA PHE C 503 -26.78 -28.91 -20.69
C PHE C 503 -27.19 -27.48 -20.40
N ARG C 504 -26.73 -26.56 -21.24
CA ARG C 504 -27.04 -25.14 -21.06
C ARG C 504 -28.47 -24.87 -21.48
N ALA C 505 -29.40 -24.97 -20.54
CA ALA C 505 -30.81 -24.69 -20.83
C ALA C 505 -31.09 -23.20 -20.94
N GLU C 506 -30.17 -22.34 -20.52
CA GLU C 506 -30.38 -20.91 -20.60
C GLU C 506 -30.07 -20.40 -22.00
N ILE C 507 -30.66 -19.26 -22.34
CA ILE C 507 -30.54 -18.65 -23.66
C ILE C 507 -29.69 -17.40 -23.52
N ASN C 508 -28.65 -17.30 -24.36
CA ASN C 508 -27.73 -16.16 -24.36
C ASN C 508 -27.95 -15.37 -25.63
N ILE C 509 -28.24 -14.08 -25.49
CA ILE C 509 -28.57 -13.22 -26.62
C ILE C 509 -27.64 -12.03 -26.62
N LEU C 510 -27.08 -11.72 -27.79
CA LEU C 510 -26.19 -10.58 -27.95
C LEU C 510 -26.83 -9.57 -28.88
N LEU C 511 -27.18 -8.41 -28.33
CA LEU C 511 -27.74 -7.31 -29.09
C LEU C 511 -26.59 -6.43 -29.56
N CYS C 512 -26.32 -6.44 -30.86
CA CYS C 512 -25.25 -5.67 -31.46
C CYS C 512 -25.87 -4.54 -32.27
N GLY C 513 -25.45 -3.31 -31.99
CA GLY C 513 -26.03 -2.18 -32.68
C GLY C 513 -25.26 -0.90 -32.43
N ASP C 514 -25.48 0.05 -33.32
CA ASP C 514 -24.83 1.35 -33.23
C ASP C 514 -25.39 2.13 -32.05
N PRO C 515 -24.62 3.08 -31.51
CA PRO C 515 -25.13 3.85 -30.38
C PRO C 515 -26.42 4.56 -30.78
N GLY C 516 -27.38 4.54 -29.86
CA GLY C 516 -28.65 5.20 -30.06
C GLY C 516 -29.76 4.31 -30.57
N THR C 517 -29.57 3.00 -30.59
CA THR C 517 -30.61 2.06 -31.00
C THR C 517 -31.40 1.52 -29.81
N SER C 518 -31.23 2.09 -28.63
CA SER C 518 -32.00 1.71 -27.45
C SER C 518 -31.54 0.39 -26.86
N LYS C 519 -30.28 0.03 -27.08
CA LYS C 519 -29.77 -1.22 -26.51
C LYS C 519 -29.77 -1.15 -24.98
N SER C 520 -29.16 -0.10 -24.42
CA SER C 520 -29.06 0.00 -22.98
C SER C 520 -30.43 0.14 -22.34
N GLN C 521 -31.38 0.75 -23.04
CA GLN C 521 -32.74 0.84 -22.51
C GLN C 521 -33.34 -0.56 -22.36
N LEU C 522 -33.17 -1.42 -23.36
CA LEU C 522 -33.67 -2.79 -23.25
C LEU C 522 -32.96 -3.53 -22.12
N LEU C 523 -31.64 -3.37 -22.02
CA LEU C 523 -30.92 -4.07 -20.97
C LEU C 523 -31.41 -3.66 -19.59
N GLN C 524 -31.55 -2.35 -19.37
CA GLN C 524 -32.04 -1.87 -18.08
C GLN C 524 -33.47 -2.35 -17.82
N TYR C 525 -34.33 -2.30 -18.83
CA TYR C 525 -35.70 -2.72 -18.64
C TYR C 525 -35.78 -4.20 -18.25
N VAL C 526 -34.99 -5.04 -18.92
CA VAL C 526 -34.97 -6.46 -18.58
C VAL C 526 -34.43 -6.65 -17.17
N TYR C 527 -33.35 -5.93 -16.83
CA TYR C 527 -32.83 -6.00 -15.47
C TYR C 527 -33.82 -5.48 -14.45
N ASN C 528 -34.65 -4.51 -14.84
CA ASN C 528 -35.64 -3.93 -13.95
C ASN C 528 -36.92 -4.74 -13.87
N LEU C 529 -37.02 -5.84 -14.64
CA LEU C 529 -38.21 -6.67 -14.66
C LEU C 529 -37.99 -8.05 -14.07
N VAL C 530 -37.00 -8.78 -14.56
CA VAL C 530 -36.78 -10.15 -14.10
C VAL C 530 -36.33 -10.11 -12.63
N PRO C 531 -36.80 -11.01 -11.79
CA PRO C 531 -36.28 -11.07 -10.42
C PRO C 531 -34.85 -11.59 -10.40
N ARG C 532 -34.14 -11.25 -9.33
CA ARG C 532 -32.75 -11.65 -9.12
C ARG C 532 -31.91 -11.43 -10.39
N GLY C 533 -32.21 -10.36 -11.13
CA GLY C 533 -31.41 -10.01 -12.27
C GLY C 533 -30.23 -9.13 -11.89
N GLN C 534 -29.23 -9.09 -12.76
CA GLN C 534 -28.03 -8.31 -12.53
C GLN C 534 -27.64 -7.55 -13.79
N TYR C 535 -27.31 -6.28 -13.62
CA TYR C 535 -26.84 -5.43 -14.70
C TYR C 535 -25.39 -5.07 -14.45
N THR C 536 -24.57 -5.14 -15.51
CA THR C 536 -23.15 -4.87 -15.39
C THR C 536 -22.65 -4.32 -16.72
N SER C 537 -21.49 -3.67 -16.68
CA SER C 537 -20.86 -3.10 -17.85
C SER C 537 -19.62 -3.89 -18.21
N GLY C 538 -19.36 -4.04 -19.50
CA GLY C 538 -18.19 -4.78 -19.93
C GLY C 538 -16.90 -4.16 -19.45
N LYS C 539 -16.88 -2.85 -19.25
CA LYS C 539 -15.69 -2.19 -18.71
C LYS C 539 -15.35 -2.76 -17.35
N GLY C 540 -14.05 -2.90 -17.09
CA GLY C 540 -13.61 -3.28 -15.77
C GLY C 540 -13.98 -2.28 -14.70
N SER C 541 -14.30 -1.05 -15.09
CA SER C 541 -14.72 -0.03 -14.15
C SER C 541 -16.12 -0.26 -13.61
N SER C 542 -16.84 -1.25 -14.13
CA SER C 542 -18.19 -1.52 -13.66
C SER C 542 -18.21 -1.71 -12.15
N ALA C 543 -19.21 -1.10 -11.51
CA ALA C 543 -19.27 -1.14 -10.04
C ALA C 543 -19.41 -2.56 -9.53
N VAL C 544 -20.01 -3.45 -10.30
CA VAL C 544 -20.23 -4.83 -9.85
C VAL C 544 -19.01 -5.68 -10.22
N GLY C 545 -18.71 -5.75 -11.51
CA GLY C 545 -17.59 -6.55 -11.99
C GLY C 545 -18.01 -7.95 -12.39
N LEU C 546 -17.59 -8.37 -13.58
CA LEU C 546 -17.98 -9.67 -14.11
C LEU C 546 -16.91 -10.73 -13.80
N THR C 547 -16.64 -10.89 -12.51
CA THR C 547 -15.66 -11.86 -12.06
C THR C 547 -15.64 -11.87 -10.54
N ALA C 548 -15.15 -12.97 -9.97
CA ALA C 548 -14.99 -13.11 -8.55
C ALA C 548 -13.52 -13.27 -8.22
N TYR C 549 -13.12 -12.79 -7.04
CA TYR C 549 -11.71 -12.83 -6.67
C TYR C 549 -11.58 -12.73 -5.15
N VAL C 550 -10.41 -13.14 -4.66
CA VAL C 550 -10.16 -13.17 -3.22
C VAL C 550 -9.52 -11.86 -2.79
N MET C 551 -10.02 -11.28 -1.70
CA MET C 551 -9.48 -10.06 -1.14
C MET C 551 -9.40 -10.19 0.37
N LYS C 552 -8.46 -9.45 0.97
CA LYS C 552 -8.30 -9.49 2.41
C LYS C 552 -9.42 -8.72 3.10
N ASP C 553 -9.89 -9.25 4.22
CA ASP C 553 -10.99 -8.64 4.96
C ASP C 553 -10.55 -7.32 5.59
N ARG C 557 -7.98 -8.92 7.86
CA ARG C 557 -7.15 -9.14 6.69
C ARG C 557 -7.31 -10.56 6.16
N GLN C 558 -8.43 -11.18 6.48
CA GLN C 558 -8.71 -12.54 6.02
C GLN C 558 -8.94 -12.54 4.51
N LEU C 559 -8.18 -13.37 3.80
CA LEU C 559 -8.30 -13.48 2.35
C LEU C 559 -9.53 -14.31 2.04
N VAL C 560 -10.67 -13.64 1.94
CA VAL C 560 -11.94 -14.28 1.67
C VAL C 560 -12.38 -13.93 0.25
N LEU C 561 -13.19 -14.81 -0.34
CA LEU C 561 -13.63 -14.63 -1.71
C LEU C 561 -14.76 -13.61 -1.78
N GLN C 562 -14.82 -12.89 -2.89
CA GLN C 562 -15.92 -11.99 -3.22
C GLN C 562 -16.44 -12.39 -4.60
N THR C 563 -17.74 -12.61 -4.68
CA THR C 563 -18.36 -13.14 -5.88
C THR C 563 -18.52 -12.06 -6.94
N GLY C 564 -18.69 -12.49 -8.19
CA GLY C 564 -18.92 -11.60 -9.31
C GLY C 564 -20.38 -11.57 -9.72
N ALA C 565 -20.65 -10.77 -10.74
CA ALA C 565 -22.01 -10.66 -11.26
C ALA C 565 -22.50 -11.99 -11.81
N LEU C 566 -21.65 -12.69 -12.55
CA LEU C 566 -22.07 -13.96 -13.15
C LEU C 566 -22.48 -14.96 -12.08
N VAL C 567 -21.63 -15.16 -11.07
CA VAL C 567 -21.97 -16.07 -9.99
C VAL C 567 -23.15 -15.53 -9.20
N LEU C 568 -23.24 -14.21 -9.07
CA LEU C 568 -24.34 -13.62 -8.30
C LEU C 568 -25.69 -13.99 -8.91
N SER C 569 -25.80 -13.92 -10.24
CA SER C 569 -27.04 -14.26 -10.93
C SER C 569 -26.96 -15.70 -11.45
N ASP C 570 -26.92 -16.63 -10.49
CA ASP C 570 -26.78 -18.03 -10.85
C ASP C 570 -27.97 -18.52 -11.68
N ASN C 571 -29.19 -18.13 -11.29
CA ASN C 571 -30.39 -18.50 -12.02
C ASN C 571 -31.12 -17.30 -12.61
N GLY C 572 -30.60 -16.10 -12.40
CA GLY C 572 -31.19 -14.90 -12.95
C GLY C 572 -30.68 -14.61 -14.35
N ILE C 573 -30.70 -13.34 -14.72
CA ILE C 573 -30.27 -12.87 -16.03
C ILE C 573 -29.20 -11.82 -15.83
N CYS C 574 -28.04 -12.01 -16.45
CA CYS C 574 -26.92 -11.08 -16.36
C CYS C 574 -26.96 -10.21 -17.60
N CYS C 575 -27.42 -8.97 -17.43
CA CYS C 575 -27.44 -8.01 -18.52
C CYS C 575 -26.09 -7.31 -18.57
N ILE C 576 -25.27 -7.67 -19.54
CA ILE C 576 -23.94 -7.09 -19.72
C ILE C 576 -24.07 -5.97 -20.75
N ASP C 577 -23.67 -4.77 -20.37
CA ASP C 577 -23.66 -3.65 -21.29
C ASP C 577 -22.22 -3.32 -21.68
N GLU C 578 -22.06 -2.79 -22.89
CA GLU C 578 -20.73 -2.51 -23.44
C GLU C 578 -19.90 -3.79 -23.48
N PHE C 579 -20.54 -4.90 -23.84
CA PHE C 579 -19.87 -6.19 -23.87
C PHE C 579 -18.69 -6.20 -24.83
N ASP C 580 -18.67 -5.30 -25.80
CA ASP C 580 -17.59 -5.29 -26.78
C ASP C 580 -16.24 -5.03 -26.12
N LYS C 581 -16.19 -4.06 -25.21
CA LYS C 581 -14.93 -3.65 -24.58
C LYS C 581 -14.73 -4.50 -23.33
N MET C 582 -13.89 -5.53 -23.45
CA MET C 582 -13.58 -6.40 -22.33
C MET C 582 -12.15 -6.89 -22.49
N ASN C 583 -11.51 -7.17 -21.36
CA ASN C 583 -10.15 -7.68 -21.38
C ASN C 583 -10.15 -9.17 -21.71
N GLU C 584 -9.01 -9.65 -22.20
CA GLU C 584 -8.93 -11.04 -22.66
C GLU C 584 -9.21 -12.01 -21.51
N SER C 585 -8.77 -11.67 -20.30
CA SER C 585 -9.03 -12.54 -19.16
C SER C 585 -10.54 -12.65 -18.91
N THR C 586 -11.25 -11.52 -18.96
CA THR C 586 -12.70 -11.57 -18.79
C THR C 586 -13.36 -12.28 -19.97
N ARG C 587 -12.79 -12.17 -21.17
CA ARG C 587 -13.31 -12.95 -22.29
C ARG C 587 -13.19 -14.44 -22.03
N SER C 588 -12.05 -14.87 -21.49
CA SER C 588 -11.88 -16.29 -21.17
C SER C 588 -12.86 -16.73 -20.09
N VAL C 589 -13.06 -15.87 -19.08
CA VAL C 589 -14.03 -16.19 -18.04
C VAL C 589 -15.43 -16.33 -18.63
N LEU C 590 -15.80 -15.41 -19.53
CA LEU C 590 -17.11 -15.49 -20.17
C LEU C 590 -17.24 -16.76 -20.99
N HIS C 591 -16.19 -17.13 -21.73
CA HIS C 591 -16.24 -18.37 -22.50
C HIS C 591 -16.44 -19.56 -21.59
N GLU C 592 -15.71 -19.60 -20.48
CA GLU C 592 -15.84 -20.72 -19.55
C GLU C 592 -17.25 -20.81 -18.99
N VAL C 593 -17.82 -19.67 -18.57
CA VAL C 593 -19.13 -19.71 -17.94
C VAL C 593 -20.20 -20.06 -18.96
N MET C 594 -20.10 -19.53 -20.18
CA MET C 594 -21.07 -19.87 -21.21
C MET C 594 -20.94 -21.32 -21.66
N GLU C 595 -19.75 -21.91 -21.57
CA GLU C 595 -19.59 -23.30 -21.97
C GLU C 595 -20.06 -24.25 -20.87
N GLN C 596 -19.43 -24.19 -19.70
CA GLN C 596 -19.68 -25.16 -18.63
C GLN C 596 -20.72 -24.69 -17.63
N GLN C 597 -21.27 -23.49 -17.79
CA GLN C 597 -22.21 -22.92 -16.84
C GLN C 597 -21.61 -22.81 -15.44
N THR C 598 -20.28 -22.76 -15.35
CA THR C 598 -19.61 -22.65 -14.06
C THR C 598 -18.35 -21.83 -14.21
N LEU C 599 -17.90 -21.26 -13.11
CA LEU C 599 -16.72 -20.41 -13.07
C LEU C 599 -15.67 -21.04 -12.16
N SER C 600 -14.46 -21.21 -12.69
CA SER C 600 -13.36 -21.81 -11.95
C SER C 600 -12.46 -20.72 -11.40
N ILE C 601 -12.25 -20.74 -10.09
CA ILE C 601 -11.42 -19.74 -9.41
C ILE C 601 -10.37 -20.47 -8.60
N ALA C 602 -9.10 -20.07 -8.77
CA ALA C 602 -7.99 -20.72 -8.09
C ALA C 602 -7.62 -19.88 -6.86
N LYS C 603 -8.37 -20.09 -5.79
CA LYS C 603 -8.11 -19.38 -4.55
C LYS C 603 -7.05 -20.12 -3.77
N ALA C 604 -6.06 -19.38 -3.26
CA ALA C 604 -4.90 -20.02 -2.64
C ALA C 604 -4.32 -21.01 -3.64
N GLY C 605 -4.55 -22.30 -3.43
CA GLY C 605 -4.15 -23.31 -4.38
C GLY C 605 -5.31 -24.14 -4.87
N ILE C 606 -6.42 -24.11 -4.13
CA ILE C 606 -7.59 -24.92 -4.46
C ILE C 606 -8.38 -24.26 -5.57
N ILE C 607 -8.89 -25.07 -6.48
CA ILE C 607 -9.72 -24.62 -7.59
C ILE C 607 -11.17 -24.92 -7.24
N CYS C 608 -11.99 -23.88 -7.19
CA CYS C 608 -13.40 -23.99 -6.85
C CYS C 608 -14.24 -23.66 -8.06
N GLN C 609 -15.23 -24.50 -8.34
CA GLN C 609 -16.14 -24.34 -9.47
C GLN C 609 -17.46 -23.83 -8.93
N LEU C 610 -17.65 -22.52 -8.96
CA LEU C 610 -18.91 -21.91 -8.58
C LEU C 610 -19.90 -22.10 -9.72
N ASN C 611 -21.00 -22.81 -9.44
CA ASN C 611 -22.01 -23.02 -10.45
C ASN C 611 -22.68 -21.69 -10.79
N ALA C 612 -22.76 -21.38 -12.08
CA ALA C 612 -23.40 -20.16 -12.57
C ALA C 612 -24.14 -20.52 -13.86
N ARG C 613 -25.40 -20.91 -13.72
CA ARG C 613 -26.25 -21.23 -14.85
C ARG C 613 -27.05 -20.01 -15.29
N THR C 614 -26.35 -18.91 -15.53
CA THR C 614 -27.00 -17.63 -15.80
C THR C 614 -27.41 -17.54 -17.27
N SER C 615 -28.28 -16.56 -17.53
CA SER C 615 -28.72 -16.22 -18.87
C SER C 615 -28.05 -14.91 -19.24
N VAL C 616 -27.16 -14.95 -20.22
CA VAL C 616 -26.35 -13.79 -20.58
C VAL C 616 -27.08 -12.98 -21.64
N LEU C 617 -27.37 -11.72 -21.34
CA LEU C 617 -27.97 -10.78 -22.28
C LEU C 617 -26.94 -9.67 -22.49
N ALA C 618 -26.13 -9.82 -23.52
CA ALA C 618 -25.02 -8.90 -23.77
C ALA C 618 -25.44 -7.86 -24.80
N ALA C 619 -24.86 -6.66 -24.67
CA ALA C 619 -25.06 -5.57 -25.62
C ALA C 619 -23.70 -5.10 -26.10
N ALA C 620 -23.54 -4.98 -27.41
CA ALA C 620 -22.29 -4.58 -28.02
C ALA C 620 -22.53 -3.43 -29.00
N ASN C 621 -21.66 -2.44 -28.95
CA ASN C 621 -21.69 -1.32 -29.87
C ASN C 621 -20.51 -1.43 -30.83
N PRO C 622 -20.72 -1.32 -32.14
CA PRO C 622 -19.62 -1.50 -33.07
C PRO C 622 -18.53 -0.47 -32.86
N ILE C 623 -17.28 -0.89 -33.08
CA ILE C 623 -16.19 0.07 -33.03
C ILE C 623 -16.40 1.12 -34.12
N GLU C 624 -15.68 2.23 -33.98
CA GLU C 624 -15.85 3.38 -34.85
C GLU C 624 -17.20 4.05 -34.58
N SER C 625 -17.42 5.24 -35.14
CA SER C 625 -18.64 5.98 -34.84
C SER C 625 -19.87 5.21 -35.28
N GLN C 626 -19.84 4.61 -36.46
CA GLN C 626 -20.97 3.88 -37.03
C GLN C 626 -20.51 2.49 -37.44
N TRP C 627 -21.46 1.68 -37.87
CA TRP C 627 -21.20 0.32 -38.32
C TRP C 627 -20.88 0.33 -39.80
N ASN C 628 -19.70 -0.16 -40.16
CA ASN C 628 -19.31 -0.22 -41.56
C ASN C 628 -19.96 -1.44 -42.21
N PRO C 629 -20.79 -1.27 -43.23
CA PRO C 629 -21.40 -2.43 -43.87
C PRO C 629 -20.36 -3.23 -44.65
N LYS C 630 -20.79 -4.39 -45.13
CA LYS C 630 -19.99 -5.33 -45.89
C LYS C 630 -18.93 -6.01 -45.02
N LYS C 631 -18.86 -5.71 -43.73
CA LYS C 631 -17.93 -6.33 -42.82
C LYS C 631 -18.69 -7.21 -41.84
N THR C 632 -18.18 -8.42 -41.61
CA THR C 632 -18.86 -9.34 -40.72
C THR C 632 -18.91 -8.77 -39.30
N THR C 633 -19.90 -9.23 -38.54
CA THR C 633 -20.03 -8.77 -37.16
C THR C 633 -18.73 -8.99 -36.40
N ILE C 634 -18.02 -10.07 -36.69
CA ILE C 634 -16.76 -10.34 -36.00
C ILE C 634 -15.76 -9.23 -36.31
N GLU C 635 -15.64 -8.87 -37.58
CA GLU C 635 -14.71 -7.82 -37.96
C GLU C 635 -15.08 -6.49 -37.33
N ASN C 636 -16.38 -6.17 -37.30
CA ASN C 636 -16.83 -4.87 -36.85
C ASN C 636 -17.01 -4.78 -35.35
N ILE C 637 -16.84 -5.89 -34.62
CA ILE C 637 -16.92 -5.89 -33.16
C ILE C 637 -15.60 -6.33 -32.58
N GLN C 638 -14.84 -7.13 -33.34
CA GLN C 638 -13.53 -7.61 -32.92
C GLN C 638 -13.62 -8.33 -31.58
N LEU C 639 -14.35 -9.45 -31.61
CA LEU C 639 -14.43 -10.39 -30.50
C LEU C 639 -14.14 -11.79 -31.02
N PRO C 640 -13.68 -12.69 -30.15
CA PRO C 640 -13.32 -14.03 -30.63
C PRO C 640 -14.47 -14.71 -31.33
N HIS C 641 -14.15 -15.45 -32.39
CA HIS C 641 -15.19 -16.15 -33.14
C HIS C 641 -15.85 -17.21 -32.27
N THR C 642 -15.06 -17.91 -31.44
CA THR C 642 -15.63 -18.93 -30.58
C THR C 642 -16.62 -18.33 -29.59
N LEU C 643 -16.25 -17.22 -28.96
CA LEU C 643 -17.11 -16.64 -27.93
C LEU C 643 -18.45 -16.23 -28.51
N LEU C 644 -18.44 -15.60 -29.69
CA LEU C 644 -19.70 -15.21 -30.31
C LEU C 644 -20.45 -16.42 -30.86
N SER C 645 -19.74 -17.46 -31.26
CA SER C 645 -20.41 -18.68 -31.68
C SER C 645 -21.15 -19.33 -30.53
N ARG C 646 -20.69 -19.10 -29.30
CA ARG C 646 -21.39 -19.64 -28.13
C ARG C 646 -22.79 -19.03 -28.02
N PHE C 647 -22.94 -17.76 -28.36
CA PHE C 647 -24.25 -17.11 -28.30
C PHE C 647 -25.24 -17.82 -29.21
N ASP C 648 -26.46 -18.00 -28.70
CA ASP C 648 -27.51 -18.66 -29.47
C ASP C 648 -28.36 -17.70 -30.31
N LEU C 649 -28.18 -16.40 -30.14
CA LEU C 649 -28.87 -15.42 -30.98
C LEU C 649 -28.08 -14.13 -30.99
N ILE C 650 -27.72 -13.66 -32.18
CA ILE C 650 -27.04 -12.39 -32.38
C ILE C 650 -28.02 -11.50 -33.13
N PHE C 651 -28.53 -10.48 -32.47
CA PHE C 651 -29.50 -9.57 -33.06
C PHE C 651 -28.81 -8.28 -33.45
N LEU C 652 -28.85 -7.95 -34.73
CA LEU C 652 -28.23 -6.75 -35.27
C LEU C 652 -29.29 -5.68 -35.44
N MET C 653 -29.08 -4.54 -34.80
CA MET C 653 -30.03 -3.44 -34.84
C MET C 653 -29.28 -2.16 -35.20
N LEU C 654 -29.82 -1.43 -36.17
CA LEU C 654 -29.17 -0.24 -36.70
C LEU C 654 -30.20 0.88 -36.83
N ASP C 655 -29.70 2.11 -36.92
CA ASP C 655 -30.56 3.26 -37.12
C ASP C 655 -30.65 3.56 -38.61
N PRO C 656 -31.70 3.13 -39.30
CA PRO C 656 -31.75 3.31 -40.74
C PRO C 656 -31.81 4.77 -41.12
N GLN C 657 -31.23 5.10 -42.28
CA GLN C 657 -31.26 6.45 -42.81
C GLN C 657 -32.57 6.68 -43.56
N ASP C 658 -33.70 6.40 -42.91
CA ASP C 658 -35.01 6.46 -43.53
C ASP C 658 -35.80 7.58 -42.90
N GLU C 659 -36.28 8.52 -43.73
CA GLU C 659 -37.07 9.63 -43.21
C GLU C 659 -38.37 9.16 -42.59
N ALA C 660 -39.01 8.15 -43.20
CA ALA C 660 -40.25 7.64 -42.66
C ALA C 660 -40.05 7.05 -41.28
N TYR C 661 -38.96 6.28 -41.10
CA TYR C 661 -38.68 5.71 -39.79
C TYR C 661 -38.43 6.81 -38.75
N ASP C 662 -37.68 7.84 -39.14
CA ASP C 662 -37.44 8.94 -38.22
C ASP C 662 -38.74 9.62 -37.83
N ARG C 663 -39.63 9.84 -38.81
CA ARG C 663 -40.91 10.47 -38.50
C ARG C 663 -41.74 9.61 -37.56
N ARG C 664 -41.78 8.31 -37.81
CA ARG C 664 -42.53 7.42 -36.93
C ARG C 664 -41.96 7.43 -35.52
N LEU C 665 -40.64 7.37 -35.40
CA LEU C 665 -40.01 7.38 -34.09
C LEU C 665 -40.28 8.70 -33.37
N ALA C 666 -40.23 9.81 -34.10
CA ALA C 666 -40.52 11.10 -33.49
C ALA C 666 -41.96 11.16 -33.01
N HIS C 667 -42.90 10.66 -33.81
CA HIS C 667 -44.28 10.63 -33.36
C HIS C 667 -44.43 9.78 -32.12
N HIS C 668 -43.77 8.62 -32.08
CA HIS C 668 -43.88 7.74 -30.91
C HIS C 668 -43.33 8.43 -29.67
N LEU C 669 -42.16 9.05 -29.79
CA LEU C 669 -41.55 9.71 -28.63
C LEU C 669 -42.40 10.87 -28.15
N VAL C 670 -42.91 11.69 -29.07
CA VAL C 670 -43.73 12.83 -28.67
C VAL C 670 -45.01 12.34 -28.02
N ALA C 671 -45.64 11.29 -28.57
CA ALA C 671 -46.83 10.74 -27.94
C ALA C 671 -46.53 10.27 -26.53
N LEU C 672 -45.38 9.60 -26.34
CA LEU C 672 -44.96 9.21 -25.00
C LEU C 672 -44.69 10.44 -24.14
N TYR C 673 -44.42 11.59 -24.74
CA TYR C 673 -44.14 12.80 -23.97
C TYR C 673 -45.41 13.40 -23.39
N TYR C 674 -46.37 13.76 -24.24
CA TYR C 674 -47.64 14.29 -23.77
C TYR C 674 -48.59 13.17 -23.42
N LEU C 685 -50.84 -3.89 -20.61
CA LEU C 685 -50.54 -4.93 -19.63
C LEU C 685 -49.44 -4.47 -18.69
N ASP C 686 -49.76 -4.34 -17.41
CA ASP C 686 -48.79 -3.91 -16.42
C ASP C 686 -47.67 -4.94 -16.28
N MET C 687 -46.47 -4.45 -15.98
CA MET C 687 -45.32 -5.35 -15.87
C MET C 687 -45.54 -6.40 -14.79
N ALA C 688 -46.40 -6.10 -13.81
CA ALA C 688 -46.61 -7.04 -12.70
C ALA C 688 -47.17 -8.36 -13.21
N VAL C 689 -48.17 -8.31 -14.09
CA VAL C 689 -48.79 -9.53 -14.58
C VAL C 689 -47.80 -10.31 -15.44
N LEU C 690 -46.98 -9.61 -16.23
CA LEU C 690 -45.95 -10.31 -17.00
C LEU C 690 -44.97 -11.02 -16.09
N LYS C 691 -44.52 -10.34 -15.04
CA LYS C 691 -43.57 -10.95 -14.11
C LYS C 691 -44.18 -12.17 -13.43
N ASP C 692 -45.44 -12.05 -13.01
CA ASP C 692 -46.12 -13.19 -12.38
C ASP C 692 -46.25 -14.34 -13.36
N TYR C 693 -46.59 -14.04 -14.61
CA TYR C 693 -46.72 -15.09 -15.61
C TYR C 693 -45.40 -15.81 -15.82
N ILE C 694 -44.31 -15.05 -15.91
CA ILE C 694 -42.99 -15.67 -16.09
C ILE C 694 -42.65 -16.53 -14.88
N ALA C 695 -42.91 -16.03 -13.68
CA ALA C 695 -42.62 -16.80 -12.48
C ALA C 695 -43.42 -18.09 -12.45
N TYR C 696 -44.70 -18.02 -12.81
CA TYR C 696 -45.52 -19.22 -12.82
C TYR C 696 -45.01 -20.22 -13.84
N ALA C 697 -44.63 -19.74 -15.03
CA ALA C 697 -44.11 -20.64 -16.04
C ALA C 697 -42.84 -21.32 -15.56
N HIS C 698 -41.93 -20.55 -14.94
CA HIS C 698 -40.71 -21.15 -14.43
C HIS C 698 -41.00 -22.17 -13.35
N SER C 699 -41.93 -21.86 -12.44
CA SER C 699 -42.15 -22.72 -11.28
C SER C 699 -42.85 -24.01 -11.66
N THR C 700 -43.87 -23.94 -12.52
CA THR C 700 -44.77 -25.06 -12.74
C THR C 700 -44.45 -25.85 -14.00
N ILE C 701 -44.41 -25.19 -15.15
CA ILE C 701 -44.38 -25.90 -16.42
C ILE C 701 -42.94 -26.25 -16.78
N MET C 702 -42.78 -27.33 -17.54
CA MET C 702 -41.46 -27.79 -17.97
C MET C 702 -41.63 -28.49 -19.31
N PRO C 703 -41.47 -27.76 -20.41
CA PRO C 703 -41.77 -28.34 -21.73
C PRO C 703 -40.94 -29.58 -22.01
N ARG C 704 -41.55 -30.50 -22.76
CA ARG C 704 -40.90 -31.73 -23.19
C ARG C 704 -41.11 -31.90 -24.69
N LEU C 705 -40.14 -32.51 -25.35
CA LEU C 705 -40.20 -32.65 -26.79
C LEU C 705 -41.34 -33.57 -27.19
N SER C 706 -41.70 -33.51 -28.47
CA SER C 706 -42.77 -34.32 -29.04
C SER C 706 -42.29 -34.91 -30.36
N GLU C 707 -42.91 -36.02 -30.74
CA GLU C 707 -42.49 -36.71 -31.96
C GLU C 707 -42.60 -35.80 -33.18
N GLU C 708 -43.71 -35.08 -33.28
CA GLU C 708 -43.87 -34.10 -34.36
C GLU C 708 -42.77 -33.05 -34.26
N ALA C 709 -42.52 -32.55 -33.05
CA ALA C 709 -41.47 -31.55 -32.88
C ALA C 709 -40.11 -32.13 -33.22
N SER C 710 -39.86 -33.39 -32.84
CA SER C 710 -38.59 -34.01 -33.17
C SER C 710 -38.38 -34.07 -34.67
N GLN C 711 -39.40 -34.52 -35.40
CA GLN C 711 -39.27 -34.62 -36.85
C GLN C 711 -39.09 -33.24 -37.48
N ALA C 712 -39.85 -32.26 -36.99
CA ALA C 712 -39.70 -30.91 -37.52
C ALA C 712 -38.30 -30.37 -37.28
N LEU C 713 -37.76 -30.61 -36.09
CA LEU C 713 -36.40 -30.17 -35.79
C LEU C 713 -35.41 -30.81 -36.75
N ILE C 714 -35.52 -32.12 -36.96
CA ILE C 714 -34.58 -32.81 -37.84
C ILE C 714 -34.68 -32.25 -39.25
N GLU C 715 -35.90 -32.06 -39.75
CA GLU C 715 -36.09 -31.54 -41.09
C GLU C 715 -35.50 -30.14 -41.22
N ALA C 716 -35.74 -29.29 -40.21
CA ALA C 716 -35.21 -27.94 -40.27
C ALA C 716 -33.69 -27.94 -40.28
N TYR C 717 -33.08 -28.79 -39.46
CA TYR C 717 -31.62 -28.82 -39.41
C TYR C 717 -31.05 -29.31 -40.73
N VAL C 718 -31.65 -30.35 -41.32
CA VAL C 718 -31.12 -30.85 -42.59
C VAL C 718 -31.31 -29.80 -43.68
N ASP C 719 -32.42 -29.06 -43.64
CA ASP C 719 -32.62 -27.98 -44.61
C ASP C 719 -31.55 -26.89 -44.44
N MET C 720 -31.24 -26.54 -43.19
CA MET C 720 -30.18 -25.57 -42.94
C MET C 720 -28.85 -26.09 -43.46
N ARG C 721 -28.58 -27.37 -43.24
CA ARG C 721 -27.36 -27.97 -43.76
C ARG C 721 -27.30 -27.82 -45.28
N LYS C 722 -28.39 -28.21 -45.96
CA LYS C 722 -28.44 -28.11 -47.41
C LYS C 722 -28.21 -26.68 -47.87
N ILE C 723 -28.82 -25.72 -47.20
CA ILE C 723 -28.60 -24.31 -47.54
C ILE C 723 -27.12 -23.96 -47.39
N GLY C 724 -26.49 -24.44 -46.32
CA GLY C 724 -25.08 -24.20 -46.13
C GLY C 724 -24.16 -25.00 -47.02
N SER C 725 -24.71 -25.95 -47.78
CA SER C 725 -23.88 -26.76 -48.67
C SER C 725 -23.18 -25.89 -49.70
N SER C 726 -23.91 -24.93 -50.28
CA SER C 726 -23.34 -24.05 -51.29
C SER C 726 -22.28 -23.14 -50.68
N VAL C 730 -20.30 -19.60 -43.49
CA VAL C 730 -20.93 -19.91 -42.21
C VAL C 730 -22.10 -20.86 -42.45
N SER C 731 -21.79 -22.15 -42.54
CA SER C 731 -22.80 -23.18 -42.74
C SER C 731 -23.45 -23.51 -41.39
N ALA C 732 -24.27 -24.56 -41.37
CA ALA C 732 -24.93 -24.98 -40.16
C ALA C 732 -23.98 -25.74 -39.25
N TYR C 733 -24.29 -25.71 -37.95
CA TYR C 733 -23.53 -26.42 -36.93
C TYR C 733 -24.51 -27.06 -35.95
N PRO C 734 -24.11 -28.14 -35.29
CA PRO C 734 -25.02 -28.73 -34.29
C PRO C 734 -25.36 -27.78 -33.15
N ARG C 735 -24.46 -26.86 -32.80
CA ARG C 735 -24.83 -25.85 -31.81
C ARG C 735 -26.08 -25.12 -32.22
N GLN C 736 -26.26 -24.90 -33.53
CA GLN C 736 -27.48 -24.29 -34.01
C GLN C 736 -28.69 -25.16 -33.68
N LEU C 737 -28.54 -26.48 -33.80
CA LEU C 737 -29.64 -27.36 -33.43
C LEU C 737 -29.94 -27.25 -31.94
N GLU C 738 -28.91 -27.17 -31.11
CA GLU C 738 -29.13 -26.98 -29.68
C GLU C 738 -29.88 -25.68 -29.41
N SER C 739 -29.49 -24.61 -30.10
CA SER C 739 -30.19 -23.34 -29.93
C SER C 739 -31.64 -23.46 -30.36
N LEU C 740 -31.89 -24.15 -31.48
CA LEU C 740 -33.26 -24.30 -31.95
C LEU C 740 -34.11 -25.07 -30.96
N ILE C 741 -33.58 -26.16 -30.40
CA ILE C 741 -34.35 -26.94 -29.44
C ILE C 741 -34.60 -26.14 -28.19
N ARG C 742 -33.60 -25.39 -27.73
CA ARG C 742 -33.80 -24.56 -26.54
C ARG C 742 -34.87 -23.51 -26.77
N LEU C 743 -34.82 -22.84 -27.94
CA LEU C 743 -35.83 -21.83 -28.25
C LEU C 743 -37.22 -22.45 -28.36
N ALA C 744 -37.30 -23.63 -28.97
CA ALA C 744 -38.60 -24.29 -29.07
C ALA C 744 -39.15 -24.62 -27.69
N GLU C 745 -38.30 -25.12 -26.79
CA GLU C 745 -38.75 -25.39 -25.44
C GLU C 745 -39.21 -24.10 -24.76
N ALA C 746 -38.47 -23.02 -24.95
CA ALA C 746 -38.88 -21.75 -24.34
C ALA C 746 -40.23 -21.29 -24.88
N HIS C 747 -40.44 -21.42 -26.18
CA HIS C 747 -41.71 -20.99 -26.76
C HIS C 747 -42.86 -21.84 -26.23
N ALA C 748 -42.65 -23.15 -26.14
CA ALA C 748 -43.66 -24.01 -25.53
C ALA C 748 -43.95 -23.57 -24.10
N LYS C 749 -42.91 -23.22 -23.35
CA LYS C 749 -43.12 -22.71 -22.00
C LYS C 749 -43.97 -21.45 -22.02
N VAL C 750 -43.74 -20.58 -23.01
CA VAL C 750 -44.55 -19.37 -23.14
C VAL C 750 -46.02 -19.74 -23.34
N ARG C 751 -46.28 -20.69 -24.23
CA ARG C 751 -47.65 -21.11 -24.46
C ARG C 751 -48.20 -21.98 -23.34
N LEU C 752 -47.37 -22.42 -22.40
CA LEU C 752 -47.78 -23.31 -21.32
C LEU C 752 -48.25 -24.66 -21.82
N SER C 753 -47.80 -25.08 -23.00
CA SER C 753 -48.24 -26.36 -23.57
C SER C 753 -47.72 -27.53 -22.76
N ASN C 754 -46.56 -27.40 -22.14
CA ASN C 754 -45.92 -28.49 -21.40
C ASN C 754 -45.33 -29.53 -22.34
N LYS C 755 -45.47 -29.32 -23.66
CA LYS C 755 -44.86 -30.20 -24.64
C LYS C 755 -44.54 -29.40 -25.89
N VAL C 756 -43.34 -29.60 -26.43
CA VAL C 756 -42.95 -28.89 -27.64
C VAL C 756 -43.88 -29.27 -28.77
N GLU C 757 -44.30 -28.28 -29.54
CA GLU C 757 -45.28 -28.46 -30.60
C GLU C 757 -44.74 -27.86 -31.89
N ALA C 758 -45.25 -28.36 -33.02
CA ALA C 758 -44.74 -27.92 -34.32
C ALA C 758 -44.81 -26.42 -34.47
N ILE C 759 -45.81 -25.77 -33.86
CA ILE C 759 -45.88 -24.32 -33.92
C ILE C 759 -44.66 -23.71 -33.25
N ASP C 760 -44.24 -24.28 -32.12
CA ASP C 760 -43.04 -23.82 -31.45
C ASP C 760 -41.82 -23.99 -32.34
N VAL C 761 -41.72 -25.12 -33.03
CA VAL C 761 -40.58 -25.36 -33.92
C VAL C 761 -40.56 -24.33 -35.03
N GLU C 762 -41.73 -24.05 -35.62
CA GLU C 762 -41.80 -23.06 -36.69
C GLU C 762 -41.38 -21.69 -36.19
N GLU C 763 -41.88 -21.29 -35.02
CA GLU C 763 -41.52 -19.98 -34.48
C GLU C 763 -40.03 -19.89 -34.19
N ALA C 764 -39.46 -20.95 -33.61
CA ALA C 764 -38.04 -20.95 -33.31
C ALA C 764 -37.21 -20.86 -34.57
N LYS C 765 -37.59 -21.62 -35.60
CA LYS C 765 -36.84 -21.59 -36.85
C LYS C 765 -36.92 -20.21 -37.48
N ARG C 766 -38.11 -19.60 -37.47
CA ARG C 766 -38.26 -18.28 -38.06
C ARG C 766 -37.42 -17.24 -37.32
N LEU C 767 -37.44 -17.29 -35.99
CA LEU C 767 -36.66 -16.34 -35.21
C LEU C 767 -35.16 -16.52 -35.46
N HIS C 768 -34.71 -17.78 -35.50
CA HIS C 768 -33.30 -18.03 -35.77
C HIS C 768 -32.91 -17.53 -37.15
N ARG C 769 -33.76 -17.76 -38.15
CA ARG C 769 -33.46 -17.27 -39.49
C ARG C 769 -33.40 -15.75 -39.51
N GLU C 770 -34.29 -15.08 -38.78
CA GLU C 770 -34.26 -13.63 -38.71
C GLU C 770 -32.94 -13.14 -38.11
N ALA C 771 -32.50 -13.74 -37.01
CA ALA C 771 -31.22 -13.34 -36.43
C ALA C 771 -30.08 -13.59 -37.40
N LEU C 772 -30.09 -14.74 -38.07
CA LEU C 772 -29.09 -15.04 -39.09
C LEU C 772 -29.05 -13.93 -40.13
N LYS C 773 -30.22 -13.59 -40.68
CA LYS C 773 -30.31 -12.50 -41.62
C LYS C 773 -29.70 -11.23 -41.06
N GLN C 774 -29.97 -10.95 -39.78
CA GLN C 774 -29.49 -9.73 -39.17
C GLN C 774 -27.97 -9.68 -39.22
N SER C 775 -27.31 -10.78 -38.86
CA SER C 775 -25.86 -10.83 -38.94
C SER C 775 -25.35 -11.48 -40.23
N ALA C 776 -26.23 -11.84 -41.14
CA ALA C 776 -25.80 -12.43 -42.41
C ALA C 776 -25.13 -11.40 -43.32
N THR C 777 -24.33 -11.91 -44.26
CA THR C 777 -23.69 -11.09 -45.27
C THR C 777 -23.36 -11.96 -46.48
N ASP C 778 -23.42 -11.35 -47.66
CA ASP C 778 -23.05 -12.04 -48.89
C ASP C 778 -23.10 -11.11 -50.09
N ALA D 26 32.42 43.82 57.17
CA ALA D 26 31.96 42.44 57.25
C ALA D 26 30.46 42.39 57.49
N ARG D 27 29.74 43.38 56.95
CA ARG D 27 28.30 43.48 57.11
C ARG D 27 27.67 43.67 55.74
N LYS D 28 26.54 42.98 55.52
CA LYS D 28 25.89 43.04 54.21
C LYS D 28 25.51 44.46 53.84
N SER D 29 24.99 45.23 54.79
CA SER D 29 24.65 46.62 54.49
C SER D 29 25.88 47.41 54.10
N GLN D 30 27.00 47.19 54.79
CA GLN D 30 28.22 47.89 54.44
C GLN D 30 28.66 47.53 53.03
N LEU D 31 28.57 46.25 52.66
CA LEU D 31 28.95 45.83 51.32
C LEU D 31 28.05 46.45 50.27
N GLN D 32 26.74 46.51 50.55
CA GLN D 32 25.83 47.13 49.61
C GLN D 32 26.13 48.61 49.45
N ARG D 33 26.48 49.28 50.54
CA ARG D 33 26.90 50.67 50.44
C ARG D 33 28.15 50.80 49.58
N ARG D 34 29.10 49.88 49.74
CA ARG D 34 30.30 49.90 48.93
C ARG D 34 29.97 49.75 47.45
N PHE D 35 29.08 48.81 47.12
CA PHE D 35 28.67 48.64 45.72
C PHE D 35 27.98 49.88 45.20
N LYS D 36 27.11 50.48 46.01
CA LYS D 36 26.40 51.67 45.57
C LYS D 36 27.37 52.80 45.24
N GLU D 37 28.32 53.05 46.15
CA GLU D 37 29.30 54.10 45.89
C GLU D 37 30.15 53.77 44.69
N PHE D 38 30.52 52.50 44.51
CA PHE D 38 31.32 52.14 43.34
C PHE D 38 30.55 52.42 42.06
N LEU D 39 29.26 52.07 42.03
CA LEU D 39 28.49 52.23 40.80
C LEU D 39 28.28 53.71 40.49
N ARG D 40 27.91 54.51 41.49
CA ARG D 40 27.50 55.88 41.20
C ARG D 40 28.67 56.86 41.22
N GLN D 41 29.67 56.65 42.08
CA GLN D 41 30.77 57.59 42.24
C GLN D 41 31.98 57.27 41.39
N TYR D 42 32.02 56.11 40.73
CA TYR D 42 33.19 55.75 39.95
C TYR D 42 33.43 56.76 38.83
N ARG D 43 34.70 57.00 38.54
CA ARG D 43 35.11 57.97 37.52
C ARG D 43 35.97 57.27 36.47
N VAL D 44 35.71 57.60 35.21
CA VAL D 44 36.51 57.11 34.09
C VAL D 44 36.93 58.31 33.24
N GLY D 45 38.03 58.15 32.53
CA GLY D 45 38.56 59.21 31.68
C GLY D 45 39.77 59.87 32.32
N THR D 46 39.79 61.20 32.33
CA THR D 46 40.88 61.96 32.92
C THR D 46 40.41 63.40 33.05
N ASP D 47 41.34 64.30 33.42
CA ASP D 47 40.99 65.71 33.48
C ASP D 47 40.59 66.24 32.12
N ARG D 48 41.31 65.83 31.07
CA ARG D 48 41.00 66.29 29.72
C ARG D 48 39.61 65.82 29.30
N THR D 49 39.34 64.53 29.43
CA THR D 49 38.07 63.95 28.98
C THR D 49 37.00 63.97 30.07
N GLY D 50 37.30 64.51 31.24
CA GLY D 50 36.37 64.54 32.34
C GLY D 50 36.33 63.23 33.09
N PHE D 51 35.87 63.31 34.34
CA PHE D 51 35.73 62.13 35.20
C PHE D 51 34.28 61.67 35.12
N THR D 52 33.96 61.06 33.98
CA THR D 52 32.59 60.64 33.73
C THR D 52 32.23 59.44 34.59
N PHE D 53 31.01 59.44 35.12
CA PHE D 53 30.48 58.32 35.89
C PHE D 53 29.96 57.30 34.89
N LYS D 54 30.86 56.42 34.44
CA LYS D 54 30.51 55.48 33.38
C LYS D 54 29.27 54.69 33.75
N TYR D 55 29.27 54.08 34.93
CA TYR D 55 28.14 53.25 35.33
C TYR D 55 26.89 54.08 35.55
N ARG D 56 27.02 55.26 36.13
CA ARG D 56 25.86 56.12 36.33
C ARG D 56 25.20 56.47 35.00
N ASP D 57 26.02 56.89 34.03
CA ASP D 57 25.48 57.25 32.72
C ASP D 57 24.88 56.03 32.03
N GLU D 58 25.54 54.87 32.14
CA GLU D 58 25.00 53.66 31.53
C GLU D 58 23.65 53.30 32.13
N LEU D 59 23.53 53.38 33.46
CA LEU D 59 22.27 53.08 34.10
C LEU D 59 21.19 54.06 33.66
N LYS D 60 21.52 55.34 33.60
CA LYS D 60 20.53 56.32 33.17
C LYS D 60 20.07 56.04 31.75
N ARG D 61 21.01 55.80 30.85
CA ARG D 61 20.66 55.53 29.45
C ARG D 61 19.79 54.28 29.35
N HIS D 62 20.17 53.23 30.06
CA HIS D 62 19.43 51.98 29.97
C HIS D 62 18.01 52.15 30.51
N TYR D 63 17.86 52.82 31.65
CA TYR D 63 16.52 52.97 32.20
C TYR D 63 15.67 53.87 31.33
N ASN D 64 16.26 54.93 30.76
CA ASN D 64 15.52 55.73 29.79
C ASN D 64 15.07 54.88 28.62
N LEU D 65 15.80 53.80 28.33
CA LEU D 65 15.41 52.81 27.34
C LEU D 65 14.81 51.61 28.06
N GLY D 66 14.55 50.54 27.31
CA GLY D 66 13.97 49.35 27.89
C GLY D 66 14.97 48.25 28.13
N GLU D 67 16.17 48.61 28.60
CA GLU D 67 17.23 47.64 28.81
C GLU D 67 17.18 47.03 30.21
N TYR D 68 17.26 47.86 31.23
CA TYR D 68 17.20 47.41 32.62
C TYR D 68 18.32 46.41 32.92
N TRP D 69 19.50 46.68 32.37
CA TRP D 69 20.69 45.89 32.68
C TRP D 69 21.92 46.76 32.49
N ILE D 70 23.07 46.23 32.90
CA ILE D 70 24.34 46.94 32.77
C ILE D 70 25.45 45.91 32.59
N GLU D 71 26.61 46.40 32.14
CA GLU D 71 27.82 45.60 32.03
C GLU D 71 28.81 46.08 33.08
N VAL D 72 29.30 45.16 33.91
CA VAL D 72 30.23 45.49 34.99
C VAL D 72 31.60 44.94 34.62
N GLU D 73 32.60 45.82 34.67
CA GLU D 73 33.97 45.42 34.38
C GLU D 73 34.65 45.03 35.70
N MET D 74 34.88 43.73 35.88
CA MET D 74 35.57 43.27 37.07
C MET D 74 36.90 43.98 37.24
N GLU D 75 37.57 44.32 36.14
CA GLU D 75 38.78 45.13 36.25
C GLU D 75 38.47 46.47 36.89
N ASP D 76 37.36 47.09 36.49
CA ASP D 76 36.97 48.37 37.08
C ASP D 76 36.70 48.23 38.57
N LEU D 77 35.97 47.18 38.96
CA LEU D 77 35.70 46.96 40.37
C LEU D 77 36.98 46.74 41.15
N ALA D 78 37.90 45.92 40.62
CA ALA D 78 39.16 45.67 41.30
C ALA D 78 39.95 46.95 41.45
N SER D 79 39.99 47.78 40.41
CA SER D 79 40.68 49.06 40.51
C SER D 79 40.06 49.93 41.60
N PHE D 80 38.73 49.94 41.67
CA PHE D 80 38.06 50.77 42.67
C PHE D 80 38.27 50.21 44.07
N ASP D 81 37.89 48.96 44.29
CA ASP D 81 38.05 48.32 45.61
C ASP D 81 38.33 46.84 45.37
N GLU D 82 39.60 46.45 45.51
CA GLU D 82 39.97 45.07 45.26
C GLU D 82 39.22 44.12 46.18
N ASP D 83 38.87 44.58 47.38
CA ASP D 83 38.16 43.72 48.32
C ASP D 83 36.81 43.31 47.76
N LEU D 84 36.13 44.22 47.05
CA LEU D 84 34.85 43.87 46.45
C LEU D 84 35.01 42.75 45.42
N ALA D 85 36.04 42.85 44.57
CA ALA D 85 36.28 41.78 43.61
C ALA D 85 36.60 40.48 44.32
N ASP D 86 37.37 40.55 45.41
CA ASP D 86 37.67 39.35 46.17
C ASP D 86 36.40 38.72 46.70
N TYR D 87 35.48 39.54 47.21
CA TYR D 87 34.21 39.04 47.71
C TYR D 87 33.41 38.40 46.59
N LEU D 88 33.35 39.05 45.43
CA LEU D 88 32.60 38.50 44.31
C LEU D 88 33.15 37.15 43.89
N TYR D 89 34.47 37.05 43.76
CA TYR D 89 35.08 35.76 43.41
C TYR D 89 34.75 34.71 44.46
N LYS D 90 35.00 35.04 45.73
CA LYS D 90 34.79 34.05 46.79
C LYS D 90 33.31 33.72 46.95
N GLN D 91 32.47 34.75 47.06
CA GLN D 91 31.03 34.58 47.28
C GLN D 91 30.30 35.36 46.19
N PRO D 92 30.08 34.74 45.02
CA PRO D 92 29.47 35.50 43.93
C PRO D 92 27.99 35.76 44.09
N ALA D 93 27.22 34.78 44.57
CA ALA D 93 25.76 34.94 44.57
C ALA D 93 25.32 36.07 45.49
N GLU D 94 25.76 36.06 46.74
CA GLU D 94 25.27 37.03 47.72
C GLU D 94 25.72 38.44 47.35
N HIS D 95 27.01 38.61 47.07
CA HIS D 95 27.50 39.93 46.69
C HIS D 95 26.89 40.38 45.38
N LEU D 96 26.56 39.44 44.48
CA LEU D 96 25.88 39.81 43.25
C LEU D 96 24.49 40.35 43.55
N GLN D 97 23.78 39.73 44.49
CA GLN D 97 22.49 40.26 44.90
C GLN D 97 22.64 41.66 45.47
N LEU D 98 23.65 41.87 46.32
CA LEU D 98 23.87 43.19 46.89
C LEU D 98 24.17 44.20 45.79
N LEU D 99 24.97 43.81 44.80
CA LEU D 99 25.29 44.70 43.69
C LEU D 99 24.04 45.02 42.89
N GLU D 100 23.16 44.03 42.70
CA GLU D 100 21.91 44.29 41.99
C GLU D 100 21.04 45.28 42.75
N GLU D 101 20.93 45.12 44.07
CA GLU D 101 20.16 46.07 44.85
C GLU D 101 20.76 47.46 44.78
N ALA D 102 22.10 47.55 44.83
CA ALA D 102 22.75 48.85 44.70
C ALA D 102 22.45 49.45 43.33
N ALA D 103 22.46 48.65 42.28
CA ALA D 103 22.11 49.13 40.95
C ALA D 103 20.69 49.66 40.94
N LYS D 104 19.77 48.93 41.57
CA LYS D 104 18.39 49.40 41.68
C LYS D 104 18.32 50.77 42.34
N GLU D 105 19.02 50.93 43.46
CA GLU D 105 18.97 52.19 44.19
C GLU D 105 19.55 53.34 43.37
N VAL D 106 20.69 53.11 42.73
CA VAL D 106 21.33 54.17 41.96
C VAL D 106 20.46 54.54 40.76
N ALA D 107 19.85 53.55 40.11
CA ALA D 107 18.93 53.84 39.02
C ALA D 107 17.74 54.65 39.50
N ASP D 108 17.19 54.28 40.66
CA ASP D 108 16.06 55.03 41.19
C ASP D 108 16.43 56.48 41.43
N GLU D 109 17.54 56.73 42.13
CA GLU D 109 17.90 58.10 42.44
C GLU D 109 18.23 58.89 41.18
N VAL D 110 18.93 58.26 40.23
CA VAL D 110 19.28 58.95 39.00
C VAL D 110 18.03 59.30 38.21
N THR D 111 17.07 58.39 38.17
CA THR D 111 15.82 58.58 37.43
C THR D 111 14.64 58.72 38.39
N ARG D 112 14.83 59.48 39.46
CA ARG D 112 13.75 59.66 40.43
C ARG D 112 12.49 60.23 39.78
N PRO D 113 12.55 61.26 38.93
CA PRO D 113 11.31 61.84 38.37
C PRO D 113 10.84 61.11 37.12
N ARG D 114 10.46 59.85 37.28
CA ARG D 114 9.94 59.09 36.15
C ARG D 114 8.55 59.61 35.77
N PRO D 115 8.18 59.53 34.49
CA PRO D 115 6.86 60.00 34.07
C PRO D 115 5.75 59.21 34.76
N SER D 116 4.52 59.66 34.51
CA SER D 116 3.36 59.00 35.10
C SER D 116 3.29 57.54 34.67
N GLY D 117 2.95 56.67 35.61
CA GLY D 117 2.88 55.25 35.34
C GLY D 117 4.24 54.58 35.42
N GLU D 118 5.24 55.19 34.81
CA GLU D 118 6.60 54.66 34.84
C GLU D 118 7.23 54.76 36.22
N GLU D 119 6.59 55.45 37.17
CA GLU D 119 7.18 55.65 38.48
C GLU D 119 7.46 54.34 39.20
N VAL D 120 6.80 53.25 38.81
CA VAL D 120 7.13 51.95 39.38
C VAL D 120 8.55 51.58 38.98
N LEU D 121 9.36 51.21 39.97
CA LEU D 121 10.77 50.93 39.73
C LEU D 121 10.95 49.48 39.29
N GLN D 122 11.76 49.28 38.26
CA GLN D 122 11.98 47.95 37.69
C GLN D 122 13.35 47.43 38.11
N ASP D 123 13.42 46.12 38.32
CA ASP D 123 14.68 45.50 38.71
C ASP D 123 15.70 45.61 37.58
N ILE D 124 16.98 45.62 37.96
CA ILE D 124 18.08 45.77 37.02
C ILE D 124 18.94 44.50 37.08
N GLN D 125 19.21 43.92 35.91
CA GLN D 125 20.10 42.77 35.81
C GLN D 125 21.51 43.26 35.57
N VAL D 126 22.41 42.99 36.51
CA VAL D 126 23.79 43.43 36.39
C VAL D 126 24.59 42.29 35.74
N MET D 127 25.10 42.56 34.54
CA MET D 127 25.95 41.61 33.82
C MET D 127 27.40 42.07 33.95
N LEU D 128 28.30 41.13 34.17
CA LEU D 128 29.67 41.45 34.52
C LEU D 128 30.63 40.84 33.51
N LYS D 129 31.69 41.58 33.21
CA LYS D 129 32.74 41.14 32.29
C LYS D 129 34.09 41.35 32.97
N SER D 130 35.07 40.57 32.52
CA SER D 130 36.42 40.65 33.05
C SER D 130 37.43 40.52 31.93
N ASP D 131 38.58 41.16 32.10
CA ASP D 131 39.70 41.02 31.18
C ASP D 131 40.58 39.82 31.51
N ALA D 132 40.32 39.13 32.61
CA ALA D 132 41.14 38.01 33.02
C ALA D 132 41.11 36.91 31.96
N SER D 133 42.23 36.22 31.82
CA SER D 133 42.35 35.19 30.81
C SER D 133 41.32 34.08 31.05
N PRO D 134 40.77 33.49 30.00
CA PRO D 134 39.79 32.41 30.19
C PRO D 134 40.42 31.24 30.93
N SER D 135 39.55 30.32 31.34
CA SER D 135 39.95 29.13 32.07
C SER D 135 39.43 27.90 31.34
N SER D 136 40.29 26.90 31.18
CA SER D 136 39.89 25.69 30.49
C SER D 136 38.75 25.01 31.23
N ILE D 137 37.76 24.55 30.48
CA ILE D 137 36.63 23.85 31.09
C ILE D 137 37.11 22.61 31.81
N ARG D 138 38.16 21.98 31.32
CA ARG D 138 38.69 20.79 32.00
C ARG D 138 39.18 21.14 33.39
N SER D 139 39.85 22.28 33.56
CA SER D 139 40.40 22.70 34.84
C SER D 139 39.31 23.40 35.66
N LEU D 140 38.35 22.61 36.12
CA LEU D 140 37.24 23.09 36.94
C LEU D 140 37.06 22.13 38.12
N LYS D 141 37.70 22.47 39.24
CA LYS D 141 37.59 21.66 40.44
C LYS D 141 36.33 22.04 41.21
N SER D 142 35.85 21.07 42.01
CA SER D 142 34.66 21.32 42.82
C SER D 142 34.89 22.42 43.84
N ASP D 143 36.15 22.67 44.23
CA ASP D 143 36.41 23.72 45.21
C ASP D 143 35.94 25.08 44.71
N MET D 144 35.98 25.31 43.40
CA MET D 144 35.50 26.54 42.81
C MET D 144 33.98 26.60 42.74
N MET D 145 33.28 25.54 43.13
CA MET D 145 31.83 25.59 43.19
C MET D 145 31.43 26.73 44.11
N SER D 146 30.42 27.50 43.68
CA SER D 146 30.03 28.74 44.34
C SER D 146 31.13 29.79 44.27
N HIS D 147 32.04 29.68 43.30
CA HIS D 147 33.09 30.66 43.07
C HIS D 147 33.04 31.07 41.61
N LEU D 148 33.09 32.38 41.37
CA LEU D 148 32.98 32.88 40.01
C LEU D 148 34.07 32.28 39.12
N VAL D 149 33.67 31.86 37.92
CA VAL D 149 34.58 31.28 36.95
C VAL D 149 34.34 31.94 35.61
N LYS D 150 35.34 31.86 34.73
CA LYS D 150 35.24 32.36 33.37
C LYS D 150 35.83 31.32 32.44
N ILE D 151 35.00 30.79 31.54
CA ILE D 151 35.42 29.70 30.67
C ILE D 151 35.00 29.99 29.22
N PRO D 152 35.80 29.62 28.23
CA PRO D 152 35.37 29.74 26.84
C PRO D 152 34.75 28.44 26.35
N GLY D 153 34.11 28.52 25.19
CA GLY D 153 33.53 27.34 24.58
C GLY D 153 32.73 27.69 23.35
N ILE D 154 32.06 26.68 22.82
CA ILE D 154 31.18 26.81 21.66
C ILE D 154 29.86 26.13 22.00
N ILE D 155 28.76 26.86 21.88
CA ILE D 155 27.46 26.31 22.26
C ILE D 155 27.03 25.25 21.25
N ILE D 156 26.38 24.19 21.75
CA ILE D 156 25.99 23.09 20.90
C ILE D 156 24.47 22.96 20.86
N ALA D 157 23.79 23.37 21.92
CA ALA D 157 22.33 23.29 21.96
C ALA D 157 21.78 24.43 22.79
N ALA D 158 20.57 24.86 22.44
CA ALA D 158 19.88 25.94 23.13
C ALA D 158 18.44 25.52 23.39
N SER D 159 17.84 26.12 24.40
CA SER D 159 16.50 25.76 24.86
C SER D 159 15.56 26.94 24.69
N ALA D 160 14.29 26.62 24.42
CA ALA D 160 13.29 27.67 24.22
C ALA D 160 13.18 28.52 25.47
N VAL D 161 13.08 29.83 25.26
CA VAL D 161 12.95 30.77 26.38
C VAL D 161 11.61 30.53 27.06
N ARG D 162 11.65 30.05 28.29
CA ARG D 162 10.45 29.82 29.10
C ARG D 162 10.41 30.84 30.22
N ALA D 163 9.38 30.74 31.06
CA ALA D 163 9.22 31.61 32.22
C ALA D 163 9.38 30.80 33.49
N LYS D 164 10.27 31.25 34.38
CA LYS D 164 10.52 30.59 35.65
C LYS D 164 10.27 31.57 36.78
N ALA D 165 9.61 31.09 37.83
CA ALA D 165 9.19 31.96 38.93
C ALA D 165 10.32 32.18 39.91
N THR D 166 10.55 33.43 40.30
CA THR D 166 11.52 33.78 41.32
C THR D 166 10.87 34.19 42.63
N ARG D 167 9.77 34.93 42.57
CA ARG D 167 8.95 35.27 43.74
C ARG D 167 7.62 34.57 43.58
N ILE D 168 7.25 33.75 44.57
CA ILE D 168 6.03 32.96 44.51
C ILE D 168 5.26 33.10 45.82
N SER D 169 3.96 32.82 45.75
CA SER D 169 3.09 32.84 46.91
C SER D 169 2.18 31.63 46.86
N ILE D 170 1.98 31.00 48.02
CA ILE D 170 1.16 29.81 48.14
C ILE D 170 0.04 30.10 49.15
N GLN D 171 -0.99 29.27 49.09
CA GLN D 171 -2.16 29.42 49.96
C GLN D 171 -2.51 28.06 50.56
N CYS D 172 -2.95 28.08 51.82
CA CYS D 172 -3.37 26.87 52.50
C CYS D 172 -4.82 26.58 52.11
N ARG D 173 -5.03 25.46 51.41
CA ARG D 173 -6.36 25.15 50.89
C ARG D 173 -7.40 25.07 52.00
N SER D 174 -7.02 24.59 53.18
CA SER D 174 -7.96 24.46 54.29
C SER D 174 -7.94 25.69 55.19
N CYS D 175 -6.75 26.07 55.68
CA CYS D 175 -6.62 27.19 56.60
C CYS D 175 -6.73 28.54 55.92
N ARG D 176 -6.59 28.59 54.60
CA ARG D 176 -6.55 29.84 53.82
C ARG D 176 -5.31 30.66 54.12
N ASN D 177 -4.38 30.14 54.94
CA ASN D 177 -3.16 30.86 55.24
C ASN D 177 -2.34 31.05 53.97
N THR D 178 -1.74 32.24 53.84
CA THR D 178 -0.96 32.60 52.67
C THR D 178 0.45 32.96 53.09
N LEU D 179 1.43 32.49 52.30
CA LEU D 179 2.84 32.80 52.49
C LEU D 179 3.31 33.56 51.25
N THR D 180 3.40 34.88 51.37
CA THR D 180 3.65 35.75 50.22
C THR D 180 5.14 35.99 50.02
N ASN D 181 5.51 36.25 48.77
CA ASN D 181 6.87 36.64 48.40
C ASN D 181 7.89 35.62 48.87
N ILE D 182 7.60 34.34 48.68
CA ILE D 182 8.54 33.28 49.01
C ILE D 182 9.67 33.32 47.99
N ALA D 183 10.83 33.83 48.41
CA ALA D 183 11.96 33.94 47.50
C ALA D 183 12.42 32.55 47.07
N MET D 184 12.63 32.38 45.76
CA MET D 184 13.18 31.16 45.20
C MET D 184 14.58 31.45 44.70
N ARG D 185 15.56 30.73 45.21
CA ARG D 185 16.96 31.02 44.88
C ARG D 185 17.17 30.81 43.38
N PRO D 186 17.82 31.74 42.68
CA PRO D 186 18.03 31.56 41.24
C PRO D 186 18.87 30.32 40.95
N GLY D 187 18.55 29.65 39.86
CA GLY D 187 19.24 28.46 39.44
C GLY D 187 18.27 27.36 39.08
N LEU D 188 18.85 26.22 38.68
CA LEU D 188 18.06 25.05 38.28
C LEU D 188 17.68 24.21 39.50
N GLU D 189 17.02 24.87 40.45
CA GLU D 189 16.56 24.23 41.67
C GLU D 189 15.07 23.94 41.58
N GLY D 190 14.58 23.14 42.53
CA GLY D 190 13.17 22.80 42.57
C GLY D 190 12.34 23.84 43.29
N TYR D 191 11.50 23.39 44.22
CA TYR D 191 10.65 24.28 45.00
C TYR D 191 10.73 23.84 46.46
N ALA D 192 9.89 24.44 47.30
CA ALA D 192 9.85 24.11 48.72
C ALA D 192 8.42 24.30 49.21
N LEU D 193 7.66 23.20 49.24
CA LEU D 193 6.29 23.24 49.74
C LEU D 193 6.29 22.99 51.25
N PRO D 194 5.57 23.78 52.03
CA PRO D 194 5.62 23.59 53.49
C PRO D 194 4.90 22.30 53.91
N ARG D 195 5.28 21.82 55.09
CA ARG D 195 4.69 20.60 55.60
C ARG D 195 3.20 20.79 55.93
N LYS D 196 2.83 21.98 56.41
CA LYS D 196 1.44 22.29 56.72
C LYS D 196 1.38 23.76 57.12
N CYS D 197 0.15 24.23 57.35
CA CYS D 197 -0.15 25.60 57.76
C CYS D 197 1.07 26.45 58.10
N PRO D 208 -4.19 20.39 57.34
CA PRO D 208 -4.34 19.98 55.94
C PRO D 208 -3.09 19.32 55.37
N LEU D 209 -1.99 19.34 56.13
CA LEU D 209 -0.76 18.68 55.75
C LEU D 209 -0.08 19.43 54.60
N ASP D 210 0.83 18.77 53.89
CA ASP D 210 1.65 19.45 52.90
C ASP D 210 0.85 20.16 51.81
N PRO D 211 -0.25 19.61 51.29
CA PRO D 211 -0.90 20.23 50.12
C PRO D 211 -1.08 21.73 50.25
N TYR D 212 -0.60 22.45 49.24
CA TYR D 212 -0.74 23.89 49.13
C TYR D 212 -1.04 24.24 47.68
N PHE D 213 -1.64 25.42 47.48
CA PHE D 213 -2.00 25.90 46.15
C PHE D 213 -1.19 27.13 45.83
N ILE D 214 -0.47 27.10 44.72
CA ILE D 214 0.28 28.25 44.24
C ILE D 214 -0.69 29.22 43.57
N MET D 215 -0.56 30.50 43.88
CA MET D 215 -1.42 31.52 43.31
C MET D 215 -0.65 32.30 42.24
N PRO D 216 -0.77 31.94 40.95
CA PRO D 216 0.06 32.58 39.92
C PRO D 216 -0.19 34.06 39.78
N ASP D 217 -1.32 34.58 40.29
CA ASP D 217 -1.67 35.98 40.07
C ASP D 217 -0.54 36.90 40.53
N LYS D 218 -0.05 36.70 41.75
CA LYS D 218 1.01 37.53 42.30
C LYS D 218 2.41 36.96 42.06
N CYS D 219 2.52 35.76 41.50
CA CYS D 219 3.83 35.19 41.23
C CYS D 219 4.61 36.07 40.27
N LYS D 220 5.88 36.29 40.58
CA LYS D 220 6.80 37.02 39.72
C LYS D 220 7.74 36.04 39.06
N CYS D 221 7.91 36.19 37.74
CA CYS D 221 8.73 35.26 36.98
C CYS D 221 9.61 36.03 36.00
N VAL D 222 10.70 35.38 35.60
CA VAL D 222 11.65 35.94 34.65
C VAL D 222 11.94 34.91 33.58
N ASP D 223 12.43 35.38 32.44
CA ASP D 223 12.79 34.49 31.35
C ASP D 223 13.83 33.48 31.83
N PHE D 224 13.93 32.37 31.10
CA PHE D 224 14.75 31.24 31.51
C PHE D 224 15.14 30.45 30.28
N GLN D 225 16.39 29.99 30.26
CA GLN D 225 16.95 29.37 29.07
C GLN D 225 18.13 28.50 29.47
N THR D 226 18.10 27.24 29.06
CA THR D 226 19.19 26.30 29.30
C THR D 226 19.94 26.08 28.00
N LEU D 227 21.26 26.10 28.09
CA LEU D 227 22.14 25.94 26.95
C LEU D 227 23.17 24.86 27.25
N LYS D 228 23.74 24.28 26.20
CA LYS D 228 24.80 23.30 26.33
C LYS D 228 26.07 23.89 25.73
N LEU D 229 27.13 23.96 26.54
CA LEU D 229 28.41 24.51 26.13
C LEU D 229 29.42 23.38 26.05
N GLN D 230 30.20 23.38 24.96
CA GLN D 230 31.15 22.32 24.68
C GLN D 230 32.56 22.89 24.66
N GLU D 231 33.51 22.06 25.07
CA GLU D 231 34.91 22.48 25.07
C GLU D 231 35.36 22.75 23.64
N LEU D 232 36.17 23.78 23.48
CA LEU D 232 36.58 24.18 22.13
C LEU D 232 37.35 23.03 21.47
N PRO D 233 37.16 22.81 20.17
CA PRO D 233 37.90 21.71 19.51
C PRO D 233 39.40 21.90 19.53
N ASP D 234 39.89 23.12 19.73
CA ASP D 234 41.33 23.33 19.84
C ASP D 234 41.90 22.64 21.06
N ALA D 235 41.20 22.72 22.20
CA ALA D 235 41.71 22.23 23.47
C ALA D 235 41.29 20.80 23.76
N VAL D 236 40.55 20.14 22.89
CA VAL D 236 40.12 18.77 23.17
C VAL D 236 41.35 17.87 23.23
N PRO D 237 41.47 17.00 24.23
CA PRO D 237 42.61 16.07 24.26
C PRO D 237 42.52 15.08 23.11
N HIS D 238 43.69 14.58 22.70
CA HIS D 238 43.73 13.64 21.59
C HIS D 238 42.88 12.41 21.91
N GLY D 239 42.00 12.07 20.97
CA GLY D 239 41.12 10.93 21.17
C GLY D 239 40.22 11.05 22.37
N GLU D 240 39.75 12.25 22.68
CA GLU D 240 38.88 12.48 23.82
C GLU D 240 37.64 13.25 23.36
N MET D 241 36.49 12.87 23.90
CA MET D 241 35.26 13.57 23.59
C MET D 241 35.19 14.87 24.39
N PRO D 242 34.99 16.02 23.75
CA PRO D 242 34.86 17.26 24.51
C PRO D 242 33.74 17.18 25.53
N ARG D 243 33.98 17.76 26.70
CA ARG D 243 32.99 17.72 27.76
C ARG D 243 31.91 18.77 27.54
N HIS D 244 30.72 18.49 28.06
CA HIS D 244 29.55 19.33 27.90
C HIS D 244 29.06 19.81 29.26
N MET D 245 28.64 21.07 29.32
CA MET D 245 28.11 21.65 30.54
C MET D 245 26.79 22.33 30.23
N GLN D 246 25.94 22.42 31.24
CA GLN D 246 24.66 23.12 31.13
C GLN D 246 24.82 24.53 31.68
N LEU D 247 24.35 25.50 30.91
CA LEU D 247 24.37 26.90 31.28
C LEU D 247 22.94 27.39 31.47
N TYR D 248 22.76 28.25 32.47
CA TYR D 248 21.45 28.79 32.81
C TYR D 248 21.48 30.31 32.64
N CYS D 249 20.72 30.82 31.67
CA CYS D 249 20.58 32.25 31.47
C CYS D 249 19.10 32.61 31.63
N ASP D 250 18.80 33.59 32.48
CA ASP D 250 17.43 33.89 32.83
C ASP D 250 16.96 35.24 32.29
N ARG D 251 17.60 36.32 32.69
CA ARG D 251 17.16 37.67 32.34
C ARG D 251 17.77 38.05 30.99
N TYR D 252 17.80 39.34 30.66
CA TYR D 252 18.22 39.81 29.34
C TYR D 252 19.44 39.08 28.82
N LEU D 253 20.28 38.57 29.73
CA LEU D 253 21.45 37.81 29.31
C LEU D 253 21.06 36.56 28.53
N CYS D 254 19.82 36.11 28.65
CA CYS D 254 19.34 34.97 27.88
C CYS D 254 18.92 35.40 26.49
N ASP D 255 18.88 34.42 25.58
CA ASP D 255 18.45 34.61 24.20
C ASP D 255 19.43 35.43 23.39
N LYS D 256 20.64 35.67 23.90
CA LYS D 256 21.65 36.44 23.21
C LYS D 256 22.55 35.57 22.33
N VAL D 257 22.40 34.25 22.36
CA VAL D 257 23.30 33.35 21.65
C VAL D 257 22.49 32.26 20.97
N VAL D 258 23.08 31.68 19.92
CA VAL D 258 22.45 30.63 19.11
C VAL D 258 23.46 29.51 18.95
N PRO D 259 23.03 28.25 18.84
CA PRO D 259 24.00 27.16 18.77
C PRO D 259 25.01 27.35 17.64
N GLY D 260 26.27 27.05 17.94
CA GLY D 260 27.36 27.23 17.02
C GLY D 260 28.25 28.41 17.33
N ASN D 261 27.80 29.34 18.17
CA ASN D 261 28.60 30.53 18.47
C ASN D 261 29.78 30.19 19.38
N ARG D 262 30.91 30.84 19.12
CA ARG D 262 32.05 30.78 20.01
C ARG D 262 31.92 31.90 21.04
N VAL D 263 31.83 31.53 22.32
CA VAL D 263 31.54 32.47 23.39
C VAL D 263 32.48 32.24 24.56
N THR D 264 32.53 33.24 25.43
CA THR D 264 33.19 33.15 26.74
C THR D 264 32.19 33.58 27.80
N ILE D 265 32.02 32.75 28.82
CA ILE D 265 30.98 32.93 29.82
C ILE D 265 31.64 33.10 31.19
N MET D 266 31.20 34.10 31.93
CA MET D 266 31.51 34.25 33.35
C MET D 266 30.27 33.88 34.14
N GLY D 267 30.43 33.01 35.13
CA GLY D 267 29.27 32.56 35.87
C GLY D 267 29.66 31.83 37.14
N ILE D 268 28.63 31.46 37.90
CA ILE D 268 28.82 30.77 39.17
C ILE D 268 28.77 29.28 38.92
N TYR D 269 29.87 28.59 39.20
CA TYR D 269 29.87 27.14 39.09
C TYR D 269 28.91 26.57 40.11
N SER D 270 27.91 25.83 39.65
CA SER D 270 26.85 25.33 40.50
C SER D 270 26.69 23.83 40.28
N ILE D 271 25.98 23.19 41.20
CA ILE D 271 25.69 21.76 41.12
C ILE D 271 24.28 21.55 41.63
N LYS D 272 23.40 21.05 40.77
CA LYS D 272 22.02 20.78 41.14
C LYS D 272 21.94 19.53 42.02
N SER D 292 24.99 19.62 38.42
CA SER D 292 26.17 20.07 37.70
C SER D 292 25.78 21.00 36.54
N TYR D 293 26.01 22.30 36.72
CA TYR D 293 25.70 23.29 35.71
C TYR D 293 26.36 24.60 36.12
N ILE D 294 26.21 25.62 35.27
CA ILE D 294 26.81 26.92 35.50
C ILE D 294 25.71 27.97 35.48
N ARG D 295 25.70 28.81 36.52
CA ARG D 295 24.83 29.99 36.54
C ARG D 295 25.52 31.10 35.77
N VAL D 296 24.96 31.47 34.63
CA VAL D 296 25.60 32.45 33.76
C VAL D 296 25.41 33.84 34.35
N LEU D 297 26.48 34.64 34.27
CA LEU D 297 26.42 36.03 34.69
C LEU D 297 26.88 37.00 33.62
N GLY D 298 27.66 36.55 32.64
CA GLY D 298 28.08 37.40 31.55
C GLY D 298 28.49 36.60 30.32
N ILE D 299 28.04 37.01 29.14
CA ILE D 299 28.33 36.31 27.90
C ILE D 299 29.03 37.28 26.95
N GLN D 300 30.16 36.84 26.40
CA GLN D 300 30.84 37.56 25.32
C GLN D 300 30.83 36.67 24.08
N VAL D 301 30.35 37.21 22.97
CA VAL D 301 30.22 36.47 21.72
C VAL D 301 31.30 36.96 20.77
N ASP D 302 32.05 36.01 20.19
CA ASP D 302 33.13 36.34 19.26
C ASP D 302 32.52 36.71 17.91
N THR D 303 32.04 37.95 17.84
CA THR D 303 31.43 38.42 16.59
C THR D 303 32.44 38.51 15.46
N ASP D 304 33.72 38.70 15.78
CA ASP D 304 34.76 38.78 14.77
C ASP D 304 36.03 38.15 15.30
N GLY D 305 36.73 37.43 14.41
CA GLY D 305 37.99 36.83 14.79
C GLY D 305 37.85 35.89 15.97
N SER D 306 38.79 36.00 16.90
CA SER D 306 38.82 35.14 18.08
C SER D 306 39.93 35.56 19.03
N VAL D 314 50.33 33.49 18.79
CA VAL D 314 51.40 32.92 17.98
C VAL D 314 52.72 33.59 18.33
N SER D 315 53.67 32.80 18.84
CA SER D 315 54.95 33.36 19.24
C SER D 315 55.74 33.81 18.00
N PRO D 316 56.61 34.82 18.16
CA PRO D 316 57.38 35.27 16.99
C PRO D 316 58.21 34.16 16.36
N GLN D 317 58.70 33.22 17.15
CA GLN D 317 59.45 32.10 16.58
C GLN D 317 58.55 31.27 15.67
N GLU D 318 57.30 31.04 16.07
CA GLU D 318 56.37 30.32 15.21
C GLU D 318 56.14 31.08 13.90
N GLU D 319 55.99 32.40 13.97
CA GLU D 319 55.80 33.17 12.75
C GLU D 319 57.01 33.08 11.84
N GLU D 320 58.21 33.13 12.42
CA GLU D 320 59.43 33.00 11.62
C GLU D 320 59.51 31.64 10.96
N GLU D 321 59.16 30.58 11.70
CA GLU D 321 59.17 29.24 11.11
C GLU D 321 58.17 29.15 9.97
N PHE D 322 56.98 29.73 10.15
CA PHE D 322 55.97 29.69 9.09
C PHE D 322 56.46 30.45 7.86
N ARG D 323 57.08 31.61 8.07
CA ARG D 323 57.63 32.36 6.95
C ARG D 323 58.68 31.54 6.22
N ARG D 324 59.55 30.84 6.97
CA ARG D 324 60.54 29.99 6.34
C ARG D 324 59.88 28.90 5.52
N LEU D 325 58.85 28.26 6.07
CA LEU D 325 58.15 27.20 5.34
C LEU D 325 57.54 27.72 4.06
N ALA D 326 56.92 28.90 4.11
CA ALA D 326 56.34 29.49 2.91
C ALA D 326 57.43 29.78 1.89
N ALA D 327 58.58 30.29 2.34
CA ALA D 327 59.66 30.63 1.42
C ALA D 327 60.21 29.40 0.71
N LEU D 328 59.95 28.20 1.20
CA LEU D 328 60.51 27.01 0.58
C LEU D 328 59.96 26.87 -0.84
N PRO D 329 60.82 26.75 -1.86
CA PRO D 329 60.29 26.61 -3.22
C PRO D 329 59.41 25.40 -3.41
N ASN D 330 59.72 24.29 -2.73
CA ASN D 330 58.93 23.08 -2.80
C ASN D 330 57.91 22.98 -1.66
N VAL D 331 57.48 24.11 -1.13
CA VAL D 331 56.55 24.08 0.00
C VAL D 331 55.29 23.32 -0.37
N TYR D 332 54.78 23.54 -1.59
CA TYR D 332 53.64 22.75 -2.06
C TYR D 332 53.96 21.26 -1.99
N GLU D 333 55.09 20.86 -2.57
CA GLU D 333 55.46 19.44 -2.56
C GLU D 333 55.75 18.96 -1.14
N VAL D 334 56.41 19.79 -0.34
CA VAL D 334 56.74 19.40 1.03
C VAL D 334 55.48 19.12 1.82
N ILE D 335 54.49 20.01 1.72
CA ILE D 335 53.22 19.79 2.41
C ILE D 335 52.50 18.58 1.85
N SER D 336 52.48 18.43 0.52
CA SER D 336 51.79 17.30 -0.08
C SER D 336 52.35 15.98 0.41
N LYS D 337 53.67 15.85 0.43
CA LYS D 337 54.30 14.62 0.87
C LYS D 337 54.26 14.47 2.39
N SER D 338 54.24 15.57 3.13
CA SER D 338 54.47 15.53 4.56
C SER D 338 53.22 15.29 5.37
N ILE D 339 52.04 15.26 4.76
CA ILE D 339 50.82 15.14 5.54
C ILE D 339 50.67 13.73 6.11
N ALA D 340 50.60 12.73 5.24
CA ALA D 340 50.28 11.35 5.64
C ALA D 340 51.33 10.41 5.08
N PRO D 341 52.57 10.48 5.57
CA PRO D 341 53.56 9.48 5.19
C PRO D 341 53.21 8.08 5.70
N SER D 342 52.36 7.98 6.72
CA SER D 342 52.02 6.69 7.30
C SER D 342 51.10 5.85 6.42
N ILE D 343 50.54 6.42 5.36
CA ILE D 343 49.60 5.72 4.51
C ILE D 343 50.20 5.57 3.12
N PHE D 344 49.74 4.56 2.40
CA PHE D 344 50.24 4.23 1.07
C PHE D 344 49.09 4.31 0.06
N GLY D 345 49.45 4.60 -1.19
CA GLY D 345 48.46 4.66 -2.25
C GLY D 345 47.83 6.04 -2.38
N GLY D 346 48.66 7.07 -2.45
CA GLY D 346 48.19 8.43 -2.63
C GLY D 346 49.02 9.20 -3.63
N THR D 347 48.37 9.79 -4.62
CA THR D 347 49.05 10.55 -5.67
C THR D 347 48.17 11.74 -6.03
N ASP D 348 48.53 12.91 -5.51
CA ASP D 348 47.82 14.15 -5.81
C ASP D 348 46.47 14.21 -5.11
N MET D 349 46.07 13.12 -4.44
CA MET D 349 45.00 13.23 -3.45
C MET D 349 45.52 13.92 -2.19
N LYS D 350 46.80 13.70 -1.86
CA LYS D 350 47.41 14.44 -0.77
C LYS D 350 47.41 15.94 -1.06
N LYS D 351 47.73 16.32 -2.30
CA LYS D 351 47.67 17.73 -2.67
C LYS D 351 46.26 18.27 -2.54
N ALA D 352 45.26 17.48 -2.95
CA ALA D 352 43.87 17.93 -2.83
C ALA D 352 43.48 18.12 -1.38
N ILE D 353 43.90 17.20 -0.50
CA ILE D 353 43.59 17.35 0.92
C ILE D 353 44.29 18.57 1.49
N ALA D 354 45.52 18.84 1.04
CA ALA D 354 46.21 20.05 1.50
C ALA D 354 45.44 21.30 1.07
N CYS D 355 45.01 21.36 -0.19
CA CYS D 355 44.25 22.50 -0.66
C CYS D 355 42.95 22.64 0.14
N LEU D 356 42.31 21.52 0.46
CA LEU D 356 41.10 21.57 1.28
C LEU D 356 41.39 22.13 2.66
N LEU D 357 42.47 21.69 3.29
CA LEU D 357 42.83 22.19 4.62
C LEU D 357 43.06 23.69 4.59
N PHE D 358 43.92 24.16 3.69
CA PHE D 358 44.16 25.60 3.61
C PHE D 358 42.90 26.34 3.20
N GLY D 359 42.06 25.72 2.38
CA GLY D 359 40.80 26.33 1.99
C GLY D 359 41.00 27.58 1.15
N GLY D 360 39.96 28.00 0.44
CA GLY D 360 40.00 29.21 -0.35
C GLY D 360 39.71 30.43 0.50
N SER D 361 39.39 31.53 -0.18
CA SER D 361 39.09 32.80 0.47
C SER D 361 37.58 33.00 0.50
N ARG D 362 37.03 33.22 1.69
CA ARG D 362 35.62 33.54 1.87
C ARG D 362 35.44 34.99 1.47
N LYS D 363 35.10 35.20 0.21
CA LYS D 363 35.03 36.55 -0.35
C LYS D 363 33.72 37.23 0.02
N ARG D 364 33.73 38.56 -0.10
CA ARG D 364 32.54 39.39 0.06
C ARG D 364 32.39 40.19 -1.23
N LEU D 365 31.38 39.85 -2.02
CA LEU D 365 31.19 40.50 -3.30
C LEU D 365 30.74 41.95 -3.10
N PRO D 366 30.88 42.78 -4.14
CA PRO D 366 30.50 44.20 -3.98
C PRO D 366 29.07 44.39 -3.54
N ASP D 367 28.15 43.52 -3.94
CA ASP D 367 26.76 43.66 -3.54
C ASP D 367 26.53 43.33 -2.08
N GLY D 368 27.51 42.74 -1.40
CA GLY D 368 27.40 42.39 0.00
C GLY D 368 27.20 40.91 0.26
N LEU D 369 26.89 40.12 -0.76
CA LEU D 369 26.81 38.69 -0.58
C LEU D 369 28.20 38.09 -0.46
N THR D 370 28.25 36.86 0.06
CA THR D 370 29.51 36.16 0.29
C THR D 370 29.52 34.86 -0.47
N ARG D 371 30.68 34.49 -0.98
CA ARG D 371 30.87 33.27 -1.77
C ARG D 371 31.71 32.30 -0.97
N ARG D 372 31.21 31.09 -0.79
CA ARG D 372 31.87 30.09 0.03
C ARG D 372 33.35 30.00 -0.31
N GLY D 373 34.20 30.31 0.66
CA GLY D 373 35.63 30.15 0.48
C GLY D 373 36.13 28.75 0.69
N ASP D 374 35.28 27.84 1.14
CA ASP D 374 35.70 26.48 1.44
C ASP D 374 35.73 25.63 0.18
N ILE D 375 36.45 24.52 0.26
CA ILE D 375 36.59 23.57 -0.84
C ILE D 375 36.15 22.21 -0.36
N ASN D 376 35.17 21.63 -1.04
CA ASN D 376 34.61 20.34 -0.67
C ASN D 376 35.19 19.26 -1.58
N LEU D 377 35.65 18.17 -0.97
CA LEU D 377 36.30 17.09 -1.70
C LEU D 377 35.56 15.79 -1.41
N LEU D 378 35.28 15.03 -2.46
CA LEU D 378 34.60 13.76 -2.35
C LEU D 378 35.52 12.63 -2.80
N MET D 379 35.52 11.55 -2.05
CA MET D 379 36.28 10.35 -2.37
C MET D 379 35.29 9.23 -2.61
N LEU D 380 35.10 8.87 -3.88
CA LEU D 380 34.21 7.80 -4.26
C LEU D 380 35.05 6.55 -4.53
N GLY D 381 34.54 5.39 -4.13
CA GLY D 381 35.28 4.16 -4.36
C GLY D 381 35.05 3.05 -3.36
N ASP D 382 36.12 2.59 -2.70
CA ASP D 382 36.11 1.26 -2.12
C ASP D 382 36.07 1.28 -0.58
N PRO D 383 35.36 0.34 0.04
CA PRO D 383 35.45 0.21 1.51
C PRO D 383 36.80 -0.31 1.98
N GLY D 384 37.49 -1.10 1.15
CA GLY D 384 38.75 -1.68 1.55
C GLY D 384 39.87 -0.67 1.62
N THR D 385 39.77 0.42 0.87
CA THR D 385 40.82 1.42 0.86
C THR D 385 40.99 2.01 2.26
N ALA D 386 42.14 2.64 2.47
CA ALA D 386 42.44 3.31 3.73
C ALA D 386 42.06 4.79 3.62
N LYS D 387 40.77 5.04 3.43
CA LYS D 387 40.25 6.39 3.61
C LYS D 387 39.72 6.61 5.01
N SER D 388 39.46 5.57 5.78
CA SER D 388 39.09 5.79 7.17
C SER D 388 40.30 6.33 7.94
N GLN D 389 41.46 5.73 7.71
CA GLN D 389 42.68 6.23 8.34
C GLN D 389 43.01 7.63 7.83
N LEU D 390 42.83 7.87 6.53
CA LEU D 390 43.13 9.19 5.98
C LEU D 390 42.21 10.24 6.57
N LEU D 391 40.91 9.95 6.68
CA LEU D 391 39.99 10.89 7.30
C LEU D 391 40.35 11.15 8.75
N LYS D 392 40.71 10.10 9.49
CA LYS D 392 41.10 10.30 10.88
C LYS D 392 42.34 11.20 10.96
N PHE D 393 43.32 10.96 10.11
CA PHE D 393 44.53 11.77 10.14
C PHE D 393 44.21 13.22 9.83
N VAL D 394 43.41 13.46 8.79
CA VAL D 394 43.15 14.83 8.36
C VAL D 394 42.32 15.57 9.41
N GLU D 395 41.32 14.92 9.99
CA GLU D 395 40.55 15.57 11.04
C GLU D 395 41.42 15.85 12.25
N LYS D 396 42.37 14.97 12.56
CA LYS D 396 43.32 15.27 13.63
C LYS D 396 44.16 16.49 13.28
N CYS D 397 44.59 16.59 12.02
CA CYS D 397 45.50 17.67 11.64
C CYS D 397 44.79 19.01 11.59
N SER D 398 43.52 19.02 11.18
CA SER D 398 42.83 20.29 10.98
C SER D 398 42.74 21.06 12.30
N PRO D 399 42.97 22.38 12.28
CA PRO D 399 42.82 23.14 13.53
C PRO D 399 41.46 22.97 14.18
N ILE D 400 40.41 22.91 13.37
CA ILE D 400 39.07 22.54 13.83
C ILE D 400 38.60 21.42 12.93
N GLY D 401 38.43 20.23 13.50
CA GLY D 401 38.05 19.07 12.72
C GLY D 401 37.03 18.22 13.43
N VAL D 402 35.94 17.88 12.75
CA VAL D 402 34.91 17.01 13.27
C VAL D 402 34.75 15.84 12.31
N TYR D 403 34.87 14.62 12.83
CA TYR D 403 34.80 13.41 12.02
C TYR D 403 33.58 12.61 12.43
N THR D 404 32.72 12.30 11.47
CA THR D 404 31.53 11.50 11.70
C THR D 404 31.22 10.73 10.42
N SER D 405 30.11 10.01 10.46
CA SER D 405 29.67 9.23 9.31
C SER D 405 28.23 9.60 8.97
N GLY D 406 27.79 9.16 7.78
CA GLY D 406 26.42 9.39 7.40
C GLY D 406 25.42 8.77 8.34
N LYS D 407 25.85 7.79 9.14
CA LYS D 407 24.99 7.17 10.14
C LYS D 407 25.56 7.43 11.53
N GLY D 408 25.96 8.67 11.79
CA GLY D 408 26.55 9.00 13.08
C GLY D 408 25.66 8.67 14.26
N SER D 409 24.35 8.61 14.05
CA SER D 409 23.34 8.25 15.05
C SER D 409 23.10 9.35 16.07
N SER D 410 23.80 10.47 16.00
CA SER D 410 23.56 11.57 16.91
C SER D 410 22.17 12.17 16.65
N ALA D 411 21.55 12.66 17.72
CA ALA D 411 20.22 13.24 17.58
C ALA D 411 20.23 14.42 16.62
N ALA D 412 21.24 15.29 16.73
CA ALA D 412 21.33 16.43 15.82
C ALA D 412 21.69 15.98 14.41
N GLY D 413 22.61 15.02 14.29
CA GLY D 413 23.10 14.62 12.98
C GLY D 413 24.15 15.59 12.47
N LEU D 414 24.39 15.53 11.16
CA LEU D 414 25.36 16.44 10.57
C LEU D 414 24.92 17.90 10.71
N THR D 415 23.64 18.17 10.48
CA THR D 415 23.11 19.51 10.60
C THR D 415 22.31 19.64 11.89
N ALA D 416 21.76 20.83 12.12
CA ALA D 416 21.03 21.09 13.35
C ALA D 416 19.69 20.37 13.33
N SER D 417 19.07 20.29 14.51
CA SER D 417 17.77 19.63 14.63
C SER D 417 17.05 20.19 15.85
N VAL D 418 15.74 20.38 15.71
CA VAL D 418 14.89 20.85 16.80
C VAL D 418 14.07 19.68 17.29
N MET D 419 14.18 19.38 18.58
CA MET D 419 13.50 18.22 19.16
C MET D 419 12.88 18.60 20.49
N ARG D 420 11.68 18.10 20.75
CA ARG D 420 11.04 18.30 22.04
C ARG D 420 11.60 17.27 23.01
N ASP D 421 12.39 17.74 23.97
CA ASP D 421 12.91 16.87 25.01
C ASP D 421 11.76 16.48 25.93
N PRO D 422 11.46 15.19 26.08
CA PRO D 422 10.43 14.79 27.06
C PRO D 422 10.81 15.09 28.50
N SER D 423 12.10 15.07 28.82
CA SER D 423 12.52 15.31 30.21
C SER D 423 11.95 16.63 30.72
N SER D 424 11.85 17.62 29.83
CA SER D 424 11.14 18.86 30.13
C SER D 424 9.99 19.09 29.15
N ARG D 425 9.83 18.23 28.14
CA ARG D 425 8.77 18.40 27.14
C ARG D 425 8.86 19.77 26.47
N ASN D 426 10.08 20.20 26.15
CA ASN D 426 10.30 21.53 25.60
C ASN D 426 11.24 21.45 24.41
N PHE D 427 11.09 22.40 23.49
CA PHE D 427 11.89 22.42 22.28
C PHE D 427 13.34 22.77 22.60
N ILE D 428 14.26 21.96 22.10
CA ILE D 428 15.70 22.19 22.20
C ILE D 428 16.27 22.10 20.80
N MET D 429 17.04 23.11 20.41
CA MET D 429 17.68 23.14 19.10
C MET D 429 19.16 22.79 19.28
N GLU D 430 19.59 21.70 18.66
CA GLU D 430 20.92 21.16 18.82
C GLU D 430 21.68 21.29 17.52
N GLY D 431 22.95 21.67 17.62
CA GLY D 431 23.78 21.89 16.44
C GLY D 431 24.46 20.61 16.00
N GLY D 432 24.42 20.36 14.69
CA GLY D 432 25.01 19.18 14.11
C GLY D 432 26.49 19.33 13.92
N ALA D 433 27.08 18.32 13.29
CA ALA D 433 28.52 18.31 13.09
C ALA D 433 28.95 19.48 12.22
N MET D 434 28.17 19.80 11.19
CA MET D 434 28.53 20.89 10.29
C MET D 434 28.72 22.19 11.05
N VAL D 435 27.73 22.55 11.87
CA VAL D 435 27.79 23.85 12.55
C VAL D 435 28.92 23.88 13.57
N LEU D 436 29.15 22.76 14.27
CA LEU D 436 30.21 22.74 15.26
C LEU D 436 31.57 22.98 14.64
N ALA D 437 31.80 22.43 13.44
CA ALA D 437 33.07 22.58 12.75
C ALA D 437 33.15 23.85 11.95
N ASP D 438 32.31 24.85 12.25
CA ASP D 438 32.31 26.09 11.50
C ASP D 438 33.71 26.67 11.45
N GLY D 439 34.18 26.98 10.25
CA GLY D 439 35.54 27.44 10.07
C GLY D 439 36.59 26.37 10.13
N GLY D 440 36.19 25.09 10.09
CA GLY D 440 37.13 23.99 10.17
C GLY D 440 36.99 22.99 9.05
N VAL D 441 36.87 21.71 9.40
CA VAL D 441 36.72 20.63 8.43
C VAL D 441 35.76 19.60 9.00
N VAL D 442 34.92 19.05 8.12
CA VAL D 442 33.97 18.02 8.49
C VAL D 442 34.26 16.80 7.62
N CYS D 443 34.78 15.74 8.23
CA CYS D 443 34.98 14.48 7.55
C CYS D 443 33.73 13.65 7.71
N ILE D 444 33.19 13.17 6.58
CA ILE D 444 31.90 12.49 6.56
C ILE D 444 32.10 11.15 5.87
N ASP D 445 32.29 10.09 6.65
CA ASP D 445 32.30 8.75 6.10
C ASP D 445 30.90 8.32 5.73
N GLU D 446 30.80 7.53 4.66
CA GLU D 446 29.51 7.07 4.16
C GLU D 446 28.56 8.24 3.97
N PHE D 447 29.06 9.28 3.29
CA PHE D 447 28.27 10.48 3.05
C PHE D 447 26.98 10.15 2.30
N ASP D 448 26.97 9.04 1.56
CA ASP D 448 25.78 8.63 0.83
C ASP D 448 24.68 8.08 1.72
N LYS D 449 24.95 7.89 3.01
CA LYS D 449 23.98 7.30 3.93
C LYS D 449 23.46 8.32 4.93
N MET D 450 23.28 9.56 4.49
CA MET D 450 22.71 10.58 5.34
C MET D 450 21.21 10.33 5.55
N ARG D 451 20.65 10.99 6.55
CA ARG D 451 19.23 10.89 6.83
C ARG D 451 18.44 11.73 5.84
N GLU D 452 17.12 11.53 5.84
CA GLU D 452 16.26 12.31 4.95
C GLU D 452 16.36 13.79 5.27
N ASP D 453 16.18 14.16 6.54
CA ASP D 453 16.32 15.57 6.93
C ASP D 453 17.75 16.04 6.68
N ASP D 454 18.74 15.20 6.98
CA ASP D 454 20.11 15.55 6.70
C ASP D 454 20.34 15.75 5.21
N ARG D 455 19.74 14.89 4.38
CA ARG D 455 19.87 15.04 2.94
C ARG D 455 19.25 16.35 2.46
N VAL D 456 18.10 16.72 3.04
CA VAL D 456 17.49 18.00 2.68
C VAL D 456 18.40 19.16 3.09
N ALA D 457 18.96 19.09 4.29
CA ALA D 457 19.72 20.22 4.81
C ALA D 457 21.06 20.38 4.08
N ILE D 458 21.70 19.28 3.70
CA ILE D 458 23.07 19.37 3.20
C ILE D 458 23.14 20.22 1.94
N HIS D 459 22.06 20.28 1.17
CA HIS D 459 22.06 21.11 -0.03
C HIS D 459 22.39 22.56 0.31
N GLU D 460 21.64 23.15 1.24
CA GLU D 460 21.94 24.52 1.66
C GLU D 460 23.23 24.57 2.47
N ALA D 461 23.54 23.51 3.22
CA ALA D 461 24.75 23.51 4.02
C ALA D 461 25.98 23.71 3.17
N MET D 462 26.04 23.05 2.01
CA MET D 462 27.14 23.23 1.08
C MET D 462 26.91 24.39 0.12
N GLU D 463 25.67 24.86 -0.03
CA GLU D 463 25.41 25.97 -0.94
C GLU D 463 25.74 27.31 -0.29
N GLN D 464 25.02 27.66 0.77
CA GLN D 464 25.18 28.94 1.43
C GLN D 464 26.08 28.86 2.67
N GLN D 465 26.60 27.68 2.99
CA GLN D 465 27.38 27.48 4.21
C GLN D 465 26.58 27.85 5.45
N THR D 466 25.26 27.72 5.39
CA THR D 466 24.39 28.01 6.51
C THR D 466 23.33 26.92 6.63
N ILE D 467 22.95 26.61 7.86
CA ILE D 467 21.86 25.68 8.14
C ILE D 467 20.65 26.51 8.53
N SER D 468 19.55 26.36 7.81
CA SER D 468 18.35 27.14 8.02
C SER D 468 17.26 26.23 8.58
N ILE D 469 16.84 26.51 9.80
CA ILE D 469 15.70 25.83 10.42
C ILE D 469 14.53 26.81 10.40
N ALA D 470 13.33 26.28 10.33
CA ALA D 470 12.14 27.11 10.16
C ALA D 470 11.13 26.82 11.25
N LYS D 471 10.52 27.89 11.76
CA LYS D 471 9.38 27.81 12.67
C LYS D 471 8.31 28.69 12.04
N ALA D 472 7.32 28.07 11.42
CA ALA D 472 6.26 28.80 10.73
C ALA D 472 6.88 29.76 9.72
N GLY D 473 6.92 31.05 10.03
CA GLY D 473 7.50 32.02 9.14
C GLY D 473 8.93 32.37 9.52
N ILE D 474 9.18 32.51 10.82
CA ILE D 474 10.51 32.88 11.27
C ILE D 474 11.50 31.77 10.91
N THR D 475 12.69 32.15 10.48
CA THR D 475 13.73 31.19 10.12
C THR D 475 15.00 31.55 10.85
N THR D 476 15.61 30.55 11.49
CA THR D 476 16.87 30.71 12.19
C THR D 476 18.00 30.16 11.33
N THR D 477 19.09 30.92 11.25
CA THR D 477 20.24 30.59 10.42
C THR D 477 21.46 30.36 11.30
N LEU D 478 22.11 29.21 11.11
CA LEU D 478 23.30 28.84 11.85
C LEU D 478 24.48 28.82 10.90
N ASN D 479 25.54 29.55 11.24
CA ASN D 479 26.69 29.64 10.37
C ASN D 479 27.46 28.32 10.38
N SER D 480 27.59 27.71 9.20
CA SER D 480 28.40 26.51 9.00
C SER D 480 29.30 26.74 7.79
N ARG D 481 30.45 27.36 8.04
CA ARG D 481 31.45 27.57 6.99
C ARG D 481 32.52 26.48 7.11
N CYS D 482 32.09 25.26 6.86
CA CYS D 482 32.92 24.07 7.04
C CYS D 482 33.21 23.43 5.69
N SER D 483 34.49 23.21 5.41
CA SER D 483 34.88 22.43 4.25
C SER D 483 34.58 20.95 4.51
N VAL D 484 33.92 20.32 3.55
CA VAL D 484 33.44 18.95 3.70
C VAL D 484 34.36 18.01 2.94
N LEU D 485 34.87 17.00 3.62
CA LEU D 485 35.62 15.91 3.01
C LEU D 485 34.76 14.65 3.16
N ALA D 486 34.08 14.28 2.09
CA ALA D 486 33.12 13.19 2.13
C ALA D 486 33.72 11.94 1.51
N ALA D 487 33.25 10.79 1.99
CA ALA D 487 33.66 9.49 1.46
C ALA D 487 32.42 8.68 1.16
N ALA D 488 32.40 8.03 0.00
CA ALA D 488 31.24 7.27 -0.44
C ALA D 488 31.71 6.16 -1.38
N ASN D 489 30.83 5.20 -1.60
CA ASN D 489 31.11 4.09 -2.51
C ASN D 489 30.35 4.19 -3.82
N SER D 490 29.13 4.73 -3.81
CA SER D 490 28.34 4.87 -5.03
C SER D 490 27.59 6.20 -5.05
N MET D 507 20.04 12.73 -4.09
CA MET D 507 21.41 12.41 -3.77
C MET D 507 22.39 12.85 -4.88
N PRO D 508 22.19 12.39 -6.12
CA PRO D 508 23.16 12.73 -7.17
C PRO D 508 23.31 14.23 -7.40
N THR D 509 22.27 15.01 -7.10
CA THR D 509 22.39 16.46 -7.26
C THR D 509 23.52 17.02 -6.41
N ILE D 510 23.72 16.46 -5.21
CA ILE D 510 24.79 16.93 -4.34
C ILE D 510 26.14 16.82 -5.05
N LEU D 511 26.31 15.79 -5.89
CA LEU D 511 27.59 15.63 -6.56
C LEU D 511 27.95 16.85 -7.38
N SER D 512 26.96 17.62 -7.82
CA SER D 512 27.25 18.79 -8.63
C SER D 512 27.92 19.90 -7.83
N ARG D 513 27.71 19.92 -6.52
CA ARG D 513 28.21 20.99 -5.66
C ARG D 513 29.55 20.67 -5.02
N PHE D 514 30.15 19.52 -5.32
CA PHE D 514 31.46 19.17 -4.79
C PHE D 514 32.54 19.78 -5.69
N ASP D 515 33.42 20.58 -5.09
CA ASP D 515 34.44 21.26 -5.87
C ASP D 515 35.37 20.26 -6.55
N MET D 516 35.79 19.23 -5.83
CA MET D 516 36.69 18.22 -6.36
C MET D 516 36.16 16.84 -5.99
N ILE D 517 36.23 15.92 -6.93
CA ILE D 517 35.78 14.54 -6.72
C ILE D 517 36.83 13.61 -7.30
N PHE D 518 37.24 12.62 -6.50
CA PHE D 518 38.25 11.66 -6.91
C PHE D 518 37.76 10.25 -6.64
N ILE D 519 38.01 9.37 -7.61
CA ILE D 519 37.70 7.95 -7.47
C ILE D 519 38.97 7.24 -7.03
N VAL D 520 38.80 6.25 -6.15
CA VAL D 520 39.91 5.44 -5.70
C VAL D 520 40.54 4.71 -6.88
N GLU D 553 57.29 14.69 7.08
CA GLU D 553 58.35 15.48 7.71
C GLU D 553 57.81 16.33 8.84
N ILE D 554 57.00 17.33 8.48
CA ILE D 554 56.46 18.25 9.47
C ILE D 554 55.53 17.49 10.41
N ASP D 555 55.68 17.73 11.71
CA ASP D 555 54.88 17.01 12.69
C ASP D 555 53.41 17.40 12.54
N LEU D 556 52.54 16.50 12.98
CA LEU D 556 51.11 16.77 12.92
C LEU D 556 50.77 18.10 13.60
N ALA D 557 51.26 18.29 14.82
CA ALA D 557 50.95 19.51 15.56
C ALA D 557 51.51 20.73 14.85
N LYS D 558 52.73 20.63 14.34
CA LYS D 558 53.31 21.76 13.61
C LYS D 558 52.50 22.06 12.36
N LEU D 559 52.03 21.02 11.67
CA LEU D 559 51.17 21.24 10.51
C LEU D 559 49.88 21.95 10.91
N LYS D 560 49.27 21.53 12.01
CA LYS D 560 48.03 22.18 12.44
C LYS D 560 48.27 23.64 12.78
N LYS D 561 49.39 23.93 13.45
CA LYS D 561 49.70 25.31 13.78
C LYS D 561 49.92 26.15 12.53
N PHE D 562 50.66 25.61 11.56
CA PHE D 562 50.87 26.34 10.31
C PHE D 562 49.56 26.57 9.59
N ILE D 563 48.69 25.56 9.55
CA ILE D 563 47.40 25.71 8.88
C ILE D 563 46.59 26.82 9.54
N ALA D 564 46.50 26.80 10.86
CA ALA D 564 45.74 27.83 11.56
C ALA D 564 46.34 29.21 11.29
N TYR D 565 47.66 29.31 11.36
CA TYR D 565 48.31 30.60 11.15
C TYR D 565 48.01 31.15 9.77
N CYS D 566 48.22 30.34 8.74
CA CYS D 566 47.97 30.79 7.38
C CYS D 566 46.50 31.14 7.18
N ARG D 567 45.60 30.31 7.71
CA ARG D 567 44.17 30.56 7.51
C ARG D 567 43.76 31.87 8.16
N VAL D 568 44.28 32.17 9.35
CA VAL D 568 43.86 33.38 10.02
C VAL D 568 44.58 34.61 9.49
N LYS D 569 45.73 34.46 8.83
CA LYS D 569 46.53 35.60 8.42
C LYS D 569 46.33 35.97 6.95
N CYS D 570 46.57 35.04 6.04
CA CYS D 570 46.62 35.34 4.61
C CYS D 570 45.38 34.84 3.90
N GLY D 571 44.72 35.74 3.17
CA GLY D 571 43.68 35.37 2.23
C GLY D 571 44.03 35.86 0.84
N PRO D 572 44.39 34.97 -0.08
CA PRO D 572 44.89 35.41 -1.39
C PRO D 572 43.77 35.84 -2.32
N ARG D 573 44.20 36.43 -3.44
CA ARG D 573 43.30 36.86 -4.50
C ARG D 573 43.98 36.57 -5.84
N LEU D 574 43.17 36.52 -6.89
CA LEU D 574 43.68 36.16 -8.21
C LEU D 574 44.30 37.36 -8.90
N SER D 575 45.52 37.19 -9.40
CA SER D 575 46.20 38.24 -10.15
C SER D 575 45.64 38.35 -11.56
N ALA D 576 45.78 39.53 -12.14
CA ALA D 576 45.20 39.79 -13.46
C ALA D 576 45.71 38.79 -14.48
N GLU D 577 47.02 38.53 -14.49
CA GLU D 577 47.56 37.55 -15.42
C GLU D 577 47.00 36.16 -15.16
N ALA D 578 46.96 35.76 -13.89
CA ALA D 578 46.42 34.45 -13.55
C ALA D 578 44.94 34.35 -13.91
N ALA D 579 44.17 35.40 -13.63
CA ALA D 579 42.75 35.38 -13.97
C ALA D 579 42.54 35.28 -15.47
N GLU D 580 43.32 36.04 -16.25
CA GLU D 580 43.18 35.97 -17.70
C GLU D 580 43.55 34.59 -18.23
N LYS D 581 44.62 34.00 -17.68
CA LYS D 581 44.99 32.66 -18.08
C LYS D 581 43.84 31.68 -17.80
N LEU D 582 43.24 31.78 -16.61
CA LEU D 582 42.13 30.91 -16.26
C LEU D 582 40.95 31.13 -17.20
N LYS D 583 40.67 32.40 -17.52
CA LYS D 583 39.55 32.71 -18.41
C LYS D 583 39.75 32.07 -19.78
N ASN D 584 40.94 32.24 -20.36
CA ASN D 584 41.21 31.62 -21.65
C ASN D 584 41.11 30.10 -21.56
N ARG D 585 41.65 29.52 -20.49
CA ARG D 585 41.59 28.07 -20.32
C ARG D 585 40.14 27.60 -20.22
N TYR D 586 39.31 28.36 -19.50
CA TYR D 586 37.90 28.01 -19.37
C TYR D 586 37.18 28.07 -20.71
N ILE D 587 37.48 29.08 -21.52
CA ILE D 587 36.88 29.14 -22.85
C ILE D 587 37.31 27.93 -23.67
N ILE D 588 38.59 27.56 -23.59
CA ILE D 588 39.07 26.39 -24.31
C ILE D 588 38.32 25.14 -23.87
N MET D 589 38.16 24.95 -22.56
CA MET D 589 37.49 23.77 -22.06
C MET D 589 36.04 23.72 -22.51
N ARG D 590 35.35 24.87 -22.49
CA ARG D 590 33.98 24.90 -22.99
C ARG D 590 33.93 24.56 -24.47
N SER D 591 34.84 25.12 -25.26
CA SER D 591 34.85 24.84 -26.69
C SER D 591 35.07 23.36 -26.97
N GLY D 592 36.01 22.74 -26.25
CA GLY D 592 36.22 21.32 -26.43
C GLY D 592 35.00 20.49 -26.06
N ALA D 593 34.32 20.87 -24.99
CA ALA D 593 33.13 20.17 -24.54
C ALA D 593 31.96 20.47 -25.47
N PRO D 607 29.59 18.70 -18.49
CA PRO D 607 30.88 19.30 -18.81
C PRO D 607 31.28 20.41 -17.82
N ILE D 608 32.28 21.21 -18.18
CA ILE D 608 32.69 22.31 -17.34
C ILE D 608 31.52 23.27 -17.17
N THR D 609 31.35 23.77 -15.95
CA THR D 609 30.30 24.72 -15.62
C THR D 609 30.91 25.88 -14.85
N VAL D 610 30.17 26.99 -14.79
CA VAL D 610 30.67 28.17 -14.11
C VAL D 610 30.98 27.86 -12.66
N ARG D 611 30.15 27.02 -12.03
CA ARG D 611 30.45 26.57 -10.68
C ARG D 611 31.83 25.91 -10.62
N GLN D 612 32.18 25.15 -11.65
CA GLN D 612 33.52 24.56 -11.69
C GLN D 612 34.59 25.64 -11.82
N LEU D 613 34.30 26.72 -12.55
CA LEU D 613 35.24 27.82 -12.61
C LEU D 613 35.46 28.41 -11.22
N GLU D 614 34.39 28.59 -10.46
CA GLU D 614 34.53 29.09 -9.10
C GLU D 614 35.33 28.12 -8.23
N ALA D 615 35.09 26.82 -8.40
CA ALA D 615 35.86 25.84 -7.66
C ALA D 615 37.35 25.93 -7.99
N ILE D 616 37.66 26.08 -9.27
CA ILE D 616 39.06 26.25 -9.68
C ILE D 616 39.64 27.51 -9.04
N VAL D 617 38.86 28.59 -8.99
CA VAL D 617 39.35 29.81 -8.39
C VAL D 617 39.67 29.60 -6.91
N ARG D 618 38.78 28.90 -6.21
CA ARG D 618 39.02 28.62 -4.79
C ARG D 618 40.26 27.76 -4.59
N ILE D 619 40.45 26.75 -5.44
CA ILE D 619 41.63 25.91 -5.34
C ILE D 619 42.89 26.73 -5.58
N ALA D 620 42.86 27.61 -6.58
CA ALA D 620 44.02 28.46 -6.85
C ALA D 620 44.31 29.37 -5.67
N GLU D 621 43.27 29.92 -5.06
CA GLU D 621 43.47 30.76 -3.88
C GLU D 621 44.08 29.96 -2.74
N ALA D 622 43.64 28.72 -2.54
CA ALA D 622 44.24 27.88 -1.51
C ALA D 622 45.70 27.62 -1.81
N LEU D 623 46.03 27.33 -3.07
CA LEU D 623 47.42 27.08 -3.42
C LEU D 623 48.28 28.30 -3.15
N SER D 624 47.80 29.48 -3.52
CA SER D 624 48.54 30.70 -3.24
C SER D 624 48.68 30.93 -1.74
N LYS D 625 47.64 30.59 -0.98
CA LYS D 625 47.69 30.76 0.47
C LYS D 625 48.74 29.85 1.09
N MET D 626 48.91 28.64 0.55
CA MET D 626 49.95 27.76 1.07
C MET D 626 51.30 28.47 1.13
N LYS D 627 51.61 29.28 0.13
CA LYS D 627 52.84 30.04 0.08
C LYS D 627 52.71 31.40 0.75
N LEU D 628 51.55 31.70 1.35
CA LEU D 628 51.32 32.97 2.03
C LEU D 628 51.57 34.15 1.10
N GLN D 629 51.05 34.05 -0.13
CA GLN D 629 51.20 35.13 -1.09
C GLN D 629 49.92 35.96 -1.12
N PRO D 630 50.01 37.30 -1.09
CA PRO D 630 48.77 38.10 -1.18
C PRO D 630 47.97 37.82 -2.44
N PHE D 631 48.63 37.52 -3.56
CA PHE D 631 47.97 37.26 -4.83
C PHE D 631 48.29 35.85 -5.29
N ALA D 632 47.62 35.43 -6.36
CA ALA D 632 47.80 34.12 -6.95
C ALA D 632 48.46 34.25 -8.31
N THR D 633 49.58 33.56 -8.49
CA THR D 633 50.33 33.62 -9.74
C THR D 633 49.70 32.71 -10.78
N GLU D 634 49.93 33.04 -12.05
CA GLU D 634 49.40 32.20 -13.13
C GLU D 634 49.91 30.77 -13.02
N ALA D 635 51.12 30.57 -12.48
CA ALA D 635 51.56 29.21 -12.22
C ALA D 635 50.66 28.54 -11.19
N ASP D 636 50.16 29.31 -10.23
CA ASP D 636 49.23 28.77 -9.26
C ASP D 636 47.93 28.35 -9.93
N VAL D 637 47.45 29.17 -10.87
CA VAL D 637 46.29 28.78 -11.66
C VAL D 637 46.57 27.51 -12.44
N GLU D 638 47.79 27.38 -12.97
CA GLU D 638 48.14 26.19 -13.73
C GLU D 638 48.11 24.95 -12.85
N GLU D 639 48.64 25.05 -11.63
CA GLU D 639 48.57 23.93 -10.70
C GLU D 639 47.13 23.61 -10.33
N ALA D 640 46.32 24.64 -10.09
CA ALA D 640 44.91 24.41 -9.79
C ALA D 640 44.22 23.73 -10.96
N LEU D 641 44.57 24.15 -12.17
CA LEU D 641 44.00 23.53 -13.36
C LEU D 641 44.47 22.09 -13.52
N ARG D 642 45.71 21.81 -13.14
CA ARG D 642 46.17 20.42 -13.19
C ARG D 642 45.36 19.56 -12.25
N LEU D 643 45.11 20.05 -11.03
CA LEU D 643 44.27 19.29 -10.11
C LEU D 643 42.85 19.14 -10.66
N PHE D 644 42.30 20.21 -11.24
CA PHE D 644 40.95 20.14 -11.77
C PHE D 644 40.88 19.24 -13.00
N GLN D 645 41.95 19.18 -13.78
CA GLN D 645 41.97 18.28 -14.93
C GLN D 645 42.08 16.84 -14.50
N VAL D 646 42.83 16.57 -13.44
CA VAL D 646 42.79 15.24 -12.83
C VAL D 646 41.35 14.90 -12.45
N SER D 647 40.69 15.83 -11.76
CA SER D 647 39.30 15.62 -11.35
C SER D 647 38.38 15.46 -12.55
N THR D 648 38.65 16.12 -13.67
CA THR D 648 37.74 16.11 -14.80
C THR D 648 37.93 14.91 -15.73
N LEU D 649 39.16 14.40 -15.88
CA LEU D 649 39.32 13.14 -16.60
C LEU D 649 38.81 12.00 -15.73
N ASP D 650 39.03 12.11 -14.43
CA ASP D 650 38.37 11.21 -13.50
C ASP D 650 36.86 11.35 -13.63
N ALA D 651 36.38 12.55 -13.93
CA ALA D 651 34.95 12.80 -14.12
C ALA D 651 34.43 12.16 -15.40
N ALA D 652 35.22 12.16 -16.47
CA ALA D 652 34.84 11.41 -17.66
C ALA D 652 34.67 9.93 -17.33
N LEU D 653 35.66 9.34 -16.67
CA LEU D 653 35.50 7.93 -16.31
C LEU D 653 34.45 7.75 -15.21
N SER D 654 34.07 8.83 -14.52
CA SER D 654 32.96 8.78 -13.58
C SER D 654 31.62 8.89 -14.28
N GLY D 655 31.59 9.54 -15.44
CA GLY D 655 30.40 9.61 -16.26
C GLY D 655 30.17 8.22 -16.79
N THR D 656 31.29 7.55 -17.10
CA THR D 656 31.24 6.11 -17.30
C THR D 656 30.74 5.40 -16.03
N LEU D 657 31.20 5.86 -14.86
CA LEU D 657 30.76 5.27 -13.60
C LEU D 657 29.32 5.67 -13.28
N SER D 658 28.98 6.96 -13.42
CA SER D 658 27.71 7.50 -12.97
C SER D 658 26.86 7.99 -14.13
N GLY D 659 27.35 8.94 -14.91
CA GLY D 659 26.62 9.46 -16.04
C GLY D 659 25.23 9.94 -15.69
N VAL D 660 25.12 10.74 -14.63
CA VAL D 660 23.85 11.26 -14.18
C VAL D 660 23.86 12.79 -14.21
N SER D 665 24.61 14.80 -19.54
CA SER D 665 25.15 13.70 -20.33
C SER D 665 24.26 13.41 -21.54
N GLN D 666 24.78 13.69 -22.74
CA GLN D 666 24.00 13.48 -23.95
C GLN D 666 23.66 12.01 -24.14
N GLU D 667 24.64 11.12 -23.94
CA GLU D 667 24.38 9.69 -24.11
C GLU D 667 23.37 9.19 -23.09
N ASP D 668 23.48 9.64 -21.84
CA ASP D 668 22.50 9.25 -20.83
C ASP D 668 21.11 9.74 -21.19
N GLN D 669 21.01 10.97 -21.70
CA GLN D 669 19.71 11.48 -22.12
C GLN D 669 19.15 10.64 -23.25
N GLU D 670 19.99 10.27 -24.22
CA GLU D 670 19.54 9.46 -25.34
C GLU D 670 19.04 8.10 -24.86
N MET D 671 19.78 7.45 -23.96
CA MET D 671 19.36 6.14 -23.49
C MET D 671 18.10 6.23 -22.63
N LEU D 672 17.96 7.31 -21.86
CA LEU D 672 16.71 7.55 -21.14
C LEU D 672 15.54 7.70 -22.10
N SER D 673 15.75 8.42 -23.20
CA SER D 673 14.72 8.52 -24.23
C SER D 673 14.40 7.15 -24.81
N ARG D 674 15.41 6.30 -24.99
CA ARG D 674 15.16 4.95 -25.45
C ARG D 674 14.28 4.18 -24.46
N ILE D 675 14.57 4.32 -23.16
CA ILE D 675 13.73 3.67 -22.15
C ILE D 675 12.31 4.20 -22.24
N GLU D 676 12.15 5.51 -22.42
CA GLU D 676 10.81 6.08 -22.53
C GLU D 676 10.07 5.49 -23.72
N LYS D 677 10.74 5.40 -24.87
CA LYS D 677 10.10 4.82 -26.05
C LYS D 677 9.73 3.36 -25.82
N GLN D 678 10.63 2.59 -25.21
CA GLN D 678 10.36 1.18 -24.97
C GLN D 678 9.17 0.99 -24.05
N LEU D 679 9.10 1.78 -22.97
CA LEU D 679 7.98 1.65 -22.04
C LEU D 679 6.68 2.10 -22.69
N LYS D 680 6.73 3.14 -23.52
CA LYS D 680 5.53 3.53 -24.26
C LYS D 680 5.05 2.40 -25.16
N ARG D 681 5.98 1.73 -25.85
CA ARG D 681 5.59 0.62 -26.72
C ARG D 681 5.00 -0.52 -25.92
N ARG D 682 5.61 -0.85 -24.77
CA ARG D 682 5.12 -1.97 -23.97
C ARG D 682 3.71 -1.70 -23.44
N PHE D 683 3.50 -0.53 -22.84
CA PHE D 683 2.22 -0.20 -22.22
C PHE D 683 2.03 1.30 -22.24
N ALA D 684 0.78 1.72 -22.25
CA ALA D 684 0.44 3.14 -22.26
C ALA D 684 -1.05 3.34 -21.99
N SER D 690 4.90 -8.32 -13.41
CA SER D 690 5.03 -7.60 -12.15
C SER D 690 6.09 -6.52 -12.24
N GLU D 691 6.14 -5.65 -11.23
CA GLU D 691 7.13 -4.58 -11.22
C GLU D 691 8.54 -5.13 -11.22
N HIS D 692 8.80 -6.16 -10.41
CA HIS D 692 10.13 -6.74 -10.33
C HIS D 692 10.57 -7.30 -11.68
N SER D 693 9.66 -7.99 -12.37
CA SER D 693 10.00 -8.54 -13.68
C SER D 693 10.32 -7.43 -14.67
N ILE D 694 9.56 -6.34 -14.64
CA ILE D 694 9.82 -5.22 -15.53
C ILE D 694 11.19 -4.63 -15.25
N ILE D 695 11.52 -4.44 -13.97
CA ILE D 695 12.81 -3.89 -13.60
C ILE D 695 13.93 -4.81 -14.09
N LYS D 696 13.77 -6.12 -13.87
CA LYS D 696 14.79 -7.06 -14.30
C LYS D 696 14.98 -7.03 -15.82
N ASP D 697 13.88 -6.97 -16.57
CA ASP D 697 14.00 -6.92 -18.03
C ASP D 697 14.74 -5.66 -18.47
N PHE D 698 14.32 -4.50 -17.96
CA PHE D 698 14.97 -3.26 -18.38
C PHE D 698 16.43 -3.25 -17.97
N THR D 699 16.76 -3.79 -16.80
CA THR D 699 18.15 -3.90 -16.39
C THR D 699 18.93 -4.79 -17.34
N LYS D 700 18.33 -5.92 -17.74
CA LYS D 700 18.97 -6.79 -18.72
C LYS D 700 19.15 -6.09 -20.07
N GLN D 701 18.37 -5.05 -20.34
CA GLN D 701 18.53 -4.26 -21.55
C GLN D 701 19.59 -3.17 -21.41
N LYS D 702 20.56 -3.35 -20.51
CA LYS D 702 21.66 -2.43 -20.27
C LYS D 702 21.22 -1.11 -19.65
N TYR D 703 19.95 -0.98 -19.29
CA TYR D 703 19.46 0.24 -18.68
C TYR D 703 19.82 0.26 -17.20
N PRO D 704 20.53 1.27 -16.71
CA PRO D 704 20.82 1.32 -15.27
C PRO D 704 19.54 1.38 -14.45
N GLU D 705 19.58 0.76 -13.27
CA GLU D 705 18.42 0.74 -12.40
C GLU D 705 18.00 2.16 -12.03
N HIS D 706 18.97 3.03 -11.74
CA HIS D 706 18.65 4.41 -11.40
C HIS D 706 17.93 5.10 -12.54
N ALA D 707 18.37 4.86 -13.78
CA ALA D 707 17.69 5.47 -14.93
C ALA D 707 16.26 4.99 -15.03
N ILE D 708 16.03 3.69 -14.83
CA ILE D 708 14.69 3.14 -14.90
C ILE D 708 13.80 3.77 -13.83
N HIS D 709 14.32 3.87 -12.61
CA HIS D 709 13.55 4.45 -11.51
C HIS D 709 13.23 5.91 -11.81
N LYS D 710 14.20 6.66 -12.34
CA LYS D 710 13.96 8.05 -12.66
C LYS D 710 12.89 8.19 -13.74
N VAL D 711 12.94 7.33 -14.77
CA VAL D 711 11.93 7.38 -15.82
C VAL D 711 10.55 7.08 -15.25
N LEU D 712 10.48 6.07 -14.38
CA LEU D 712 9.20 5.72 -13.77
C LEU D 712 8.65 6.88 -12.95
N GLN D 713 9.51 7.52 -12.15
CA GLN D 713 9.06 8.65 -11.34
C GLN D 713 8.59 9.81 -12.23
N LEU D 714 9.34 10.10 -13.29
CA LEU D 714 8.94 11.18 -14.19
C LEU D 714 7.59 10.90 -14.82
N MET D 715 7.39 9.67 -15.30
CA MET D 715 6.11 9.32 -15.91
C MET D 715 4.99 9.37 -14.89
N LEU D 716 5.27 9.02 -13.63
CA LEU D 716 4.27 9.18 -12.58
C LEU D 716 3.90 10.65 -12.40
N ARG D 717 4.90 11.53 -12.42
CA ARG D 717 4.60 12.96 -12.27
C ARG D 717 3.76 13.48 -13.42
N ARG D 718 4.07 13.07 -14.65
CA ARG D 718 3.33 13.52 -15.82
C ARG D 718 1.84 13.25 -15.68
N GLU E 17 7.60 -30.47 38.80
CA GLU E 17 7.68 -31.89 39.04
C GLU E 17 6.30 -32.48 39.28
N VAL E 18 5.47 -32.51 38.23
CA VAL E 18 4.15 -33.11 38.27
C VAL E 18 4.13 -34.25 37.25
N ARG E 19 3.74 -35.43 37.71
CA ARG E 19 3.77 -36.64 36.89
C ARG E 19 2.37 -36.96 36.42
N ASP E 20 2.19 -37.08 35.11
CA ASP E 20 0.90 -37.44 34.52
C ASP E 20 0.77 -38.96 34.55
N GLU E 21 -0.02 -39.46 35.51
CA GLU E 21 -0.16 -40.91 35.67
C GLU E 21 -0.55 -41.57 34.35
N VAL E 22 -1.42 -40.92 33.58
CA VAL E 22 -1.80 -41.46 32.27
C VAL E 22 -0.57 -41.55 31.38
N ALA E 23 0.23 -40.49 31.35
CA ALA E 23 1.40 -40.47 30.48
C ALA E 23 2.41 -41.54 30.89
N GLU E 24 2.68 -41.65 32.18
CA GLU E 24 3.65 -42.65 32.65
C GLU E 24 3.15 -44.06 32.39
N LYS E 25 1.86 -44.32 32.64
CA LYS E 25 1.32 -45.65 32.38
C LYS E 25 1.40 -45.98 30.89
N CYS E 26 1.07 -45.00 30.03
CA CYS E 26 1.14 -45.23 28.60
C CYS E 26 2.58 -45.48 28.17
N GLN E 27 3.54 -44.76 28.74
CA GLN E 27 4.94 -44.98 28.40
C GLN E 27 5.37 -46.39 28.79
N LYS E 28 5.01 -46.81 30.01
CA LYS E 28 5.37 -48.15 30.47
C LYS E 28 4.76 -49.21 29.55
N LEU E 29 3.48 -49.09 29.25
CA LEU E 29 2.81 -50.08 28.42
C LEU E 29 3.38 -50.08 27.00
N PHE E 30 3.71 -48.90 26.47
CA PHE E 30 4.28 -48.84 25.12
C PHE E 30 5.65 -49.51 25.09
N LEU E 31 6.49 -49.26 26.09
CA LEU E 31 7.79 -49.93 26.13
C LEU E 31 7.61 -51.44 26.25
N ASP E 32 6.66 -51.87 27.09
CA ASP E 32 6.40 -53.30 27.19
C ASP E 32 5.97 -53.87 25.86
N PHE E 33 5.08 -53.18 25.14
CA PHE E 33 4.64 -53.66 23.85
C PHE E 33 5.81 -53.76 22.89
N LEU E 34 6.69 -52.76 22.89
CA LEU E 34 7.84 -52.79 22.00
C LEU E 34 8.74 -53.99 22.30
N GLU E 35 8.98 -54.26 23.59
CA GLU E 35 9.97 -55.26 23.97
C GLU E 35 9.37 -56.65 24.17
N GLU E 36 8.06 -56.81 24.01
CA GLU E 36 7.43 -58.13 24.12
C GLU E 36 6.67 -58.55 22.87
N PHE E 37 5.93 -57.64 22.24
CA PHE E 37 5.11 -58.02 21.10
C PHE E 37 5.98 -58.62 20.00
N GLN E 38 5.48 -59.70 19.39
CA GLN E 38 6.23 -60.45 18.40
C GLN E 38 5.33 -60.81 17.24
N SER E 39 5.96 -61.02 16.08
CA SER E 39 5.24 -61.39 14.87
C SER E 39 4.80 -62.84 14.96
N SER E 40 4.20 -63.34 13.87
CA SER E 40 3.82 -64.75 13.81
C SER E 40 5.04 -65.65 13.95
N ASP E 41 6.23 -65.16 13.58
CA ASP E 41 7.45 -65.92 13.75
C ASP E 41 7.85 -66.09 15.20
N GLY E 42 7.22 -65.37 16.12
CA GLY E 42 7.58 -65.43 17.52
C GLY E 42 8.69 -64.50 17.95
N GLU E 43 9.17 -63.64 17.06
CA GLU E 43 10.22 -62.69 17.36
C GLU E 43 9.67 -61.27 17.34
N ILE E 44 10.31 -60.39 18.11
CA ILE E 44 9.88 -59.00 18.20
C ILE E 44 10.21 -58.31 16.89
N LYS E 45 9.19 -58.10 16.05
CA LYS E 45 9.43 -57.45 14.76
C LYS E 45 10.03 -56.07 14.95
N TYR E 46 9.54 -55.33 15.93
CA TYR E 46 10.01 -53.97 16.14
C TYR E 46 11.47 -53.92 16.55
N LEU E 47 11.99 -55.00 17.13
CA LEU E 47 13.43 -55.06 17.39
C LEU E 47 14.21 -54.94 16.09
N GLN E 48 13.84 -55.72 15.09
CA GLN E 48 14.52 -55.66 13.80
C GLN E 48 14.22 -54.35 13.08
N LEU E 49 13.00 -53.84 13.22
CA LEU E 49 12.68 -52.55 12.60
C LEU E 49 13.57 -51.45 13.17
N ALA E 50 13.73 -51.42 14.49
CA ALA E 50 14.61 -50.43 15.09
C ALA E 50 16.06 -50.66 14.67
N GLU E 51 16.49 -51.92 14.61
CA GLU E 51 17.82 -52.21 14.13
C GLU E 51 18.03 -51.61 12.74
N GLU E 52 17.00 -51.65 11.90
CA GLU E 52 17.05 -50.95 10.63
C GLU E 52 17.08 -49.43 10.85
N LEU E 53 16.36 -48.96 11.87
CA LEU E 53 16.26 -47.54 12.15
C LEU E 53 17.59 -46.94 12.59
N ILE E 54 18.54 -47.76 13.04
CA ILE E 54 19.81 -47.22 13.50
C ILE E 54 20.54 -46.49 12.38
N ARG E 55 20.28 -46.87 11.13
CA ARG E 55 21.00 -46.28 10.03
C ARG E 55 20.68 -44.79 9.91
N PRO E 56 21.61 -43.99 9.40
CA PRO E 56 21.33 -42.55 9.26
C PRO E 56 20.19 -42.32 8.27
N GLU E 57 19.50 -41.20 8.46
CA GLU E 57 18.33 -40.80 7.69
C GLU E 57 17.09 -41.56 8.14
N ARG E 58 17.22 -42.49 9.08
CA ARG E 58 16.11 -43.29 9.59
C ARG E 58 15.88 -42.92 11.05
N ASN E 59 15.08 -41.89 11.27
CA ASN E 59 14.75 -41.43 12.62
C ASN E 59 13.28 -41.64 12.97
N THR E 60 12.49 -42.19 12.07
CA THR E 60 11.08 -42.48 12.33
C THR E 60 10.87 -43.98 12.23
N LEU E 61 10.17 -44.54 13.22
CA LEU E 61 9.82 -45.94 13.25
C LEU E 61 8.31 -46.09 13.14
N VAL E 62 7.86 -46.93 12.22
CA VAL E 62 6.44 -47.16 12.02
C VAL E 62 5.96 -48.20 13.02
N VAL E 63 4.71 -48.06 13.45
CA VAL E 63 4.08 -49.02 14.36
C VAL E 63 2.68 -49.33 13.85
N SER E 64 2.32 -50.61 13.88
CA SER E 64 1.00 -51.03 13.44
C SER E 64 0.00 -50.83 14.57
N PHE E 65 -1.00 -49.96 14.33
CA PHE E 65 -1.96 -49.65 15.37
C PHE E 65 -2.75 -50.90 15.78
N VAL E 66 -3.15 -51.72 14.81
CA VAL E 66 -3.91 -52.92 15.13
C VAL E 66 -3.09 -53.86 16.01
N ASP E 67 -1.78 -53.94 15.76
CA ASP E 67 -0.93 -54.82 16.57
C ASP E 67 -0.95 -54.41 18.03
N LEU E 68 -0.70 -53.13 18.31
CA LEU E 68 -0.72 -52.67 19.70
C LEU E 68 -2.12 -52.75 20.29
N GLU E 69 -3.15 -52.57 19.46
CA GLU E 69 -4.51 -52.74 19.96
C GLU E 69 -4.74 -54.17 20.43
N GLN E 70 -4.28 -55.14 19.66
CA GLN E 70 -4.36 -56.53 20.10
C GLN E 70 -3.55 -56.75 21.36
N PHE E 71 -2.35 -56.17 21.43
CA PHE E 71 -1.52 -56.33 22.62
C PHE E 71 -2.21 -55.75 23.85
N ASN E 72 -2.83 -54.57 23.71
CA ASN E 72 -3.51 -53.93 24.82
C ASN E 72 -4.58 -53.01 24.24
N GLN E 73 -5.83 -53.45 24.29
CA GLN E 73 -6.93 -52.63 23.76
C GLN E 73 -7.06 -51.33 24.53
N GLN E 74 -6.92 -51.38 25.85
CA GLN E 74 -7.02 -50.17 26.66
C GLN E 74 -5.94 -49.17 26.27
N LEU E 75 -4.72 -49.65 26.04
CA LEU E 75 -3.64 -48.75 25.64
C LEU E 75 -3.96 -48.08 24.32
N SER E 76 -4.46 -48.85 23.35
CA SER E 76 -4.79 -48.27 22.05
C SER E 76 -5.91 -47.24 22.19
N THR E 77 -6.93 -47.56 23.00
CA THR E 77 -8.01 -46.60 23.19
C THR E 77 -7.50 -45.31 23.82
N THR E 78 -6.65 -45.43 24.84
CA THR E 78 -6.11 -44.23 25.47
C THR E 78 -5.27 -43.42 24.50
N ILE E 79 -4.42 -44.07 23.72
CA ILE E 79 -3.59 -43.34 22.76
C ILE E 79 -4.47 -42.63 21.74
N GLN E 80 -5.48 -43.32 21.22
CA GLN E 80 -6.40 -42.69 20.28
C GLN E 80 -7.07 -41.48 20.91
N GLU E 81 -7.54 -41.62 22.14
CA GLU E 81 -8.24 -40.51 22.80
C GLU E 81 -7.31 -39.35 23.12
N GLU E 82 -6.10 -39.66 23.57
CA GLU E 82 -5.13 -38.66 24.02
C GLU E 82 -3.79 -38.88 23.34
N PHE E 83 -3.81 -39.01 22.01
CA PHE E 83 -2.58 -39.24 21.27
C PHE E 83 -1.60 -38.09 21.46
N TYR E 84 -2.08 -36.86 21.34
CA TYR E 84 -1.17 -35.71 21.41
C TYR E 84 -0.56 -35.60 22.80
N ARG E 85 -1.35 -35.87 23.84
CA ARG E 85 -0.85 -35.76 25.21
C ARG E 85 0.28 -36.75 25.46
N VAL E 86 0.14 -37.98 24.95
CA VAL E 86 1.10 -39.03 25.27
C VAL E 86 2.22 -39.17 24.26
N TYR E 87 2.13 -38.51 23.11
CA TYR E 87 3.13 -38.73 22.06
C TYR E 87 4.55 -38.46 22.53
N PRO E 88 4.85 -37.37 23.22
CA PRO E 88 6.23 -37.17 23.67
C PRO E 88 6.74 -38.30 24.53
N TYR E 89 5.88 -38.87 25.37
CA TYR E 89 6.29 -39.99 26.20
C TYR E 89 6.54 -41.24 25.36
N LEU E 90 5.77 -41.44 24.30
CA LEU E 90 6.06 -42.52 23.37
C LEU E 90 7.43 -42.32 22.73
N CYS E 91 7.75 -41.08 22.34
CA CYS E 91 9.07 -40.81 21.78
C CYS E 91 10.17 -41.08 22.79
N ARG E 92 9.96 -40.70 24.05
CA ARG E 92 10.95 -40.99 25.08
C ARG E 92 11.12 -42.48 25.26
N ALA E 93 10.02 -43.24 25.21
CA ALA E 93 10.12 -44.70 25.30
C ALA E 93 10.93 -45.26 24.15
N LEU E 94 10.70 -44.75 22.94
CA LEU E 94 11.48 -45.20 21.79
C LEU E 94 12.95 -44.87 21.97
N LYS E 95 13.25 -43.67 22.47
CA LYS E 95 14.63 -43.29 22.72
C LYS E 95 15.28 -44.25 23.71
N THR E 96 14.60 -44.55 24.80
CA THR E 96 15.16 -45.47 25.79
C THR E 96 15.36 -46.85 25.19
N PHE E 97 14.40 -47.32 24.39
CA PHE E 97 14.49 -48.65 23.80
C PHE E 97 15.68 -48.74 22.86
N VAL E 98 15.91 -47.69 22.06
CA VAL E 98 16.94 -47.77 21.04
C VAL E 98 18.32 -47.49 21.64
N LYS E 99 18.41 -46.61 22.62
CA LYS E 99 19.70 -46.21 23.17
C LYS E 99 20.43 -47.41 23.78
N ASP E 100 19.74 -48.17 24.63
CA ASP E 100 20.38 -49.26 25.35
C ASP E 100 20.57 -50.51 24.49
N ARG E 101 19.98 -50.56 23.30
CA ARG E 101 20.02 -51.78 22.51
C ARG E 101 21.32 -51.89 21.72
N LYS E 102 21.58 -50.94 20.83
CA LYS E 102 22.70 -51.02 19.90
C LYS E 102 23.48 -49.71 19.91
N GLU E 103 24.48 -49.64 19.02
CA GLU E 103 25.35 -48.47 18.91
C GLU E 103 24.67 -47.43 18.02
N ILE E 104 23.72 -46.72 18.61
CA ILE E 104 23.00 -45.64 17.94
C ILE E 104 23.61 -44.33 18.43
N PRO E 105 23.63 -43.27 17.64
CA PRO E 105 24.16 -42.01 18.13
C PRO E 105 23.49 -41.60 19.44
N LEU E 106 24.30 -41.12 20.37
CA LEU E 106 23.81 -40.90 21.73
C LEU E 106 22.62 -39.95 21.75
N ALA E 107 22.57 -38.98 20.83
CA ALA E 107 21.54 -37.95 20.89
C ALA E 107 21.18 -37.53 19.47
N LYS E 108 20.12 -38.12 18.92
CA LYS E 108 19.48 -37.62 17.72
C LYS E 108 17.99 -37.88 17.84
N ASP E 109 17.20 -37.04 17.18
CA ASP E 109 15.76 -37.12 17.33
C ASP E 109 15.22 -38.46 16.85
N PHE E 110 14.21 -38.97 17.55
CA PHE E 110 13.49 -40.17 17.15
C PHE E 110 11.99 -39.91 17.25
N TYR E 111 11.24 -40.65 16.44
CA TYR E 111 9.79 -40.47 16.37
C TYR E 111 9.12 -41.81 16.15
N VAL E 112 7.83 -41.85 16.44
CA VAL E 112 7.00 -43.03 16.22
C VAL E 112 5.90 -42.66 15.24
N ALA E 113 5.74 -43.49 14.21
CA ALA E 113 4.74 -43.29 13.18
C ALA E 113 3.70 -44.40 13.27
N PHE E 114 2.43 -44.02 13.31
CA PHE E 114 1.33 -44.96 13.47
C PHE E 114 0.59 -45.15 12.16
N GLN E 115 0.16 -46.38 11.90
CA GLN E 115 -0.51 -46.74 10.66
C GLN E 115 -1.61 -47.75 10.99
N ASP E 116 -2.23 -48.28 9.93
CA ASP E 116 -3.25 -49.32 10.07
C ASP E 116 -4.41 -48.86 10.94
N LEU E 117 -4.82 -47.60 10.77
CA LEU E 117 -5.94 -47.05 11.51
C LEU E 117 -7.21 -47.30 10.72
N PRO E 118 -8.14 -48.12 11.22
CA PRO E 118 -9.36 -48.38 10.43
C PRO E 118 -10.22 -47.15 10.20
N THR E 119 -10.25 -46.22 11.15
CA THR E 119 -11.13 -45.05 11.06
C THR E 119 -10.54 -44.05 10.08
N ARG E 120 -11.23 -43.84 8.96
CA ARG E 120 -10.81 -42.90 7.92
C ARG E 120 -11.84 -41.78 7.84
N HIS E 121 -11.55 -40.67 8.50
CA HIS E 121 -12.47 -39.54 8.50
C HIS E 121 -12.29 -38.69 7.25
N LYS E 122 -13.29 -37.86 6.99
CA LYS E 122 -13.27 -36.92 5.88
C LYS E 122 -12.93 -35.54 6.41
N ILE E 123 -12.32 -34.71 5.54
CA ILE E 123 -11.95 -33.36 5.95
C ILE E 123 -13.17 -32.61 6.45
N ARG E 124 -14.35 -32.93 5.92
CA ARG E 124 -15.57 -32.34 6.44
C ARG E 124 -15.80 -32.72 7.90
N GLU E 125 -15.42 -33.95 8.27
CA GLU E 125 -15.69 -34.45 9.62
C GLU E 125 -14.70 -33.97 10.66
N LEU E 126 -13.59 -33.35 10.26
CA LEU E 126 -12.63 -32.83 11.22
C LEU E 126 -13.25 -31.65 11.95
N THR E 127 -13.67 -31.88 13.20
CA THR E 127 -14.26 -30.86 14.03
C THR E 127 -13.38 -30.62 15.24
N SER E 128 -13.62 -29.50 15.93
CA SER E 128 -12.82 -29.17 17.10
C SER E 128 -12.89 -30.27 18.16
N SER E 129 -13.99 -31.03 18.18
CA SER E 129 -14.09 -32.14 19.13
C SER E 129 -13.02 -33.19 18.89
N ARG E 130 -12.43 -33.23 17.70
CA ARG E 130 -11.39 -34.20 17.37
C ARG E 130 -9.99 -33.66 17.62
N ILE E 131 -9.87 -32.45 18.20
CA ILE E 131 -8.55 -31.88 18.43
C ILE E 131 -7.80 -32.72 19.45
N GLY E 132 -6.54 -33.04 19.14
CA GLY E 132 -5.68 -33.73 20.06
C GLY E 132 -5.72 -35.24 20.00
N LEU E 133 -6.64 -35.82 19.22
CA LEU E 133 -6.74 -37.27 19.12
C LEU E 133 -6.28 -37.75 17.75
N LEU E 134 -5.71 -38.95 17.74
CA LEU E 134 -5.19 -39.53 16.50
C LEU E 134 -6.32 -39.82 15.52
N THR E 135 -6.03 -39.61 14.24
CA THR E 135 -6.98 -39.87 13.18
C THR E 135 -6.23 -39.92 11.85
N ARG E 136 -6.84 -40.60 10.89
CA ARG E 136 -6.29 -40.73 9.53
C ARG E 136 -7.22 -40.06 8.55
N ILE E 137 -6.66 -39.24 7.66
CA ILE E 137 -7.43 -38.54 6.65
C ILE E 137 -6.81 -38.82 5.29
N SER E 138 -7.59 -38.61 4.24
CA SER E 138 -7.15 -38.81 2.88
C SER E 138 -7.41 -37.53 2.10
N GLY E 139 -6.41 -37.05 1.38
CA GLY E 139 -6.57 -35.83 0.64
C GLY E 139 -5.59 -35.79 -0.52
N GLN E 140 -5.63 -34.67 -1.24
CA GLN E 140 -4.74 -34.44 -2.36
C GLN E 140 -3.91 -33.20 -2.08
N VAL E 141 -2.59 -33.34 -2.14
CA VAL E 141 -1.72 -32.20 -1.90
C VAL E 141 -1.92 -31.18 -3.00
N VAL E 142 -1.90 -29.90 -2.63
CA VAL E 142 -2.09 -28.80 -3.55
C VAL E 142 -0.82 -27.97 -3.69
N ARG E 143 -0.27 -27.52 -2.56
CA ARG E 143 0.99 -26.79 -2.56
C ARG E 143 1.85 -27.24 -1.40
N THR E 144 3.16 -27.10 -1.60
CA THR E 144 4.17 -27.50 -0.62
C THR E 144 5.14 -26.35 -0.41
N HIS E 145 5.37 -26.03 0.88
CA HIS E 145 6.27 -24.97 1.30
C HIS E 145 7.67 -25.50 1.53
N PRO E 146 8.67 -24.61 1.58
CA PRO E 146 10.03 -25.07 1.85
C PRO E 146 10.16 -25.60 3.26
N VAL E 147 11.13 -26.50 3.44
CA VAL E 147 11.44 -26.96 4.79
C VAL E 147 11.98 -25.79 5.59
N HIS E 148 11.70 -25.79 6.89
CA HIS E 148 12.22 -24.76 7.77
C HIS E 148 12.45 -25.36 9.15
N PRO E 149 13.65 -25.20 9.72
CA PRO E 149 13.82 -25.54 11.13
C PRO E 149 12.94 -24.64 12.00
N GLU E 150 12.41 -25.22 13.07
CA GLU E 150 11.58 -24.49 14.01
C GLU E 150 11.91 -24.91 15.42
N LEU E 151 12.04 -23.93 16.31
CA LEU E 151 12.32 -24.22 17.71
C LEU E 151 11.10 -24.84 18.37
N VAL E 152 11.32 -25.94 19.08
CA VAL E 152 10.26 -26.65 19.77
C VAL E 152 10.39 -26.54 21.29
N SER E 153 11.61 -26.66 21.81
CA SER E 153 11.91 -26.54 23.24
C SER E 153 13.02 -25.52 23.38
N GLY E 154 12.65 -24.24 23.45
CA GLY E 154 13.64 -23.19 23.47
C GLY E 154 14.36 -23.10 24.80
N THR E 155 15.55 -22.48 24.75
CA THR E 155 16.35 -22.21 25.93
C THR E 155 16.76 -20.75 25.92
N PHE E 156 16.49 -20.05 27.02
CA PHE E 156 16.74 -18.63 27.14
C PHE E 156 17.55 -18.35 28.41
N LEU E 157 18.19 -17.19 28.42
CA LEU E 157 18.90 -16.69 29.60
C LEU E 157 18.35 -15.31 29.94
N CYS E 158 18.05 -15.10 31.22
CA CYS E 158 17.60 -13.78 31.66
C CYS E 158 18.78 -12.82 31.65
N LEU E 159 18.60 -11.67 31.01
CA LEU E 159 19.70 -10.70 30.92
C LEU E 159 20.08 -10.15 32.29
N ASP E 160 19.10 -9.73 33.09
CA ASP E 160 19.42 -9.12 34.38
C ASP E 160 20.08 -10.13 35.32
N CYS E 161 19.45 -11.29 35.47
CA CYS E 161 19.93 -12.29 36.41
C CYS E 161 20.77 -13.38 35.75
N GLN E 162 21.06 -13.26 34.46
CA GLN E 162 22.01 -14.14 33.77
C GLN E 162 21.88 -15.58 34.23
N THR E 163 20.65 -16.05 34.31
CA THR E 163 20.34 -17.44 34.60
C THR E 163 19.69 -18.08 33.38
N VAL E 164 20.14 -19.29 33.05
CA VAL E 164 19.73 -19.95 31.81
C VAL E 164 18.37 -20.60 32.02
N ILE E 165 17.36 -20.09 31.33
CA ILE E 165 16.06 -20.74 31.26
C ILE E 165 16.14 -21.87 30.24
N ARG E 166 15.69 -23.06 30.62
CA ARG E 166 15.83 -24.25 29.77
C ARG E 166 14.49 -24.96 29.62
N ASP E 167 14.30 -25.54 28.43
CA ASP E 167 13.12 -26.35 28.13
C ASP E 167 11.83 -25.55 28.25
N VAL E 168 11.87 -24.29 27.85
CA VAL E 168 10.67 -23.45 27.83
C VAL E 168 9.95 -23.75 26.52
N GLU E 169 9.10 -24.78 26.55
CA GLU E 169 8.47 -25.26 25.32
C GLU E 169 7.62 -24.15 24.70
N GLN E 170 7.66 -24.06 23.38
CA GLN E 170 6.90 -23.08 22.63
C GLN E 170 5.84 -23.78 21.80
N GLN E 171 4.61 -23.28 21.86
CA GLN E 171 3.48 -23.89 21.14
C GLN E 171 3.34 -23.24 19.77
N PHE E 172 4.30 -23.54 18.91
CA PHE E 172 4.28 -23.09 17.52
C PHE E 172 4.23 -21.57 17.40
N LYS E 173 4.86 -20.88 18.36
CA LYS E 173 4.94 -19.43 18.29
C LYS E 173 6.10 -18.97 19.16
N TYR E 174 6.51 -17.73 18.95
CA TYR E 174 7.67 -17.15 19.65
C TYR E 174 7.24 -16.80 21.08
N THR E 175 7.17 -17.83 21.92
CA THR E 175 6.72 -17.70 23.29
C THR E 175 7.94 -17.59 24.21
N GLN E 176 8.24 -16.38 24.64
CA GLN E 176 9.32 -16.15 25.60
C GLN E 176 8.88 -16.55 27.00
N PRO E 177 9.83 -16.75 27.91
CA PRO E 177 9.46 -17.10 29.29
C PRO E 177 8.57 -16.03 29.90
N ASN E 178 7.60 -16.48 30.70
CA ASN E 178 6.64 -15.55 31.30
C ASN E 178 7.34 -14.57 32.24
N ILE E 179 8.27 -15.07 33.04
CA ILE E 179 9.01 -14.28 34.03
C ILE E 179 10.35 -14.99 34.22
N CYS E 180 11.30 -14.29 34.83
CA CYS E 180 12.64 -14.85 35.00
C CYS E 180 12.58 -16.18 35.73
N ARG E 181 13.69 -16.90 35.67
CA ARG E 181 13.78 -18.14 36.45
C ARG E 181 13.96 -17.82 37.93
N ASN E 182 14.78 -16.82 38.23
CA ASN E 182 15.08 -16.50 39.62
C ASN E 182 13.88 -15.83 40.30
N PRO E 183 13.44 -16.34 41.45
CA PRO E 183 12.45 -15.57 42.22
C PRO E 183 12.96 -14.21 42.63
N VAL E 184 14.27 -14.06 42.81
CA VAL E 184 14.85 -12.78 43.21
C VAL E 184 14.68 -11.73 42.11
N CYS E 185 14.95 -12.10 40.87
CA CYS E 185 14.92 -11.17 39.74
C CYS E 185 13.63 -11.32 38.94
N ALA E 186 13.16 -10.19 38.42
CA ALA E 186 11.89 -10.10 37.71
C ALA E 186 12.05 -9.27 36.44
N ASN E 187 13.10 -9.56 35.66
CA ASN E 187 13.33 -8.84 34.41
C ASN E 187 12.10 -8.91 33.54
N ARG E 188 11.72 -10.11 33.12
CA ARG E 188 10.45 -10.40 32.45
C ARG E 188 10.38 -9.87 31.04
N ARG E 189 11.39 -9.14 30.56
CA ARG E 189 11.34 -8.54 29.24
C ARG E 189 12.60 -8.70 28.41
N ARG E 190 13.73 -9.12 28.96
CA ARG E 190 15.00 -9.10 28.26
C ARG E 190 15.64 -10.48 28.25
N PHE E 191 14.86 -11.50 27.92
CA PHE E 191 15.40 -12.84 27.76
C PHE E 191 16.16 -12.95 26.44
N LEU E 192 17.27 -13.67 26.46
CA LEU E 192 18.11 -13.85 25.29
C LEU E 192 18.07 -15.32 24.87
N LEU E 193 17.78 -15.56 23.60
CA LEU E 193 17.65 -16.93 23.09
C LEU E 193 19.02 -17.55 22.89
N ASP E 194 19.19 -18.77 23.42
CA ASP E 194 20.41 -19.55 23.24
C ASP E 194 20.19 -20.48 22.06
N THR E 195 20.62 -20.04 20.87
CA THR E 195 20.35 -20.80 19.66
C THR E 195 20.95 -22.20 19.74
N ASN E 196 22.20 -22.31 20.18
CA ASN E 196 22.87 -23.60 20.19
C ASN E 196 22.15 -24.58 21.11
N LYS E 197 21.78 -24.13 22.30
CA LYS E 197 21.10 -25.01 23.25
C LYS E 197 19.64 -25.26 22.87
N SER E 198 19.05 -24.38 22.08
CA SER E 198 17.65 -24.56 21.71
C SER E 198 17.47 -25.81 20.87
N ARG E 199 16.34 -26.48 21.06
CA ARG E 199 16.01 -27.68 20.30
C ARG E 199 15.15 -27.28 19.10
N PHE E 200 15.56 -27.74 17.92
CA PHE E 200 14.89 -27.42 16.67
C PHE E 200 14.45 -28.72 15.99
N VAL E 201 13.39 -28.61 15.18
CA VAL E 201 12.89 -29.72 14.38
C VAL E 201 12.44 -29.16 13.03
N ASP E 202 12.62 -29.96 11.98
CA ASP E 202 12.35 -29.49 10.63
C ASP E 202 10.88 -29.67 10.29
N PHE E 203 10.19 -28.56 10.00
CA PHE E 203 8.78 -28.56 9.66
C PHE E 203 8.58 -28.08 8.23
N GLN E 204 7.63 -28.70 7.55
CA GLN E 204 7.20 -28.29 6.22
C GLN E 204 5.70 -28.12 6.21
N LYS E 205 5.23 -26.97 5.76
CA LYS E 205 3.80 -26.69 5.67
C LYS E 205 3.29 -27.13 4.30
N VAL E 206 2.31 -28.03 4.30
CA VAL E 206 1.68 -28.50 3.07
C VAL E 206 0.21 -28.11 3.14
N ARG E 207 -0.42 -28.01 1.98
CA ARG E 207 -1.85 -27.76 1.90
C ARG E 207 -2.50 -28.89 1.13
N ILE E 208 -3.63 -29.39 1.65
CA ILE E 208 -4.34 -30.50 1.04
C ILE E 208 -5.80 -30.11 0.88
N GLN E 209 -6.45 -30.76 -0.08
CA GLN E 209 -7.85 -30.51 -0.36
C GLN E 209 -8.59 -31.83 -0.51
N GLU E 210 -9.91 -31.77 -0.39
CA GLU E 210 -10.72 -32.97 -0.50
C GLU E 210 -10.50 -33.64 -1.85
N THR E 211 -10.25 -34.94 -1.83
CA THR E 211 -10.14 -35.69 -3.08
C THR E 211 -11.48 -35.68 -3.80
N GLN E 212 -11.42 -35.69 -5.14
CA GLN E 212 -12.64 -35.59 -5.93
C GLN E 212 -13.62 -36.70 -5.59
N ALA E 213 -13.13 -37.83 -5.10
CA ALA E 213 -14.02 -38.94 -4.75
C ALA E 213 -14.99 -38.52 -3.65
N GLU E 214 -14.48 -37.86 -2.62
CA GLU E 214 -15.31 -37.42 -1.51
C GLU E 214 -15.95 -36.05 -1.74
N LEU E 215 -15.54 -35.33 -2.77
CA LEU E 215 -16.02 -33.98 -2.98
C LEU E 215 -17.48 -34.00 -3.42
N PRO E 216 -18.39 -33.36 -2.69
CA PRO E 216 -19.77 -33.24 -3.19
C PRO E 216 -19.81 -32.42 -4.46
N ARG E 217 -20.78 -32.72 -5.32
CA ARG E 217 -20.93 -32.00 -6.57
C ARG E 217 -21.17 -30.52 -6.30
N GLY E 218 -20.46 -29.68 -7.04
CA GLY E 218 -20.67 -28.24 -6.96
C GLY E 218 -20.41 -27.65 -5.60
N SER E 219 -19.54 -28.27 -4.80
CA SER E 219 -19.21 -27.80 -3.46
C SER E 219 -17.73 -27.46 -3.40
N ILE E 220 -17.42 -26.30 -2.84
CA ILE E 220 -16.02 -25.87 -2.72
C ILE E 220 -15.29 -26.83 -1.78
N PRO E 221 -14.12 -27.33 -2.14
CA PRO E 221 -13.41 -28.27 -1.26
C PRO E 221 -12.83 -27.56 -0.05
N ARG E 222 -12.60 -28.36 1.00
CA ARG E 222 -12.03 -27.86 2.24
C ARG E 222 -10.51 -27.93 2.16
N SER E 223 -9.85 -26.80 2.34
CA SER E 223 -8.39 -26.73 2.32
C SER E 223 -7.88 -26.84 3.75
N LEU E 224 -7.04 -27.83 4.00
CA LEU E 224 -6.49 -28.09 5.33
C LEU E 224 -4.97 -28.03 5.25
N GLU E 225 -4.37 -27.27 6.17
CA GLU E 225 -2.93 -27.18 6.26
C GLU E 225 -2.41 -28.29 7.17
N VAL E 226 -1.29 -28.88 6.78
CA VAL E 226 -0.67 -29.95 7.55
C VAL E 226 0.81 -29.65 7.71
N ILE E 227 1.37 -30.21 8.77
CA ILE E 227 2.78 -30.03 9.12
C ILE E 227 3.47 -31.37 9.00
N LEU E 228 4.55 -31.42 8.24
CA LEU E 228 5.33 -32.63 8.06
C LEU E 228 6.69 -32.46 8.73
N ARG E 229 7.16 -33.51 9.38
CA ARG E 229 8.43 -33.46 10.11
C ARG E 229 9.09 -34.82 10.06
N ALA E 230 10.41 -34.82 10.26
CA ALA E 230 11.22 -36.03 10.32
C ALA E 230 11.16 -36.71 8.95
N GLU E 231 10.98 -38.03 8.89
CA GLU E 231 11.03 -38.72 7.60
C GLU E 231 9.93 -38.29 6.65
N ALA E 232 8.84 -37.72 7.16
CA ALA E 232 7.72 -37.34 6.32
C ALA E 232 7.91 -36.00 5.63
N VAL E 233 9.02 -35.30 5.87
CA VAL E 233 9.17 -33.95 5.34
C VAL E 233 9.09 -33.96 3.82
N GLU E 234 9.86 -34.84 3.18
CA GLU E 234 9.92 -34.89 1.72
C GLU E 234 9.09 -36.01 1.14
N SER E 235 8.34 -36.73 1.98
CA SER E 235 7.60 -37.89 1.50
C SER E 235 6.53 -37.49 0.49
N ALA E 236 5.84 -36.38 0.73
CA ALA E 236 4.71 -35.97 -0.09
C ALA E 236 5.11 -34.79 -0.96
N GLN E 237 4.97 -34.96 -2.28
CA GLN E 237 5.27 -33.94 -3.26
C GLN E 237 3.98 -33.34 -3.80
N ALA E 238 4.10 -32.14 -4.36
CA ALA E 238 2.92 -31.40 -4.78
C ALA E 238 2.15 -32.17 -5.84
N GLY E 239 0.82 -32.12 -5.76
CA GLY E 239 -0.05 -32.68 -6.77
C GLY E 239 -0.46 -34.12 -6.56
N ASP E 240 0.10 -34.81 -5.58
CA ASP E 240 -0.19 -36.23 -5.37
C ASP E 240 -1.25 -36.41 -4.29
N LYS E 241 -1.93 -37.55 -4.35
CA LYS E 241 -2.97 -37.90 -3.38
C LYS E 241 -2.36 -38.81 -2.33
N CYS E 242 -2.56 -38.47 -1.06
CA CYS E 242 -1.93 -39.19 0.03
C CYS E 242 -2.87 -39.25 1.23
N ASP E 243 -2.60 -40.24 2.09
CA ASP E 243 -3.30 -40.41 3.36
C ASP E 243 -2.33 -40.11 4.49
N PHE E 244 -2.77 -39.25 5.41
CA PHE E 244 -1.97 -38.81 6.54
C PHE E 244 -2.55 -39.36 7.82
N THR E 245 -1.71 -40.01 8.63
CA THR E 245 -2.08 -40.42 9.97
C THR E 245 -1.42 -39.46 10.96
N GLY E 246 -2.24 -38.79 11.77
CA GLY E 246 -1.73 -37.78 12.67
C GLY E 246 -2.77 -37.33 13.69
N THR E 247 -2.77 -36.04 14.03
CA THR E 247 -3.73 -35.51 14.99
C THR E 247 -3.98 -34.04 14.69
N LEU E 248 -5.25 -33.66 14.64
CA LEU E 248 -5.58 -32.26 14.41
C LEU E 248 -5.25 -31.45 15.66
N ILE E 249 -4.68 -30.26 15.45
CA ILE E 249 -4.28 -29.39 16.55
C ILE E 249 -4.60 -27.96 16.18
N VAL E 250 -4.51 -27.08 17.17
CA VAL E 250 -4.76 -25.66 16.99
C VAL E 250 -3.44 -24.91 17.10
N VAL E 251 -3.34 -23.82 16.35
CA VAL E 251 -2.15 -22.98 16.36
C VAL E 251 -2.57 -21.52 16.43
N PRO E 252 -2.03 -20.72 17.35
CA PRO E 252 -2.41 -19.31 17.39
C PRO E 252 -1.98 -18.58 16.14
N ASP E 253 -2.77 -17.60 15.74
CA ASP E 253 -2.53 -16.82 14.53
C ASP E 253 -2.71 -15.34 14.85
N VAL E 254 -1.85 -14.53 14.25
CA VAL E 254 -1.92 -13.08 14.44
C VAL E 254 -3.30 -12.56 14.05
N LEU E 292 -7.40 -14.23 21.19
CA LEU E 292 -7.31 -15.67 21.37
C LEU E 292 -7.65 -16.40 20.08
N SER E 293 -7.20 -15.84 18.96
CA SER E 293 -7.46 -16.46 17.66
C SER E 293 -6.68 -17.76 17.53
N TYR E 294 -7.28 -18.72 16.82
CA TYR E 294 -6.63 -20.00 16.55
C TYR E 294 -7.07 -20.50 15.18
N ARG E 295 -6.22 -21.34 14.59
CA ARG E 295 -6.52 -21.98 13.32
C ARG E 295 -6.10 -23.43 13.38
N LEU E 296 -6.76 -24.25 12.57
CA LEU E 296 -6.58 -25.70 12.60
C LEU E 296 -5.45 -26.11 11.67
N VAL E 297 -4.65 -27.07 12.12
CA VAL E 297 -3.59 -27.67 11.32
C VAL E 297 -3.46 -29.14 11.72
N PHE E 298 -3.27 -30.00 10.74
CA PHE E 298 -3.20 -31.44 10.97
C PHE E 298 -1.73 -31.84 11.00
N LEU E 299 -1.21 -32.04 12.21
CA LEU E 299 0.16 -32.50 12.39
C LEU E 299 0.20 -34.00 12.09
N ALA E 300 0.82 -34.37 10.97
CA ALA E 300 0.78 -35.74 10.47
C ALA E 300 2.06 -36.47 10.86
N CYS E 301 1.91 -37.54 11.62
CA CYS E 301 3.07 -38.34 11.99
C CYS E 301 3.55 -39.18 10.83
N CYS E 302 2.63 -39.76 10.05
CA CYS E 302 3.00 -40.60 8.92
C CYS E 302 2.23 -40.18 7.69
N VAL E 303 2.88 -40.30 6.54
CA VAL E 303 2.28 -40.01 5.23
C VAL E 303 2.47 -41.23 4.35
N ALA E 304 1.41 -41.64 3.67
CA ALA E 304 1.47 -42.80 2.79
C ALA E 304 0.72 -42.50 1.51
N PRO E 305 1.05 -43.19 0.41
CA PRO E 305 0.26 -43.02 -0.81
C PRO E 305 -1.15 -43.58 -0.63
N THR E 306 -2.10 -42.93 -1.30
CA THR E 306 -3.50 -43.31 -1.17
C THR E 306 -3.69 -44.75 -1.62
N ASN E 307 -4.45 -45.52 -0.84
CA ASN E 307 -4.72 -46.93 -1.13
C ASN E 307 -3.47 -47.65 -1.62
N THR E 321 -2.04 -55.75 -6.83
CA THR E 321 -1.85 -56.92 -7.68
C THR E 321 -3.18 -57.44 -8.20
N ALA E 322 -3.15 -58.11 -9.36
CA ALA E 322 -4.38 -58.65 -9.93
C ALA E 322 -5.04 -59.65 -8.99
N GLU E 323 -4.23 -60.53 -8.38
CA GLU E 323 -4.78 -61.49 -7.44
C GLU E 323 -5.41 -60.80 -6.24
N SER E 324 -4.76 -59.75 -5.73
CA SER E 324 -5.32 -59.03 -4.60
C SER E 324 -6.68 -58.41 -4.95
N ILE E 325 -6.77 -57.80 -6.14
CA ILE E 325 -8.02 -57.19 -6.56
C ILE E 325 -9.11 -58.25 -6.73
N LYS E 326 -8.76 -59.36 -7.38
CA LYS E 326 -9.76 -60.39 -7.63
C LYS E 326 -10.26 -60.98 -6.32
N ASN E 327 -9.36 -61.20 -5.35
CA ASN E 327 -9.80 -61.65 -4.03
C ASN E 327 -10.69 -60.61 -3.37
N GLN E 328 -10.32 -59.33 -3.47
CA GLN E 328 -11.13 -58.27 -2.88
C GLN E 328 -12.44 -58.08 -3.63
N MET E 329 -12.43 -58.29 -4.94
CA MET E 329 -13.62 -58.06 -5.75
C MET E 329 -14.73 -59.05 -5.38
N THR E 330 -15.97 -58.59 -5.49
CA THR E 330 -17.11 -59.41 -5.14
C THR E 330 -17.30 -60.52 -6.18
N VAL E 331 -18.08 -61.53 -5.79
CA VAL E 331 -18.30 -62.67 -6.68
C VAL E 331 -19.02 -62.23 -7.95
N LYS E 332 -20.07 -61.43 -7.80
CA LYS E 332 -20.82 -61.00 -8.98
C LYS E 332 -19.98 -60.07 -9.85
N GLU E 333 -19.25 -59.14 -9.24
CA GLU E 333 -18.39 -58.24 -10.02
C GLU E 333 -17.31 -59.02 -10.74
N TRP E 334 -16.70 -59.99 -10.06
CA TRP E 334 -15.66 -60.79 -10.71
C TRP E 334 -16.24 -61.62 -11.85
N GLU E 335 -17.45 -62.16 -11.66
CA GLU E 335 -18.08 -62.89 -12.75
C GLU E 335 -18.34 -61.99 -13.94
N LYS E 336 -18.81 -60.76 -13.70
CA LYS E 336 -19.04 -59.83 -14.79
C LYS E 336 -17.74 -59.50 -15.51
N VAL E 337 -16.67 -59.26 -14.76
CA VAL E 337 -15.39 -58.93 -15.38
C VAL E 337 -14.86 -60.12 -16.16
N PHE E 338 -15.04 -61.34 -15.64
CA PHE E 338 -14.58 -62.53 -16.33
C PHE E 338 -15.33 -62.71 -17.64
N GLU E 339 -16.64 -62.46 -17.62
CA GLU E 339 -17.41 -62.49 -18.86
C GLU E 339 -16.91 -61.43 -19.83
N MET E 340 -16.62 -60.23 -19.31
CA MET E 340 -16.08 -59.17 -20.16
C MET E 340 -14.80 -59.62 -20.85
N SER E 341 -13.88 -60.21 -20.09
CA SER E 341 -12.65 -60.70 -20.67
C SER E 341 -12.92 -61.77 -21.72
N GLN E 342 -13.86 -62.67 -21.42
CA GLN E 342 -14.24 -63.71 -22.36
C GLN E 342 -15.21 -63.22 -23.44
N ASP E 343 -15.69 -61.99 -23.34
CA ASP E 343 -16.62 -61.44 -24.33
C ASP E 343 -15.84 -61.01 -25.56
N LYS E 344 -16.04 -61.71 -26.67
CA LYS E 344 -15.43 -61.31 -27.92
C LYS E 344 -16.14 -60.06 -28.45
N ASN E 345 -15.41 -59.30 -29.27
CA ASN E 345 -15.89 -58.02 -29.79
C ASN E 345 -16.14 -57.01 -28.67
N LEU E 346 -15.53 -57.23 -27.51
CA LEU E 346 -15.69 -56.29 -26.39
C LEU E 346 -15.19 -54.90 -26.76
N TYR E 347 -14.28 -54.82 -27.73
CA TYR E 347 -13.72 -53.53 -28.12
C TYR E 347 -14.81 -52.56 -28.57
N HIS E 348 -15.49 -52.89 -29.66
CA HIS E 348 -16.52 -52.01 -30.20
C HIS E 348 -17.68 -51.86 -29.23
N ASN E 349 -18.05 -52.94 -28.56
CA ASN E 349 -19.15 -52.86 -27.60
C ASN E 349 -18.86 -51.84 -26.52
N LEU E 350 -17.66 -51.90 -25.94
CA LEU E 350 -17.29 -50.95 -24.90
C LEU E 350 -17.18 -49.54 -25.45
N CYS E 351 -16.64 -49.38 -26.65
CA CYS E 351 -16.60 -48.05 -27.24
C CYS E 351 -17.99 -47.45 -27.32
N THR E 352 -18.93 -48.20 -27.90
CA THR E 352 -20.29 -47.69 -28.08
C THR E 352 -20.94 -47.42 -26.73
N SER E 353 -20.74 -48.31 -25.75
CA SER E 353 -21.33 -48.10 -24.44
C SER E 353 -20.79 -46.84 -23.78
N LEU E 354 -19.48 -46.61 -23.89
CA LEU E 354 -18.88 -45.44 -23.26
C LEU E 354 -19.22 -44.14 -23.96
N PHE E 355 -19.59 -44.17 -25.24
CA PHE E 355 -19.94 -42.96 -25.99
C PHE E 355 -21.31 -43.13 -26.63
N PRO E 356 -22.38 -42.99 -25.84
CA PRO E 356 -23.72 -43.07 -26.43
C PRO E 356 -24.13 -41.84 -27.19
N THR E 357 -23.88 -40.64 -26.64
CA THR E 357 -24.30 -39.40 -27.27
C THR E 357 -23.28 -38.92 -28.30
N ILE E 358 -22.92 -39.81 -29.22
CA ILE E 358 -21.97 -39.51 -30.28
C ILE E 358 -22.35 -40.34 -31.49
N HIS E 359 -22.03 -39.84 -32.68
CA HIS E 359 -22.26 -40.55 -33.92
C HIS E 359 -21.00 -40.50 -34.77
N GLY E 360 -20.65 -41.65 -35.35
CA GLY E 360 -19.44 -41.69 -36.13
C GLY E 360 -18.23 -41.51 -35.23
N ASN E 361 -17.12 -41.15 -35.87
CA ASN E 361 -15.86 -40.95 -35.16
C ASN E 361 -15.51 -42.19 -34.35
N ASP E 362 -15.76 -43.37 -34.93
CA ASP E 362 -15.44 -44.61 -34.24
C ASP E 362 -13.95 -44.69 -33.91
N GLU E 363 -13.10 -44.18 -34.81
CA GLU E 363 -11.67 -44.22 -34.57
C GLU E 363 -11.28 -43.37 -33.37
N VAL E 364 -11.91 -42.20 -33.21
CA VAL E 364 -11.62 -41.36 -32.07
C VAL E 364 -11.96 -42.08 -30.78
N LYS E 365 -13.12 -42.75 -30.75
CA LYS E 365 -13.52 -43.47 -29.55
C LYS E 365 -12.57 -44.63 -29.27
N ARG E 366 -12.14 -45.33 -30.32
CA ARG E 366 -11.17 -46.40 -30.14
C ARG E 366 -9.89 -45.87 -29.51
N GLY E 367 -9.35 -44.77 -30.05
CA GLY E 367 -8.13 -44.21 -29.50
C GLY E 367 -8.29 -43.76 -28.07
N VAL E 368 -9.43 -43.13 -27.75
CA VAL E 368 -9.67 -42.69 -26.39
C VAL E 368 -9.72 -43.87 -25.44
N LEU E 369 -10.38 -44.96 -25.84
CA LEU E 369 -10.43 -46.14 -24.99
C LEU E 369 -9.03 -46.72 -24.77
N LEU E 370 -8.23 -46.81 -25.84
CA LEU E 370 -6.88 -47.32 -25.71
C LEU E 370 -6.06 -46.44 -24.77
N MET E 371 -6.24 -45.13 -24.86
CA MET E 371 -5.61 -44.23 -23.90
C MET E 371 -6.05 -44.54 -22.48
N LEU E 372 -7.36 -44.76 -22.29
CA LEU E 372 -7.87 -45.07 -20.97
C LEU E 372 -7.20 -46.30 -20.38
N PHE E 373 -6.94 -47.31 -21.22
CA PHE E 373 -6.28 -48.51 -20.72
C PHE E 373 -4.80 -48.26 -20.46
N GLY E 374 -4.05 -47.93 -21.50
CA GLY E 374 -2.65 -47.57 -21.37
C GLY E 374 -1.71 -48.75 -21.49
N GLY E 375 -0.48 -48.46 -21.91
CA GLY E 375 0.54 -49.45 -22.11
C GLY E 375 1.31 -49.75 -20.84
N VAL E 376 2.36 -50.55 -20.99
CA VAL E 376 3.17 -51.02 -19.86
C VAL E 376 4.39 -50.10 -19.77
N PRO E 377 4.52 -49.30 -18.71
CA PRO E 377 5.73 -48.49 -18.56
C PRO E 377 6.94 -49.37 -18.28
N LYS E 378 8.09 -48.90 -18.74
CA LYS E 378 9.33 -49.67 -18.61
C LYS E 378 10.46 -48.72 -18.24
N THR E 379 11.32 -49.16 -17.32
CA THR E 379 12.50 -48.41 -16.91
C THR E 379 13.73 -49.24 -17.24
N THR E 380 14.65 -48.65 -17.99
CA THR E 380 15.82 -49.38 -18.44
C THR E 380 16.82 -49.55 -17.31
N GLY E 381 17.78 -50.45 -17.51
CA GLY E 381 18.85 -50.61 -16.54
C GLY E 381 19.72 -49.39 -16.39
N GLU E 382 19.74 -48.52 -17.39
CA GLU E 382 20.50 -47.28 -17.35
C GLU E 382 19.71 -46.13 -16.73
N GLY E 383 18.68 -46.43 -15.95
CA GLY E 383 17.90 -45.38 -15.33
C GLY E 383 17.15 -44.51 -16.32
N THR E 384 16.72 -45.09 -17.44
CA THR E 384 15.93 -44.39 -18.44
C THR E 384 14.51 -44.90 -18.41
N SER E 385 13.55 -43.98 -18.34
CA SER E 385 12.14 -44.32 -18.24
C SER E 385 11.52 -44.30 -19.62
N LEU E 386 10.94 -45.42 -20.02
CA LEU E 386 10.22 -45.54 -21.29
C LEU E 386 8.74 -45.34 -21.02
N ARG E 387 8.13 -44.37 -21.68
CA ARG E 387 6.74 -44.02 -21.42
C ARG E 387 5.84 -45.22 -21.62
N GLY E 388 4.88 -45.40 -20.71
CA GLY E 388 3.94 -46.50 -20.79
C GLY E 388 2.57 -46.07 -21.25
N ASP E 389 2.22 -44.82 -20.97
CA ASP E 389 0.93 -44.27 -21.36
C ASP E 389 1.05 -43.48 -22.66
N ILE E 390 -0.11 -43.23 -23.28
CA ILE E 390 -0.15 -42.62 -24.60
C ILE E 390 -0.87 -41.28 -24.52
N ASN E 391 -0.60 -40.44 -25.51
CA ASN E 391 -1.13 -39.09 -25.61
C ASN E 391 -1.92 -38.96 -26.90
N VAL E 392 -3.09 -38.34 -26.83
CA VAL E 392 -3.99 -38.24 -27.96
C VAL E 392 -4.38 -36.79 -28.17
N CYS E 393 -4.45 -36.37 -29.42
CA CYS E 393 -4.88 -35.02 -29.78
C CYS E 393 -5.99 -35.12 -30.80
N ILE E 394 -6.96 -34.23 -30.70
CA ILE E 394 -8.13 -34.21 -31.58
C ILE E 394 -8.23 -32.82 -32.18
N VAL E 395 -7.90 -32.70 -33.47
CA VAL E 395 -7.99 -31.43 -34.18
C VAL E 395 -9.26 -31.46 -34.99
N GLY E 396 -10.16 -30.52 -34.71
CA GLY E 396 -11.50 -30.59 -35.28
C GLY E 396 -12.05 -29.24 -35.68
N ASP E 397 -12.95 -29.27 -36.66
CA ASP E 397 -13.64 -28.09 -37.11
C ASP E 397 -14.59 -27.61 -36.01
N PRO E 398 -15.15 -26.41 -36.15
CA PRO E 398 -16.02 -25.89 -35.10
C PRO E 398 -17.17 -26.86 -34.81
N SER E 399 -17.53 -26.96 -33.54
CA SER E 399 -18.45 -27.98 -33.05
C SER E 399 -17.76 -29.33 -33.24
N THR E 400 -18.47 -30.37 -33.66
CA THR E 400 -17.96 -31.71 -33.93
C THR E 400 -17.70 -32.51 -32.66
N ALA E 401 -18.09 -32.00 -31.49
CA ALA E 401 -18.16 -32.78 -30.25
C ALA E 401 -16.81 -33.06 -29.62
N LYS E 402 -15.77 -32.27 -29.93
CA LYS E 402 -14.48 -32.45 -29.27
C LYS E 402 -14.60 -32.29 -27.77
N SER E 403 -15.08 -31.11 -27.34
CA SER E 403 -15.30 -30.89 -25.92
C SER E 403 -16.21 -31.96 -25.34
N GLN E 404 -17.11 -32.49 -26.16
CA GLN E 404 -17.97 -33.57 -25.69
C GLN E 404 -17.16 -34.83 -25.41
N PHE E 405 -16.21 -35.17 -26.30
CA PHE E 405 -15.32 -36.29 -26.04
C PHE E 405 -14.58 -36.10 -24.72
N LEU E 406 -13.97 -34.93 -24.54
CA LEU E 406 -13.20 -34.70 -23.33
C LEU E 406 -14.08 -34.74 -22.09
N LYS E 407 -15.29 -34.17 -22.18
CA LYS E 407 -16.20 -34.18 -21.03
C LYS E 407 -16.62 -35.59 -20.68
N HIS E 408 -16.91 -36.41 -21.69
CA HIS E 408 -17.24 -37.81 -21.42
C HIS E 408 -16.09 -38.52 -20.73
N VAL E 409 -14.87 -38.33 -21.23
CA VAL E 409 -13.72 -38.99 -20.63
C VAL E 409 -13.57 -38.56 -19.17
N GLU E 410 -13.69 -37.26 -18.92
CA GLU E 410 -13.54 -36.76 -17.56
C GLU E 410 -14.63 -37.33 -16.65
N GLU E 411 -15.88 -37.32 -17.13
CA GLU E 411 -16.99 -37.77 -16.28
C GLU E 411 -16.86 -39.24 -15.96
N PHE E 412 -16.53 -40.07 -16.95
CA PHE E 412 -16.49 -41.50 -16.73
C PHE E 412 -15.37 -41.89 -15.77
N SER E 413 -14.16 -41.42 -16.04
CA SER E 413 -12.97 -41.95 -15.38
C SER E 413 -12.64 -41.12 -14.15
N PRO E 414 -12.60 -41.70 -12.95
CA PRO E 414 -11.96 -41.01 -11.83
C PRO E 414 -10.46 -40.89 -12.08
N ARG E 415 -9.86 -39.89 -11.45
CA ARG E 415 -8.49 -39.46 -11.67
C ARG E 415 -8.33 -38.66 -12.95
N ALA E 416 -9.41 -38.45 -13.71
CA ALA E 416 -9.36 -37.65 -14.93
C ALA E 416 -9.82 -36.23 -14.61
N VAL E 417 -9.04 -35.25 -15.04
CA VAL E 417 -9.32 -33.85 -14.74
C VAL E 417 -9.45 -33.10 -16.06
N TYR E 418 -10.51 -32.30 -16.18
CA TYR E 418 -10.74 -31.48 -17.36
C TYR E 418 -10.27 -30.07 -17.10
N THR E 419 -9.59 -29.49 -18.09
CA THR E 419 -9.08 -28.13 -17.97
C THR E 419 -8.96 -27.56 -19.37
N SER E 420 -8.76 -26.25 -19.45
CA SER E 420 -8.70 -25.54 -20.72
C SER E 420 -7.37 -24.80 -20.84
N GLY E 421 -6.90 -24.67 -22.07
CA GLY E 421 -5.67 -23.95 -22.33
C GLY E 421 -5.76 -22.46 -22.08
N LYS E 422 -6.96 -21.94 -21.81
CA LYS E 422 -7.15 -20.54 -21.46
C LYS E 422 -7.12 -20.28 -19.96
N ALA E 423 -6.85 -21.30 -19.15
CA ALA E 423 -6.81 -21.12 -17.72
C ALA E 423 -5.75 -20.10 -17.33
N SER E 424 -6.12 -19.17 -16.45
CA SER E 424 -5.24 -18.10 -16.01
C SER E 424 -4.66 -18.37 -14.63
N SER E 425 -4.82 -19.57 -14.10
CA SER E 425 -4.31 -19.88 -12.77
C SER E 425 -2.80 -19.72 -12.74
N ALA E 426 -2.30 -19.27 -11.58
CA ALA E 426 -0.85 -19.11 -11.42
C ALA E 426 -0.11 -20.39 -11.76
N ALA E 427 -0.71 -21.54 -11.45
CA ALA E 427 -0.10 -22.80 -11.84
C ALA E 427 0.01 -22.91 -13.35
N GLY E 428 -1.02 -22.49 -14.07
CA GLY E 428 -0.98 -22.48 -15.52
C GLY E 428 -0.87 -23.85 -16.14
N LEU E 429 -1.71 -24.79 -15.68
CA LEU E 429 -1.82 -26.13 -16.23
C LEU E 429 -0.59 -26.98 -15.92
N THR E 430 0.26 -26.54 -15.01
CA THR E 430 1.42 -27.31 -14.59
C THR E 430 1.93 -26.72 -13.29
N ALA E 431 2.86 -27.43 -12.66
CA ALA E 431 3.42 -26.95 -11.41
C ALA E 431 4.09 -25.61 -11.61
N ALA E 432 3.96 -24.73 -10.62
CA ALA E 432 4.59 -23.42 -10.65
C ALA E 432 5.11 -23.10 -9.27
N VAL E 433 5.82 -21.98 -9.17
CA VAL E 433 6.29 -21.45 -7.89
C VAL E 433 5.66 -20.08 -7.71
N VAL E 434 4.93 -19.90 -6.61
CA VAL E 434 4.20 -18.66 -6.37
C VAL E 434 4.42 -18.22 -4.93
N ARG E 435 4.45 -16.90 -4.73
CA ARG E 435 4.55 -16.36 -3.38
C ARG E 435 3.21 -16.49 -2.68
N ASP E 436 3.22 -17.03 -1.46
CA ASP E 436 2.01 -17.05 -0.65
C ASP E 436 1.58 -15.63 -0.33
N GLU E 437 0.28 -15.36 -0.42
CA GLU E 437 -0.21 -14.02 -0.13
C GLU E 437 0.09 -13.63 1.31
N GLU E 438 -0.11 -14.55 2.26
CA GLU E 438 0.16 -14.25 3.66
C GLU E 438 1.64 -14.46 4.00
N SER E 439 2.13 -15.70 3.82
CA SER E 439 3.48 -16.01 4.25
C SER E 439 4.53 -15.27 3.42
N HIS E 440 4.23 -14.97 2.17
CA HIS E 440 5.14 -14.31 1.24
C HIS E 440 6.36 -15.16 0.92
N GLU E 441 6.33 -16.44 1.25
CA GLU E 441 7.41 -17.37 0.93
C GLU E 441 7.00 -18.20 -0.29
N PHE E 442 7.95 -18.39 -1.19
CA PHE E 442 7.67 -19.12 -2.42
C PHE E 442 7.26 -20.55 -2.10
N VAL E 443 6.16 -20.99 -2.72
CA VAL E 443 5.59 -22.30 -2.50
C VAL E 443 5.37 -22.96 -3.86
N ILE E 444 5.63 -24.26 -3.92
CA ILE E 444 5.46 -25.04 -5.14
C ILE E 444 3.98 -25.42 -5.21
N GLU E 445 3.25 -24.77 -6.12
CA GLU E 445 1.84 -25.01 -6.31
C GLU E 445 1.64 -26.00 -7.45
N ALA E 446 0.88 -27.06 -7.19
CA ALA E 446 0.59 -28.05 -8.20
C ALA E 446 -0.45 -27.54 -9.18
N GLY E 447 -0.24 -27.84 -10.46
CA GLY E 447 -1.18 -27.49 -11.51
C GLY E 447 -2.07 -28.67 -11.88
N ALA E 448 -2.99 -28.38 -12.80
CA ALA E 448 -3.95 -29.42 -13.22
C ALA E 448 -3.23 -30.64 -13.76
N LEU E 449 -2.18 -30.44 -14.55
CA LEU E 449 -1.44 -31.57 -15.09
C LEU E 449 -0.90 -32.43 -13.96
N MET E 450 -0.37 -31.81 -12.91
CA MET E 450 0.06 -32.56 -11.75
C MET E 450 -1.12 -33.24 -11.06
N LEU E 451 -2.25 -32.53 -10.95
CA LEU E 451 -3.42 -33.13 -10.31
C LEU E 451 -3.88 -34.38 -11.04
N ALA E 452 -3.54 -34.52 -12.31
CA ALA E 452 -3.89 -35.70 -13.09
C ALA E 452 -2.87 -36.82 -12.94
N ASP E 453 -2.08 -36.80 -11.87
CA ASP E 453 -1.02 -37.78 -11.70
C ASP E 453 -1.57 -39.20 -11.76
N ASN E 454 -0.92 -40.05 -12.56
CA ASN E 454 -1.37 -41.42 -12.77
C ASN E 454 -2.85 -41.45 -13.17
N GLY E 455 -3.24 -40.50 -14.01
CA GLY E 455 -4.63 -40.39 -14.44
C GLY E 455 -4.71 -39.89 -15.87
N VAL E 456 -5.63 -38.97 -16.11
CA VAL E 456 -5.83 -38.40 -17.44
C VAL E 456 -6.06 -36.90 -17.30
N CYS E 457 -5.48 -36.13 -18.22
CA CYS E 457 -5.67 -34.68 -18.26
C CYS E 457 -6.33 -34.34 -19.60
N CYS E 458 -7.61 -34.01 -19.55
CA CYS E 458 -8.35 -33.60 -20.74
C CYS E 458 -8.20 -32.10 -20.90
N ILE E 459 -7.29 -31.68 -21.77
CA ILE E 459 -6.97 -30.27 -21.96
C ILE E 459 -7.65 -29.79 -23.24
N ASP E 460 -8.53 -28.82 -23.11
CA ASP E 460 -9.23 -28.22 -24.24
C ASP E 460 -8.56 -26.91 -24.62
N GLU E 461 -8.83 -26.48 -25.86
CA GLU E 461 -8.18 -25.29 -26.40
C GLU E 461 -6.66 -25.46 -26.41
N PHE E 462 -6.21 -26.67 -26.69
CA PHE E 462 -4.78 -26.96 -26.63
C PHE E 462 -3.99 -26.07 -27.57
N ASP E 463 -4.59 -25.64 -28.67
CA ASP E 463 -3.89 -24.77 -29.61
C ASP E 463 -3.68 -23.37 -29.05
N LYS E 464 -4.41 -23.00 -28.01
CA LYS E 464 -4.39 -21.64 -27.47
C LYS E 464 -3.52 -21.51 -26.23
N MET E 465 -2.74 -22.53 -25.90
CA MET E 465 -1.90 -22.49 -24.72
C MET E 465 -0.80 -21.44 -24.86
N ASP E 466 -0.36 -20.91 -23.73
CA ASP E 466 0.72 -19.94 -23.70
C ASP E 466 2.06 -20.63 -23.92
N VAL E 467 3.05 -19.84 -24.37
CA VAL E 467 4.35 -20.41 -24.67
C VAL E 467 4.99 -20.96 -23.40
N ARG E 468 4.79 -20.28 -22.27
CA ARG E 468 5.30 -20.77 -21.00
C ARG E 468 4.72 -22.14 -20.68
N ASP E 469 3.39 -22.25 -20.67
CA ASP E 469 2.77 -23.55 -20.44
C ASP E 469 3.11 -24.52 -21.55
N GLN E 470 3.32 -24.02 -22.77
CA GLN E 470 3.63 -24.92 -23.87
C GLN E 470 4.97 -25.61 -23.64
N VAL E 471 5.98 -24.86 -23.24
CA VAL E 471 7.29 -25.47 -22.99
C VAL E 471 7.22 -26.36 -21.76
N ALA E 472 6.49 -25.94 -20.72
CA ALA E 472 6.34 -26.79 -19.55
C ALA E 472 5.72 -28.13 -19.92
N ILE E 473 4.67 -28.10 -20.72
CA ILE E 473 3.98 -29.32 -21.12
C ILE E 473 4.87 -30.16 -22.02
N HIS E 474 5.64 -29.52 -22.89
CA HIS E 474 6.59 -30.27 -23.72
C HIS E 474 7.56 -31.04 -22.85
N GLU E 475 8.15 -30.37 -21.85
CA GLU E 475 9.08 -31.06 -20.97
C GLU E 475 8.37 -32.19 -20.22
N ALA E 476 7.15 -31.94 -19.75
CA ALA E 476 6.42 -32.95 -18.99
C ALA E 476 6.19 -34.19 -19.83
N MET E 477 5.68 -34.02 -21.06
CA MET E 477 5.39 -35.17 -21.89
C MET E 477 6.66 -35.82 -22.43
N GLU E 478 7.78 -35.10 -22.49
CA GLU E 478 9.02 -35.71 -22.94
C GLU E 478 9.63 -36.58 -21.84
N GLN E 479 9.94 -35.97 -20.70
CA GLN E 479 10.63 -36.66 -19.63
C GLN E 479 9.70 -37.28 -18.60
N GLN E 480 8.39 -37.10 -18.73
CA GLN E 480 7.41 -37.61 -17.77
C GLN E 480 7.60 -37.04 -16.38
N THR E 481 8.46 -36.04 -16.22
CA THR E 481 8.65 -35.37 -14.95
C THR E 481 8.96 -33.90 -15.23
N ILE E 482 8.60 -33.03 -14.29
CA ILE E 482 8.81 -31.60 -14.42
C ILE E 482 9.81 -31.18 -13.36
N SER E 483 10.96 -30.67 -13.81
CA SER E 483 11.97 -30.12 -12.92
C SER E 483 11.75 -28.62 -12.86
N ILE E 484 11.25 -28.13 -11.73
CA ILE E 484 10.93 -26.72 -11.55
C ILE E 484 11.93 -26.13 -10.58
N THR E 485 12.64 -25.09 -11.03
CA THR E 485 13.62 -24.41 -10.20
C THR E 485 13.46 -22.91 -10.42
N LYS E 486 13.26 -22.17 -9.34
CA LYS E 486 13.10 -20.72 -9.43
C LYS E 486 13.04 -20.14 -8.02
N ALA E 487 13.48 -18.91 -7.89
CA ALA E 487 13.43 -18.18 -6.62
C ALA E 487 14.15 -18.93 -5.51
N GLY E 488 15.13 -19.75 -5.87
CA GLY E 488 15.88 -20.52 -4.90
C GLY E 488 15.27 -21.85 -4.55
N VAL E 489 13.99 -22.06 -4.88
CA VAL E 489 13.31 -23.32 -4.63
C VAL E 489 13.55 -24.24 -5.82
N LYS E 490 13.62 -25.53 -5.55
CA LYS E 490 13.90 -26.52 -6.59
C LYS E 490 13.18 -27.81 -6.25
N ALA E 491 12.60 -28.44 -7.26
CA ALA E 491 11.90 -29.70 -7.06
C ALA E 491 11.78 -30.41 -8.40
N THR E 492 11.58 -31.73 -8.32
CA THR E 492 11.42 -32.59 -9.49
C THR E 492 10.15 -33.41 -9.27
N LEU E 493 9.04 -32.91 -9.81
CA LEU E 493 7.73 -33.50 -9.60
C LEU E 493 7.47 -34.55 -10.66
N ASN E 494 7.25 -35.78 -10.24
CA ASN E 494 6.87 -36.84 -11.16
C ASN E 494 5.48 -36.60 -11.71
N ALA E 495 5.31 -36.80 -13.02
CA ALA E 495 4.01 -36.62 -13.67
C ALA E 495 3.91 -37.62 -14.81
N ARG E 496 3.31 -38.78 -14.52
CA ARG E 496 3.03 -39.81 -15.53
C ARG E 496 1.54 -39.70 -15.84
N THR E 497 1.19 -38.80 -16.74
CA THR E 497 -0.20 -38.49 -17.02
C THR E 497 -0.48 -38.59 -18.51
N SER E 498 -1.47 -39.39 -18.88
CA SER E 498 -1.96 -39.39 -20.24
C SER E 498 -2.69 -38.08 -20.51
N ILE E 499 -2.41 -37.50 -21.68
CA ILE E 499 -2.91 -36.18 -22.04
C ILE E 499 -3.81 -36.32 -23.26
N LEU E 500 -5.04 -35.85 -23.14
CA LEU E 500 -6.01 -35.84 -24.24
C LEU E 500 -6.29 -34.38 -24.57
N ALA E 501 -5.75 -33.91 -25.67
CA ALA E 501 -5.82 -32.52 -26.07
C ALA E 501 -6.85 -32.33 -27.17
N ALA E 502 -7.51 -31.18 -27.13
CA ALA E 502 -8.45 -30.78 -28.17
C ALA E 502 -7.95 -29.48 -28.79
N ALA E 503 -8.04 -29.38 -30.12
CA ALA E 503 -7.51 -28.23 -30.81
C ALA E 503 -8.34 -27.93 -32.05
N ASN E 504 -8.25 -26.69 -32.51
CA ASN E 504 -8.93 -26.27 -33.72
C ASN E 504 -7.91 -25.94 -34.80
N PRO E 505 -8.22 -26.22 -36.06
CA PRO E 505 -7.30 -25.85 -37.14
C PRO E 505 -7.13 -24.35 -37.21
N ILE E 506 -5.94 -23.92 -37.67
CA ILE E 506 -5.72 -22.51 -37.91
C ILE E 506 -6.77 -22.01 -38.88
N SER E 507 -7.33 -20.84 -38.59
CA SER E 507 -8.41 -20.19 -39.32
C SER E 507 -9.76 -20.82 -38.99
N GLY E 508 -9.81 -21.89 -38.21
CA GLY E 508 -11.06 -22.49 -37.81
C GLY E 508 -11.40 -23.76 -38.55
N HIS E 509 -11.18 -23.79 -39.86
CA HIS E 509 -11.51 -24.94 -40.69
C HIS E 509 -10.25 -25.64 -41.16
N TYR E 510 -10.29 -26.97 -41.14
CA TYR E 510 -9.12 -27.76 -41.51
C TYR E 510 -8.98 -27.79 -43.03
N ASP E 511 -7.83 -27.34 -43.52
CA ASP E 511 -7.53 -27.36 -44.95
C ASP E 511 -6.88 -28.70 -45.26
N ARG E 512 -7.66 -29.64 -45.79
CA ARG E 512 -7.14 -30.98 -46.04
C ARG E 512 -6.08 -31.01 -47.13
N SER E 513 -5.92 -29.93 -47.88
CA SER E 513 -4.88 -29.85 -48.89
C SER E 513 -3.56 -29.33 -48.35
N LYS E 514 -3.48 -29.07 -47.04
CA LYS E 514 -2.27 -28.58 -46.41
C LYS E 514 -1.78 -29.58 -45.37
N SER E 515 -0.48 -29.54 -45.10
CA SER E 515 0.10 -30.40 -44.09
C SER E 515 -0.43 -30.02 -42.71
N LEU E 516 -0.38 -30.98 -41.79
CA LEU E 516 -0.89 -30.74 -40.44
C LEU E 516 -0.17 -29.57 -39.79
N LYS E 517 1.15 -29.48 -39.99
CA LYS E 517 1.90 -28.36 -39.41
C LYS E 517 1.27 -27.03 -39.79
N GLN E 518 0.94 -26.87 -41.08
CA GLN E 518 0.31 -25.63 -41.53
C GLN E 518 -1.08 -25.46 -40.94
N ASN E 519 -1.71 -26.53 -40.46
CA ASN E 519 -3.06 -26.45 -39.94
C ASN E 519 -3.12 -26.08 -38.47
N ILE E 520 -2.06 -26.36 -37.69
CA ILE E 520 -2.05 -26.11 -36.27
C ILE E 520 -0.78 -25.33 -35.90
N ASN E 521 -0.87 -24.60 -34.80
CA ASN E 521 0.22 -23.75 -34.33
C ASN E 521 1.11 -24.45 -33.32
N LEU E 522 0.82 -25.70 -32.97
CA LEU E 522 1.63 -26.40 -31.98
C LEU E 522 3.06 -26.57 -32.49
N SER E 523 4.01 -26.51 -31.56
CA SER E 523 5.41 -26.64 -31.90
C SER E 523 5.71 -28.08 -32.34
N ALA E 524 6.78 -28.22 -33.11
CA ALA E 524 7.16 -29.53 -33.62
C ALA E 524 7.37 -30.55 -32.51
N PRO E 525 8.06 -30.23 -31.42
CA PRO E 525 8.23 -31.24 -30.36
C PRO E 525 6.92 -31.74 -29.78
N ILE E 526 5.95 -30.86 -29.57
CA ILE E 526 4.66 -31.28 -29.03
C ILE E 526 3.99 -32.25 -29.98
N MET E 527 3.97 -31.93 -31.27
CA MET E 527 3.34 -32.82 -32.24
C MET E 527 4.05 -34.16 -32.29
N SER E 528 5.39 -34.14 -32.24
CA SER E 528 6.15 -35.38 -32.36
C SER E 528 5.86 -36.32 -31.21
N ARG E 529 5.64 -35.76 -30.02
CA ARG E 529 5.47 -36.53 -28.79
C ARG E 529 4.02 -36.93 -28.53
N PHE E 530 3.15 -36.86 -29.55
CA PHE E 530 1.77 -37.29 -29.44
C PHE E 530 1.61 -38.62 -30.16
N ASP E 531 1.00 -39.60 -29.48
CA ASP E 531 0.86 -40.93 -30.06
C ASP E 531 -0.10 -40.91 -31.24
N LEU E 532 -1.24 -40.25 -31.11
CA LEU E 532 -2.28 -40.26 -32.12
C LEU E 532 -2.87 -38.88 -32.30
N PHE E 533 -3.07 -38.50 -33.56
CA PHE E 533 -3.81 -37.30 -33.94
C PHE E 533 -5.07 -37.75 -34.67
N PHE E 534 -6.21 -37.26 -34.21
CA PHE E 534 -7.50 -37.56 -34.84
C PHE E 534 -8.06 -36.28 -35.43
N ILE E 535 -8.29 -36.29 -36.74
CA ILE E 535 -8.80 -35.14 -37.46
C ILE E 535 -10.30 -35.31 -37.62
N LEU E 536 -11.06 -34.32 -37.17
CA LEU E 536 -12.52 -34.34 -37.25
C LEU E 536 -12.94 -33.25 -38.23
N VAL E 537 -13.28 -33.64 -39.46
CA VAL E 537 -13.69 -32.73 -40.51
C VAL E 537 -15.20 -32.76 -40.61
N ASP E 538 -15.82 -31.57 -40.67
CA ASP E 538 -17.26 -31.47 -40.76
C ASP E 538 -17.73 -31.86 -42.15
N GLU E 539 -18.07 -33.12 -42.34
CA GLU E 539 -18.51 -33.60 -43.64
C GLU E 539 -19.84 -32.97 -44.03
N CYS E 540 -19.98 -32.67 -45.32
CA CYS E 540 -21.22 -32.11 -45.85
C CYS E 540 -22.23 -33.18 -46.21
N ASN E 541 -21.90 -34.45 -46.01
CA ASN E 541 -22.82 -35.53 -46.35
C ASN E 541 -24.14 -35.36 -45.63
N GLU E 542 -25.24 -35.52 -46.37
CA GLU E 542 -26.56 -35.35 -45.78
C GLU E 542 -26.85 -36.44 -44.76
N VAL E 543 -26.42 -37.68 -45.04
CA VAL E 543 -26.74 -38.79 -44.13
C VAL E 543 -26.10 -38.56 -42.77
N THR E 544 -24.85 -38.10 -42.75
CA THR E 544 -24.16 -37.87 -41.48
C THR E 544 -24.87 -36.81 -40.66
N ASP E 545 -25.25 -35.71 -41.30
CA ASP E 545 -25.96 -34.64 -40.58
C ASP E 545 -27.31 -35.13 -40.09
N TYR E 546 -28.00 -35.92 -40.91
CA TYR E 546 -29.28 -36.48 -40.49
C TYR E 546 -29.10 -37.38 -39.26
N ALA E 547 -28.07 -38.22 -39.26
CA ALA E 547 -27.83 -39.10 -38.12
C ALA E 547 -27.47 -38.29 -36.87
N ILE E 548 -26.66 -37.24 -37.04
CA ILE E 548 -26.31 -36.41 -35.89
C ILE E 548 -27.55 -35.75 -35.31
N ALA E 549 -28.41 -35.22 -36.18
CA ALA E 549 -29.65 -34.63 -35.71
C ALA E 549 -30.50 -35.67 -35.00
N ARG E 550 -30.56 -36.88 -35.55
CA ARG E 550 -31.32 -37.95 -34.91
C ARG E 550 -30.80 -38.20 -33.49
N ARG E 551 -29.48 -38.33 -33.35
CA ARG E 551 -28.90 -38.58 -32.04
C ARG E 551 -29.27 -37.46 -31.07
N ILE E 552 -29.03 -36.21 -31.47
CA ILE E 552 -29.25 -35.10 -30.56
C ILE E 552 -30.72 -34.99 -30.17
N VAL E 553 -31.62 -35.11 -31.16
CA VAL E 553 -33.05 -34.95 -30.88
C VAL E 553 -33.55 -36.10 -30.01
N ASP E 554 -33.12 -37.32 -30.29
CA ASP E 554 -33.52 -38.45 -29.46
C ASP E 554 -33.03 -38.26 -28.04
N LEU E 555 -31.80 -37.77 -27.86
CA LEU E 555 -31.29 -37.51 -26.53
C LEU E 555 -32.14 -36.46 -25.81
N HIS E 556 -32.49 -35.39 -26.50
CA HIS E 556 -33.19 -34.30 -25.84
C HIS E 556 -34.65 -34.64 -25.57
N SER E 557 -35.27 -35.45 -26.43
CA SER E 557 -36.67 -35.82 -26.21
C SER E 557 -36.77 -36.94 -25.18
N ARG E 558 -36.18 -38.08 -25.47
CA ARG E 558 -36.06 -39.16 -24.49
C ARG E 558 -34.99 -38.75 -23.50
N ILE E 559 -35.41 -37.94 -22.53
CA ILE E 559 -34.49 -37.31 -21.57
C ILE E 559 -33.47 -38.33 -21.09
N GLU E 560 -33.93 -39.54 -20.79
CA GLU E 560 -33.07 -40.66 -20.47
C GLU E 560 -33.58 -41.89 -21.22
N GLU E 561 -32.90 -43.01 -21.02
CA GLU E 561 -33.26 -44.27 -21.65
C GLU E 561 -32.89 -44.27 -23.13
N SER E 562 -32.43 -43.13 -23.65
CA SER E 562 -31.95 -43.10 -25.04
C SER E 562 -30.62 -43.82 -25.17
N ILE E 563 -29.80 -43.78 -24.11
CA ILE E 563 -28.53 -44.48 -24.14
C ILE E 563 -28.77 -45.98 -24.18
N ASP E 564 -27.87 -46.69 -24.86
CA ASP E 564 -27.89 -48.15 -24.93
C ASP E 564 -26.50 -48.62 -24.49
N ARG E 565 -26.30 -48.72 -23.18
CA ARG E 565 -25.03 -49.13 -22.61
C ARG E 565 -25.04 -50.64 -22.42
N VAL E 566 -24.31 -51.35 -23.29
CA VAL E 566 -24.15 -52.78 -23.12
C VAL E 566 -23.43 -53.10 -21.81
N TYR E 567 -22.65 -52.15 -21.29
CA TYR E 567 -22.00 -52.28 -20.00
C TYR E 567 -22.17 -50.99 -19.21
N SER E 568 -22.43 -51.13 -17.92
CA SER E 568 -22.63 -49.98 -17.06
C SER E 568 -21.32 -49.26 -16.81
N LEU E 569 -21.42 -47.96 -16.47
CA LEU E 569 -20.22 -47.16 -16.24
C LEU E 569 -19.40 -47.73 -15.10
N ASP E 570 -20.05 -48.12 -14.00
CA ASP E 570 -19.32 -48.71 -12.89
C ASP E 570 -18.67 -50.02 -13.30
N ASP E 571 -19.36 -50.82 -14.11
CA ASP E 571 -18.78 -52.04 -14.63
C ASP E 571 -17.54 -51.74 -15.45
N ILE E 572 -17.61 -50.71 -16.30
CA ILE E 572 -16.44 -50.35 -17.11
C ILE E 572 -15.29 -49.90 -16.22
N ARG E 573 -15.60 -49.11 -15.18
CA ARG E 573 -14.55 -48.65 -14.28
C ARG E 573 -13.86 -49.82 -13.60
N ARG E 574 -14.64 -50.76 -13.06
CA ARG E 574 -14.02 -51.89 -12.38
C ARG E 574 -13.26 -52.77 -13.35
N TYR E 575 -13.77 -52.94 -14.57
CA TYR E 575 -13.02 -53.71 -15.56
C TYR E 575 -11.71 -53.04 -15.90
N LEU E 576 -11.71 -51.72 -16.04
CA LEU E 576 -10.46 -51.01 -16.31
C LEU E 576 -9.48 -51.18 -15.18
N LEU E 577 -9.96 -51.07 -13.93
CA LEU E 577 -9.06 -51.26 -12.80
C LEU E 577 -8.48 -52.68 -12.80
N PHE E 578 -9.31 -53.69 -13.10
CA PHE E 578 -8.80 -55.05 -13.14
C PHE E 578 -7.77 -55.22 -14.25
N ALA E 579 -8.05 -54.67 -15.43
CA ALA E 579 -7.13 -54.82 -16.55
C ALA E 579 -5.82 -54.11 -16.31
N ARG E 580 -5.85 -52.98 -15.59
CA ARG E 580 -4.61 -52.26 -15.31
C ARG E 580 -3.58 -53.15 -14.62
N GLN E 581 -4.03 -54.12 -13.83
CA GLN E 581 -3.11 -54.96 -13.08
C GLN E 581 -2.23 -55.82 -13.97
N PHE E 582 -2.62 -56.03 -15.22
CA PHE E 582 -1.85 -56.85 -16.15
C PHE E 582 -0.77 -56.01 -16.82
N LYS E 583 0.34 -56.67 -17.14
CA LYS E 583 1.47 -56.04 -17.83
C LYS E 583 1.84 -56.92 -19.01
N PRO E 584 1.11 -56.81 -20.12
CA PRO E 584 1.34 -57.74 -21.23
C PRO E 584 2.77 -57.69 -21.75
N LYS E 585 3.31 -58.86 -22.05
CA LYS E 585 4.63 -59.03 -22.62
C LYS E 585 4.52 -59.22 -24.14
N ILE E 586 5.66 -59.10 -24.82
CA ILE E 586 5.72 -59.18 -26.26
C ILE E 586 6.38 -60.50 -26.64
N SER E 587 5.66 -61.31 -27.42
CA SER E 587 6.19 -62.58 -27.88
C SER E 587 7.12 -62.38 -29.06
N LYS E 588 8.07 -63.31 -29.22
CA LYS E 588 8.96 -63.25 -30.37
C LYS E 588 8.18 -63.20 -31.67
N GLU E 589 7.07 -63.95 -31.74
CA GLU E 589 6.15 -63.77 -32.85
C GLU E 589 5.62 -62.35 -32.89
N SER E 590 5.21 -61.82 -31.74
CA SER E 590 4.78 -60.43 -31.68
C SER E 590 5.91 -59.49 -32.06
N GLU E 591 7.13 -59.80 -31.63
CA GLU E 591 8.27 -58.95 -31.96
C GLU E 591 8.45 -58.85 -33.48
N ASP E 592 8.51 -60.00 -34.16
CA ASP E 592 8.73 -59.97 -35.59
C ASP E 592 7.54 -59.37 -36.32
N PHE E 593 6.32 -59.59 -35.81
CA PHE E 593 5.15 -58.98 -36.44
C PHE E 593 5.23 -57.46 -36.34
N ILE E 594 5.64 -56.94 -35.17
CA ILE E 594 5.83 -55.50 -35.02
C ILE E 594 6.90 -55.02 -35.98
N VAL E 595 7.99 -55.77 -36.11
CA VAL E 595 9.06 -55.38 -37.02
C VAL E 595 8.52 -55.26 -38.44
N GLU E 596 7.76 -56.26 -38.88
CA GLU E 596 7.23 -56.24 -40.25
C GLU E 596 6.22 -55.11 -40.44
N GLN E 597 5.38 -54.86 -39.45
CA GLN E 597 4.43 -53.77 -39.56
C GLN E 597 5.15 -52.44 -39.69
N TYR E 598 6.21 -52.23 -38.90
CA TYR E 598 6.97 -51.01 -39.05
C TYR E 598 7.71 -50.96 -40.37
N LYS E 599 8.14 -52.11 -40.90
CA LYS E 599 8.70 -52.13 -42.24
C LYS E 599 7.71 -51.58 -43.25
N HIS E 600 6.47 -52.07 -43.20
CA HIS E 600 5.45 -51.57 -44.12
C HIS E 600 5.19 -50.09 -43.91
N LEU E 601 5.10 -49.67 -42.64
CA LEU E 601 4.81 -48.26 -42.36
C LEU E 601 5.91 -47.36 -42.91
N ARG E 602 7.17 -47.76 -42.72
CA ARG E 602 8.28 -46.99 -43.26
C ARG E 602 8.23 -46.98 -44.79
N GLN E 603 7.99 -48.15 -45.40
CA GLN E 603 7.92 -48.23 -46.84
C GLN E 603 6.85 -47.31 -47.40
N ARG E 604 5.76 -47.11 -46.65
CA ARG E 604 4.73 -46.18 -47.10
C ARG E 604 5.34 -44.82 -47.43
N ASP E 605 6.10 -44.26 -46.49
CA ASP E 605 6.87 -43.03 -46.71
C ASP E 605 6.03 -41.99 -47.44
N GLY E 606 4.80 -41.80 -46.97
CA GLY E 606 3.89 -40.85 -47.56
C GLY E 606 2.44 -41.19 -47.33
N LYS E 611 0.89 -37.26 -50.05
CA LYS E 611 1.94 -37.23 -49.03
C LYS E 611 1.33 -37.07 -47.63
N SER E 612 1.92 -37.77 -46.66
CA SER E 612 1.41 -37.71 -45.29
C SER E 612 1.69 -36.33 -44.69
N SER E 613 0.80 -35.93 -43.78
CA SER E 613 0.94 -34.62 -43.15
C SER E 613 2.23 -34.51 -42.37
N TRP E 614 2.54 -35.52 -41.56
CA TRP E 614 3.77 -35.56 -40.77
C TRP E 614 4.50 -36.87 -41.05
N ARG E 615 5.82 -36.79 -41.17
CA ARG E 615 6.61 -37.97 -41.52
C ARG E 615 6.50 -39.02 -40.43
N ILE E 616 7.15 -40.16 -40.64
CA ILE E 616 7.09 -41.29 -39.72
C ILE E 616 8.50 -41.56 -39.23
N THR E 617 8.69 -41.53 -37.92
CA THR E 617 9.98 -41.74 -37.27
C THR E 617 9.86 -42.86 -36.25
N VAL E 618 10.96 -43.13 -35.55
CA VAL E 618 10.94 -44.19 -34.55
C VAL E 618 9.97 -43.84 -33.44
N ARG E 619 9.66 -42.55 -33.27
CA ARG E 619 8.63 -42.18 -32.31
C ARG E 619 7.31 -42.84 -32.65
N GLN E 620 7.00 -42.94 -33.94
CA GLN E 620 5.79 -43.65 -34.34
C GLN E 620 5.88 -45.12 -33.99
N LEU E 621 7.07 -45.71 -34.09
CA LEU E 621 7.21 -47.11 -33.71
C LEU E 621 6.97 -47.29 -32.21
N GLU E 622 7.48 -46.36 -31.40
CA GLU E 622 7.21 -46.41 -29.97
C GLU E 622 5.72 -46.29 -29.69
N SER E 623 5.04 -45.36 -30.37
CA SER E 623 3.60 -45.24 -30.19
C SER E 623 2.89 -46.52 -30.60
N MET E 624 3.34 -47.16 -31.68
CA MET E 624 2.74 -48.40 -32.13
C MET E 624 2.85 -49.47 -31.07
N ILE E 625 4.04 -49.65 -30.50
CA ILE E 625 4.22 -50.69 -29.50
C ILE E 625 3.40 -50.39 -28.26
N ARG E 626 3.31 -49.11 -27.88
CA ARG E 626 2.48 -48.76 -26.73
C ARG E 626 1.01 -49.06 -26.98
N LEU E 627 0.51 -48.74 -28.17
CA LEU E 627 -0.87 -49.07 -28.50
C LEU E 627 -1.09 -50.58 -28.51
N SER E 628 -0.12 -51.33 -29.02
CA SER E 628 -0.24 -52.79 -29.01
C SER E 628 -0.31 -53.31 -27.59
N GLU E 629 0.51 -52.77 -26.69
CA GLU E 629 0.43 -53.15 -25.29
C GLU E 629 -0.94 -52.84 -24.71
N ALA E 630 -1.49 -51.67 -25.04
CA ALA E 630 -2.81 -51.31 -24.54
C ALA E 630 -3.88 -52.27 -25.06
N MET E 631 -3.81 -52.62 -26.34
CA MET E 631 -4.79 -53.53 -26.90
C MET E 631 -4.67 -54.91 -26.26
N ALA E 632 -3.44 -55.36 -25.99
CA ALA E 632 -3.26 -56.61 -25.26
C ALA E 632 -3.90 -56.50 -23.88
N ARG E 633 -3.75 -55.35 -23.23
CA ARG E 633 -4.39 -55.16 -21.93
C ARG E 633 -5.91 -55.19 -22.04
N MET E 634 -6.44 -54.85 -23.22
CA MET E 634 -7.90 -54.85 -23.39
C MET E 634 -8.50 -56.18 -22.98
N HIS E 635 -7.99 -57.28 -23.54
CA HIS E 635 -8.51 -58.61 -23.24
C HIS E 635 -7.90 -59.22 -21.99
N CYS E 636 -6.94 -58.53 -21.35
CA CYS E 636 -6.25 -58.97 -20.14
C CYS E 636 -5.27 -60.10 -20.41
N CYS E 637 -5.05 -60.48 -21.66
CA CYS E 637 -4.03 -61.48 -21.96
C CYS E 637 -2.65 -60.94 -21.65
N ASP E 638 -1.82 -61.79 -21.04
CA ASP E 638 -0.51 -61.36 -20.55
C ASP E 638 0.56 -61.35 -21.63
N GLU E 639 0.23 -61.75 -22.84
CA GLU E 639 1.20 -61.78 -23.93
C GLU E 639 0.58 -61.16 -25.17
N VAL E 640 1.41 -60.58 -26.02
CA VAL E 640 0.93 -59.93 -27.24
C VAL E 640 0.72 -60.98 -28.31
N GLN E 641 -0.29 -60.75 -29.14
CA GLN E 641 -0.62 -61.60 -30.27
C GLN E 641 -0.65 -60.74 -31.54
N PRO E 642 -0.48 -61.36 -32.70
CA PRO E 642 -0.48 -60.56 -33.93
C PRO E 642 -1.77 -59.78 -34.15
N LYS E 643 -2.89 -60.25 -33.59
CA LYS E 643 -4.15 -59.53 -33.74
C LYS E 643 -4.03 -58.12 -33.19
N HIS E 644 -3.49 -58.00 -31.97
CA HIS E 644 -3.35 -56.69 -31.36
C HIS E 644 -2.43 -55.80 -32.17
N VAL E 645 -1.30 -56.35 -32.63
CA VAL E 645 -0.36 -55.54 -33.39
C VAL E 645 -0.98 -55.05 -34.69
N LYS E 646 -1.68 -55.93 -35.40
CA LYS E 646 -2.26 -55.52 -36.67
C LYS E 646 -3.36 -54.49 -36.46
N GLU E 647 -4.17 -54.64 -35.42
CA GLU E 647 -5.21 -53.64 -35.16
C GLU E 647 -4.59 -52.31 -34.79
N ALA E 648 -3.52 -52.30 -33.98
CA ALA E 648 -2.85 -51.05 -33.65
C ALA E 648 -2.26 -50.41 -34.89
N PHE E 649 -1.67 -51.22 -35.76
CA PHE E 649 -1.15 -50.70 -37.03
C PHE E 649 -2.25 -50.07 -37.86
N ARG E 650 -3.41 -50.74 -37.94
CA ARG E 650 -4.53 -50.17 -38.67
C ARG E 650 -4.91 -48.81 -38.08
N LEU E 651 -5.04 -48.74 -36.76
CA LEU E 651 -5.44 -47.48 -36.13
C LEU E 651 -4.46 -46.37 -36.44
N LEU E 652 -3.18 -46.62 -36.20
CA LEU E 652 -2.19 -45.56 -36.39
C LEU E 652 -2.10 -45.16 -37.86
N ASN E 653 -2.13 -46.14 -38.78
CA ASN E 653 -2.04 -45.80 -40.19
C ASN E 653 -3.25 -45.00 -40.66
N LYS E 654 -4.44 -45.38 -40.19
CA LYS E 654 -5.63 -44.63 -40.55
C LYS E 654 -5.58 -43.21 -40.00
N SER E 655 -5.07 -43.05 -38.78
CA SER E 655 -4.97 -41.70 -38.20
C SER E 655 -4.12 -40.80 -39.08
N ILE E 656 -3.19 -41.36 -39.85
CA ILE E 656 -2.39 -40.56 -40.78
C ILE E 656 -3.30 -40.05 -41.89
N ILE E 657 -3.18 -38.76 -42.20
CA ILE E 657 -3.97 -38.12 -43.23
C ILE E 657 -3.02 -37.60 -44.31
N ARG E 658 -3.29 -37.95 -45.56
CA ARG E 658 -2.47 -37.51 -46.67
C ARG E 658 -3.01 -36.21 -47.26
N VAL E 659 -2.10 -35.40 -47.80
CA VAL E 659 -2.49 -34.13 -48.40
C VAL E 659 -3.37 -34.40 -49.62
N GLU E 660 -4.50 -33.71 -49.70
CA GLU E 660 -5.49 -33.94 -50.73
C GLU E 660 -5.32 -33.03 -51.94
N THR E 661 -4.28 -32.19 -51.97
CA THR E 661 -4.07 -31.28 -53.09
C THR E 661 -3.99 -32.04 -54.40
N LEU F 3 -35.38 28.50 40.27
CA LEU F 3 -36.19 29.71 40.39
C LEU F 3 -37.68 29.39 40.31
N LYS F 4 -38.01 28.17 39.89
CA LYS F 4 -39.39 27.74 39.77
C LYS F 4 -39.53 26.32 40.30
N ASP F 5 -40.73 26.01 40.78
CA ASP F 5 -41.03 24.70 41.35
C ASP F 5 -41.41 23.75 40.22
N TYR F 6 -40.54 22.78 39.94
CA TYR F 6 -40.81 21.85 38.87
C TYR F 6 -42.03 20.98 39.14
N ALA F 7 -42.43 20.81 40.40
CA ALA F 7 -43.69 20.13 40.68
C ALA F 7 -44.87 20.93 40.11
N LEU F 8 -44.84 22.25 40.28
CA LEU F 8 -45.89 23.08 39.70
C LEU F 8 -45.86 22.99 38.17
N GLU F 9 -44.66 22.91 37.60
CA GLU F 9 -44.57 22.74 36.15
C GLU F 9 -45.17 21.42 35.71
N LYS F 10 -44.93 20.35 36.48
CA LYS F 10 -45.54 19.07 36.16
C LYS F 10 -47.06 19.19 36.22
N GLU F 11 -47.58 19.88 37.23
CA GLU F 11 -49.03 20.08 37.32
C GLU F 11 -49.54 20.83 36.09
N LYS F 12 -48.82 21.88 35.67
CA LYS F 12 -49.26 22.65 34.52
C LYS F 12 -49.27 21.83 33.25
N VAL F 13 -48.23 21.01 33.04
CA VAL F 13 -48.19 20.22 31.82
C VAL F 13 -49.26 19.13 31.84
N LYS F 14 -49.52 18.54 33.02
CA LYS F 14 -50.62 17.59 33.11
C LYS F 14 -51.95 18.25 32.78
N LYS F 15 -52.16 19.46 33.31
CA LYS F 15 -53.39 20.19 33.00
C LYS F 15 -53.49 20.46 31.51
N PHE F 16 -52.38 20.86 30.89
CA PHE F 16 -52.39 21.14 29.47
C PHE F 16 -52.75 19.91 28.65
N LEU F 17 -52.10 18.78 28.93
CA LEU F 17 -52.39 17.57 28.19
C LEU F 17 -53.84 17.13 28.40
N GLN F 18 -54.32 17.16 29.65
CA GLN F 18 -55.67 16.73 29.92
C GLN F 18 -56.70 17.64 29.28
N GLU F 19 -56.45 18.95 29.31
CA GLU F 19 -57.46 19.96 28.98
C GLU F 19 -57.05 20.78 27.76
N PHE F 20 -56.50 20.13 26.74
CA PHE F 20 -56.25 20.76 25.46
C PHE F 20 -57.08 20.08 24.38
N TYR F 21 -57.80 20.88 23.60
CA TYR F 21 -58.67 20.36 22.56
C TYR F 21 -58.67 21.34 21.38
N GLN F 22 -58.44 20.81 20.18
CA GLN F 22 -58.55 21.59 18.96
C GLN F 22 -59.50 20.87 18.02
N ASP F 23 -60.47 21.60 17.48
CA ASP F 23 -61.49 20.99 16.66
C ASP F 23 -60.87 20.39 15.40
N ASP F 24 -61.07 19.09 15.20
CA ASP F 24 -60.48 18.37 14.09
C ASP F 24 -61.43 18.43 12.89
N GLU F 25 -61.24 17.53 11.92
CA GLU F 25 -62.05 17.47 10.72
C GLU F 25 -63.53 17.69 11.03
N LEU F 26 -64.17 18.58 10.28
CA LEU F 26 -65.58 18.92 10.50
C LEU F 26 -65.81 19.55 11.86
N GLY F 27 -64.82 20.27 12.37
CA GLY F 27 -64.96 20.96 13.64
C GLY F 27 -65.25 20.04 14.80
N LYS F 28 -64.64 18.86 14.80
CA LYS F 28 -64.86 17.88 15.87
C LYS F 28 -63.95 18.23 17.05
N LYS F 29 -64.55 18.75 18.12
CA LYS F 29 -63.79 19.04 19.33
C LYS F 29 -63.15 17.76 19.84
N GLN F 30 -61.83 17.68 19.77
CA GLN F 30 -61.09 16.48 20.17
C GLN F 30 -59.86 16.88 20.97
N PHE F 31 -59.60 16.14 22.03
CA PHE F 31 -58.40 16.35 22.84
C PHE F 31 -57.23 15.77 22.07
N LYS F 32 -56.51 16.65 21.36
CA LYS F 32 -55.47 16.18 20.45
C LYS F 32 -54.48 15.26 21.16
N TYR F 33 -54.14 15.58 22.40
CA TYR F 33 -53.19 14.77 23.14
C TYR F 33 -53.84 13.69 23.98
N GLY F 34 -55.11 13.86 24.35
CA GLY F 34 -55.79 12.79 25.08
C GLY F 34 -55.91 11.52 24.27
N ASN F 35 -56.25 11.64 22.99
CA ASN F 35 -56.33 10.47 22.13
C ASN F 35 -54.97 9.80 22.01
N GLN F 36 -53.91 10.60 21.85
CA GLN F 36 -52.57 10.03 21.77
C GLN F 36 -52.19 9.33 23.06
N LEU F 37 -52.60 9.89 24.21
CA LEU F 37 -52.35 9.23 25.47
C LEU F 37 -53.07 7.90 25.54
N VAL F 38 -54.30 7.84 25.04
CA VAL F 38 -55.02 6.57 25.01
C VAL F 38 -54.24 5.57 24.17
N ARG F 39 -53.82 5.98 22.97
CA ARG F 39 -53.11 5.07 22.08
C ARG F 39 -51.82 4.57 22.72
N LEU F 40 -51.10 5.47 23.39
CA LEU F 40 -49.89 5.06 24.09
C LEU F 40 -50.21 4.07 25.20
N ALA F 41 -51.29 4.32 25.95
CA ALA F 41 -51.68 3.40 27.01
C ALA F 41 -51.97 2.01 26.45
N HIS F 42 -52.42 1.94 25.20
CA HIS F 42 -52.65 0.65 24.54
C HIS F 42 -51.46 0.17 23.73
N ARG F 43 -50.30 0.78 23.87
CA ARG F 43 -49.10 0.43 23.10
C ARG F 43 -49.30 0.60 21.60
N GLU F 44 -50.31 1.35 21.17
CA GLU F 44 -50.54 1.55 19.75
C GLU F 44 -49.66 2.63 19.16
N GLN F 45 -48.97 3.41 19.99
CA GLN F 45 -48.06 4.45 19.54
C GLN F 45 -46.76 4.36 20.33
N VAL F 46 -45.69 4.87 19.74
CA VAL F 46 -44.37 4.85 20.35
C VAL F 46 -43.84 6.25 20.63
N ALA F 47 -44.02 7.18 19.70
CA ALA F 47 -43.54 8.55 19.85
C ALA F 47 -44.72 9.50 19.97
N LEU F 48 -44.57 10.50 20.84
CA LEU F 48 -45.58 11.53 21.06
C LEU F 48 -44.93 12.89 20.80
N TYR F 49 -45.13 13.44 19.61
CA TYR F 49 -44.60 14.75 19.30
C TYR F 49 -45.50 15.83 19.88
N VAL F 50 -44.89 16.82 20.53
CA VAL F 50 -45.62 17.92 21.17
C VAL F 50 -45.31 19.20 20.41
N ASP F 51 -46.36 19.91 20.01
CA ASP F 51 -46.21 21.16 19.27
C ASP F 51 -46.22 22.33 20.25
N LEU F 52 -45.11 23.06 20.30
CA LEU F 52 -45.01 24.16 21.24
C LEU F 52 -45.97 25.30 20.91
N ASP F 53 -46.48 25.36 19.67
CA ASP F 53 -47.52 26.34 19.37
C ASP F 53 -48.77 26.06 20.20
N ASP F 54 -49.13 24.79 20.35
CA ASP F 54 -50.28 24.45 21.17
C ASP F 54 -50.09 24.94 22.61
N VAL F 55 -48.88 24.74 23.15
CA VAL F 55 -48.60 25.23 24.49
C VAL F 55 -48.71 26.75 24.53
N ALA F 56 -48.19 27.42 23.51
CA ALA F 56 -48.33 28.87 23.43
C ALA F 56 -49.78 29.30 23.34
N GLU F 57 -50.68 28.39 22.96
CA GLU F 57 -52.08 28.75 22.83
C GLU F 57 -52.66 29.26 24.15
N ASP F 58 -52.13 28.79 25.28
CA ASP F 58 -52.63 29.24 26.57
C ASP F 58 -51.54 29.56 27.58
N ASP F 59 -50.26 29.43 27.22
CA ASP F 59 -49.20 29.71 28.18
C ASP F 59 -47.89 30.01 27.44
N PRO F 60 -47.72 31.23 26.91
CA PRO F 60 -46.43 31.56 26.29
C PRO F 60 -45.26 31.47 27.24
N GLU F 61 -45.48 31.73 28.54
CA GLU F 61 -44.40 31.65 29.50
C GLU F 61 -43.82 30.24 29.56
N LEU F 62 -44.69 29.23 29.50
CA LEU F 62 -44.21 27.86 29.51
C LEU F 62 -43.35 27.58 28.29
N VAL F 63 -43.76 28.07 27.12
CA VAL F 63 -42.95 27.87 25.92
C VAL F 63 -41.60 28.56 26.04
N ASP F 64 -41.60 29.77 26.59
CA ASP F 64 -40.33 30.48 26.77
C ASP F 64 -39.41 29.72 27.71
N SER F 65 -39.96 29.19 28.80
CA SER F 65 -39.15 28.41 29.72
C SER F 65 -38.62 27.14 29.06
N ILE F 66 -39.45 26.50 28.24
CA ILE F 66 -39.02 25.30 27.54
C ILE F 66 -37.87 25.62 26.59
N CYS F 67 -37.97 26.73 25.87
CA CYS F 67 -36.87 27.13 25.00
C CYS F 67 -35.61 27.44 25.80
N GLU F 68 -35.75 28.15 26.93
CA GLU F 68 -34.58 28.49 27.73
C GLU F 68 -33.90 27.25 28.29
N ASN F 69 -34.66 26.19 28.55
CA ASN F 69 -34.11 24.96 29.09
C ASN F 69 -34.98 23.81 28.60
N ALA F 70 -34.44 23.00 27.71
CA ALA F 70 -35.22 22.00 26.99
C ALA F 70 -35.16 20.62 27.59
N ARG F 71 -33.98 20.17 28.03
CA ARG F 71 -33.88 18.83 28.60
C ARG F 71 -34.75 18.69 29.84
N ARG F 72 -34.73 19.69 30.70
CA ARG F 72 -35.51 19.65 31.93
C ARG F 72 -36.99 19.48 31.62
N TYR F 73 -37.52 20.30 30.71
CA TYR F 73 -38.94 20.23 30.43
C TYR F 73 -39.29 18.98 29.63
N ALA F 74 -38.37 18.46 28.83
CA ALA F 74 -38.61 17.17 28.20
C ALA F 74 -38.80 16.08 29.25
N LYS F 75 -37.91 16.05 30.25
CA LYS F 75 -38.07 15.08 31.32
C LYS F 75 -39.35 15.31 32.10
N LEU F 76 -39.70 16.58 32.34
CA LEU F 76 -40.94 16.88 33.06
C LEU F 76 -42.17 16.37 32.30
N PHE F 77 -42.21 16.62 31.00
CA PHE F 77 -43.31 16.13 30.19
C PHE F 77 -43.36 14.61 30.19
N ALA F 78 -42.19 13.97 30.09
CA ALA F 78 -42.16 12.51 30.10
C ALA F 78 -42.71 11.96 31.41
N ASP F 79 -42.31 12.56 32.54
CA ASP F 79 -42.82 12.11 33.83
C ASP F 79 -44.32 12.35 33.94
N ALA F 80 -44.80 13.49 33.43
CA ALA F 80 -46.24 13.75 33.48
C ALA F 80 -47.01 12.71 32.67
N VAL F 81 -46.52 12.39 31.48
CA VAL F 81 -47.18 11.38 30.67
C VAL F 81 -47.13 10.03 31.37
N GLN F 82 -46.01 9.73 32.02
CA GLN F 82 -45.91 8.46 32.74
C GLN F 82 -46.94 8.37 33.84
N GLU F 83 -47.14 9.46 34.59
CA GLU F 83 -48.16 9.47 35.63
C GLU F 83 -49.56 9.35 35.04
N LEU F 84 -49.81 10.01 33.90
CA LEU F 84 -51.16 10.03 33.34
C LEU F 84 -51.53 8.73 32.65
N LEU F 85 -50.57 8.00 32.08
CA LEU F 85 -50.89 6.84 31.26
C LEU F 85 -51.83 5.85 31.93
N PRO F 86 -51.63 5.45 33.18
CA PRO F 86 -52.57 4.50 33.78
C PRO F 86 -54.01 4.97 33.75
N GLN F 87 -54.25 6.27 33.99
CA GLN F 87 -55.61 6.77 34.05
C GLN F 87 -56.31 6.62 32.71
N TYR F 88 -55.61 6.91 31.62
CA TYR F 88 -56.19 6.83 30.29
C TYR F 88 -56.25 5.42 29.73
N LYS F 89 -55.56 4.47 30.35
CA LYS F 89 -55.65 3.08 29.91
C LYS F 89 -57.07 2.57 30.07
N GLU F 90 -57.57 1.89 29.05
CA GLU F 90 -58.92 1.32 29.08
C GLU F 90 -59.00 -0.13 28.62
N ARG F 91 -58.03 -0.63 27.86
CA ARG F 91 -58.02 -2.02 27.41
C ARG F 91 -56.68 -2.65 27.78
N GLU F 92 -56.74 -3.90 28.22
CA GLU F 92 -55.53 -4.67 28.53
C GLU F 92 -55.01 -5.28 27.23
N VAL F 93 -54.36 -4.43 26.43
CA VAL F 93 -53.88 -4.88 25.13
C VAL F 93 -52.94 -6.07 25.30
N VAL F 94 -52.86 -6.90 24.26
CA VAL F 94 -51.94 -8.03 24.28
C VAL F 94 -50.54 -7.54 24.61
N ASN F 95 -49.82 -8.30 25.42
CA ASN F 95 -48.48 -7.89 25.83
C ASN F 95 -47.52 -8.01 24.66
N LYS F 96 -47.35 -6.91 23.93
CA LYS F 96 -46.47 -6.92 22.77
C LYS F 96 -45.02 -6.98 23.20
N ASP F 97 -44.21 -7.70 22.42
CA ASP F 97 -42.78 -7.83 22.72
C ASP F 97 -42.59 -8.48 24.09
N VAL F 98 -41.34 -8.63 24.50
CA VAL F 98 -41.03 -9.16 25.83
C VAL F 98 -40.85 -8.05 26.86
N LEU F 99 -40.58 -6.81 26.43
CA LEU F 99 -40.39 -5.73 27.40
C LEU F 99 -41.69 -5.40 28.11
N ASP F 100 -42.84 -5.53 27.45
CA ASP F 100 -44.11 -5.29 28.12
C ASP F 100 -44.35 -6.29 29.24
N VAL F 101 -44.13 -7.58 28.97
CA VAL F 101 -44.33 -8.59 30.00
C VAL F 101 -43.31 -8.43 31.11
N TYR F 102 -42.07 -8.05 30.75
CA TYR F 102 -41.06 -7.84 31.77
C TYR F 102 -41.46 -6.68 32.68
N ILE F 103 -41.99 -5.61 32.11
CA ILE F 103 -42.44 -4.47 32.90
C ILE F 103 -43.61 -4.88 33.79
N GLU F 104 -44.54 -5.67 33.25
CA GLU F 104 -45.66 -6.13 34.06
C GLU F 104 -45.16 -6.95 35.25
N HIS F 105 -44.19 -7.84 35.02
CA HIS F 105 -43.65 -8.63 36.12
C HIS F 105 -42.95 -7.74 37.14
N ARG F 106 -42.17 -6.75 36.68
CA ARG F 106 -41.51 -5.86 37.63
C ARG F 106 -42.53 -5.12 38.48
N LEU F 107 -43.59 -4.62 37.85
CA LEU F 107 -44.60 -3.88 38.60
C LEU F 107 -45.32 -4.78 39.59
N MET F 108 -45.63 -6.01 39.19
CA MET F 108 -46.26 -6.95 40.11
C MET F 108 -45.36 -7.21 41.31
N MET F 109 -44.07 -7.43 41.06
CA MET F 109 -43.16 -7.70 42.17
C MET F 109 -43.06 -6.49 43.09
N GLU F 110 -42.96 -5.28 42.53
CA GLU F 110 -42.85 -4.09 43.35
C GLU F 110 -44.10 -3.88 44.19
N GLN F 111 -45.28 -4.05 43.59
CA GLN F 111 -46.53 -3.91 44.32
C GLN F 111 -46.71 -5.02 45.34
N ARG F 112 -45.99 -6.13 45.20
CA ARG F 112 -46.05 -7.22 46.16
C ARG F 112 -45.31 -6.92 47.46
N SER F 113 -44.83 -5.69 47.65
CA SER F 113 -44.17 -5.29 48.88
C SER F 113 -45.07 -5.54 50.08
N MET F 118 -44.47 1.64 52.43
CA MET F 118 -43.28 1.37 53.24
C MET F 118 -42.11 2.24 52.77
N VAL F 119 -41.36 2.76 53.73
CA VAL F 119 -40.21 3.60 53.40
C VAL F 119 -39.14 2.73 52.75
N ARG F 120 -38.58 3.22 51.64
CA ARG F 120 -37.56 2.49 50.90
C ARG F 120 -36.50 3.48 50.41
N SER F 121 -35.28 2.98 50.27
CA SER F 121 -34.19 3.83 49.82
C SER F 121 -34.45 4.32 48.40
N PRO F 122 -34.00 5.54 48.06
CA PRO F 122 -34.23 6.03 46.70
C PRO F 122 -33.59 5.16 45.63
N GLN F 123 -32.45 4.54 45.92
CA GLN F 123 -31.81 3.66 44.94
C GLN F 123 -32.69 2.44 44.64
N ASN F 124 -33.30 1.87 45.67
CA ASN F 124 -34.03 0.62 45.52
C ASN F 124 -35.41 0.88 44.93
N GLN F 125 -35.41 1.34 43.68
CA GLN F 125 -36.63 1.52 42.92
C GLN F 125 -36.30 1.53 41.44
N TYR F 126 -37.29 1.21 40.63
CA TYR F 126 -37.08 1.12 39.20
C TYR F 126 -36.80 2.51 38.62
N PRO F 127 -35.83 2.63 37.71
CA PRO F 127 -35.65 3.90 37.01
C PRO F 127 -36.90 4.24 36.20
N ALA F 128 -37.17 5.54 36.09
CA ALA F 128 -38.30 5.98 35.29
C ALA F 128 -38.13 5.57 33.83
N GLU F 129 -36.90 5.64 33.33
CA GLU F 129 -36.65 5.32 31.93
C GLU F 129 -36.93 3.87 31.59
N LEU F 130 -37.02 3.00 32.60
CA LEU F 130 -37.39 1.61 32.35
C LEU F 130 -38.89 1.44 32.14
N MET F 131 -39.70 2.29 32.78
CA MET F 131 -41.15 2.32 32.55
C MET F 131 -41.42 3.29 31.41
N ARG F 132 -41.29 2.78 30.20
CA ARG F 132 -41.19 3.59 29.00
C ARG F 132 -41.76 2.83 27.80
N ARG F 133 -41.26 3.12 26.59
CA ARG F 133 -41.83 2.70 25.31
C ARG F 133 -42.88 3.72 24.89
N PHE F 134 -42.90 4.87 25.56
CA PHE F 134 -43.47 6.09 25.02
C PHE F 134 -42.37 7.13 24.97
N GLU F 135 -42.15 7.70 23.78
CA GLU F 135 -41.09 8.66 23.54
C GLU F 135 -41.71 10.04 23.37
N LEU F 136 -40.99 11.07 23.81
CA LEU F 136 -41.47 12.44 23.75
C LEU F 136 -40.50 13.29 22.94
N TYR F 137 -41.07 14.22 22.17
CA TYR F 137 -40.28 15.13 21.35
C TYR F 137 -41.05 16.43 21.23
N PHE F 138 -40.34 17.50 20.89
CA PHE F 138 -40.91 18.82 20.74
C PHE F 138 -40.83 19.28 19.27
N GLN F 139 -41.83 20.05 18.87
CA GLN F 139 -41.82 20.75 17.59
C GLN F 139 -41.71 22.25 17.85
N GLY F 140 -40.73 22.87 17.22
CA GLY F 140 -40.40 24.25 17.50
C GLY F 140 -41.56 25.18 17.20
N PRO F 141 -41.68 26.25 17.97
CA PRO F 141 -42.78 27.19 17.75
C PRO F 141 -42.63 27.94 16.44
N SER F 142 -43.77 28.30 15.85
CA SER F 142 -43.74 29.09 14.62
C SER F 142 -43.06 30.44 14.85
N SER F 143 -43.13 30.95 16.07
CA SER F 143 -42.53 32.26 16.35
C SER F 143 -41.03 32.22 16.16
N ASN F 144 -40.37 31.16 16.64
CA ASN F 144 -38.92 31.07 16.54
C ASN F 144 -38.51 30.72 15.12
N LYS F 145 -37.81 31.63 14.47
CA LYS F 145 -37.37 31.41 13.11
C LYS F 145 -36.26 30.37 13.06
N PRO F 146 -36.09 29.67 11.95
CA PRO F 146 -34.97 28.73 11.83
C PRO F 146 -33.64 29.45 12.01
N ARG F 147 -32.70 28.77 12.65
CA ARG F 147 -31.41 29.36 13.00
C ARG F 147 -30.32 28.75 12.13
N VAL F 148 -29.54 29.62 11.47
CA VAL F 148 -28.43 29.14 10.67
C VAL F 148 -27.44 28.40 11.57
N ILE F 149 -26.79 27.38 11.01
CA ILE F 149 -25.90 26.55 11.82
C ILE F 149 -24.80 27.40 12.43
N ARG F 150 -24.25 28.33 11.66
CA ARG F 150 -23.19 29.19 12.17
C ARG F 150 -23.67 30.01 13.35
N GLU F 151 -24.96 30.35 13.39
CA GLU F 151 -25.49 31.15 14.49
C GLU F 151 -25.63 30.33 15.76
N VAL F 152 -25.80 29.02 15.65
CA VAL F 152 -25.88 28.16 16.82
C VAL F 152 -24.50 28.10 17.46
N ARG F 153 -24.33 28.80 18.58
CA ARG F 153 -23.06 28.89 19.27
C ARG F 153 -23.22 28.37 20.69
N ALA F 154 -22.14 28.49 21.47
CA ALA F 154 -22.17 28.01 22.85
C ALA F 154 -23.22 28.72 23.67
N ASP F 155 -23.60 29.93 23.28
CA ASP F 155 -24.58 30.67 24.07
C ASP F 155 -25.94 29.99 24.07
N SER F 156 -26.27 29.26 23.00
CA SER F 156 -27.56 28.60 22.87
C SER F 156 -27.54 27.15 23.32
N VAL F 157 -26.43 26.66 23.88
CA VAL F 157 -26.39 25.30 24.38
C VAL F 157 -27.46 25.12 25.46
N GLY F 158 -28.19 24.02 25.38
CA GLY F 158 -29.27 23.76 26.30
C GLY F 158 -30.60 24.37 25.91
N LYS F 159 -30.68 25.00 24.75
CA LYS F 159 -31.92 25.61 24.28
C LYS F 159 -32.44 24.85 23.07
N LEU F 160 -33.76 24.71 22.98
CA LEU F 160 -34.37 24.09 21.82
C LEU F 160 -34.27 25.04 20.63
N VAL F 161 -33.70 24.55 19.54
CA VAL F 161 -33.45 25.36 18.35
C VAL F 161 -33.84 24.57 17.12
N THR F 162 -34.25 25.29 16.08
CA THR F 162 -34.60 24.73 14.79
C THR F 162 -33.61 25.23 13.76
N VAL F 163 -32.96 24.29 13.06
CA VAL F 163 -31.96 24.61 12.06
C VAL F 163 -32.37 23.96 10.75
N ARG F 164 -31.80 24.44 9.66
CA ARG F 164 -32.07 23.92 8.33
C ARG F 164 -30.75 23.66 7.62
N GLY F 165 -30.63 22.51 6.98
CA GLY F 165 -29.39 22.16 6.34
C GLY F 165 -29.53 21.04 5.34
N ILE F 166 -28.39 20.54 4.88
CA ILE F 166 -28.31 19.45 3.92
C ILE F 166 -27.54 18.31 4.58
N VAL F 167 -28.14 17.12 4.59
CA VAL F 167 -27.49 15.97 5.20
C VAL F 167 -26.29 15.58 4.35
N THR F 168 -25.13 15.45 5.00
CA THR F 168 -23.91 15.04 4.33
C THR F 168 -23.52 13.60 4.63
N ARG F 169 -24.05 13.00 5.69
CA ARG F 169 -23.75 11.61 5.99
C ARG F 169 -24.65 11.16 7.12
N VAL F 170 -25.09 9.91 7.04
CA VAL F 170 -25.95 9.29 8.05
C VAL F 170 -25.48 7.87 8.29
N SER F 171 -25.34 7.49 9.55
CA SER F 171 -24.89 6.16 9.92
C SER F 171 -26.08 5.20 10.02
N GLU F 172 -25.76 3.92 9.99
CA GLU F 172 -26.80 2.89 10.05
C GLU F 172 -27.45 2.85 11.43
N VAL F 173 -28.74 2.49 11.45
CA VAL F 173 -29.45 2.36 12.71
C VAL F 173 -28.79 1.29 13.56
N LYS F 174 -28.56 1.60 14.83
CA LYS F 174 -27.98 0.65 15.77
C LYS F 174 -28.70 0.75 17.10
N PRO F 175 -28.64 -0.29 17.92
CA PRO F 175 -29.29 -0.25 19.24
C PRO F 175 -28.39 0.40 20.27
N LYS F 176 -28.87 1.48 20.88
CA LYS F 176 -28.18 2.18 21.95
C LYS F 176 -28.84 1.83 23.27
N MET F 177 -28.03 1.49 24.27
CA MET F 177 -28.57 1.09 25.56
C MET F 177 -28.94 2.31 26.39
N VAL F 178 -30.10 2.26 27.03
CA VAL F 178 -30.61 3.35 27.85
C VAL F 178 -30.64 2.97 29.32
N VAL F 179 -31.01 1.73 29.64
CA VAL F 179 -31.02 1.25 31.02
C VAL F 179 -30.43 -0.14 31.07
N ALA F 180 -29.14 -0.23 31.40
CA ALA F 180 -28.50 -1.53 31.55
C ALA F 180 -29.12 -2.29 32.72
N THR F 181 -29.32 -3.60 32.53
CA THR F 181 -29.91 -4.46 33.53
C THR F 181 -28.95 -5.59 33.86
N TYR F 182 -28.76 -5.85 35.15
CA TYR F 182 -27.89 -6.91 35.62
C TYR F 182 -28.64 -7.80 36.60
N THR F 183 -28.27 -9.07 36.61
CA THR F 183 -28.77 -10.04 37.57
C THR F 183 -27.62 -10.53 38.43
N CYS F 184 -27.83 -10.56 39.74
CA CYS F 184 -26.76 -10.97 40.63
C CYS F 184 -26.58 -12.49 40.60
N ASP F 185 -25.44 -12.93 41.14
CA ASP F 185 -25.13 -14.34 41.21
C ASP F 185 -25.65 -15.01 42.48
N GLN F 186 -25.88 -14.24 43.55
CA GLN F 186 -26.29 -14.80 44.83
C GLN F 186 -27.69 -14.38 45.23
N CYS F 187 -27.97 -13.07 45.28
CA CYS F 187 -29.22 -12.60 45.86
C CYS F 187 -30.42 -12.77 44.94
N GLY F 188 -30.19 -13.00 43.65
CA GLY F 188 -31.31 -13.12 42.74
C GLY F 188 -32.12 -11.87 42.57
N ALA F 189 -31.61 -10.72 43.01
CA ALA F 189 -32.27 -9.44 42.79
C ALA F 189 -31.86 -8.92 41.41
N GLU F 190 -32.16 -7.66 41.14
CA GLU F 190 -31.87 -7.05 39.85
C GLU F 190 -31.27 -5.67 40.08
N THR F 191 -30.32 -5.31 39.23
CA THR F 191 -29.65 -4.02 39.29
C THR F 191 -29.87 -3.28 37.97
N TYR F 192 -29.97 -1.95 38.06
CA TYR F 192 -30.25 -1.13 36.90
C TYR F 192 -29.24 0.01 36.84
N GLN F 193 -28.96 0.46 35.64
CA GLN F 193 -27.96 1.51 35.42
C GLN F 193 -28.40 2.35 34.24
N PRO F 194 -29.01 3.51 34.48
CA PRO F 194 -29.23 4.44 33.37
C PRO F 194 -27.92 4.87 32.76
N ILE F 195 -27.91 5.03 31.44
CA ILE F 195 -26.71 5.41 30.70
C ILE F 195 -27.01 6.67 29.91
N GLN F 196 -26.18 7.69 30.09
CA GLN F 196 -26.24 8.91 29.29
C GLN F 196 -25.00 9.10 28.45
N SER F 197 -23.83 8.68 28.93
CA SER F 197 -22.59 8.89 28.20
C SER F 197 -22.49 7.93 27.02
N PRO F 198 -21.70 8.29 26.01
CA PRO F 198 -21.49 7.35 24.89
C PRO F 198 -20.82 6.05 25.28
N THR F 199 -20.12 6.02 26.41
CA THR F 199 -19.52 4.79 26.91
C THR F 199 -19.75 4.69 28.41
N PHE F 200 -19.68 3.47 28.92
CA PHE F 200 -19.93 3.25 30.34
C PHE F 200 -19.15 2.04 30.82
N MET F 201 -18.95 1.98 32.14
CA MET F 201 -18.25 0.88 32.79
C MET F 201 -19.29 -0.08 33.33
N PRO F 202 -19.38 -1.31 32.81
CA PRO F 202 -20.39 -2.24 33.35
C PRO F 202 -20.13 -2.53 34.82
N LEU F 203 -21.21 -2.68 35.56
CA LEU F 203 -21.11 -2.96 36.99
C LEU F 203 -20.52 -4.34 37.22
N ILE F 204 -20.03 -4.56 38.45
CA ILE F 204 -19.35 -5.80 38.79
C ILE F 204 -20.05 -6.46 39.98
N MET F 205 -20.07 -5.78 41.12
CA MET F 205 -20.63 -6.31 42.35
C MET F 205 -21.97 -5.64 42.62
N CYS F 206 -22.98 -6.45 42.90
CA CYS F 206 -24.34 -5.94 42.99
C CYS F 206 -24.48 -5.01 44.20
N PRO F 207 -25.24 -3.92 44.08
CA PRO F 207 -25.52 -3.09 45.26
C PRO F 207 -26.76 -3.56 46.01
N SER F 208 -27.20 -4.79 45.75
CA SER F 208 -28.41 -5.29 46.39
C SER F 208 -28.26 -5.26 47.90
N GLN F 209 -29.36 -4.91 48.58
CA GLN F 209 -29.35 -4.89 50.03
C GLN F 209 -29.07 -6.27 50.60
N GLU F 210 -29.66 -7.31 50.00
CA GLU F 210 -29.48 -8.66 50.52
C GLU F 210 -28.02 -9.06 50.53
N CYS F 211 -27.34 -8.92 49.38
CA CYS F 211 -25.93 -9.30 49.32
C CYS F 211 -25.08 -8.40 50.22
N GLN F 212 -25.38 -7.11 50.25
CA GLN F 212 -24.61 -6.21 51.12
C GLN F 212 -24.70 -6.65 52.57
N THR F 213 -25.91 -6.97 53.05
CA THR F 213 -26.05 -7.42 54.43
C THR F 213 -25.40 -8.78 54.64
N ASN F 214 -25.54 -9.68 53.67
CA ASN F 214 -24.93 -10.99 53.76
C ASN F 214 -23.49 -11.00 53.28
N ARG F 215 -23.00 -9.86 52.79
CA ARG F 215 -21.63 -9.74 52.30
C ARG F 215 -21.21 -10.99 51.53
N SER F 216 -22.06 -11.44 50.60
CA SER F 216 -21.72 -12.57 49.74
C SER F 216 -20.87 -12.16 48.54
N GLY F 217 -20.71 -10.86 48.30
CA GLY F 217 -19.91 -10.43 47.17
C GLY F 217 -20.44 -10.89 45.84
N GLY F 218 -21.76 -10.99 45.70
CA GLY F 218 -22.35 -11.43 44.45
C GLY F 218 -21.95 -10.57 43.28
N ARG F 219 -21.52 -11.21 42.19
CA ARG F 219 -21.01 -10.51 41.03
C ARG F 219 -22.10 -10.41 39.97
N LEU F 220 -22.39 -9.19 39.54
CA LEU F 220 -23.46 -8.95 38.59
C LEU F 220 -23.11 -9.51 37.22
N TYR F 221 -24.13 -9.91 36.48
CA TYR F 221 -24.00 -10.34 35.09
C TYR F 221 -24.99 -9.55 34.25
N LEU F 222 -24.48 -8.85 33.24
CA LEU F 222 -25.35 -8.06 32.38
C LEU F 222 -26.22 -8.97 31.53
N GLN F 223 -27.49 -8.61 31.40
CA GLN F 223 -28.44 -9.35 30.58
C GLN F 223 -29.11 -8.39 29.60
N THR F 224 -29.16 -8.78 28.33
CA THR F 224 -29.74 -7.91 27.32
C THR F 224 -31.26 -7.88 27.39
N ARG F 225 -31.89 -9.00 27.74
CA ARG F 225 -33.35 -9.05 27.75
C ARG F 225 -33.92 -8.01 28.71
N GLY F 226 -33.38 -7.95 29.92
CA GLY F 226 -33.87 -6.96 30.88
C GLY F 226 -33.62 -5.54 30.41
N SER F 227 -32.45 -5.29 29.85
CA SER F 227 -32.07 -3.93 29.49
C SER F 227 -33.04 -3.38 28.45
N ARG F 228 -32.95 -2.07 28.23
CA ARG F 228 -33.80 -1.38 27.27
C ARG F 228 -32.91 -0.64 26.28
N PHE F 229 -33.21 -0.82 25.00
CA PHE F 229 -32.46 -0.24 23.90
C PHE F 229 -33.34 0.72 23.12
N ILE F 230 -32.70 1.48 22.22
CA ILE F 230 -33.42 2.42 21.38
C ILE F 230 -32.66 2.59 20.08
N LYS F 231 -33.40 2.71 18.98
CA LYS F 231 -32.78 2.93 17.69
C LYS F 231 -32.01 4.24 17.69
N PHE F 232 -30.84 4.23 17.07
CA PHE F 232 -29.92 5.36 17.16
C PHE F 232 -29.18 5.51 15.84
N GLN F 233 -28.97 6.78 15.45
CA GLN F 233 -28.29 7.14 14.21
C GLN F 233 -27.51 8.42 14.44
N GLU F 234 -26.29 8.47 13.92
CA GLU F 234 -25.46 9.66 13.97
C GLU F 234 -25.34 10.21 12.56
N MET F 235 -25.70 11.48 12.38
CA MET F 235 -25.67 12.12 11.07
C MET F 235 -24.97 13.46 11.18
N LYS F 236 -24.60 14.00 10.02
CA LYS F 236 -23.99 15.32 9.93
C LYS F 236 -24.79 16.17 8.97
N MET F 237 -25.18 17.36 9.42
CA MET F 237 -25.97 18.28 8.63
C MET F 237 -25.12 19.50 8.30
N GLN F 238 -25.09 19.87 7.03
CA GLN F 238 -24.24 20.93 6.52
C GLN F 238 -25.06 22.16 6.16
N GLU F 239 -24.44 23.32 6.27
CA GLU F 239 -25.12 24.57 5.94
C GLU F 239 -25.58 24.55 4.49
N HIS F 240 -26.84 24.91 4.27
CA HIS F 240 -27.37 25.01 2.93
C HIS F 240 -26.74 26.20 2.22
N SER F 241 -26.41 26.01 0.94
CA SER F 241 -25.55 26.96 0.24
C SER F 241 -26.12 28.37 0.20
N ASP F 242 -27.44 28.53 0.36
CA ASP F 242 -28.02 29.88 0.34
C ASP F 242 -27.49 30.73 1.48
N GLN F 243 -27.39 30.17 2.68
CA GLN F 243 -27.00 30.94 3.85
C GLN F 243 -25.49 31.12 3.95
N VAL F 244 -24.70 30.36 3.20
CA VAL F 244 -23.25 30.45 3.34
C VAL F 244 -22.78 31.82 2.88
N PRO F 245 -21.87 32.49 3.59
CA PRO F 245 -21.32 33.74 3.09
C PRO F 245 -20.53 33.53 1.81
N VAL F 246 -20.44 34.59 1.01
CA VAL F 246 -19.76 34.50 -0.27
C VAL F 246 -18.34 34.02 -0.10
N GLY F 247 -17.64 34.52 0.91
CA GLY F 247 -16.25 34.20 1.12
C GLY F 247 -16.00 33.23 2.25
N ASN F 248 -16.86 32.22 2.40
CA ASN F 248 -16.73 31.20 3.42
C ASN F 248 -17.17 29.87 2.85
N ILE F 249 -17.19 28.85 3.70
CA ILE F 249 -17.60 27.51 3.28
C ILE F 249 -18.60 26.96 4.29
N PRO F 250 -19.41 25.99 3.88
CA PRO F 250 -20.45 25.47 4.78
C PRO F 250 -19.84 24.85 6.03
N ARG F 251 -20.57 24.98 7.13
CA ARG F 251 -20.20 24.38 8.41
C ARG F 251 -21.13 23.22 8.74
N SER F 252 -20.63 22.31 9.57
CA SER F 252 -21.32 21.04 9.83
C SER F 252 -21.68 20.93 11.30
N ILE F 253 -22.81 20.28 11.55
CA ILE F 253 -23.30 20.01 12.90
C ILE F 253 -23.67 18.54 13.00
N THR F 254 -23.17 17.87 14.04
CA THR F 254 -23.54 16.50 14.29
C THR F 254 -24.92 16.45 14.93
N VAL F 255 -25.73 15.50 14.49
CA VAL F 255 -27.09 15.32 14.98
C VAL F 255 -27.29 13.87 15.37
N LEU F 256 -27.77 13.64 16.58
CA LEU F 256 -27.98 12.30 17.12
C LEU F 256 -29.48 12.02 17.11
N VAL F 257 -29.93 11.25 16.13
CA VAL F 257 -31.33 10.90 15.99
C VAL F 257 -31.56 9.60 16.75
N GLU F 258 -32.69 9.51 17.44
CA GLU F 258 -33.01 8.31 18.19
C GLU F 258 -34.52 8.14 18.24
N GLY F 259 -34.94 6.91 18.47
CA GLY F 259 -36.36 6.61 18.50
C GLY F 259 -36.95 6.55 17.10
N GLU F 260 -38.23 6.90 17.02
CA GLU F 260 -38.94 6.86 15.75
C GLU F 260 -38.31 7.79 14.72
N ASN F 261 -37.56 8.81 15.15
CA ASN F 261 -36.95 9.72 14.21
C ASN F 261 -35.89 9.04 13.34
N THR F 262 -35.44 7.85 13.72
CA THR F 262 -34.43 7.16 12.93
C THR F 262 -35.00 6.77 11.58
N ARG F 263 -34.11 6.65 10.59
CA ARG F 263 -34.50 6.28 9.23
C ARG F 263 -35.57 7.23 8.71
N ILE F 264 -35.39 8.52 8.95
CA ILE F 264 -36.23 9.57 8.40
C ILE F 264 -35.46 10.56 7.56
N ALA F 265 -34.15 10.35 7.37
CA ALA F 265 -33.33 11.24 6.56
C ALA F 265 -32.33 10.41 5.77
N GLN F 266 -31.94 10.96 4.62
CA GLN F 266 -30.99 10.35 3.72
C GLN F 266 -29.94 11.38 3.34
N PRO F 267 -28.75 10.95 2.92
CA PRO F 267 -27.74 11.92 2.50
C PRO F 267 -28.25 12.74 1.32
N GLY F 268 -27.92 14.02 1.33
CA GLY F 268 -28.38 14.94 0.31
C GLY F 268 -29.75 15.52 0.56
N ASP F 269 -30.43 15.14 1.64
CA ASP F 269 -31.77 15.65 1.92
C ASP F 269 -31.70 17.03 2.53
N HIS F 270 -32.44 17.97 1.95
CA HIS F 270 -32.54 19.33 2.46
C HIS F 270 -33.61 19.34 3.55
N VAL F 271 -33.17 19.24 4.81
CA VAL F 271 -34.06 18.96 5.92
C VAL F 271 -34.01 20.11 6.92
N SER F 272 -34.97 20.09 7.83
CA SER F 272 -35.05 21.00 8.96
C SER F 272 -35.20 20.18 10.23
N VAL F 273 -34.36 20.47 11.22
CA VAL F 273 -34.26 19.69 12.44
C VAL F 273 -34.53 20.62 13.63
N THR F 274 -35.52 20.26 14.43
CA THR F 274 -35.77 20.92 15.71
C THR F 274 -35.27 20.00 16.81
N GLY F 275 -34.40 20.52 17.66
CA GLY F 275 -33.82 19.69 18.71
C GLY F 275 -33.06 20.54 19.71
N ILE F 276 -32.52 19.86 20.70
CA ILE F 276 -31.79 20.50 21.80
C ILE F 276 -30.30 20.46 21.47
N PHE F 277 -29.65 21.61 21.64
CA PHE F 277 -28.22 21.72 21.39
C PHE F 277 -27.49 21.51 22.72
N LEU F 278 -26.82 20.39 22.86
CA LEU F 278 -26.21 19.96 24.10
C LEU F 278 -24.77 19.55 23.89
N PRO F 279 -23.96 19.56 24.94
CA PRO F 279 -22.55 19.16 24.82
C PRO F 279 -22.33 17.68 25.11
N ILE F 280 -21.27 17.15 24.51
CA ILE F 280 -20.85 15.76 24.71
C ILE F 280 -19.38 15.78 25.12
N LEU F 281 -19.09 15.23 26.30
CA LEU F 281 -17.73 15.18 26.82
C LEU F 281 -17.18 13.77 26.58
N ARG F 282 -16.80 13.51 25.32
CA ARG F 282 -16.21 12.23 24.95
C ARG F 282 -14.79 12.11 25.49
N VAL F 288 -8.48 21.46 29.35
CA VAL F 288 -9.20 22.04 30.47
C VAL F 288 -8.57 23.39 30.82
N VAL F 289 -8.62 24.31 29.87
CA VAL F 289 -8.04 25.63 30.03
C VAL F 289 -9.11 26.57 30.59
N GLN F 290 -8.95 26.96 31.86
CA GLN F 290 -9.90 27.85 32.52
C GLN F 290 -11.32 27.31 32.45
N GLY F 291 -11.44 25.98 32.55
CA GLY F 291 -12.73 25.33 32.47
C GLY F 291 -12.72 24.14 31.54
N LEU F 292 -13.72 23.27 31.66
CA LEU F 292 -13.79 22.09 30.82
C LEU F 292 -14.15 22.48 29.38
N LEU F 293 -13.60 21.72 28.43
CA LEU F 293 -13.90 21.90 27.01
C LEU F 293 -14.62 20.65 26.51
N SER F 294 -15.72 20.86 25.80
CA SER F 294 -16.56 19.76 25.33
C SER F 294 -16.97 20.00 23.89
N GLU F 295 -17.21 18.90 23.18
CA GLU F 295 -17.76 18.94 21.83
C GLU F 295 -19.29 18.96 21.92
N THR F 296 -19.91 19.63 20.96
CA THR F 296 -21.35 19.82 20.97
C THR F 296 -22.02 19.02 19.87
N TYR F 297 -23.31 18.74 20.09
CA TYR F 297 -24.15 18.05 19.12
C TYR F 297 -25.56 18.60 19.25
N LEU F 298 -26.48 18.04 18.48
CA LEU F 298 -27.86 18.50 18.44
C LEU F 298 -28.77 17.29 18.59
N GLU F 299 -29.37 17.13 19.77
CA GLU F 299 -30.31 16.05 20.01
C GLU F 299 -31.59 16.30 19.24
N ALA F 300 -31.78 15.57 18.15
CA ALA F 300 -32.91 15.82 17.26
C ALA F 300 -34.22 15.43 17.93
N HIS F 301 -35.25 16.23 17.68
CA HIS F 301 -36.60 15.93 18.13
C HIS F 301 -37.57 15.78 16.98
N ARG F 302 -37.51 16.69 16.00
CA ARG F 302 -38.38 16.63 14.83
C ARG F 302 -37.53 16.87 13.59
N ILE F 303 -37.66 15.98 12.60
CA ILE F 303 -36.95 16.13 11.33
C ILE F 303 -37.98 16.17 10.21
N VAL F 304 -37.93 17.23 9.40
CA VAL F 304 -38.88 17.42 8.30
C VAL F 304 -38.08 17.68 7.04
N LYS F 305 -38.28 16.84 6.03
CA LYS F 305 -37.57 16.99 4.76
C LYS F 305 -38.26 18.06 3.94
N MET F 306 -37.61 19.20 3.77
CA MET F 306 -38.16 20.27 2.96
C MET F 306 -37.98 19.97 1.47
N ASN F 307 -38.74 20.67 0.65
CA ASN F 307 -38.67 20.50 -0.80
C ASN F 307 -37.50 21.26 -1.39
N LEU F 319 -43.88 39.72 -7.09
CA LEU F 319 -43.09 40.92 -6.85
C LEU F 319 -43.88 42.16 -7.28
N THR F 320 -43.17 43.26 -7.53
CA THR F 320 -43.82 44.49 -7.93
C THR F 320 -44.35 44.38 -9.36
N ARG F 321 -45.29 45.26 -9.69
CA ARG F 321 -45.88 45.26 -11.02
C ARG F 321 -44.82 45.41 -12.11
N GLU F 322 -43.88 46.34 -11.91
CA GLU F 322 -42.82 46.55 -12.89
C GLU F 322 -42.08 45.25 -13.18
N GLU F 323 -41.89 44.41 -12.16
CA GLU F 323 -41.25 43.12 -12.38
C GLU F 323 -42.02 42.29 -13.40
N LEU F 324 -43.34 42.18 -13.21
CA LEU F 324 -44.17 41.46 -14.17
C LEU F 324 -44.07 42.09 -15.55
N ARG F 325 -44.09 43.42 -15.62
CA ARG F 325 -43.98 44.07 -16.92
C ARG F 325 -42.68 43.69 -17.61
N GLN F 326 -41.57 43.69 -16.86
CA GLN F 326 -40.29 43.28 -17.44
C GLN F 326 -40.35 41.83 -17.91
N ILE F 327 -41.00 40.97 -17.12
CA ILE F 327 -41.17 39.57 -17.54
C ILE F 327 -41.91 39.52 -18.87
N ALA F 328 -42.90 40.39 -19.06
CA ALA F 328 -43.67 40.41 -20.30
C ALA F 328 -42.84 40.86 -21.49
N GLU F 329 -41.72 41.53 -21.27
CA GLU F 329 -40.90 42.01 -22.37
C GLU F 329 -40.34 40.85 -23.17
N GLU F 330 -40.39 40.96 -24.50
CA GLU F 330 -39.83 39.91 -25.35
C GLU F 330 -38.33 39.76 -25.13
N ASP F 331 -37.61 40.87 -25.03
CA ASP F 331 -36.17 40.83 -24.78
C ASP F 331 -35.84 40.38 -23.37
N PHE F 332 -36.85 40.25 -22.50
CA PHE F 332 -36.62 39.81 -21.13
C PHE F 332 -35.63 38.66 -21.07
N TYR F 333 -35.96 37.57 -21.76
CA TYR F 333 -35.05 36.42 -21.77
C TYR F 333 -33.66 36.82 -22.22
N GLU F 334 -33.56 37.51 -23.35
CA GLU F 334 -32.25 38.00 -23.80
C GLU F 334 -31.58 38.81 -22.71
N LYS F 335 -32.34 39.69 -22.05
CA LYS F 335 -31.77 40.48 -20.97
C LYS F 335 -31.15 39.58 -19.91
N LEU F 336 -31.89 38.54 -19.50
CA LEU F 336 -31.36 37.61 -18.52
C LEU F 336 -30.07 36.97 -19.02
N ALA F 337 -30.02 36.65 -20.31
CA ALA F 337 -28.80 36.11 -20.88
C ALA F 337 -27.65 37.10 -20.74
N ALA F 338 -27.91 38.38 -20.99
CA ALA F 338 -26.88 39.38 -20.83
C ALA F 338 -26.41 39.49 -19.39
N SER F 339 -27.26 39.14 -18.43
CA SER F 339 -26.91 39.24 -17.02
C SER F 339 -26.07 38.08 -16.52
N ILE F 340 -25.91 37.02 -17.32
CA ILE F 340 -25.16 35.85 -16.89
C ILE F 340 -23.68 36.18 -17.04
N ALA F 341 -23.06 36.63 -15.95
CA ALA F 341 -21.64 36.96 -15.96
C ALA F 341 -21.39 38.06 -16.98
N PRO F 342 -21.87 39.28 -16.73
CA PRO F 342 -21.71 40.34 -17.74
C PRO F 342 -20.25 40.63 -18.07
N GLU F 343 -19.34 40.46 -17.12
CA GLU F 343 -17.94 40.73 -17.39
C GLU F 343 -17.37 39.81 -18.46
N ILE F 344 -18.02 38.68 -18.74
CA ILE F 344 -17.55 37.76 -19.75
C ILE F 344 -18.03 38.22 -21.12
N TYR F 345 -17.20 38.97 -21.83
CA TYR F 345 -17.61 39.49 -23.13
C TYR F 345 -17.77 38.35 -24.13
N GLY F 346 -18.77 38.48 -24.99
CA GLY F 346 -19.07 37.45 -25.96
C GLY F 346 -19.75 36.25 -25.34
N HIS F 347 -19.79 35.16 -26.11
CA HIS F 347 -20.38 33.91 -25.67
C HIS F 347 -21.87 34.05 -25.36
N GLU F 348 -22.55 34.94 -26.08
CA GLU F 348 -23.95 35.22 -25.76
C GLU F 348 -24.80 33.95 -25.83
N ASP F 349 -24.68 33.19 -26.92
CA ASP F 349 -25.45 31.96 -27.05
C ASP F 349 -25.09 30.96 -25.97
N VAL F 350 -23.81 30.87 -25.62
CA VAL F 350 -23.39 30.01 -24.52
C VAL F 350 -24.09 30.43 -23.23
N LYS F 351 -24.13 31.74 -22.96
CA LYS F 351 -24.83 32.23 -21.78
C LYS F 351 -26.30 31.85 -21.82
N LYS F 352 -26.93 31.97 -22.99
CA LYS F 352 -28.33 31.56 -23.12
C LYS F 352 -28.50 30.10 -22.75
N ALA F 353 -27.61 29.24 -23.26
CA ALA F 353 -27.69 27.82 -22.93
C ALA F 353 -27.53 27.60 -21.43
N LEU F 354 -26.60 28.33 -20.80
CA LEU F 354 -26.44 28.23 -19.36
C LEU F 354 -27.72 28.61 -18.63
N LEU F 355 -28.37 29.68 -19.07
CA LEU F 355 -29.64 30.06 -18.47
C LEU F 355 -30.68 28.97 -18.63
N LEU F 356 -30.74 28.35 -19.80
CA LEU F 356 -31.66 27.24 -20.00
C LEU F 356 -31.36 26.11 -19.01
N LEU F 357 -30.08 25.81 -18.82
CA LEU F 357 -29.70 24.82 -17.81
C LEU F 357 -30.20 25.23 -16.44
N LEU F 358 -30.03 26.51 -16.10
CA LEU F 358 -30.42 26.99 -14.78
C LEU F 358 -31.93 26.83 -14.56
N VAL F 359 -32.73 27.11 -15.58
CA VAL F 359 -34.17 26.93 -15.44
C VAL F 359 -34.58 25.47 -15.56
N GLY F 360 -33.76 24.64 -16.19
CA GLY F 360 -34.01 23.21 -16.21
C GLY F 360 -35.18 22.81 -17.10
N GLY F 361 -35.50 21.52 -17.04
CA GLY F 361 -36.62 20.97 -17.74
C GLY F 361 -37.90 21.07 -16.92
N VAL F 362 -38.92 20.34 -17.38
CA VAL F 362 -40.23 20.32 -16.74
C VAL F 362 -40.54 18.97 -16.12
N ASP F 363 -40.16 17.88 -16.78
CA ASP F 363 -40.43 16.53 -16.29
C ASP F 363 -41.94 16.29 -16.20
N GLN F 364 -42.61 16.48 -17.33
CA GLN F 364 -44.05 16.27 -17.41
C GLN F 364 -44.36 14.79 -17.45
N SER F 365 -45.34 14.37 -16.66
CA SER F 365 -45.75 12.97 -16.59
C SER F 365 -47.26 12.83 -16.77
N LYS F 370 -42.51 10.18 -16.41
CA LYS F 370 -41.71 11.35 -16.10
C LYS F 370 -40.54 11.50 -17.06
N ILE F 371 -40.11 12.73 -17.30
CA ILE F 371 -39.04 13.04 -18.23
C ILE F 371 -37.90 13.68 -17.45
N ARG F 372 -36.68 13.20 -17.70
CA ARG F 372 -35.49 13.77 -17.07
C ARG F 372 -35.40 15.26 -17.42
N GLY F 373 -35.62 16.11 -16.41
CA GLY F 373 -35.64 17.55 -16.62
C GLY F 373 -34.30 18.24 -16.63
N ASN F 374 -33.25 17.57 -16.17
CA ASN F 374 -31.93 18.18 -16.14
C ASN F 374 -31.38 18.33 -17.55
N ILE F 375 -30.78 19.49 -17.81
CA ILE F 375 -30.19 19.81 -19.10
C ILE F 375 -28.68 19.83 -18.91
N ASN F 376 -28.01 18.74 -19.26
CA ASN F 376 -26.57 18.64 -19.09
C ASN F 376 -25.85 19.37 -20.22
N ILE F 377 -24.90 20.23 -19.87
CA ILE F 377 -24.16 21.02 -20.84
C ILE F 377 -22.68 20.79 -20.63
N CYS F 378 -21.94 20.71 -21.73
CA CYS F 378 -20.49 20.59 -21.69
C CYS F 378 -19.87 21.68 -22.55
N LEU F 379 -18.77 22.25 -22.05
CA LEU F 379 -18.05 23.32 -22.74
C LEU F 379 -16.62 22.86 -22.93
N MET F 380 -16.27 22.48 -24.15
CA MET F 380 -14.90 22.09 -24.48
C MET F 380 -14.24 23.26 -25.21
N GLY F 381 -13.05 23.64 -24.75
CA GLY F 381 -12.42 24.81 -25.33
C GLY F 381 -10.96 24.93 -24.95
N ASP F 382 -10.27 25.79 -25.70
CA ASP F 382 -8.87 26.03 -25.45
C ASP F 382 -8.68 26.79 -24.14
N PRO F 383 -7.51 26.67 -23.52
CA PRO F 383 -7.30 27.37 -22.25
C PRO F 383 -7.46 28.87 -22.40
N GLY F 384 -8.05 29.49 -21.38
CA GLY F 384 -8.19 30.93 -21.35
C GLY F 384 -9.36 31.45 -22.17
N VAL F 385 -10.54 30.87 -21.99
CA VAL F 385 -11.74 31.37 -22.67
C VAL F 385 -12.90 31.50 -21.69
N ALA F 386 -12.58 31.73 -20.41
CA ALA F 386 -13.54 32.11 -19.37
C ALA F 386 -14.41 30.94 -18.95
N LYS F 387 -14.11 29.72 -19.36
CA LYS F 387 -14.94 28.59 -18.96
C LYS F 387 -15.05 28.48 -17.44
N SER F 388 -13.92 28.46 -16.75
CA SER F 388 -13.95 28.34 -15.29
C SER F 388 -14.75 29.47 -14.67
N GLN F 389 -14.54 30.70 -15.16
CA GLN F 389 -15.30 31.83 -14.64
C GLN F 389 -16.80 31.61 -14.82
N LEU F 390 -17.20 31.14 -16.00
CA LEU F 390 -18.60 30.83 -16.24
C LEU F 390 -19.12 29.81 -15.23
N LEU F 391 -18.38 28.73 -15.04
CA LEU F 391 -18.79 27.71 -14.07
C LEU F 391 -18.95 28.30 -12.69
N SER F 392 -17.99 29.12 -12.27
CA SER F 392 -18.06 29.76 -10.96
C SER F 392 -19.30 30.63 -10.85
N TYR F 393 -19.60 31.40 -11.90
CA TYR F 393 -20.76 32.27 -11.86
C TYR F 393 -22.04 31.44 -11.74
N ILE F 394 -22.12 30.34 -12.48
CA ILE F 394 -23.29 29.47 -12.38
C ILE F 394 -23.42 28.92 -10.97
N ASP F 395 -22.30 28.47 -10.39
CA ASP F 395 -22.33 27.97 -9.02
C ASP F 395 -22.80 29.05 -8.06
N ARG F 396 -22.45 30.31 -8.32
CA ARG F 396 -22.90 31.39 -7.47
C ARG F 396 -24.38 31.72 -7.67
N LEU F 397 -24.90 31.54 -8.88
CA LEU F 397 -26.27 31.93 -9.19
C LEU F 397 -27.27 30.82 -8.93
N ALA F 398 -26.92 29.58 -9.20
CA ALA F 398 -27.85 28.49 -8.97
C ALA F 398 -28.12 28.32 -7.48
N PRO F 399 -29.38 28.29 -7.03
CA PRO F 399 -29.65 28.17 -5.60
C PRO F 399 -28.90 27.02 -4.94
N ARG F 400 -29.09 25.81 -5.44
CA ARG F 400 -28.33 24.65 -4.99
C ARG F 400 -27.23 24.38 -5.99
N SER F 401 -25.98 24.49 -5.55
CA SER F 401 -24.84 24.43 -6.45
C SER F 401 -23.73 23.62 -5.82
N GLN F 402 -22.93 22.98 -6.67
CA GLN F 402 -21.69 22.36 -6.24
C GLN F 402 -20.63 22.65 -7.29
N TYR F 403 -19.39 22.80 -6.83
CA TYR F 403 -18.24 23.05 -7.70
C TYR F 403 -17.21 21.97 -7.44
N THR F 404 -16.66 21.41 -8.52
CA THR F 404 -15.66 20.36 -8.39
C THR F 404 -14.73 20.41 -9.58
N THR F 405 -13.59 19.73 -9.45
CA THR F 405 -12.60 19.67 -10.51
C THR F 405 -12.11 18.26 -10.81
N GLY F 406 -12.30 17.30 -9.92
CA GLY F 406 -11.84 15.95 -10.15
C GLY F 406 -10.33 15.80 -9.99
N GLY F 413 -15.29 12.49 -2.85
CA GLY F 413 -15.14 13.23 -4.08
C GLY F 413 -16.47 13.58 -4.72
N LEU F 414 -16.53 13.47 -6.05
CA LEU F 414 -17.77 13.77 -6.76
C LEU F 414 -18.87 12.80 -6.35
N THR F 415 -18.55 11.51 -6.26
CA THR F 415 -19.53 10.48 -5.94
C THR F 415 -19.51 10.17 -4.45
N ALA F 416 -20.50 9.40 -4.01
CA ALA F 416 -20.61 9.04 -2.61
C ALA F 416 -19.46 8.11 -2.21
N ALA F 417 -19.34 7.90 -0.90
CA ALA F 417 -18.29 7.04 -0.36
C ALA F 417 -18.80 6.39 0.91
N VAL F 418 -18.07 5.38 1.36
CA VAL F 418 -18.39 4.66 2.60
C VAL F 418 -17.20 4.86 3.53
N LEU F 419 -17.27 5.87 4.39
CA LEU F 419 -16.19 6.14 5.32
C LEU F 419 -16.26 5.20 6.51
N ARG F 420 -15.09 4.94 7.11
CA ARG F 420 -15.02 4.09 8.29
C ARG F 420 -14.45 4.86 9.47
N LEU F 427 -18.23 3.35 9.47
CA LEU F 427 -19.20 2.76 8.58
C LEU F 427 -20.37 3.72 8.36
N THR F 428 -20.14 4.74 7.53
CA THR F 428 -21.13 5.78 7.29
C THR F 428 -21.07 6.21 5.83
N LEU F 429 -22.25 6.36 5.22
CA LEU F 429 -22.33 6.92 3.88
C LEU F 429 -21.97 8.40 3.93
N GLU F 430 -21.20 8.85 2.94
CA GLU F 430 -20.78 10.23 2.83
C GLU F 430 -21.04 10.69 1.40
N GLY F 431 -22.04 11.56 1.24
CA GLY F 431 -22.41 12.01 -0.09
C GLY F 431 -21.30 12.84 -0.72
N GLY F 432 -20.98 12.55 -1.97
CA GLY F 432 -20.07 13.37 -2.73
C GLY F 432 -20.76 14.59 -3.30
N ALA F 433 -19.98 15.40 -4.02
CA ALA F 433 -20.53 16.63 -4.60
C ALA F 433 -21.78 16.33 -5.41
N LEU F 434 -21.75 15.27 -6.21
CA LEU F 434 -22.91 14.92 -7.03
C LEU F 434 -24.15 14.76 -6.17
N VAL F 435 -24.03 14.02 -5.06
CA VAL F 435 -25.16 13.87 -4.15
C VAL F 435 -25.59 15.21 -3.59
N LEU F 436 -24.61 16.02 -3.15
CA LEU F 436 -24.94 17.33 -2.59
C LEU F 436 -25.66 18.21 -3.58
N ALA F 437 -25.51 17.97 -4.88
CA ALA F 437 -26.28 18.71 -5.87
C ALA F 437 -27.77 18.47 -5.67
N ASP F 438 -28.21 17.22 -5.87
CA ASP F 438 -29.58 16.81 -5.54
C ASP F 438 -30.61 17.81 -6.03
N GLN F 439 -30.75 17.96 -7.34
CA GLN F 439 -31.63 18.89 -8.03
C GLN F 439 -31.00 20.26 -8.16
N GLY F 440 -29.75 20.43 -7.73
CA GLY F 440 -29.02 21.66 -8.01
C GLY F 440 -28.28 21.55 -9.33
N VAL F 441 -27.12 22.18 -9.42
CA VAL F 441 -26.26 22.08 -10.59
C VAL F 441 -24.85 21.79 -10.11
N CYS F 442 -24.22 20.78 -10.71
CA CYS F 442 -22.85 20.41 -10.40
C CYS F 442 -21.96 20.92 -11.53
N CYS F 443 -21.13 21.92 -11.22
CA CYS F 443 -20.20 22.49 -12.16
C CYS F 443 -18.85 21.79 -11.98
N ILE F 444 -18.44 21.04 -13.00
CA ILE F 444 -17.22 20.25 -12.95
C ILE F 444 -16.23 20.87 -13.92
N ASP F 445 -15.29 21.63 -13.39
CA ASP F 445 -14.20 22.18 -14.18
C ASP F 445 -13.13 21.12 -14.38
N GLU F 446 -12.27 21.34 -15.38
CA GLU F 446 -11.20 20.40 -15.68
C GLU F 446 -11.75 18.99 -15.84
N PHE F 447 -12.90 18.89 -16.52
CA PHE F 447 -13.55 17.62 -16.73
C PHE F 447 -12.61 16.60 -17.36
N ASP F 448 -11.76 17.04 -18.29
CA ASP F 448 -10.91 16.13 -19.02
C ASP F 448 -9.95 15.38 -18.11
N LYS F 449 -9.68 15.90 -16.91
CA LYS F 449 -8.77 15.26 -15.96
C LYS F 449 -9.51 14.45 -14.90
N MET F 450 -10.68 13.90 -15.24
CA MET F 450 -11.45 13.09 -14.31
C MET F 450 -11.07 11.62 -14.42
N ALA F 451 -11.14 10.92 -13.30
CA ALA F 451 -10.80 9.51 -13.28
C ALA F 451 -11.86 8.68 -13.99
N GLU F 452 -11.43 7.56 -14.57
CA GLU F 452 -12.32 6.73 -15.36
C GLU F 452 -13.53 6.29 -14.54
N ALA F 453 -13.30 5.87 -13.29
CA ALA F 453 -14.41 5.52 -12.41
C ALA F 453 -15.38 6.67 -12.26
N ASP F 454 -14.86 7.88 -12.05
CA ASP F 454 -15.71 9.06 -11.97
C ASP F 454 -16.48 9.26 -13.26
N ARG F 455 -15.84 9.03 -14.41
CA ARG F 455 -16.53 9.11 -15.68
C ARG F 455 -17.73 8.17 -15.71
N THR F 456 -17.51 6.92 -15.34
CA THR F 456 -18.61 5.96 -15.29
C THR F 456 -19.71 6.44 -14.35
N ALA F 457 -19.32 6.97 -13.19
CA ALA F 457 -20.30 7.48 -12.23
C ALA F 457 -21.16 8.57 -12.86
N ILE F 458 -20.53 9.56 -13.50
CA ILE F 458 -21.30 10.64 -14.09
C ILE F 458 -22.16 10.12 -15.24
N HIS F 459 -21.67 9.12 -15.97
CA HIS F 459 -22.49 8.49 -17.00
C HIS F 459 -23.77 7.94 -16.38
N GLU F 460 -23.63 7.22 -15.27
CA GLU F 460 -24.82 6.72 -14.58
C GLU F 460 -25.71 7.86 -14.11
N VAL F 461 -25.11 8.96 -13.64
CA VAL F 461 -25.90 10.09 -13.17
C VAL F 461 -26.74 10.66 -14.30
N MET F 462 -26.15 10.77 -15.49
CA MET F 462 -26.89 11.30 -16.63
C MET F 462 -27.87 10.29 -17.21
N GLU F 463 -27.67 9.01 -16.96
CA GLU F 463 -28.60 7.99 -17.46
C GLU F 463 -29.82 7.82 -16.56
N GLN F 464 -29.62 7.54 -15.27
CA GLN F 464 -30.75 7.29 -14.37
C GLN F 464 -30.94 8.34 -13.29
N GLN F 465 -30.05 9.33 -13.18
CA GLN F 465 -30.06 10.28 -12.07
C GLN F 465 -29.88 9.59 -10.72
N THR F 466 -29.09 8.53 -10.69
CA THR F 466 -28.79 7.84 -9.45
C THR F 466 -27.32 7.42 -9.47
N ILE F 467 -26.75 7.32 -8.28
CA ILE F 467 -25.35 6.97 -8.10
C ILE F 467 -25.29 5.62 -7.39
N SER F 468 -24.66 4.64 -8.04
CA SER F 468 -24.46 3.33 -7.46
C SER F 468 -23.01 3.21 -6.99
N ILE F 469 -22.83 2.91 -5.71
CA ILE F 469 -21.50 2.84 -5.11
C ILE F 469 -21.40 1.59 -4.25
N ALA F 470 -20.25 0.93 -4.29
CA ALA F 470 -20.02 -0.27 -3.49
C ALA F 470 -18.58 -0.30 -3.04
N LYS F 471 -18.37 -0.31 -1.72
CA LYS F 471 -17.04 -0.41 -1.13
C LYS F 471 -16.77 -1.77 -0.50
N ALA F 472 -17.80 -2.40 0.09
CA ALA F 472 -17.68 -3.72 0.70
C ALA F 472 -18.53 -4.74 -0.04
N GLY F 473 -18.63 -4.60 -1.36
CA GLY F 473 -19.45 -5.49 -2.15
C GLY F 473 -20.93 -5.25 -2.04
N ILE F 474 -21.34 -4.08 -1.60
CA ILE F 474 -22.75 -3.72 -1.44
C ILE F 474 -23.06 -2.58 -2.40
N LEU F 475 -23.95 -2.83 -3.36
CA LEU F 475 -24.34 -1.82 -4.34
C LEU F 475 -25.44 -0.95 -3.75
N THR F 476 -25.06 0.22 -3.24
CA THR F 476 -26.00 1.18 -2.69
C THR F 476 -26.32 2.24 -3.75
N THR F 477 -27.61 2.49 -3.95
CA THR F 477 -28.09 3.45 -4.93
C THR F 477 -28.63 4.67 -4.22
N LEU F 478 -28.09 5.84 -4.54
CA LEU F 478 -28.50 7.11 -3.96
C LEU F 478 -29.11 7.98 -5.05
N ASN F 479 -30.13 8.74 -4.68
CA ASN F 479 -30.81 9.63 -5.63
C ASN F 479 -29.96 10.87 -5.82
N ALA F 480 -29.32 10.97 -6.98
CA ALA F 480 -28.53 12.12 -7.38
C ALA F 480 -29.11 12.64 -8.69
N ARG F 481 -30.13 13.49 -8.58
CA ARG F 481 -30.80 14.09 -9.73
C ARG F 481 -30.34 15.54 -9.80
N CYS F 482 -29.37 15.81 -10.68
CA CYS F 482 -28.74 17.12 -10.74
C CYS F 482 -28.24 17.38 -12.15
N SER F 483 -28.46 18.60 -12.62
CA SER F 483 -27.88 19.02 -13.89
C SER F 483 -26.37 19.11 -13.77
N ILE F 484 -25.68 18.81 -14.87
CA ILE F 484 -24.22 18.75 -14.90
C ILE F 484 -23.73 19.78 -15.91
N LEU F 485 -22.80 20.63 -15.48
CA LEU F 485 -22.17 21.62 -16.34
C LEU F 485 -20.67 21.33 -16.32
N ALA F 486 -20.19 20.69 -17.38
CA ALA F 486 -18.80 20.26 -17.44
C ALA F 486 -17.99 21.22 -18.30
N ALA F 487 -16.71 21.33 -17.97
CA ALA F 487 -15.76 22.10 -18.77
C ALA F 487 -14.54 21.24 -19.05
N ALA F 488 -14.05 21.28 -20.28
CA ALA F 488 -12.93 20.45 -20.68
C ALA F 488 -12.01 21.22 -21.61
N ASN F 489 -10.75 20.80 -21.63
CA ASN F 489 -9.73 21.39 -22.49
C ASN F 489 -9.20 20.33 -23.44
N PRO F 490 -8.95 20.68 -24.71
CA PRO F 490 -8.33 19.71 -25.62
C PRO F 490 -6.95 19.33 -25.13
N ALA F 491 -6.61 18.05 -25.31
CA ALA F 491 -5.30 17.58 -24.90
C ALA F 491 -4.22 18.09 -25.86
N TYR F 492 -2.99 18.14 -25.35
CA TYR F 492 -1.84 18.57 -26.14
C TYR F 492 -2.00 20.00 -26.65
N GLY F 493 -2.59 20.86 -25.83
CA GLY F 493 -2.70 22.26 -26.16
C GLY F 493 -4.03 22.64 -26.78
N ARG F 494 -4.03 23.64 -27.65
CA ARG F 494 -5.27 24.16 -28.20
C ARG F 494 -5.88 23.18 -29.19
N TYR F 495 -7.18 23.30 -29.37
CA TYR F 495 -7.91 22.39 -30.24
C TYR F 495 -7.41 22.49 -31.67
N ASN F 496 -7.30 21.35 -32.33
CA ASN F 496 -6.89 21.29 -33.73
C ASN F 496 -8.12 21.06 -34.59
N PRO F 497 -8.56 22.02 -35.40
CA PRO F 497 -9.76 21.78 -36.22
C PRO F 497 -9.62 20.62 -37.17
N ARG F 498 -8.42 20.38 -37.69
CA ARG F 498 -8.18 19.30 -38.64
C ARG F 498 -8.36 17.92 -38.02
N ARG F 499 -8.39 17.83 -36.69
CA ARG F 499 -8.52 16.56 -35.99
C ARG F 499 -9.94 16.44 -35.45
N SER F 500 -10.55 15.26 -35.64
CA SER F 500 -11.93 15.08 -35.27
C SER F 500 -12.09 15.09 -33.75
N LEU F 501 -13.35 15.23 -33.31
CA LEU F 501 -13.65 15.23 -31.89
C LEU F 501 -13.22 13.90 -31.27
N GLU F 502 -12.79 13.98 -30.00
CA GLU F 502 -12.24 12.83 -29.29
C GLU F 502 -10.82 12.53 -29.77
N GLN F 503 -10.37 13.22 -30.82
CA GLN F 503 -8.98 13.15 -31.25
C GLN F 503 -8.15 14.22 -30.56
N ASN F 504 -8.69 15.42 -30.44
CA ASN F 504 -8.08 16.48 -29.64
C ASN F 504 -8.49 16.42 -28.18
N ILE F 505 -9.44 15.55 -27.83
CA ILE F 505 -9.87 15.36 -26.45
C ILE F 505 -9.84 13.87 -26.15
N GLN F 506 -9.68 13.55 -24.87
CA GLN F 506 -9.51 12.17 -24.42
C GLN F 506 -10.72 11.71 -23.60
N LEU F 507 -11.91 12.04 -24.07
CA LEU F 507 -13.14 11.60 -23.42
C LEU F 507 -13.89 10.63 -24.32
N PRO F 508 -14.56 9.63 -23.77
CA PRO F 508 -15.34 8.72 -24.62
C PRO F 508 -16.39 9.47 -25.41
N ALA F 509 -16.49 9.15 -26.70
CA ALA F 509 -17.45 9.84 -27.56
C ALA F 509 -18.87 9.69 -27.04
N ALA F 510 -19.23 8.49 -26.59
CA ALA F 510 -20.58 8.26 -26.07
C ALA F 510 -20.89 9.21 -24.92
N LEU F 511 -19.95 9.36 -23.99
CA LEU F 511 -20.17 10.25 -22.85
C LEU F 511 -20.51 11.65 -23.33
N LEU F 512 -19.77 12.16 -24.32
CA LEU F 512 -20.10 13.46 -24.89
C LEU F 512 -21.49 13.45 -25.50
N SER F 513 -21.83 12.39 -26.23
CA SER F 513 -23.16 12.31 -26.85
C SER F 513 -24.26 12.32 -25.80
N ARG F 514 -23.96 11.93 -24.56
CA ARG F 514 -24.99 11.99 -23.51
C ARG F 514 -25.43 13.43 -23.25
N PHE F 515 -24.48 14.36 -23.27
CA PHE F 515 -24.81 15.75 -22.95
C PHE F 515 -25.81 16.31 -23.96
N ASP F 516 -26.79 17.06 -23.44
CA ASP F 516 -27.78 17.67 -24.33
C ASP F 516 -27.14 18.69 -25.24
N LEU F 517 -26.25 19.53 -24.71
CA LEU F 517 -25.58 20.55 -25.49
C LEU F 517 -24.08 20.44 -25.26
N LEU F 518 -23.32 20.44 -26.35
CA LEU F 518 -21.86 20.37 -26.31
C LEU F 518 -21.32 21.52 -27.13
N TRP F 519 -20.71 22.50 -26.45
CA TRP F 519 -20.25 23.73 -27.09
C TRP F 519 -18.74 23.72 -27.20
N LEU F 520 -18.23 23.95 -28.40
CA LEU F 520 -16.80 24.07 -28.63
C LEU F 520 -16.45 25.55 -28.74
N ILE F 521 -15.57 26.00 -27.86
CA ILE F 521 -15.11 27.39 -27.83
C ILE F 521 -13.68 27.40 -28.37
N GLN F 522 -13.47 28.15 -29.44
CA GLN F 522 -12.18 28.23 -30.11
C GLN F 522 -11.63 29.65 -29.98
N ASP F 523 -10.38 29.76 -29.56
CA ASP F 523 -9.72 31.06 -29.44
C ASP F 523 -9.01 31.41 -30.75
N ARG F 524 -9.80 31.53 -31.80
CA ARG F 524 -9.27 31.88 -33.10
C ARG F 524 -8.79 33.33 -33.08
N PRO F 525 -7.54 33.61 -33.44
CA PRO F 525 -7.10 35.01 -33.47
C PRO F 525 -7.76 35.81 -34.58
N ASP F 526 -8.65 36.72 -34.22
CA ASP F 526 -9.32 37.61 -35.16
C ASP F 526 -9.08 39.04 -34.69
N ARG F 527 -8.33 39.82 -35.48
CA ARG F 527 -7.88 41.12 -35.02
C ARG F 527 -9.03 41.96 -34.52
N ASP F 528 -10.16 41.98 -35.24
CA ASP F 528 -11.31 42.74 -34.80
C ASP F 528 -11.84 42.24 -33.46
N ASN F 529 -12.19 40.95 -33.39
CA ASN F 529 -12.76 40.40 -32.16
C ASN F 529 -11.76 40.48 -31.01
N ASP F 530 -10.49 40.14 -31.28
CA ASP F 530 -9.47 40.25 -30.24
C ASP F 530 -9.37 41.68 -29.73
N LEU F 531 -9.38 42.66 -30.63
CA LEU F 531 -9.34 44.05 -30.21
C LEU F 531 -10.53 44.39 -29.33
N ARG F 532 -11.73 43.93 -29.72
CA ARG F 532 -12.92 44.18 -28.90
C ARG F 532 -12.74 43.61 -27.50
N LEU F 533 -12.28 42.37 -27.42
CA LEU F 533 -12.07 41.75 -26.11
C LEU F 533 -11.06 42.54 -25.29
N ALA F 534 -9.96 42.98 -25.93
CA ALA F 534 -8.95 43.76 -25.22
C ALA F 534 -9.55 45.05 -24.69
N GLN F 535 -10.35 45.73 -25.51
CA GLN F 535 -11.00 46.95 -25.06
C GLN F 535 -11.86 46.67 -23.83
N HIS F 536 -12.62 45.58 -23.87
CA HIS F 536 -13.47 45.23 -22.73
C HIS F 536 -12.64 45.04 -21.47
N ILE F 537 -11.56 44.25 -21.58
CA ILE F 537 -10.72 43.98 -20.42
C ILE F 537 -10.10 45.26 -19.89
N THR F 538 -9.62 46.13 -20.78
CA THR F 538 -9.04 47.39 -20.34
C THR F 538 -10.06 48.23 -19.60
N TYR F 539 -11.29 48.30 -20.13
CA TYR F 539 -12.31 49.07 -19.45
C TYR F 539 -12.57 48.52 -18.06
N VAL F 540 -12.63 47.19 -17.94
CA VAL F 540 -12.81 46.57 -16.62
C VAL F 540 -11.68 46.99 -15.68
N HIS F 541 -10.44 46.91 -16.16
CA HIS F 541 -9.31 47.26 -15.30
C HIS F 541 -9.31 48.73 -14.92
N GLN F 542 -9.85 49.59 -15.79
CA GLN F 542 -9.85 51.01 -15.53
C GLN F 542 -11.09 51.49 -14.78
N HIS F 543 -12.09 50.62 -14.60
CA HIS F 543 -13.30 51.02 -13.89
C HIS F 543 -13.84 49.96 -12.94
N SER F 544 -13.20 48.79 -12.83
CA SER F 544 -13.70 47.70 -12.00
C SER F 544 -15.12 47.31 -12.36
N ARG F 545 -15.57 47.66 -13.56
CA ARG F 545 -16.90 47.34 -14.03
C ARG F 545 -16.86 47.11 -15.53
N GLN F 546 -17.76 46.26 -16.02
CA GLN F 546 -17.81 45.99 -17.45
C GLN F 546 -18.31 47.23 -18.19
N PRO F 547 -18.03 47.32 -19.49
CA PRO F 547 -18.51 48.46 -20.25
C PRO F 547 -20.03 48.52 -20.23
N PRO F 548 -20.60 49.73 -20.30
CA PRO F 548 -22.05 49.84 -20.32
C PRO F 548 -22.65 49.14 -21.54
N SER F 549 -23.81 48.53 -21.34
CA SER F 549 -24.49 47.78 -22.38
C SER F 549 -25.90 48.33 -22.58
N GLN F 550 -26.64 47.72 -23.51
CA GLN F 550 -28.01 48.14 -23.77
C GLN F 550 -28.88 47.96 -22.53
N PHE F 551 -28.75 46.80 -21.87
CA PHE F 551 -29.52 46.48 -20.68
C PHE F 551 -28.57 46.24 -19.52
N GLU F 552 -28.78 46.96 -18.42
CA GLU F 552 -27.93 46.78 -17.25
C GLU F 552 -28.13 45.38 -16.68
N PRO F 553 -27.05 44.68 -16.32
CA PRO F 553 -27.22 43.34 -15.76
C PRO F 553 -28.00 43.38 -14.45
N LEU F 554 -28.83 42.37 -14.25
CA LEU F 554 -29.67 42.31 -13.06
C LEU F 554 -28.90 41.72 -11.88
N ASP F 555 -29.28 42.16 -10.69
CA ASP F 555 -28.64 41.67 -9.47
C ASP F 555 -28.92 40.18 -9.30
N MET F 556 -27.92 39.45 -8.79
CA MET F 556 -28.01 38.00 -8.73
C MET F 556 -29.28 37.55 -8.01
N LYS F 557 -29.62 38.22 -6.90
CA LYS F 557 -30.82 37.84 -6.16
C LYS F 557 -32.05 37.88 -7.05
N LEU F 558 -32.19 38.96 -7.83
CA LEU F 558 -33.33 39.08 -8.73
C LEU F 558 -33.34 37.95 -9.76
N MET F 559 -32.16 37.63 -10.30
CA MET F 559 -32.06 36.50 -11.22
C MET F 559 -32.57 35.22 -10.58
N ARG F 560 -32.13 34.95 -9.35
CA ARG F 560 -32.59 33.75 -8.64
C ARG F 560 -34.10 33.76 -8.48
N ARG F 561 -34.65 34.92 -8.09
CA ARG F 561 -36.10 35.02 -7.93
C ARG F 561 -36.82 34.66 -9.22
N TYR F 562 -36.36 35.24 -10.33
CA TYR F 562 -36.99 34.94 -11.62
C TYR F 562 -36.84 33.46 -11.97
N ILE F 563 -35.69 32.88 -11.68
CA ILE F 563 -35.48 31.45 -11.95
C ILE F 563 -36.51 30.63 -11.18
N ALA F 564 -36.69 30.93 -9.89
CA ALA F 564 -37.68 30.18 -9.11
C ALA F 564 -39.08 30.37 -9.67
N MET F 565 -39.43 31.60 -10.01
CA MET F 565 -40.73 31.85 -10.64
C MET F 565 -40.92 30.97 -11.86
N CYS F 566 -39.88 30.85 -12.69
CA CYS F 566 -39.95 29.96 -13.84
C CYS F 566 -40.13 28.51 -13.42
N ARG F 567 -39.41 28.08 -12.38
CA ARG F 567 -39.56 26.73 -11.88
C ARG F 567 -41.00 26.44 -11.45
N GLU F 568 -41.76 27.48 -11.10
CA GLU F 568 -43.16 27.26 -10.74
C GLU F 568 -43.92 26.57 -11.86
N LYS F 569 -43.72 27.02 -13.10
CA LYS F 569 -44.49 26.52 -14.22
C LYS F 569 -44.01 25.15 -14.66
N GLN F 570 -44.94 24.40 -15.28
CA GLN F 570 -44.63 23.13 -15.94
C GLN F 570 -45.35 23.09 -17.28
N PRO F 571 -44.87 23.86 -18.26
CA PRO F 571 -45.59 23.97 -19.53
C PRO F 571 -45.77 22.64 -20.23
N MET F 572 -46.85 22.53 -20.98
CA MET F 572 -47.19 21.34 -21.75
C MET F 572 -46.77 21.51 -23.20
N VAL F 573 -46.83 20.42 -23.95
CA VAL F 573 -46.52 20.40 -25.37
C VAL F 573 -47.78 20.00 -26.13
N PRO F 574 -48.50 20.94 -26.72
CA PRO F 574 -49.71 20.59 -27.46
C PRO F 574 -49.40 19.64 -28.61
N GLU F 575 -50.33 18.73 -28.87
CA GLU F 575 -50.12 17.73 -29.92
C GLU F 575 -49.88 18.38 -31.27
N SER F 576 -50.49 19.54 -31.54
CA SER F 576 -50.30 20.20 -32.81
C SER F 576 -48.83 20.48 -33.08
N LEU F 577 -48.13 21.02 -32.08
CA LEU F 577 -46.71 21.33 -32.23
C LEU F 577 -45.90 20.09 -32.56
N ALA F 578 -46.40 18.90 -32.21
CA ALA F 578 -45.67 17.67 -32.46
C ALA F 578 -45.30 17.53 -33.93
N ASP F 579 -46.26 17.81 -34.82
CA ASP F 579 -46.00 17.71 -36.25
C ASP F 579 -44.76 18.52 -36.63
N TYR F 580 -44.74 19.80 -36.25
CA TYR F 580 -43.62 20.67 -36.60
C TYR F 580 -42.32 20.18 -35.97
N ILE F 581 -42.38 19.75 -34.70
CA ILE F 581 -41.18 19.26 -34.04
C ILE F 581 -40.62 18.06 -34.79
N THR F 582 -41.47 17.10 -35.14
CA THR F 582 -41.05 15.93 -35.89
C THR F 582 -40.46 16.32 -37.24
N ALA F 583 -41.11 17.25 -37.94
CA ALA F 583 -40.57 17.72 -39.22
C ALA F 583 -39.16 18.26 -39.03
N ALA F 584 -38.98 19.13 -38.04
CA ALA F 584 -37.67 19.71 -37.80
C ALA F 584 -36.64 18.62 -37.52
N TYR F 585 -37.02 17.66 -36.66
CA TYR F 585 -36.09 16.59 -36.32
C TYR F 585 -35.67 15.81 -37.55
N VAL F 586 -36.63 15.42 -38.38
CA VAL F 586 -36.29 14.63 -39.56
C VAL F 586 -35.38 15.45 -40.48
N GLU F 587 -35.69 16.73 -40.65
CA GLU F 587 -34.83 17.59 -41.46
C GLU F 587 -33.40 17.57 -40.94
N MET F 588 -33.22 17.83 -39.64
CA MET F 588 -31.85 17.93 -39.12
C MET F 588 -31.14 16.58 -39.20
N ARG F 589 -31.85 15.49 -38.97
CA ARG F 589 -31.22 14.18 -39.08
C ARG F 589 -30.79 13.90 -40.51
N ARG F 590 -31.62 14.28 -41.48
CA ARG F 590 -31.23 14.14 -42.88
C ARG F 590 -29.98 14.95 -43.17
N GLU F 591 -29.93 16.18 -42.65
CA GLU F 591 -28.74 17.00 -42.86
C GLU F 591 -27.51 16.33 -42.25
N ALA F 592 -27.65 15.75 -41.06
CA ALA F 592 -26.53 15.07 -40.44
C ALA F 592 -26.06 13.90 -41.30
N TRP F 593 -26.99 13.12 -41.85
CA TRP F 593 -26.60 12.05 -42.75
C TRP F 593 -25.90 12.58 -43.98
N ALA F 594 -26.35 13.72 -44.50
CA ALA F 594 -25.64 14.36 -45.61
C ALA F 594 -24.24 14.78 -45.18
N SER F 595 -24.10 15.28 -43.97
CA SER F 595 -22.78 15.62 -43.44
C SER F 595 -21.91 14.38 -43.40
N LYS F 596 -20.67 14.51 -43.87
CA LYS F 596 -19.75 13.38 -43.91
C LYS F 596 -19.45 12.88 -42.50
N ASP F 597 -19.22 13.79 -41.56
CA ASP F 597 -18.89 13.43 -40.19
C ASP F 597 -20.17 13.27 -39.37
N ALA F 598 -20.28 12.16 -38.65
CA ALA F 598 -21.43 11.95 -37.79
C ALA F 598 -21.51 13.04 -36.74
N THR F 599 -22.71 13.58 -36.55
CA THR F 599 -22.95 14.68 -35.61
C THR F 599 -23.72 14.23 -34.37
N TYR F 600 -23.60 12.95 -34.02
CA TYR F 600 -24.20 12.40 -32.80
C TYR F 600 -25.73 12.47 -32.82
N THR F 601 -26.33 12.64 -33.99
CA THR F 601 -27.79 12.72 -34.05
C THR F 601 -28.41 11.41 -33.63
N SER F 602 -29.45 11.49 -32.81
CA SER F 602 -30.16 10.32 -32.32
C SER F 602 -31.41 10.81 -31.59
N ALA F 603 -32.18 9.85 -31.06
CA ALA F 603 -33.35 10.23 -30.28
C ALA F 603 -32.98 11.13 -29.12
N ARG F 604 -31.77 10.97 -28.58
CA ARG F 604 -31.29 11.88 -27.56
C ARG F 604 -31.44 13.32 -28.01
N THR F 605 -31.11 13.61 -29.26
CA THR F 605 -31.25 14.96 -29.79
C THR F 605 -32.69 15.44 -29.71
N LEU F 606 -33.65 14.61 -30.12
CA LEU F 606 -35.05 15.01 -30.04
C LEU F 606 -35.47 15.27 -28.60
N LEU F 607 -35.08 14.38 -27.69
CA LEU F 607 -35.37 14.59 -26.28
C LEU F 607 -34.81 15.93 -25.79
N ALA F 608 -33.56 16.22 -26.15
CA ALA F 608 -32.95 17.49 -25.77
C ALA F 608 -33.72 18.66 -26.35
N ILE F 609 -34.12 18.57 -27.61
CA ILE F 609 -34.90 19.63 -28.23
C ILE F 609 -36.16 19.89 -27.41
N LEU F 610 -36.87 18.82 -27.05
CA LEU F 610 -38.08 18.97 -26.25
C LEU F 610 -37.77 19.63 -24.91
N ARG F 611 -36.72 19.15 -24.22
CA ARG F 611 -36.35 19.74 -22.94
C ARG F 611 -36.07 21.23 -23.07
N LEU F 612 -35.28 21.61 -24.07
CA LEU F 612 -34.98 23.02 -24.27
C LEU F 612 -36.24 23.82 -24.55
N SER F 613 -37.12 23.28 -25.39
CA SER F 613 -38.34 24.00 -25.70
C SER F 613 -39.16 24.23 -24.45
N THR F 614 -39.29 23.20 -23.61
CA THR F 614 -40.08 23.36 -22.39
C THR F 614 -39.39 24.30 -21.39
N ALA F 615 -38.06 24.31 -21.37
CA ALA F 615 -37.36 25.27 -20.53
C ALA F 615 -37.63 26.71 -20.98
N LEU F 616 -37.58 26.95 -22.28
CA LEU F 616 -37.94 28.27 -22.79
C LEU F 616 -39.38 28.60 -22.45
N ALA F 617 -40.28 27.63 -22.54
CA ALA F 617 -41.66 27.86 -22.15
C ALA F 617 -41.73 28.29 -20.69
N ARG F 618 -40.97 27.62 -19.82
CA ARG F 618 -40.89 28.06 -18.43
C ARG F 618 -40.43 29.50 -18.33
N LEU F 619 -39.42 29.88 -19.11
CA LEU F 619 -38.95 31.26 -19.08
C LEU F 619 -40.06 32.22 -19.49
N ARG F 620 -40.88 31.83 -20.46
CA ARG F 620 -41.98 32.67 -20.89
C ARG F 620 -43.12 32.71 -19.90
N MET F 621 -43.12 31.86 -18.89
CA MET F 621 -44.20 31.79 -17.91
C MET F 621 -45.52 31.40 -18.56
N VAL F 622 -45.46 30.61 -19.64
CA VAL F 622 -46.64 30.16 -20.37
C VAL F 622 -46.72 28.65 -20.26
N ASP F 623 -47.86 28.15 -19.81
CA ASP F 623 -48.02 26.71 -19.59
C ASP F 623 -48.13 25.91 -20.90
N VAL F 624 -47.96 26.54 -22.06
CA VAL F 624 -48.01 25.86 -23.34
C VAL F 624 -46.83 26.32 -24.18
N VAL F 625 -46.05 25.35 -24.68
CA VAL F 625 -44.94 25.70 -25.55
C VAL F 625 -45.48 26.37 -26.81
N GLU F 626 -44.60 27.07 -27.51
CA GLU F 626 -44.96 27.83 -28.69
C GLU F 626 -43.93 27.60 -29.79
N LYS F 627 -44.34 27.88 -31.03
CA LYS F 627 -43.44 27.74 -32.15
C LYS F 627 -42.13 28.46 -31.90
N GLU F 628 -42.21 29.66 -31.33
CA GLU F 628 -41.03 30.45 -31.04
C GLU F 628 -40.00 29.64 -30.24
N ASP F 629 -40.45 29.04 -29.14
CA ASP F 629 -39.55 28.29 -28.28
C ASP F 629 -38.87 27.16 -29.03
N VAL F 630 -39.64 26.40 -29.80
CA VAL F 630 -39.07 25.28 -30.56
C VAL F 630 -38.01 25.80 -31.51
N ASN F 631 -38.32 26.87 -32.24
CA ASN F 631 -37.36 27.41 -33.19
C ASN F 631 -36.08 27.85 -32.48
N GLU F 632 -36.21 28.51 -31.33
CA GLU F 632 -35.03 28.97 -30.59
C GLU F 632 -34.19 27.79 -30.13
N ALA F 633 -34.83 26.73 -29.62
CA ALA F 633 -34.10 25.54 -29.21
C ALA F 633 -33.35 24.93 -30.40
N ILE F 634 -34.04 24.80 -31.53
CA ILE F 634 -33.40 24.28 -32.74
C ILE F 634 -32.19 25.13 -33.09
N ARG F 635 -32.32 26.46 -33.01
CA ARG F 635 -31.21 27.33 -33.32
C ARG F 635 -30.02 27.06 -32.41
N LEU F 636 -30.27 26.94 -31.11
CA LEU F 636 -29.20 26.66 -30.16
C LEU F 636 -28.51 25.33 -30.49
N MET F 637 -29.31 24.30 -30.78
CA MET F 637 -28.73 23.00 -31.11
C MET F 637 -27.85 23.09 -32.36
N GLU F 638 -28.38 23.71 -33.41
CA GLU F 638 -27.59 23.92 -34.62
C GLU F 638 -26.31 24.66 -34.31
N MET F 639 -26.39 25.71 -33.48
CA MET F 639 -25.21 26.50 -33.18
C MET F 639 -24.16 25.69 -32.44
N SER F 640 -24.59 24.80 -31.55
CA SER F 640 -23.63 23.89 -30.93
C SER F 640 -22.94 23.02 -31.99
N LYS F 641 -23.73 22.37 -32.83
CA LYS F 641 -23.13 21.48 -33.82
C LYS F 641 -22.22 22.25 -34.76
N ASP F 642 -22.59 23.47 -35.10
CA ASP F 642 -21.71 24.34 -35.87
C ASP F 642 -20.46 24.69 -35.09
N SER F 643 -20.58 24.89 -33.78
CA SER F 643 -19.42 25.17 -32.97
C SER F 643 -18.41 24.03 -33.06
N LEU F 644 -18.90 22.82 -33.32
CA LEU F 644 -17.97 21.72 -33.61
C LEU F 644 -17.33 21.84 -34.99
N LEU F 645 -17.75 22.78 -35.82
CA LEU F 645 -17.13 22.96 -37.13
C LEU F 645 -15.64 23.24 -36.97
ZN ZN G . 1.23 -4.13 24.21
MG MG H . 15.90 -33.71 -28.18
PG ATP I . 13.29 -34.13 -30.90
O1G ATP I . 13.94 -33.38 -32.00
O2G ATP I . 13.35 -33.42 -29.54
O3G ATP I . 11.85 -34.54 -31.18
PB ATP I . 15.32 -36.07 -29.91
O1B ATP I . 15.49 -35.44 -28.59
O2B ATP I . 16.50 -35.93 -30.88
O3B ATP I . 14.04 -35.52 -30.64
PA ATP I . 14.77 -38.65 -28.62
O1A ATP I . 13.52 -38.38 -27.88
O2A ATP I . 16.03 -38.64 -27.77
O3A ATP I . 14.98 -37.62 -29.79
O5' ATP I . 14.69 -40.05 -29.37
C5' ATP I . 13.48 -40.83 -29.35
C4' ATP I . 13.79 -42.30 -29.48
O4' ATP I . 14.59 -42.46 -30.65
C3' ATP I . 14.75 -42.76 -28.38
O3' ATP I . 13.94 -43.46 -27.45
C2' ATP I . 15.61 -43.82 -29.08
O2' ATP I . 15.12 -45.08 -28.61
C1' ATP I . 15.13 -43.75 -30.53
N9 ATP I . 16.22 -43.84 -31.48
C8 ATP I . 16.58 -42.94 -32.44
N7 ATP I . 17.60 -43.30 -33.17
C5 ATP I . 17.95 -44.54 -32.66
C6 ATP I . 18.95 -45.47 -33.00
N6 ATP I . 19.84 -45.26 -33.98
N1 ATP I . 19.01 -46.62 -32.30
C2 ATP I . 18.12 -46.82 -31.33
N3 ATP I . 17.13 -46.03 -30.91
C4 ATP I . 17.10 -44.90 -31.63
H5'1 ATP I . 12.91 -40.56 -30.10
H5'2 ATP I . 12.99 -40.68 -28.52
H4' ATP I . 12.99 -42.82 -29.49
H3' ATP I . 15.26 -42.04 -27.97
HO3' ATP I . 13.36 -42.91 -27.17
H2' ATP I . 16.57 -43.70 -28.96
HO2' ATP I . 14.28 -45.07 -28.72
H1' ATP I . 14.46 -44.43 -30.70
H8 ATP I . 16.13 -42.12 -32.55
HN61 ATP I . 19.82 -44.54 -34.43
HN62 ATP I . 20.43 -45.86 -34.15
H2 ATP I . 18.21 -47.63 -30.87
MG MG J . 19.45 25.94 -7.58
PB ADP K . 21.12 26.28 -10.02
O1B ADP K . 21.00 25.95 -11.48
O2B ADP K . 21.04 25.09 -9.08
O3B ADP K . 20.27 27.45 -9.59
PA ADP K . 22.97 28.03 -8.88
O1A ADP K . 22.06 29.18 -9.18
O2A ADP K . 23.02 27.47 -7.47
O3A ADP K . 22.62 26.80 -9.86
O5' ADP K . 24.46 28.44 -9.29
C5' ADP K . 25.11 29.50 -8.59
C4' ADP K . 26.49 29.77 -9.17
O4' ADP K . 26.45 29.90 -10.59
C3' ADP K . 27.07 31.06 -8.61
O3' ADP K . 28.25 30.78 -7.88
C2' ADP K . 27.36 31.91 -9.83
O2' ADP K . 28.65 32.52 -9.77
C1' ADP K . 27.28 30.97 -11.01
N9 ADP K . 26.71 31.66 -12.19
C8 ADP K . 25.88 31.10 -13.08
N7 ADP K . 25.54 31.99 -14.05
C5 ADP K . 26.18 33.14 -13.78
C6 ADP K . 26.27 34.47 -14.41
N6 ADP K . 25.58 34.76 -15.54
N1 ADP K . 27.05 35.39 -13.82
C2 ADP K . 27.74 35.12 -12.69
N3 ADP K . 27.70 33.93 -12.08
C4 ADP K . 26.96 32.91 -12.56
H5'1 ADP K . 25.21 29.23 -7.53
H5'2 ADP K . 24.51 30.40 -8.65
H4' ADP K . 27.16 28.94 -8.90
H3' ADP K . 26.31 31.56 -7.98
HO3' ADP K . 28.86 30.55 -8.57
H2' ADP K . 26.57 32.69 -9.91
HO2' ADP K . 28.54 33.48 -9.72
H1' ADP K . 28.29 30.60 -11.23
H8 ADP K . 25.51 30.08 -13.01
HN61 ADP K . 25.00 34.06 -15.97
HN62 ADP K . 25.66 35.68 -15.95
H2 ADP K . 28.36 35.90 -12.26
ZN ZN L . 3.62 -24.48 40.36
MG MG M . -26.57 2.00 -24.37
PG ATP N . -25.25 3.06 -26.60
O1G ATP N . -24.91 1.91 -27.50
O2G ATP N . -24.52 4.34 -26.97
O3G ATP N . -25.01 2.76 -25.11
PB ATP N . -28.19 2.71 -26.95
O1B ATP N . -28.34 1.52 -26.10
O2B ATP N . -28.34 2.52 -28.46
O3B ATP N . -26.79 3.42 -26.70
PA ATP N . -29.87 4.36 -25.16
O1A ATP N . -28.85 4.85 -24.22
O2A ATP N . -30.74 3.22 -24.64
O3A ATP N . -29.21 3.85 -26.52
O5' ATP N . -30.82 5.53 -25.64
C5' ATP N . -31.38 5.53 -26.97
C4' ATP N . -32.54 6.48 -26.99
O4' ATP N . -33.18 6.34 -28.28
C3' ATP N . -33.61 6.05 -25.99
O3' ATP N . -34.48 7.17 -25.85
C2' ATP N . -34.39 5.02 -26.80
O2' ATP N . -35.71 5.05 -26.28
C1' ATP N . -34.47 5.75 -28.13
N9 ATP N . -34.63 4.84 -29.25
C8 ATP N . -33.71 4.53 -30.21
N7 ATP N . -34.13 3.68 -31.11
C5 ATP N . -35.43 3.40 -30.72
C6 ATP N . -36.42 2.57 -31.26
N6 ATP N . -36.27 1.83 -32.35
N1 ATP N . -37.61 2.52 -30.63
C2 ATP N . -37.79 3.27 -29.52
N3 ATP N . -36.92 4.08 -28.93
C4 ATP N . -35.76 4.11 -29.57
H5'1 ATP N . -31.69 4.64 -27.22
H5'2 ATP N . -30.71 5.83 -27.60
H4' ATP N . -32.25 7.40 -26.84
H3' ATP N . -33.25 5.71 -25.15
HO3' ATP N . -35.08 6.94 -25.28
H2' ATP N . -33.99 4.14 -26.82
HO2' ATP N . -36.14 4.42 -26.66
H1' ATP N . -35.17 6.41 -28.12
H8 ATP N . -32.85 4.89 -30.22
HN61 ATP N . -35.51 1.83 -32.78
HN62 ATP N . -36.90 1.33 -32.64
H2 ATP N . -38.63 3.21 -29.13
ZN ZN O . -2.91 26.07 57.12
ZN ZN P . 15.73 -12.26 35.82
MG MG Q . -15.50 -27.02 -27.18
PG ATP R . -15.47 -26.54 -30.71
O1G ATP R . -14.94 -26.69 -32.09
O2G ATP R . -14.45 -26.86 -29.63
O3G ATP R . -16.08 -25.18 -30.42
PB ATP R . -17.05 -28.70 -29.42
O1B ATP R . -16.83 -28.24 -28.04
O2B ATP R . -16.33 -29.97 -29.85
O3B ATP R . -16.65 -27.57 -30.45
PA ATP R . -19.90 -29.24 -28.89
O1A ATP R . -20.37 -28.07 -28.13
O2A ATP R . -19.57 -30.47 -28.04
O3A ATP R . -18.60 -28.91 -29.73
O5' ATP R . -20.94 -29.66 -29.99
C5' ATP R . -22.35 -29.34 -29.84
C4' ATP R . -23.14 -30.61 -30.00
O4' ATP R . -22.71 -31.21 -31.23
C3' ATP R . -22.73 -31.65 -28.96
O3' ATP R . -23.81 -31.71 -28.04
C2' ATP R . -22.74 -32.97 -29.72
O2' ATP R . -23.91 -33.65 -29.27
C1' ATP R . -23.09 -32.55 -31.15
N9 ATP R . -22.28 -33.26 -32.14
C8 ATP R . -21.29 -32.74 -32.92
N7 ATP R . -20.74 -33.60 -33.73
C5 ATP R . -21.44 -34.77 -33.49
C6 ATP R . -21.33 -36.07 -34.03
N6 ATP R . -20.46 -36.41 -34.98
N1 ATP R . -22.17 -37.01 -33.55
C2 ATP R . -23.04 -36.68 -32.60
N3 ATP R . -23.22 -35.50 -32.02
C4 ATP R . -22.39 -34.58 -32.51
H5'1 ATP R . -22.60 -28.71 -30.53
H5'2 ATP R . -22.51 -28.95 -28.97
H4' ATP R . -24.10 -30.44 -29.99
H3' ATP R . -21.87 -31.45 -28.54
HO3' ATP R . -23.91 -30.93 -27.72
H2' ATP R . -21.93 -33.49 -29.65
HO2' ATP R . -23.82 -33.77 -28.44
H1' ATP R . -24.03 -32.67 -31.33
H8 ATP R . -21.02 -31.85 -32.87
HN61 ATP R . -19.92 -35.82 -35.30
HN62 ATP R . -20.44 -37.22 -35.28
H2 ATP R . -23.60 -37.36 -32.31
ZN ZN S . -26.50 -9.80 45.00
MG MG T . -10.06 26.93 -16.12
PG ATP U . -8.74 26.81 -18.15
O1G ATP U . -9.98 26.00 -18.27
O2G ATP U . -8.15 26.86 -16.73
O3G ATP U . -7.64 26.40 -19.14
PB ATP U . -10.19 29.36 -18.33
O1B ATP U . -10.98 29.06 -17.13
O2B ATP U . -10.86 29.50 -19.70
O3B ATP U . -9.05 28.31 -18.50
PA ATP U . -9.64 32.16 -17.64
O1A ATP U . -9.69 32.20 -16.17
O2A ATP U . -10.91 32.64 -18.35
O3A ATP U . -9.35 30.70 -18.12
O5' ATP U . -8.44 33.02 -18.22
C5' ATP U . -7.93 34.16 -17.50
C4' ATP U . -8.76 35.39 -17.79
O4' ATP U . -9.34 35.24 -19.10
C3' ATP U . -10.00 35.42 -16.87
O3' ATP U . -9.74 36.43 -15.91
C2' ATP U . -11.13 35.90 -17.79
O2' ATP U . -11.55 37.16 -17.31
C1' ATP U . -10.40 36.16 -19.11
N9 ATP U . -11.22 35.85 -20.27
C8 ATP U . -11.08 34.78 -21.11
N7 ATP U . -11.96 34.75 -22.10
C5 ATP U . -12.72 35.89 -21.88
C6 ATP U . -13.81 36.44 -22.58
N6 ATP U . -14.34 35.88 -23.67
N1 ATP U . -14.35 37.58 -22.11
C2 ATP U . -13.82 38.14 -21.02
N3 ATP U . -12.78 37.72 -20.28
C4 ATP U . -12.27 36.58 -20.76
H5'1 ATP U . -7.02 34.33 -17.78
H5'2 ATP U . -7.94 33.98 -16.55
H4' ATP U . -8.24 36.20 -17.70
H3' ATP U . -10.19 34.56 -16.45
HO3' ATP U . -9.04 36.22 -15.50
H2' ATP U . -11.85 35.27 -17.88
HO2' ATP U . -10.87 37.66 -17.26
H1' ATP U . -10.07 37.07 -19.15
H8 ATP U . -10.43 34.14 -21.00
HN61 ATP U . -14.02 35.14 -23.98
HN62 ATP U . -15.02 36.25 -24.05
H2 ATP U . -14.21 38.93 -20.73
#